data_8XY6
#
_entry.id   8XY6
#
_cell.length_a   1.00
_cell.length_b   1.00
_cell.length_c   1.00
_cell.angle_alpha   90.00
_cell.angle_beta   90.00
_cell.angle_gamma   90.00
#
_symmetry.space_group_name_H-M   'P 1'
#
loop_
_entity.id
_entity.type
_entity.pdbx_description
1 polymer 'DNA-directed RNA polymerase subunit'
2 polymer 'DNA-directed RNA polymerase subunit beta'
3 polymer 'DNA-directed RNA polymerase RPB3-11 homolog'
4 polymer 'DNA-directed RNA polymerase RPB5 homolog'
5 polymer C147L
6 polymer D339L
7 polymer C122R
8 polymer 'DNA-directed RNA polymerase RPB10 homolog'
9 polymer M1249L
10 non-polymer 'ZINC ION'
11 non-polymer 'MAGNESIUM ION'
#
loop_
_entity_poly.entity_id
_entity_poly.type
_entity_poly.pdbx_seq_one_letter_code
_entity_poly.pdbx_strand_id
1 'polypeptide(L)'
;MEAGYAEIAAVQFNIAGDNDHKRQGVMEVTISNLFEGTLPAEGGIYDARMGTTDHHYKCITCSHQRKQCMGHPGILQMHA
PVLQPLFIAEIRRWLRVICLNCGAPIVDLKRYEHLIRPKRLIEAASSQTEGKQCYVCKAVHPKIVKDSEDYFTFWADQQG
KIDKLYPQIIREIFSRVTYDTVVKLGRSKNSHPEKLVLKAIQIPPISIRPGIRLGIGSGPQSFHDINNVIQYLVRKNLLI
PKDLQIVRGQKIPLNIDRNLQTIQQLYYNFLLDSVSTTATQGGTGKRGIVMGARPAPSIMRRLPRKEGRIRKSLLGSQVW
SISRSTICGNSDLHLDEVGYPISFARTLQVAETVQHYNINRLMPYFLNGKRQYPGCSRVYKQITQSVHDIEGLKQDFRLE
VGDILYRDVVTGDVAFFNRQPSLERSSIGVHRIVVLENPKISTFQMNVSACAWYNADFDGDQMNLWVPWSVMSRVEAELL
CSVRNWFISTKSSGPVNGQVQDSTVGSFLLTRTNTPMGKNVMNKLHAMGLFQTTQTDPPCFANYSPTDLLDGKSVVSMLL
RQTPINYQRAPTWYSEVYAPYMHYNKQDISTQIRNGELIEGVLDKKAVGAGSSGGIYHLISRRYGPQQALKMIFATQQLA
LNYVRNAGFTVSTADMLLTPEAHQEVQEIINELLLESEEINNRLLHGDIMPPIGLTTHDFYEKLQLNALKFPDRILKPIM
NSINPETNGLFQMVATGAKGSNPNMIHIMAGIGQIEINTQRIQPQFSFGRTLVYYPRFALEAQAYGFICNSYIAGLTSPE
FIFGEMNGRFDLINKALSTSSTGYANRKAIFGLQSCIVDYYRRVSIDTRLVQQLYGEDGLDARQLETVRFETIMLSDQEL
EDKFKYTGIQSPLFEEEFSRLKKDRDKYRQIFLNVENFNFSQLLTDVRQVPVNVASIVKNILLSSTSGVLPFDEKSILQK
YAMVKTFCKNLPYVFINNIQERLQTPIPVYLKRAASLMRMLIRIELATVKTLNITCEQMSAILDLIRLQYTQSLINYGEA
VGILAAQSVSEPLTQYMLDSHHRSVAGGTNKSGIVRPQEIFSAKPVEAEQSSEMLLRLKNPEVETNKTYAQEIANSIELI
TFERLILQWHLLYETYSSTKKNVMYPDFASDVEWMTDFLENHPLLQPPEDIANWCIRLELNKTTMILKSISLESIINSLR
AKHPNTYIMHSVENTASGIPIIIRIYLRESAFRRSTNTRMATDEKIAVNVVDKLLNSTIRGIPGIKNANVVKLMRHRVDA
QGKLVRLDNIYAIKTNGTNIFGAMLDDNIDPYTIVSSSIGDTMELYGIEAARQKIISEIRTVMGDKGPNHRHLLMYADLM
TRTGQVTSLEKAGLNAREPSNVLLRMALSSPVQVLTDAAVDSAVNPIYGIAAPTLMGSVPRIGTMYSDIIMDEKYITENY
K
;
A
2 'polypeptide(L)'
;ITYGPIETVDNEELTEADMLSFISAAVNSTGLIGYNIKSFDDLMDNGIPQIVKQMFNVDITYKDQRDHTEIDKLRESVQI
QFNFTDVNIERPQHRNYSQGNKINLLPNKARLCGLSYSGPVNLAAEVILTAHYSNGRQEVKRASIPPFQVSTFPIMRGSN
RCHTHHLSKTAKKEIGEDPNEPGGYFIARGGEWVVDLLENIRFNTLHIHYHTMQQGNNEIIRGEFISQPGGAFENSSQII
IRYMTTGAITIEINSTKFSKLRIPWYLIFRMFGMTGDDSIIEQVVFDLESNSLVNTFMIEILEKSIHVLDPIFQPVQHEL
NREKIIQFLSEKVSKFVSNPSAYKSDENAVQYLNERQLTILDKILLPHMGQTADTRVRKLRFLGLLIHKILLVIMNVFPP
TDRDSYRTKRVHGSGVSLAKAFKAIFNTSVIAPIINGFKELLKQTAFEELTQRNIIEAFSAALSKNTASDLNRSMEQSII
SGNKTIMVRQRPIVNRVSTQSLERKNLLNTISALRTVNTHNTTNASKQTERADMMRRVHASYPGYICVAQSADTGEKVGM
SKQLAITANVCTAGEVLSLKQRLLSDPAIQQLADVSNKDIVRKGLARVFINGEWIGCCTNAFELAQRYRMLRREGKVVHP
HTTIYWDSMVDEVEFWLDVGRLTRPLLIVDNNIEKYNQACYKAAEARKKGDKDWEKHKIPFIQNTRFTPQMAKDILAGTL
TLEDLVAQGICEFITPEEAENCLVAFSIIELRKHKHDVTRRFTHVDVPQAILGLAALVSPYANCTQPARVTYETNQGRQT
GGWYCFSWPYRVDMNRFFQFYNEMPLVKTIAHNYVIPNGLNTIVAYMIYGGYNQEDSVIVSQSFIDRGGFAGTFYREEKV
ELESDIESFGKPDPLITKNLKPGANYEKLVDGFVPVGTVVKKGDIIIGKVAKIRGEKDELNKYIDRSVMYGFDEPAVVDA
VMRPHGPNDEIFGLMRLRYERNLNIGDKMSSRSGNKGIAALALPTSDMPFTEDGLQPDLIVNPHSHPSRMTNGQMIETTV
GLANALQGVVTDGTAFLPINVQLLSERLAQEGLRFNGCQKMFNGQTGEYFDAAIFIGPTYHQRLQKFVLDDRYAVASYGP
TDALTGQPLDGKRSHGGLRLGEMEHWVLTAQGAMQTIIEKSHDDSDGCISYICRNCGEPAIYNASHPIYKCMNCDVQADI
GMVDSRRSSIVFQHEMRAANVNITSVLSPRVFQPA
;
B
3 'polypeptide(L)'
;EKIFQNVEIKPFLIDFSNLFIKNAAKKLFQLEEQLPLVPVNVVMDFKGISRAAVHGLSRVLQDEIPNYMLDIKPGGYKIE
DSTDLFMTEQFIRNRINFIPIYAKNETLVFALRSLNNSCEVKTIYSRDLIQVAGPKLKYPIFNPTFEIGFLQPGKSLIIE
DIYIKKGIGRKHAAFNLAVKTHFSHLDIEQYPTDKKEYMALSGYKQSSMTSDPRHHRLGLCFPAVPLPHINQAVRTYLKN
ACRIIIGRIQSIQKIYENFEEPQPELVLFSMDEEKTKAIITIKDETHTIGNLLKTYIYEMIPDISFVGYQCVPHKQEMVL
TIIHKASQEDLITLLEKSIQNIIQTFQILEKNVDELIA
;
C
4 'polypeptide(L)'
;MAMQKLFTYIYEFIEYRKMVLLEEKVPYDKFVQMVLNTGFFRINAETLNHGIVSVFIFGANGKYVHHGGDMRTLLTNTLN
EKKHYEELILIVDKPVLSKKNILDIIVEQRAANPTIVINIYPYHLFCINIPKVSAIPKHKLITQEEAQEFLGREYLQPQD
LMQISASDPPVVWLGGRPGDFVQIERPSETAMHAVVIRFITKSKI
;
D
5 'polypeptide(L)'
;YVETEEENLVDSEEESEDKDEIVESPSICEGFVQASSQTLVIIPDNERITSNVLTTFEATRLVAVRAQQLAINGSTMLKK
KYSSPIDIAKQELFNRKIPLLVMRCIKVTPEGQKIVEIWNPREMGIPLLD
;
E
6 'polypeptide(L)'
;MIDQKIFETTLNIDDPTNFCTNVEAHLLKELENIYVGKCFKNSFILNITGVIQRSPCFIMRTNNSGRGYMHVRFSAVVSY
LNAFDLIAAVKIIKNDSNIILGESLLTEPVTIVIPSSESQNNVAEVGQIVPVQLANSSVYYIPGRQQASAT
;
F
7 'polypeptide(L)'
;MKICKACSSCMVRTYVDGNIIFRCSCGESVQGDSQNLLVSSKVYHTGEMEDKYKIFIKNAPFDPTNCQIKKDCPNCHLDY
LTQICIGSQKIIILVCRCGYMSNRG
;
G
8 'polypeptide(L)' MLIPVVCFTCGFPIGTYAAIFDKARTEYIKTKMGGTLPQNIPLDASLQIELKDLITALGIPMRVCCRTHLITTLDYRKYY H
9 'polypeptide(L)'
;DTKVLLTEILLDPMYDYAATVARIDGSIPMHKPRTPKEAEYEFKTVIGRTPAELLSQKEFYDKIYTSKYRPDFTQLTRLN
DIYFQEESLRVWWGGRDEEKTSTLIYLRAYELFLKYLQNAPNFNSELAEFKTYENAYGEQKALLAQQGFYNIFDPNTGRA
DQRTRLFEYKRLPISTLYDERGLPHKWTIYVYKAVDSSQKPAEIEVTRKDVIKKIDNHYALADLRCSVCHVLQHEVGQLN
IKKVQTALKASLEFNTFYAFYESRCPKGGLHDFQDKKCVKCGLFTYIIYDHLSQPELVHDYYNNYKDQYDKEKMSIRSIQ
IKKDMTTPSTETQPKPPQEPWTFDYGKIIKTAKILDISPAVIEAIGAMEGRSYADIREGQGAPPPPTSMDDPRLMAVDSA
VRIFLYNYNCLRHVSTFNKPPIHVERLVKHLSYEEKEDLEKVLPNVVNEYHTTFKHLRVTDPASALLYSIEFLCISFLTL
YEIKEPSWVVNIVREFALTELNTIIQSEKLLSKPGAFNFMIFGEDFVCSGEDSSMDDISAYSSPGLFGEDIIDRLDDPFS
IEDVDISLDVLDNLAPQ
;
I
#
# COMPACT_ATOMS: atom_id res chain seq x y z
N MET A 1 -23.72 25.68 45.88
CA MET A 1 -23.19 26.54 44.82
C MET A 1 -23.41 25.92 43.44
N GLU A 2 -23.71 26.77 42.46
CA GLU A 2 -24.10 26.32 41.13
C GLU A 2 -22.98 26.58 40.13
N ALA A 3 -22.64 25.56 39.37
CA ALA A 3 -21.74 25.67 38.22
C ALA A 3 -22.62 25.46 36.99
N GLY A 4 -23.10 26.56 36.43
CA GLY A 4 -24.07 26.47 35.36
C GLY A 4 -23.49 25.90 34.08
N TYR A 5 -24.38 25.38 33.25
CA TYR A 5 -23.98 24.85 31.96
C TYR A 5 -23.44 25.98 31.08
N ALA A 6 -22.39 25.68 30.32
CA ALA A 6 -21.78 26.65 29.44
C ALA A 6 -21.03 25.93 28.34
N GLU A 7 -20.81 26.63 27.24
CA GLU A 7 -20.09 26.09 26.10
C GLU A 7 -18.98 27.04 25.71
N ILE A 8 -17.82 26.49 25.37
CA ILE A 8 -16.66 27.31 25.02
C ILE A 8 -16.94 27.99 23.68
N ALA A 9 -17.17 29.30 23.72
CA ALA A 9 -17.41 30.05 22.49
C ALA A 9 -16.12 30.25 21.70
N ALA A 10 -15.04 30.60 22.37
CA ALA A 10 -13.77 30.87 21.69
C ALA A 10 -12.62 30.54 22.62
N VAL A 11 -11.47 30.32 22.02
CA VAL A 11 -10.25 29.97 22.75
C VAL A 11 -9.15 30.94 22.34
N GLN A 12 -8.46 31.50 23.33
CA GLN A 12 -7.36 32.41 23.08
C GLN A 12 -6.06 31.81 23.58
N PHE A 13 -5.00 31.96 22.78
CA PHE A 13 -3.68 31.44 23.10
C PHE A 13 -2.77 32.61 23.42
N ASN A 14 -1.93 32.46 24.45
CA ASN A 14 -1.04 33.53 24.87
C ASN A 14 0.27 32.94 25.36
N ILE A 15 1.30 33.78 25.39
CA ILE A 15 2.54 33.43 26.06
C ILE A 15 2.29 33.38 27.56
N ALA A 16 2.80 32.34 28.21
CA ALA A 16 2.64 32.17 29.65
C ALA A 16 3.88 32.73 30.34
N GLY A 17 3.72 33.91 30.94
CA GLY A 17 4.80 34.58 31.64
C GLY A 17 4.94 34.11 33.07
N ASP A 18 5.81 34.82 33.80
CA ASP A 18 6.05 34.47 35.20
C ASP A 18 4.79 34.62 36.04
N ASN A 19 4.05 35.72 35.83
CA ASN A 19 2.86 35.96 36.63
C ASN A 19 1.79 34.91 36.36
N ASP A 20 1.63 34.52 35.09
CA ASP A 20 0.64 33.49 34.76
C ASP A 20 0.94 32.19 35.48
N HIS A 21 2.21 31.76 35.47
CA HIS A 21 2.58 30.55 36.17
C HIS A 21 2.41 30.72 37.68
N LYS A 22 2.74 31.90 38.20
CA LYS A 22 2.65 32.12 39.65
C LYS A 22 1.21 32.04 40.13
N ARG A 23 0.28 32.64 39.39
CA ARG A 23 -1.12 32.59 39.82
C ARG A 23 -1.82 31.31 39.37
N GLN A 24 -1.22 30.53 38.47
CA GLN A 24 -1.85 29.30 38.02
C GLN A 24 -1.48 28.12 38.92
N GLY A 25 -0.23 28.05 39.34
CA GLY A 25 0.22 26.91 40.14
C GLY A 25 -0.45 26.88 41.49
N VAL A 26 -0.80 25.66 41.93
CA VAL A 26 -1.48 25.49 43.20
C VAL A 26 -0.52 25.45 44.38
N MET A 27 0.76 25.17 44.13
CA MET A 27 1.75 25.03 45.19
C MET A 27 3.13 25.31 44.61
N GLU A 28 4.14 25.17 45.45
CA GLU A 28 5.52 25.42 45.07
C GLU A 28 6.35 24.17 45.33
N VAL A 29 7.18 23.81 44.35
CA VAL A 29 8.00 22.61 44.45
C VAL A 29 9.39 23.01 44.95
N THR A 30 9.68 22.72 46.22
CA THR A 30 11.07 22.74 46.70
C THR A 30 11.31 21.52 47.58
N ILE A 31 11.54 20.37 46.95
CA ILE A 31 12.12 19.18 47.55
C ILE A 31 12.40 18.21 46.40
N SER A 32 13.51 17.49 46.46
CA SER A 32 13.86 16.58 45.38
C SER A 32 13.34 15.17 45.55
N ASN A 33 12.81 14.83 46.73
CA ASN A 33 12.32 13.48 46.97
C ASN A 33 10.99 13.27 46.25
N LEU A 34 10.89 12.17 45.51
CA LEU A 34 9.66 11.90 44.77
C LEU A 34 8.56 11.42 45.71
N PHE A 35 8.77 10.29 46.38
CA PHE A 35 7.76 9.64 47.20
C PHE A 35 8.24 9.59 48.65
N GLU A 36 7.36 9.96 49.57
CA GLU A 36 7.66 9.95 51.00
C GLU A 36 6.60 9.07 51.66
N GLY A 37 6.88 7.77 51.74
CA GLY A 37 5.90 6.80 52.16
C GLY A 37 4.97 6.44 51.02
N THR A 38 3.88 5.77 51.38
CA THR A 38 2.85 5.45 50.39
C THR A 38 2.28 6.72 49.78
N LEU A 39 2.02 7.72 50.62
CA LEU A 39 1.62 9.03 50.11
C LEU A 39 2.80 9.66 49.38
N PRO A 40 2.55 10.40 48.29
CA PRO A 40 3.65 11.10 47.63
C PRO A 40 4.22 12.20 48.52
N ALA A 41 5.49 12.51 48.29
CA ALA A 41 6.18 13.51 49.08
C ALA A 41 5.49 14.87 48.95
N GLU A 42 5.23 15.51 50.08
CA GLU A 42 4.58 16.81 50.09
C GLU A 42 5.56 17.88 49.63
N GLY A 43 5.12 18.71 48.68
CA GLY A 43 5.95 19.76 48.14
C GLY A 43 6.85 19.34 47.01
N GLY A 44 6.91 18.05 46.68
CA GLY A 44 7.73 17.56 45.60
C GLY A 44 7.00 17.69 44.27
N ILE A 45 7.57 17.06 43.25
CA ILE A 45 6.98 17.06 41.93
C ILE A 45 5.89 16.01 41.83
N TYR A 46 5.62 15.32 42.94
CA TYR A 46 4.53 14.37 43.02
C TYR A 46 3.47 14.75 44.05
N ASP A 47 3.51 15.97 44.57
CA ASP A 47 2.60 16.38 45.63
C ASP A 47 1.15 16.19 45.17
N ALA A 48 0.31 15.71 46.09
CA ALA A 48 -1.07 15.38 45.75
C ALA A 48 -1.85 16.59 45.29
N ARG A 49 -1.42 17.80 45.62
CA ARG A 49 -2.15 18.99 45.20
C ARG A 49 -2.20 19.12 43.69
N MET A 50 -1.18 18.64 43.00
CA MET A 50 -1.19 18.71 41.54
C MET A 50 -2.22 17.75 40.94
N GLY A 51 -2.43 16.61 41.57
CA GLY A 51 -3.37 15.64 41.06
C GLY A 51 -3.05 14.26 41.57
N THR A 52 -3.97 13.35 41.31
CA THR A 52 -3.85 11.96 41.75
C THR A 52 -3.84 11.04 40.54
N THR A 53 -2.95 10.06 40.57
CA THR A 53 -2.98 8.96 39.60
C THR A 53 -3.29 7.63 40.25
N ASP A 54 -3.58 7.62 41.55
CA ASP A 54 -3.92 6.41 42.28
C ASP A 54 -5.23 6.62 43.02
N HIS A 55 -5.94 5.51 43.23
CA HIS A 55 -7.22 5.54 43.93
C HIS A 55 -7.07 5.60 45.45
N HIS A 56 -5.83 5.63 45.96
CA HIS A 56 -5.60 5.57 47.39
C HIS A 56 -5.79 6.92 48.08
N TYR A 57 -5.87 8.02 47.34
CA TYR A 57 -6.00 9.33 47.95
C TYR A 57 -6.69 10.30 46.99
N LYS A 58 -6.89 11.52 47.47
CA LYS A 58 -7.56 12.56 46.71
C LYS A 58 -6.63 13.76 46.50
N CYS A 59 -7.06 14.67 45.62
CA CYS A 59 -6.19 15.73 45.13
C CYS A 59 -5.93 16.83 46.14
N ILE A 60 -6.64 16.86 47.27
CA ILE A 60 -6.53 17.92 48.27
C ILE A 60 -7.04 19.23 47.69
N THR A 61 -6.48 19.64 46.54
CA THR A 61 -6.89 20.89 45.92
C THR A 61 -8.36 20.87 45.50
N CYS A 62 -8.80 19.77 44.89
CA CYS A 62 -10.16 19.67 44.38
C CYS A 62 -11.01 18.67 45.12
N SER A 63 -10.42 17.90 46.04
CA SER A 63 -11.14 16.91 46.84
C SER A 63 -11.88 15.89 46.00
N HIS A 64 -11.41 15.64 44.79
CA HIS A 64 -12.00 14.63 43.91
C HIS A 64 -11.11 13.40 43.85
N GLN A 65 -11.70 12.29 43.43
CA GLN A 65 -10.94 11.07 43.24
C GLN A 65 -10.17 11.14 41.92
N ARG A 66 -9.48 10.04 41.60
CA ARG A 66 -8.66 10.01 40.40
C ARG A 66 -9.47 10.24 39.14
N LYS A 67 -10.70 9.71 39.12
CA LYS A 67 -11.53 9.82 37.92
C LYS A 67 -11.92 11.27 37.65
N GLN A 68 -12.42 11.96 38.66
CA GLN A 68 -12.97 13.30 38.48
C GLN A 68 -11.94 14.41 38.69
N CYS A 69 -10.67 14.07 38.89
CA CYS A 69 -9.62 15.07 39.07
C CYS A 69 -8.90 15.31 37.75
N MET A 70 -8.80 16.58 37.35
CA MET A 70 -8.27 16.94 36.05
C MET A 70 -6.82 17.43 36.12
N GLY A 71 -6.21 17.43 37.29
CA GLY A 71 -4.85 17.92 37.40
C GLY A 71 -4.80 19.41 37.64
N HIS A 72 -3.71 19.84 38.28
CA HIS A 72 -3.49 21.24 38.60
C HIS A 72 -2.00 21.55 38.49
N PRO A 73 -1.65 22.68 37.90
CA PRO A 73 -0.22 22.96 37.64
C PRO A 73 0.52 23.34 38.91
N GLY A 74 1.85 23.28 38.82
CA GLY A 74 2.70 23.67 39.91
C GLY A 74 3.72 24.70 39.45
N ILE A 75 4.43 25.27 40.44
CA ILE A 75 5.47 26.26 40.19
C ILE A 75 6.77 25.76 40.78
N LEU A 76 7.83 25.76 39.97
CA LEU A 76 9.17 25.48 40.43
C LEU A 76 10.00 26.75 40.27
N GLN A 77 10.32 27.40 41.39
CA GLN A 77 11.03 28.66 41.38
C GLN A 77 12.48 28.39 41.02
N MET A 78 12.83 28.61 39.76
CA MET A 78 14.19 28.39 39.30
C MET A 78 15.12 29.44 39.90
N HIS A 79 16.29 29.00 40.37
CA HIS A 79 17.22 29.95 40.94
C HIS A 79 17.93 30.80 39.89
N ALA A 80 17.81 30.44 38.62
CA ALA A 80 18.27 31.26 37.51
C ALA A 80 17.21 31.22 36.42
N PRO A 81 17.03 32.31 35.68
CA PRO A 81 16.01 32.31 34.63
C PRO A 81 16.34 31.32 33.53
N VAL A 82 15.31 31.00 32.73
CA VAL A 82 15.47 30.16 31.56
C VAL A 82 14.65 30.77 30.42
N LEU A 83 15.08 30.50 29.20
CA LEU A 83 14.37 30.94 28.02
C LEU A 83 13.30 29.92 27.64
N GLN A 84 12.15 30.40 27.22
CA GLN A 84 11.06 29.50 26.85
C GLN A 84 11.43 28.77 25.57
N PRO A 85 11.46 27.44 25.57
CA PRO A 85 11.98 26.72 24.39
C PRO A 85 11.21 26.98 23.11
N LEU A 86 9.89 27.17 23.19
CA LEU A 86 9.11 27.40 21.97
C LEU A 86 9.50 28.70 21.29
N PHE A 87 9.76 29.74 22.07
CA PHE A 87 9.91 31.09 21.55
C PHE A 87 11.36 31.54 21.45
N ILE A 88 12.28 30.62 21.16
CA ILE A 88 13.67 31.02 20.99
C ILE A 88 13.85 31.84 19.71
N ALA A 89 13.11 31.50 18.65
CA ALA A 89 13.15 32.33 17.45
C ALA A 89 12.60 33.72 17.72
N GLU A 90 11.51 33.80 18.49
CA GLU A 90 10.97 35.10 18.87
C GLU A 90 11.98 35.88 19.71
N ILE A 91 12.69 35.20 20.60
CA ILE A 91 13.72 35.87 21.39
C ILE A 91 14.82 36.42 20.49
N ARG A 92 15.26 35.62 19.52
CA ARG A 92 16.28 36.08 18.60
C ARG A 92 15.80 37.31 17.82
N ARG A 93 14.55 37.27 17.36
CA ARG A 93 14.01 38.43 16.65
C ARG A 93 13.93 39.65 17.56
N TRP A 94 13.62 39.46 18.84
CA TRP A 94 13.48 40.59 19.73
C TRP A 94 14.83 41.19 20.10
N LEU A 95 15.83 40.36 20.34
CA LEU A 95 17.13 40.88 20.71
C LEU A 95 17.71 41.76 19.61
N ARG A 96 17.46 41.41 18.35
CA ARG A 96 18.04 42.11 17.22
C ARG A 96 17.20 43.29 16.73
N VAL A 97 16.25 43.80 17.53
CA VAL A 97 15.47 44.96 17.08
C VAL A 97 15.55 46.08 18.10
N ILE A 98 15.78 45.74 19.37
CA ILE A 98 15.81 46.74 20.43
C ILE A 98 17.24 46.89 20.93
N CYS A 99 17.53 48.08 21.46
CA CYS A 99 18.87 48.38 21.95
C CYS A 99 19.17 47.53 23.18
N LEU A 100 20.39 47.00 23.24
CA LEU A 100 20.74 46.11 24.33
C LEU A 100 20.88 46.87 25.65
N ASN A 101 21.33 48.13 25.58
CA ASN A 101 21.65 48.89 26.78
C ASN A 101 20.49 49.70 27.31
N CYS A 102 19.55 50.12 26.45
CA CYS A 102 18.43 50.93 26.88
C CYS A 102 17.07 50.33 26.57
N GLY A 103 16.97 49.44 25.58
CA GLY A 103 15.72 48.78 25.28
C GLY A 103 14.89 49.43 24.20
N ALA A 104 15.13 50.70 23.87
CA ALA A 104 14.37 51.34 22.82
C ALA A 104 14.74 50.72 21.47
N PRO A 105 13.79 50.68 20.53
CA PRO A 105 14.07 50.03 19.24
C PRO A 105 15.20 50.72 18.49
N ILE A 106 16.02 49.91 17.82
CA ILE A 106 17.09 50.47 16.99
C ILE A 106 16.69 50.59 15.53
N VAL A 107 15.61 49.93 15.11
CA VAL A 107 15.11 50.07 13.76
C VAL A 107 14.11 51.21 13.71
N ASP A 108 13.90 51.76 12.52
CA ASP A 108 12.93 52.84 12.36
C ASP A 108 11.53 52.26 12.39
N LEU A 109 10.76 52.62 13.42
CA LEU A 109 9.40 52.10 13.54
C LEU A 109 8.49 52.65 12.47
N LYS A 110 8.83 53.81 11.90
CA LYS A 110 7.97 54.42 10.89
C LYS A 110 7.97 53.62 9.60
N ARG A 111 9.04 52.88 9.31
CA ARG A 111 9.08 52.09 8.09
C ARG A 111 8.05 50.97 8.14
N TYR A 112 7.87 50.36 9.31
CA TYR A 112 6.96 49.23 9.48
C TYR A 112 5.65 49.62 10.14
N GLU A 113 5.43 50.92 10.37
CA GLU A 113 4.16 51.36 10.94
C GLU A 113 3.00 51.03 10.02
N HIS A 114 3.15 51.29 8.72
CA HIS A 114 2.06 51.04 7.78
C HIS A 114 1.85 49.55 7.52
N LEU A 115 2.87 48.73 7.73
CA LEU A 115 2.84 47.35 7.27
C LEU A 115 1.86 46.51 8.09
N ILE A 116 1.50 45.37 7.54
CA ILE A 116 0.61 44.44 8.22
C ILE A 116 1.29 43.91 9.48
N ARG A 117 0.54 43.86 10.58
CA ARG A 117 1.16 43.71 11.90
C ARG A 117 1.95 42.42 12.09
N PRO A 118 1.48 41.22 11.73
CA PRO A 118 2.23 40.01 12.10
C PRO A 118 3.62 39.93 11.47
N LYS A 119 3.84 40.57 10.32
CA LYS A 119 5.12 40.42 9.65
C LYS A 119 6.09 41.54 9.98
N ARG A 120 5.65 42.54 10.76
CA ARG A 120 6.52 43.66 11.10
C ARG A 120 7.75 43.18 11.85
N LEU A 121 7.57 42.26 12.79
CA LEU A 121 8.70 41.76 13.57
C LEU A 121 9.69 41.01 12.69
N ILE A 122 9.20 40.25 11.72
CA ILE A 122 10.10 39.48 10.86
C ILE A 122 10.92 40.41 9.97
N GLU A 123 10.26 41.42 9.37
CA GLU A 123 11.04 42.41 8.62
C GLU A 123 12.02 43.17 9.51
N ALA A 124 11.63 43.45 10.77
CA ALA A 124 12.55 44.12 11.68
C ALA A 124 13.77 43.25 11.97
N ALA A 125 13.56 41.96 12.16
CA ALA A 125 14.68 41.05 12.40
C ALA A 125 15.54 40.88 11.15
N SER A 126 14.94 41.02 9.96
CA SER A 126 15.72 40.88 8.74
C SER A 126 16.78 41.97 8.59
N SER A 127 16.59 43.12 9.21
CA SER A 127 17.60 44.16 9.19
C SER A 127 18.86 43.69 9.91
N GLN A 128 20.01 44.10 9.39
CA GLN A 128 21.29 43.60 9.91
C GLN A 128 21.52 44.08 11.34
N THR A 129 21.29 45.37 11.60
CA THR A 129 21.45 45.97 12.93
C THR A 129 22.87 45.80 13.48
N GLU A 130 23.80 45.37 12.63
CA GLU A 130 25.19 45.24 13.06
C GLU A 130 25.84 46.61 13.12
N GLY A 131 26.40 46.95 14.27
CA GLY A 131 27.11 48.22 14.42
C GLY A 131 26.24 49.44 14.30
N LYS A 132 24.92 49.29 14.42
CA LYS A 132 24.03 50.43 14.31
C LYS A 132 24.06 51.25 15.60
N GLN A 133 23.62 52.50 15.50
CA GLN A 133 23.64 53.43 16.61
C GLN A 133 22.24 53.66 17.13
N CYS A 134 22.09 53.64 18.46
CA CYS A 134 20.82 53.87 19.12
C CYS A 134 20.73 55.35 19.48
N TYR A 135 19.80 56.05 18.83
CA TYR A 135 19.74 57.51 18.96
C TYR A 135 19.40 57.93 20.38
N VAL A 136 18.44 57.26 21.00
CA VAL A 136 17.86 57.75 22.25
C VAL A 136 18.86 57.69 23.40
N CYS A 137 19.75 56.69 23.40
CA CYS A 137 20.65 56.49 24.51
C CYS A 137 22.12 56.50 24.12
N LYS A 138 22.44 56.76 22.86
CA LYS A 138 23.82 56.86 22.36
C LYS A 138 24.63 55.64 22.78
N ALA A 139 24.22 54.48 22.28
CA ALA A 139 24.96 53.24 22.46
C ALA A 139 24.94 52.46 21.16
N VAL A 140 26.10 51.98 20.74
CA VAL A 140 26.19 51.19 19.52
C VAL A 140 25.57 49.83 19.74
N HIS A 141 24.76 49.38 18.78
CA HIS A 141 24.17 48.05 18.96
C HIS A 141 25.12 46.96 18.47
N PRO A 142 25.27 45.89 19.24
CA PRO A 142 26.16 44.80 18.82
C PRO A 142 25.48 43.84 17.87
N LYS A 143 26.17 42.78 17.50
CA LYS A 143 25.63 41.75 16.63
C LYS A 143 25.19 40.56 17.48
N ILE A 144 23.93 40.17 17.33
CA ILE A 144 23.37 39.05 18.08
C ILE A 144 23.50 37.80 17.23
N VAL A 145 24.21 36.80 17.76
CA VAL A 145 24.42 35.55 17.05
C VAL A 145 23.85 34.41 17.87
N LYS A 146 23.49 33.33 17.18
CA LYS A 146 22.94 32.14 17.81
C LYS A 146 24.01 31.06 17.82
N ASP A 147 24.22 30.47 19.00
CA ASP A 147 25.21 29.41 19.13
C ASP A 147 24.84 28.21 18.26
N SER A 148 25.85 27.60 17.64
CA SER A 148 25.62 26.48 16.74
C SER A 148 25.67 25.12 17.43
N GLU A 149 26.19 25.04 18.65
CA GLU A 149 26.27 23.80 19.39
C GLU A 149 25.01 23.50 20.20
N ASP A 150 24.06 24.44 20.26
CA ASP A 150 22.81 24.22 20.95
C ASP A 150 21.77 25.17 20.38
N TYR A 151 20.56 25.10 20.93
CA TYR A 151 19.44 25.86 20.39
C TYR A 151 19.13 27.13 21.19
N PHE A 152 19.50 27.16 22.48
CA PHE A 152 18.98 28.20 23.35
C PHE A 152 19.96 29.35 23.58
N THR A 153 21.26 29.07 23.70
CA THR A 153 22.20 30.08 24.14
C THR A 153 22.35 31.19 23.12
N PHE A 154 22.50 32.42 23.60
CA PHE A 154 22.72 33.59 22.77
C PHE A 154 24.03 34.26 23.17
N TRP A 155 24.72 34.77 22.16
CA TRP A 155 25.97 35.51 22.31
C TRP A 155 25.76 36.95 21.86
N ALA A 156 26.83 37.74 21.93
CA ALA A 156 26.80 39.08 21.36
C ALA A 156 28.23 39.56 21.19
N ASP A 157 28.63 39.83 19.94
CA ASP A 157 29.93 40.42 19.66
C ASP A 157 29.73 41.85 19.14
N GLN A 158 30.35 42.80 19.82
CA GLN A 158 30.29 44.20 19.41
C GLN A 158 31.66 44.55 18.83
N GLN A 159 31.85 44.22 17.56
CA GLN A 159 33.12 44.39 16.86
C GLN A 159 34.28 43.91 17.73
N GLY A 160 34.05 42.86 18.52
CA GLY A 160 35.01 42.47 19.53
C GLY A 160 34.54 41.33 20.42
N LYS A 161 34.67 41.54 21.73
CA LYS A 161 34.46 40.48 22.72
C LYS A 161 33.03 39.97 22.67
N ILE A 162 32.88 38.64 22.68
CA ILE A 162 31.56 38.01 22.59
C ILE A 162 31.15 37.66 24.01
N ASP A 163 30.28 38.48 24.59
CA ASP A 163 29.69 38.16 25.89
C ASP A 163 28.45 37.31 25.71
N LYS A 164 28.23 36.38 26.65
CA LYS A 164 27.11 35.47 26.58
C LYS A 164 25.84 36.16 27.09
N LEU A 165 24.74 35.97 26.35
CA LEU A 165 23.45 36.56 26.70
C LEU A 165 22.70 35.57 27.58
N TYR A 166 23.01 35.61 28.87
CA TYR A 166 22.35 34.75 29.83
C TYR A 166 20.88 35.14 29.96
N PRO A 167 20.03 34.21 30.41
CA PRO A 167 18.61 34.55 30.56
C PRO A 167 18.35 35.70 31.53
N GLN A 168 19.24 35.93 32.49
CA GLN A 168 19.01 36.99 33.46
C GLN A 168 19.07 38.36 32.79
N ILE A 169 20.22 38.71 32.22
CA ILE A 169 20.30 40.03 31.58
C ILE A 169 19.43 40.10 30.33
N ILE A 170 19.09 38.96 29.72
CA ILE A 170 18.07 38.99 28.67
C ILE A 170 16.73 39.43 29.23
N ARG A 171 16.37 38.95 30.43
CA ARG A 171 15.17 39.42 31.09
C ARG A 171 15.26 40.92 31.35
N GLU A 172 16.43 41.39 31.77
CA GLU A 172 16.62 42.82 32.00
C GLU A 172 16.37 43.62 30.72
N ILE A 173 16.98 43.18 29.61
CA ILE A 173 16.85 43.89 28.35
C ILE A 173 15.40 43.91 27.89
N PHE A 174 14.73 42.76 27.95
CA PHE A 174 13.34 42.71 27.55
C PHE A 174 12.45 43.56 28.45
N SER A 175 12.78 43.62 29.75
CA SER A 175 12.03 44.47 30.66
C SER A 175 12.24 45.94 30.34
N ARG A 176 13.38 46.29 29.75
CA ARG A 176 13.60 47.69 29.37
C ARG A 176 12.60 48.16 28.31
N VAL A 177 12.21 47.28 27.38
CA VAL A 177 11.30 47.67 26.32
C VAL A 177 9.93 48.01 26.90
N THR A 178 9.26 48.98 26.30
CA THR A 178 7.95 49.42 26.75
C THR A 178 6.86 48.91 25.81
N TYR A 179 5.60 49.12 26.23
CA TYR A 179 4.47 48.60 25.48
C TYR A 179 4.35 49.24 24.11
N ASP A 180 4.68 50.52 23.99
CA ASP A 180 4.50 51.22 22.71
C ASP A 180 5.38 50.60 21.63
N THR A 181 6.61 50.23 21.97
CA THR A 181 7.49 49.59 20.99
C THR A 181 6.91 48.27 20.51
N VAL A 182 6.37 47.47 21.44
CA VAL A 182 5.80 46.18 21.06
C VAL A 182 4.57 46.37 20.19
N VAL A 183 3.69 47.30 20.57
CA VAL A 183 2.46 47.52 19.80
C VAL A 183 2.78 48.02 18.40
N LYS A 184 3.69 49.01 18.31
CA LYS A 184 4.02 49.57 17.00
C LYS A 184 4.74 48.56 16.11
N LEU A 185 5.32 47.52 16.72
CA LEU A 185 5.92 46.44 15.95
C LEU A 185 4.92 45.35 15.58
N GLY A 186 3.64 45.58 15.82
CA GLY A 186 2.60 44.67 15.40
C GLY A 186 2.26 43.56 16.37
N ARG A 187 3.03 43.40 17.44
CA ARG A 187 2.75 42.37 18.42
C ARG A 187 1.66 42.82 19.37
N SER A 188 0.92 41.86 19.90
CA SER A 188 -0.15 42.17 20.84
C SER A 188 0.42 42.67 22.17
N LYS A 189 -0.40 43.41 22.91
CA LYS A 189 0.02 43.87 24.23
C LYS A 189 0.35 42.70 25.14
N ASN A 190 -0.28 41.55 24.92
CA ASN A 190 0.03 40.34 25.67
C ASN A 190 1.28 39.63 25.15
N SER A 191 1.86 40.11 24.05
CA SER A 191 3.05 39.51 23.47
C SER A 191 4.32 40.26 23.86
N HIS A 192 4.38 40.82 25.06
CA HIS A 192 5.57 41.54 25.49
C HIS A 192 6.74 40.57 25.61
N PRO A 193 7.93 40.96 25.15
CA PRO A 193 9.08 40.03 25.20
C PRO A 193 9.54 39.69 26.61
N GLU A 194 9.13 40.45 27.63
CA GLU A 194 9.51 40.10 29.00
C GLU A 194 8.93 38.76 29.43
N LYS A 195 7.81 38.35 28.82
CA LYS A 195 7.21 37.05 29.09
C LYS A 195 8.00 35.90 28.47
N LEU A 196 8.95 36.19 27.60
CA LEU A 196 9.66 35.12 26.90
C LEU A 196 10.60 34.37 27.82
N VAL A 197 11.12 35.03 28.85
CA VAL A 197 12.07 34.44 29.78
C VAL A 197 11.38 34.25 31.12
N LEU A 198 11.63 33.10 31.75
CA LEU A 198 10.92 32.70 32.95
C LEU A 198 11.91 32.43 34.07
N LYS A 199 11.57 32.90 35.27
CA LYS A 199 12.28 32.52 36.49
C LYS A 199 11.52 31.47 37.28
N ALA A 200 10.20 31.41 37.13
CA ALA A 200 9.37 30.42 37.83
C ALA A 200 8.61 29.62 36.77
N ILE A 201 9.18 28.49 36.37
CA ILE A 201 8.55 27.65 35.37
C ILE A 201 7.39 26.89 35.98
N GLN A 202 6.52 26.38 35.12
CA GLN A 202 5.33 25.65 35.53
C GLN A 202 5.60 24.16 35.41
N ILE A 203 5.41 23.43 36.51
CA ILE A 203 5.53 21.99 36.53
C ILE A 203 4.17 21.40 36.16
N PRO A 204 4.09 20.54 35.15
CA PRO A 204 2.79 20.11 34.67
C PRO A 204 2.08 19.27 35.72
N PRO A 205 0.75 19.23 35.67
CA PRO A 205 0.01 18.41 36.64
C PRO A 205 0.32 16.92 36.45
N ILE A 206 0.15 16.16 37.53
CA ILE A 206 0.46 14.73 37.50
C ILE A 206 -0.45 13.98 36.55
N SER A 207 -1.61 14.55 36.20
CA SER A 207 -2.52 13.87 35.30
C SER A 207 -1.88 13.60 33.94
N ILE A 208 -0.95 14.45 33.52
CA ILE A 208 -0.30 14.30 32.22
C ILE A 208 1.05 13.59 32.34
N ARG A 209 1.44 13.20 33.55
CA ARG A 209 2.70 12.53 33.77
C ARG A 209 2.57 11.46 34.86
N PRO A 210 1.76 10.42 34.64
CA PRO A 210 1.57 9.42 35.68
C PRO A 210 2.78 8.52 35.84
N GLY A 211 2.92 7.95 37.03
CA GLY A 211 4.03 7.06 37.33
C GLY A 211 4.16 6.77 38.81
N ILE A 212 4.56 5.56 39.14
CA ILE A 212 4.73 5.15 40.54
C ILE A 212 6.15 4.65 40.76
N ASP A 225 7.39 8.90 32.93
CA ASP A 225 8.77 8.79 32.49
C ASP A 225 9.41 10.17 32.31
N ILE A 226 8.59 11.14 31.93
CA ILE A 226 9.05 12.54 31.92
C ILE A 226 9.22 13.05 33.34
N ASN A 227 8.62 12.37 34.32
CA ASN A 227 8.86 12.71 35.70
C ASN A 227 10.33 12.61 36.06
N ASN A 228 11.06 11.72 35.37
CA ASN A 228 12.51 11.68 35.55
C ASN A 228 13.15 12.99 35.13
N VAL A 229 12.77 13.50 33.97
CA VAL A 229 13.34 14.77 33.49
C VAL A 229 13.02 15.88 34.48
N ILE A 230 11.78 15.91 34.98
CA ILE A 230 11.41 16.95 35.93
C ILE A 230 12.20 16.82 37.22
N GLN A 231 12.45 15.58 37.66
CA GLN A 231 13.18 15.38 38.91
C GLN A 231 14.63 15.83 38.78
N TYR A 232 15.31 15.43 37.69
CA TYR A 232 16.66 15.95 37.46
C TYR A 232 16.66 17.47 37.34
N LEU A 233 15.63 18.04 36.72
CA LEU A 233 15.55 19.50 36.63
C LEU A 233 15.48 20.14 38.00
N VAL A 234 14.68 19.57 38.90
CA VAL A 234 14.55 20.11 40.25
C VAL A 234 15.87 19.99 41.01
N ARG A 235 16.54 18.84 40.88
CA ARG A 235 17.81 18.66 41.56
C ARG A 235 18.84 19.67 41.08
N LYS A 236 18.94 19.86 39.76
CA LYS A 236 19.91 20.82 39.23
C LYS A 236 19.53 22.25 39.61
N ASN A 237 18.24 22.53 39.74
CA ASN A 237 17.82 23.84 40.25
C ASN A 237 18.30 24.05 41.68
N LEU A 238 18.21 23.00 42.49
CA LEU A 238 18.75 23.10 43.85
C LEU A 238 20.26 23.32 43.83
N LEU A 239 20.95 22.69 42.88
CA LEU A 239 22.41 22.82 42.80
C LEU A 239 22.88 24.20 42.36
N ILE A 240 21.96 25.08 41.96
CA ILE A 240 22.31 26.44 41.56
C ILE A 240 22.11 27.37 42.76
N PRO A 241 23.06 28.23 43.08
CA PRO A 241 22.86 29.19 44.17
C PRO A 241 21.72 30.16 43.87
N LYS A 242 21.02 30.57 44.92
CA LYS A 242 19.80 31.36 44.80
C LYS A 242 20.08 32.82 44.45
N ASP A 243 21.31 33.29 44.61
CA ASP A 243 21.61 34.72 44.56
C ASP A 243 22.19 35.16 43.23
N LEU A 244 22.08 34.35 42.19
CA LEU A 244 22.69 34.69 40.91
C LEU A 244 22.10 35.98 40.35
N GLN A 245 22.97 36.97 40.16
CA GLN A 245 22.59 38.30 39.70
C GLN A 245 23.47 38.71 38.53
N ILE A 246 23.56 37.82 37.54
CA ILE A 246 24.50 38.00 36.44
C ILE A 246 24.23 39.31 35.71
N VAL A 247 25.30 40.06 35.48
CA VAL A 247 25.27 41.26 34.65
C VAL A 247 26.06 40.96 33.39
N ARG A 248 25.98 41.87 32.41
CA ARG A 248 26.66 41.67 31.14
C ARG A 248 28.15 41.77 31.37
N GLY A 249 28.80 40.62 31.51
CA GLY A 249 30.23 40.59 31.79
C GLY A 249 30.57 40.10 33.19
N GLN A 250 29.66 39.33 33.81
CA GLN A 250 29.94 38.80 35.13
C GLN A 250 30.96 37.66 35.12
N LYS A 251 31.24 37.11 33.93
CA LYS A 251 32.22 36.02 33.74
C LYS A 251 32.14 34.99 34.87
N ILE A 252 30.95 34.41 35.00
CA ILE A 252 30.66 33.47 36.08
C ILE A 252 31.59 32.26 35.96
N PRO A 253 31.95 31.62 37.08
CA PRO A 253 32.90 30.50 37.01
C PRO A 253 32.32 29.34 36.22
N LEU A 254 33.23 28.52 35.67
CA LEU A 254 32.85 27.48 34.73
C LEU A 254 31.88 26.48 35.34
N ASN A 255 31.91 26.28 36.67
CA ASN A 255 31.00 25.33 37.28
C ASN A 255 29.57 25.87 37.29
N ILE A 256 29.38 27.12 37.70
CA ILE A 256 28.05 27.72 37.63
C ILE A 256 27.59 27.82 36.18
N ASP A 257 28.49 28.16 35.27
CA ASP A 257 28.12 28.27 33.86
C ASP A 257 27.65 26.93 33.31
N ARG A 258 28.39 25.85 33.59
CA ARG A 258 27.98 24.56 33.08
C ARG A 258 26.72 24.06 33.76
N ASN A 259 26.51 24.39 35.04
CA ASN A 259 25.29 23.97 35.72
C ASN A 259 24.08 24.70 35.16
N LEU A 260 24.20 26.00 34.91
CA LEU A 260 23.11 26.74 34.29
C LEU A 260 22.84 26.25 32.88
N GLN A 261 23.89 25.94 32.12
CA GLN A 261 23.68 25.38 30.79
C GLN A 261 22.98 24.03 30.86
N THR A 262 23.36 23.19 31.81
CA THR A 262 22.69 21.90 31.97
C THR A 262 21.24 22.08 32.34
N ILE A 263 20.93 23.04 33.21
CA ILE A 263 19.55 23.27 33.62
C ILE A 263 18.72 23.76 32.42
N GLN A 264 19.30 24.64 31.60
CA GLN A 264 18.57 25.14 30.44
C GLN A 264 18.36 24.04 29.40
N GLN A 265 19.40 23.24 29.15
CA GLN A 265 19.26 22.14 28.19
C GLN A 265 18.28 21.09 28.69
N LEU A 266 18.26 20.86 30.00
CA LEU A 266 17.31 19.90 30.56
C LEU A 266 15.88 20.39 30.40
N TYR A 267 15.64 21.69 30.64
CA TYR A 267 14.30 22.22 30.39
C TYR A 267 13.93 22.13 28.91
N TYR A 268 14.86 22.45 28.03
CA TYR A 268 14.59 22.38 26.60
C TYR A 268 14.30 20.95 26.16
N ASN A 269 14.99 19.97 26.76
CA ASN A 269 14.72 18.58 26.41
C ASN A 269 13.42 18.11 27.05
N PHE A 270 13.03 18.71 28.18
CA PHE A 270 11.73 18.40 28.76
C PHE A 270 10.61 18.87 27.83
N LEU A 271 10.79 20.02 27.19
CA LEU A 271 9.70 20.53 26.35
C LEU A 271 9.78 20.05 24.91
N LEU A 272 10.90 20.28 24.23
CA LEU A 272 11.00 20.14 22.78
C LEU A 272 11.96 19.06 22.32
N ASP A 273 12.15 17.99 23.09
CA ASP A 273 13.10 16.96 22.68
C ASP A 273 12.60 16.23 21.44
N SER A 274 13.53 15.92 20.54
CA SER A 274 13.28 15.21 19.29
C SER A 274 12.25 15.92 18.41
N VAL A 275 12.05 17.21 18.60
CA VAL A 275 11.11 18.01 17.82
C VAL A 275 11.88 19.18 17.23
N SER A 276 11.90 19.29 15.91
CA SER A 276 12.55 20.38 15.22
C SER A 276 11.54 21.08 14.32
N THR A 277 11.41 22.39 14.47
CA THR A 277 10.49 23.21 13.71
C THR A 277 11.32 24.05 12.73
N THR A 278 10.67 24.89 11.91
CA THR A 278 11.41 25.87 11.13
C THR A 278 12.24 26.78 12.04
N ALA A 279 11.79 26.97 13.27
CA ALA A 279 12.59 27.66 14.29
C ALA A 279 13.61 26.71 14.88
N THR A 280 14.21 27.07 16.00
CA THR A 280 15.18 26.22 16.68
C THR A 280 16.38 25.92 15.81
N PRO A 295 15.69 10.16 28.20
CA PRO A 295 15.22 9.47 26.99
C PRO A 295 13.70 9.42 26.91
N ALA A 296 13.02 10.09 27.84
CA ALA A 296 11.57 10.15 27.81
C ALA A 296 11.12 11.14 26.74
N PRO A 297 10.21 10.75 25.85
CA PRO A 297 9.69 11.71 24.85
C PRO A 297 9.13 12.95 25.53
N SER A 298 9.47 14.11 24.99
CA SER A 298 9.14 15.38 25.61
C SER A 298 7.64 15.66 25.48
N ILE A 299 7.24 16.84 25.96
CA ILE A 299 5.84 17.24 25.91
C ILE A 299 5.38 17.41 24.47
N MET A 300 6.16 18.13 23.66
CA MET A 300 5.72 18.48 22.31
C MET A 300 5.79 17.29 21.36
N ARG A 301 6.68 16.33 21.64
CA ARG A 301 6.72 15.13 20.82
C ARG A 301 5.41 14.35 20.90
N ARG A 302 4.66 14.53 21.99
CA ARG A 302 3.44 13.77 22.19
C ARG A 302 2.29 14.23 21.31
N LEU A 303 2.37 15.43 20.73
CA LEU A 303 1.27 15.92 19.89
C LEU A 303 1.23 15.26 18.52
N PRO A 304 2.25 15.39 17.66
CA PRO A 304 2.04 15.11 16.24
C PRO A 304 1.99 13.64 15.89
N ARG A 305 1.93 13.35 14.58
CA ARG A 305 1.90 12.00 14.03
C ARG A 305 0.59 11.29 14.37
N LYS A 306 0.35 10.15 13.72
CA LYS A 306 -0.92 9.46 13.85
C LYS A 306 -1.17 8.99 15.27
N GLU A 307 -0.15 8.46 15.93
CA GLU A 307 -0.28 7.94 17.28
C GLU A 307 0.00 9.00 18.35
N GLY A 308 -0.04 10.27 17.98
CA GLY A 308 0.19 11.35 18.91
C GLY A 308 -1.05 11.67 19.71
N ARG A 309 -0.97 12.81 20.41
CA ARG A 309 -2.08 13.21 21.27
C ARG A 309 -3.32 13.53 20.45
N ILE A 310 -3.18 14.37 19.42
CA ILE A 310 -4.32 14.86 18.67
C ILE A 310 -5.02 13.73 17.94
N ARG A 311 -4.33 13.14 16.96
CA ARG A 311 -5.00 12.24 16.02
C ARG A 311 -5.37 10.91 16.65
N LYS A 312 -4.83 10.60 17.82
CA LYS A 312 -5.15 9.33 18.46
C LYS A 312 -6.08 9.49 19.66
N SER A 313 -6.08 10.66 20.30
CA SER A 313 -6.86 10.87 21.50
C SER A 313 -8.09 11.75 21.28
N LEU A 314 -7.94 12.83 20.51
CA LEU A 314 -9.05 13.77 20.37
C LEU A 314 -9.91 13.43 19.15
N LEU A 315 -9.29 13.37 17.98
CA LEU A 315 -10.05 13.08 16.76
C LEU A 315 -10.63 11.68 16.77
N GLY A 316 -9.87 10.70 17.27
CA GLY A 316 -10.36 9.35 17.47
C GLY A 316 -10.62 9.06 18.94
N SER A 317 -10.91 7.79 19.22
CA SER A 317 -11.15 7.37 20.59
C SER A 317 -11.25 5.85 20.64
N GLN A 318 -10.92 5.30 21.81
CA GLN A 318 -11.25 3.92 22.14
C GLN A 318 -12.55 3.92 22.93
N VAL A 319 -13.48 3.06 22.52
CA VAL A 319 -14.83 3.13 23.06
C VAL A 319 -15.19 1.82 23.75
N TRP A 320 -16.02 1.92 24.78
CA TRP A 320 -16.63 0.76 25.40
C TRP A 320 -17.87 0.35 24.63
N SER A 321 -18.47 -0.76 25.03
CA SER A 321 -19.70 -1.26 24.43
C SER A 321 -19.64 -1.25 22.92
N ILE A 322 -18.70 -2.03 22.39
CA ILE A 322 -18.51 -2.19 20.96
C ILE A 322 -18.01 -3.61 20.70
N SER A 323 -18.37 -4.14 19.54
CA SER A 323 -18.04 -5.51 19.19
C SER A 323 -17.52 -5.57 17.77
N ARG A 324 -16.65 -6.54 17.51
CA ARG A 324 -16.06 -6.75 16.20
C ARG A 324 -16.04 -8.25 15.92
N SER A 325 -16.28 -8.61 14.66
CA SER A 325 -16.26 -10.00 14.24
C SER A 325 -16.28 -10.05 12.72
N THR A 326 -16.07 -11.26 12.20
CA THR A 326 -16.08 -11.49 10.76
C THR A 326 -17.51 -11.46 10.25
N ILE A 327 -17.71 -10.87 9.08
CA ILE A 327 -19.03 -10.82 8.48
C ILE A 327 -19.20 -12.01 7.55
N CYS A 328 -20.45 -12.43 7.37
CA CYS A 328 -20.77 -13.53 6.48
C CYS A 328 -22.17 -13.33 5.93
N GLY A 329 -22.46 -13.96 4.81
CA GLY A 329 -23.73 -13.77 4.13
C GLY A 329 -24.87 -14.48 4.85
N ASN A 330 -26.07 -13.97 4.63
CA ASN A 330 -27.30 -14.58 5.15
C ASN A 330 -28.46 -14.07 4.31
N SER A 331 -29.01 -14.93 3.48
CA SER A 331 -30.05 -14.52 2.54
C SER A 331 -31.42 -14.38 3.19
N ASP A 332 -31.57 -14.77 4.46
CA ASP A 332 -32.85 -14.67 5.13
C ASP A 332 -33.06 -13.37 5.87
N LEU A 333 -32.04 -12.50 5.91
CA LEU A 333 -32.15 -11.23 6.61
C LEU A 333 -32.52 -10.13 5.64
N HIS A 334 -33.39 -9.24 6.08
CA HIS A 334 -33.66 -8.04 5.29
C HIS A 334 -32.41 -7.20 5.17
N LEU A 335 -32.39 -6.32 4.17
CA LEU A 335 -31.23 -5.47 3.97
C LEU A 335 -30.99 -4.58 5.18
N ASP A 336 -32.05 -4.14 5.85
CA ASP A 336 -31.93 -3.29 7.02
C ASP A 336 -31.73 -4.07 8.30
N GLU A 337 -31.32 -5.33 8.22
CA GLU A 337 -31.13 -6.16 9.40
C GLU A 337 -29.73 -6.76 9.39
N VAL A 338 -29.21 -6.98 10.60
CA VAL A 338 -27.90 -7.57 10.81
C VAL A 338 -28.03 -8.75 11.76
N GLY A 339 -27.36 -9.85 11.44
CA GLY A 339 -27.36 -10.99 12.33
C GLY A 339 -26.37 -10.82 13.46
N TYR A 340 -26.86 -10.91 14.69
CA TYR A 340 -26.05 -10.71 15.89
C TYR A 340 -26.00 -11.97 16.72
N PRO A 341 -24.83 -12.58 16.91
CA PRO A 341 -24.76 -13.79 17.72
C PRO A 341 -25.21 -13.52 19.14
N ILE A 342 -25.80 -14.55 19.76
CA ILE A 342 -26.42 -14.37 21.07
C ILE A 342 -25.39 -14.07 22.14
N SER A 343 -24.17 -14.59 22.00
CA SER A 343 -23.13 -14.31 22.99
C SER A 343 -22.83 -12.83 23.06
N PHE A 344 -22.72 -12.17 21.89
CA PHE A 344 -22.48 -10.73 21.88
C PHE A 344 -23.63 -9.98 22.51
N ALA A 345 -24.87 -10.38 22.17
CA ALA A 345 -26.03 -9.72 22.76
C ALA A 345 -26.07 -9.88 24.26
N ARG A 346 -25.53 -10.99 24.77
CA ARG A 346 -25.40 -11.13 26.22
C ARG A 346 -24.26 -10.28 26.77
N THR A 347 -23.24 -10.00 25.95
CA THR A 347 -22.15 -9.15 26.42
C THR A 347 -22.51 -7.68 26.38
N LEU A 348 -23.01 -7.20 25.24
CA LEU A 348 -23.44 -5.82 25.11
C LEU A 348 -24.78 -5.61 25.84
N GLN A 349 -25.00 -4.38 26.28
CA GLN A 349 -26.20 -4.06 27.06
C GLN A 349 -26.87 -2.83 26.48
N VAL A 350 -28.18 -2.73 26.69
CA VAL A 350 -28.96 -1.56 26.30
C VAL A 350 -29.56 -0.97 27.57
N ALA A 351 -29.36 0.33 27.75
CA ALA A 351 -29.85 1.03 28.93
C ALA A 351 -31.32 1.40 28.73
N GLU A 352 -32.18 0.81 29.55
CA GLU A 352 -33.60 1.15 29.56
C GLU A 352 -33.98 1.56 30.96
N THR A 353 -34.33 2.83 31.14
CA THR A 353 -34.76 3.31 32.44
C THR A 353 -36.13 2.76 32.76
N VAL A 354 -36.37 2.50 34.05
CA VAL A 354 -37.62 1.91 34.50
C VAL A 354 -38.59 3.04 34.80
N GLN A 355 -39.69 3.10 34.07
CA GLN A 355 -40.75 4.05 34.29
C GLN A 355 -42.07 3.29 34.39
N HIS A 356 -43.16 4.04 34.56
CA HIS A 356 -44.47 3.40 34.70
C HIS A 356 -44.87 2.68 33.43
N TYR A 357 -44.53 3.23 32.26
CA TYR A 357 -45.01 2.67 31.00
C TYR A 357 -44.23 1.43 30.56
N ASN A 358 -43.03 1.21 31.08
CA ASN A 358 -42.18 0.13 30.61
C ASN A 358 -41.82 -0.89 31.68
N ILE A 359 -42.23 -0.68 32.94
CA ILE A 359 -41.88 -1.62 33.99
C ILE A 359 -42.46 -3.00 33.70
N ASN A 360 -43.67 -3.04 33.14
CA ASN A 360 -44.27 -4.31 32.76
C ASN A 360 -43.43 -5.01 31.70
N ARG A 361 -42.97 -4.27 30.69
CA ARG A 361 -42.18 -4.87 29.63
C ARG A 361 -40.77 -5.19 30.12
N LEU A 362 -40.20 -4.33 30.97
CA LEU A 362 -38.83 -4.50 31.43
C LEU A 362 -38.71 -5.53 32.54
N MET A 363 -39.81 -5.98 33.12
CA MET A 363 -39.71 -6.97 34.20
C MET A 363 -39.14 -8.31 33.72
N PRO A 364 -39.58 -8.89 32.59
CA PRO A 364 -38.96 -10.16 32.16
C PRO A 364 -37.46 -10.09 31.97
N TYR A 365 -36.95 -8.97 31.44
CA TYR A 365 -35.51 -8.80 31.32
C TYR A 365 -34.84 -8.88 32.68
N PHE A 366 -35.44 -8.27 33.69
CA PHE A 366 -34.87 -8.30 35.03
C PHE A 366 -34.90 -9.72 35.60
N LEU A 367 -36.06 -10.37 35.56
CA LEU A 367 -36.19 -11.65 36.24
C LEU A 367 -35.44 -12.76 35.52
N ASN A 368 -35.14 -12.59 34.23
CA ASN A 368 -34.28 -13.56 33.55
C ASN A 368 -32.85 -13.49 34.08
N GLY A 369 -32.37 -12.29 34.35
CA GLY A 369 -31.08 -12.13 35.01
C GLY A 369 -29.93 -12.67 34.18
N LYS A 370 -28.94 -13.23 34.87
CA LYS A 370 -27.76 -13.77 34.21
C LYS A 370 -27.99 -15.14 33.59
N ARG A 371 -29.14 -15.75 33.81
CA ARG A 371 -29.33 -17.16 33.52
C ARG A 371 -29.96 -17.44 32.17
N GLN A 372 -30.88 -16.59 31.71
CA GLN A 372 -31.65 -16.90 30.52
C GLN A 372 -31.69 -15.68 29.60
N TYR A 373 -31.85 -15.94 28.30
CA TYR A 373 -31.98 -14.89 27.30
C TYR A 373 -33.45 -14.64 27.00
N PRO A 374 -33.91 -13.39 27.00
CA PRO A 374 -33.16 -12.15 27.26
C PRO A 374 -33.07 -11.80 28.73
N GLY A 375 -31.86 -11.81 29.29
CA GLY A 375 -31.69 -11.43 30.69
C GLY A 375 -31.05 -10.06 30.83
N CYS A 376 -30.39 -9.82 31.96
CA CYS A 376 -29.72 -8.56 32.22
C CYS A 376 -28.90 -8.69 33.49
N SER A 377 -27.71 -8.08 33.49
CA SER A 377 -26.97 -7.93 34.74
C SER A 377 -26.37 -6.53 34.84
N ARG A 378 -27.22 -5.57 35.22
CA ARG A 378 -26.83 -4.28 35.79
C ARG A 378 -28.09 -3.51 36.16
N VAL A 379 -28.07 -2.83 37.29
CA VAL A 379 -29.16 -1.94 37.71
C VAL A 379 -28.55 -0.75 38.42
N TYR A 380 -28.96 0.46 38.03
CA TYR A 380 -28.48 1.69 38.66
C TYR A 380 -29.60 2.26 39.52
N LYS A 381 -29.52 2.02 40.82
CA LYS A 381 -30.54 2.49 41.76
C LYS A 381 -30.35 3.98 41.99
N GLN A 382 -31.39 4.77 41.69
CA GLN A 382 -31.30 6.20 41.89
C GLN A 382 -31.26 6.56 43.36
N ILE A 383 -31.91 5.76 44.21
CA ILE A 383 -31.92 6.06 45.64
C ILE A 383 -30.51 5.93 46.23
N THR A 384 -29.72 4.99 45.72
CA THR A 384 -28.34 4.82 46.17
C THR A 384 -27.33 5.48 45.25
N GLN A 385 -27.75 5.88 44.04
CA GLN A 385 -26.86 6.50 43.06
C GLN A 385 -25.62 5.64 42.80
N SER A 386 -25.83 4.32 42.75
CA SER A 386 -24.78 3.37 42.48
C SER A 386 -25.34 2.24 41.64
N VAL A 387 -24.45 1.54 40.96
CA VAL A 387 -24.85 0.43 40.11
C VAL A 387 -24.74 -0.86 40.93
N HIS A 388 -25.57 -1.84 40.56
CA HIS A 388 -25.63 -3.10 41.28
C HIS A 388 -25.67 -4.26 40.30
N ASP A 389 -25.02 -5.36 40.70
CA ASP A 389 -25.06 -6.60 39.95
C ASP A 389 -26.25 -7.42 40.40
N ILE A 390 -27.01 -7.96 39.44
CA ILE A 390 -28.26 -8.64 39.77
C ILE A 390 -28.03 -9.93 40.55
N GLU A 391 -26.78 -10.39 40.66
CA GLU A 391 -26.49 -11.56 41.46
C GLU A 391 -26.81 -11.33 42.93
N GLY A 392 -26.71 -10.09 43.41
CA GLY A 392 -27.06 -9.73 44.76
C GLY A 392 -28.36 -8.98 44.93
N LEU A 393 -29.20 -8.90 43.88
CA LEU A 393 -30.45 -8.17 43.92
C LEU A 393 -31.66 -9.09 44.12
N LYS A 394 -31.45 -10.26 44.72
CA LYS A 394 -32.55 -11.19 44.94
C LYS A 394 -33.56 -10.64 45.94
N GLN A 395 -33.09 -9.99 47.00
CA GLN A 395 -33.99 -9.50 48.04
C GLN A 395 -34.76 -8.25 47.61
N ASP A 396 -34.14 -7.39 46.79
CA ASP A 396 -34.87 -6.22 46.28
C ASP A 396 -35.99 -6.65 45.34
N PHE A 397 -35.66 -7.49 44.36
CA PHE A 397 -36.63 -8.24 43.57
C PHE A 397 -37.51 -7.36 42.69
N ARG A 398 -37.36 -6.04 42.77
CA ARG A 398 -38.22 -5.15 42.02
C ARG A 398 -37.44 -3.92 41.57
N LEU A 399 -38.01 -3.22 40.59
CA LEU A 399 -37.52 -1.94 40.13
C LEU A 399 -38.48 -0.84 40.56
N GLU A 400 -38.12 0.41 40.23
CA GLU A 400 -38.93 1.55 40.61
C GLU A 400 -38.73 2.66 39.59
N VAL A 401 -39.66 3.61 39.57
CA VAL A 401 -39.55 4.75 38.67
C VAL A 401 -38.27 5.52 38.99
N GLY A 402 -37.53 5.89 37.95
CA GLY A 402 -36.25 6.54 38.12
C GLY A 402 -35.07 5.60 38.18
N ASP A 403 -35.28 4.32 37.94
CA ASP A 403 -34.22 3.33 37.93
C ASP A 403 -33.79 3.05 36.50
N ILE A 404 -32.51 2.72 36.33
CA ILE A 404 -31.93 2.43 35.03
C ILE A 404 -31.53 0.96 35.00
N LEU A 405 -32.10 0.21 34.06
CA LEU A 405 -31.83 -1.20 33.91
C LEU A 405 -31.09 -1.44 32.60
N TYR A 406 -29.96 -2.12 32.68
CA TYR A 406 -29.15 -2.45 31.51
C TYR A 406 -29.48 -3.87 31.08
N ARG A 407 -30.14 -4.00 29.93
CA ARG A 407 -30.72 -5.25 29.47
C ARG A 407 -30.07 -5.70 28.17
N ASP A 408 -30.07 -7.01 27.96
CA ASP A 408 -29.43 -7.60 26.79
C ASP A 408 -30.11 -7.18 25.50
N VAL A 409 -29.32 -7.09 24.44
CA VAL A 409 -29.86 -6.76 23.13
C VAL A 409 -30.84 -7.83 22.70
N VAL A 410 -31.92 -7.41 22.04
CA VAL A 410 -32.96 -8.31 21.59
C VAL A 410 -33.26 -8.02 20.12
N THR A 411 -33.95 -8.96 19.49
CA THR A 411 -34.34 -8.77 18.10
C THR A 411 -35.22 -7.53 17.98
N GLY A 412 -34.91 -6.70 16.99
CA GLY A 412 -35.60 -5.44 16.81
C GLY A 412 -34.85 -4.23 17.30
N ASP A 413 -33.80 -4.41 18.10
CA ASP A 413 -32.97 -3.28 18.48
C ASP A 413 -32.17 -2.79 17.28
N VAL A 414 -31.79 -1.52 17.34
CA VAL A 414 -31.05 -0.88 16.26
C VAL A 414 -29.58 -0.87 16.65
N ALA A 415 -28.72 -1.24 15.71
CA ALA A 415 -27.29 -1.32 15.96
C ALA A 415 -26.52 -0.64 14.85
N PHE A 416 -25.46 0.07 15.22
CA PHE A 416 -24.60 0.73 14.24
C PHE A 416 -23.64 -0.27 13.65
N PHE A 417 -23.46 -0.22 12.33
CA PHE A 417 -22.74 -1.24 11.59
C PHE A 417 -21.72 -0.54 10.69
N ASN A 418 -20.44 -0.83 10.90
CA ASN A 418 -19.35 -0.05 10.31
C ASN A 418 -18.27 -0.98 9.79
N ARG A 419 -17.59 -0.55 8.73
CA ARG A 419 -16.43 -1.26 8.20
C ARG A 419 -15.31 -0.27 7.91
N GLN A 420 -14.16 -0.50 8.53
CA GLN A 420 -13.00 0.28 8.13
C GLN A 420 -12.41 -0.29 6.84
N PRO A 421 -11.97 0.55 5.91
CA PRO A 421 -11.95 2.02 5.96
C PRO A 421 -13.34 2.62 5.76
N SER A 422 -13.63 3.72 6.46
CA SER A 422 -14.95 4.36 6.36
C SER A 422 -14.83 5.55 5.41
N LEU A 423 -14.99 5.26 4.12
CA LEU A 423 -14.76 6.27 3.11
C LEU A 423 -16.04 6.99 2.70
N GLU A 424 -17.18 6.31 2.73
CA GLU A 424 -18.43 6.87 2.26
C GLU A 424 -19.32 7.27 3.43
N ARG A 425 -20.37 8.03 3.10
CA ARG A 425 -21.36 8.38 4.11
C ARG A 425 -22.11 7.15 4.61
N SER A 426 -22.22 6.13 3.78
CA SER A 426 -22.93 4.91 4.13
C SER A 426 -22.05 3.88 4.82
N SER A 427 -20.79 4.21 5.11
CA SER A 427 -19.91 3.26 5.78
C SER A 427 -20.40 2.93 7.18
N ILE A 428 -21.20 3.79 7.79
CA ILE A 428 -21.79 3.53 9.10
C ILE A 428 -23.29 3.64 8.96
N GLY A 429 -23.97 2.50 9.07
CA GLY A 429 -25.42 2.48 8.97
C GLY A 429 -26.01 1.76 10.16
N VAL A 430 -27.29 2.04 10.40
CA VAL A 430 -28.03 1.44 11.49
C VAL A 430 -28.89 0.32 10.93
N HIS A 431 -28.62 -0.90 11.36
CA HIS A 431 -29.41 -2.06 11.00
C HIS A 431 -30.25 -2.49 12.18
N ARG A 432 -31.31 -3.25 11.91
CA ARG A 432 -32.09 -3.84 12.97
C ARG A 432 -31.46 -5.16 13.41
N ILE A 433 -31.41 -5.38 14.71
CA ILE A 433 -30.73 -6.53 15.27
C ILE A 433 -31.61 -7.77 15.09
N VAL A 434 -31.03 -8.83 14.54
CA VAL A 434 -31.62 -10.16 14.54
C VAL A 434 -30.66 -11.06 15.29
N VAL A 435 -31.04 -11.47 16.49
CA VAL A 435 -30.16 -12.27 17.34
C VAL A 435 -30.30 -13.72 16.95
N LEU A 436 -29.17 -14.34 16.59
CA LEU A 436 -29.12 -15.75 16.21
C LEU A 436 -28.84 -16.56 17.47
N GLU A 437 -29.84 -17.30 17.94
CA GLU A 437 -29.72 -17.98 19.22
C GLU A 437 -28.80 -19.20 19.17
N ASN A 438 -28.37 -19.62 17.99
CA ASN A 438 -27.48 -20.77 17.92
C ASN A 438 -26.11 -20.39 18.46
N PRO A 439 -25.61 -21.05 19.50
CA PRO A 439 -24.34 -20.63 20.10
C PRO A 439 -23.13 -20.88 19.22
N LYS A 440 -23.22 -21.79 18.26
CA LYS A 440 -22.06 -22.11 17.43
C LYS A 440 -21.68 -20.97 16.49
N ILE A 441 -22.54 -19.98 16.32
CA ILE A 441 -22.32 -18.90 15.36
C ILE A 441 -21.76 -17.70 16.09
N SER A 442 -20.65 -17.18 15.59
CA SER A 442 -20.00 -16.01 16.15
C SER A 442 -19.79 -14.89 15.14
N THR A 443 -20.32 -15.01 13.93
CA THR A 443 -20.10 -14.02 12.89
C THR A 443 -21.22 -12.98 12.91
N PHE A 444 -20.96 -11.88 12.19
CA PHE A 444 -21.98 -10.90 11.90
C PHE A 444 -22.61 -11.25 10.55
N GLN A 445 -23.90 -11.53 10.55
CA GLN A 445 -24.59 -11.97 9.35
C GLN A 445 -25.40 -10.83 8.78
N MET A 446 -25.24 -10.58 7.48
CA MET A 446 -25.97 -9.51 6.83
C MET A 446 -26.19 -9.86 5.38
N ASN A 447 -27.29 -9.35 4.83
CA ASN A 447 -27.70 -9.70 3.48
C ASN A 447 -26.64 -9.28 2.48
N VAL A 448 -26.49 -10.07 1.42
CA VAL A 448 -25.46 -9.80 0.42
C VAL A 448 -25.71 -8.47 -0.26
N SER A 449 -26.97 -8.12 -0.46
CA SER A 449 -27.31 -6.84 -1.06
C SER A 449 -26.90 -5.66 -0.18
N ALA A 450 -26.64 -5.89 1.11
CA ALA A 450 -26.23 -4.81 1.99
C ALA A 450 -24.74 -4.52 1.87
N CYS A 451 -23.97 -5.37 1.19
CA CYS A 451 -22.53 -5.15 1.11
C CYS A 451 -22.19 -3.86 0.38
N ALA A 452 -23.05 -3.42 -0.55
CA ALA A 452 -22.73 -2.26 -1.37
C ALA A 452 -22.59 -1.00 -0.53
N TRP A 453 -23.22 -0.96 0.64
CA TRP A 453 -23.04 0.18 1.53
C TRP A 453 -21.62 0.24 2.06
N TYR A 454 -21.08 -0.89 2.51
CA TYR A 454 -19.80 -0.93 3.17
C TYR A 454 -18.66 -1.35 2.25
N ASN A 455 -18.95 -1.61 0.98
CA ASN A 455 -17.94 -2.10 0.04
C ASN A 455 -17.26 -3.34 0.59
N ALA A 456 -18.05 -4.23 1.18
CA ALA A 456 -17.55 -5.41 1.85
C ALA A 456 -17.81 -6.65 1.01
N ASP A 457 -17.03 -7.69 1.30
CA ASP A 457 -17.31 -9.03 0.83
C ASP A 457 -17.06 -9.99 1.97
N PHE A 458 -17.32 -11.27 1.73
CA PHE A 458 -17.17 -12.29 2.77
C PHE A 458 -15.93 -13.15 2.56
N ASP A 459 -14.83 -12.53 2.12
CA ASP A 459 -13.57 -13.24 2.02
C ASP A 459 -12.76 -13.20 3.30
N GLY A 460 -13.33 -12.64 4.37
CA GLY A 460 -12.62 -12.54 5.63
C GLY A 460 -12.71 -11.16 6.26
N ASP A 461 -13.61 -10.33 5.73
CA ASP A 461 -13.75 -8.97 6.23
C ASP A 461 -14.27 -8.99 7.66
N GLN A 462 -13.85 -8.00 8.44
CA GLN A 462 -14.27 -7.82 9.81
C GLN A 462 -14.95 -6.48 9.93
N MET A 463 -16.06 -6.42 10.66
CA MET A 463 -16.84 -5.21 10.72
C MET A 463 -17.20 -4.90 12.17
N ASN A 464 -17.26 -3.61 12.49
CA ASN A 464 -17.59 -3.17 13.83
C ASN A 464 -19.10 -3.07 14.01
N LEU A 465 -19.55 -3.31 15.24
CA LEU A 465 -20.96 -3.18 15.56
C LEU A 465 -21.07 -2.75 17.02
N TRP A 466 -21.70 -1.60 17.26
CA TRP A 466 -22.03 -1.18 18.61
C TRP A 466 -23.52 -0.84 18.67
N VAL A 467 -24.17 -1.29 19.73
CA VAL A 467 -25.60 -1.06 19.93
C VAL A 467 -25.75 0.21 20.76
N PRO A 468 -26.45 1.23 20.27
CA PRO A 468 -26.69 2.41 21.10
C PRO A 468 -27.47 2.03 22.35
N TRP A 469 -27.13 2.67 23.46
CA TRP A 469 -27.81 2.42 24.72
C TRP A 469 -28.59 3.62 25.24
N SER A 470 -28.13 4.83 24.98
CA SER A 470 -28.86 6.00 25.42
C SER A 470 -30.11 6.19 24.58
N VAL A 471 -31.09 6.87 25.16
CA VAL A 471 -32.36 7.09 24.47
C VAL A 471 -32.18 8.04 23.29
N MET A 472 -31.42 9.12 23.49
CA MET A 472 -31.15 10.04 22.38
C MET A 472 -30.44 9.33 21.25
N SER A 473 -29.45 8.49 21.57
CA SER A 473 -28.72 7.77 20.53
C SER A 473 -29.64 6.83 19.77
N ARG A 474 -30.54 6.13 20.46
CA ARG A 474 -31.46 5.23 19.78
C ARG A 474 -32.42 5.99 18.88
N VAL A 475 -33.00 7.08 19.38
CA VAL A 475 -33.89 7.90 18.56
C VAL A 475 -33.16 8.37 17.31
N GLU A 476 -31.99 8.94 17.49
CA GLU A 476 -31.20 9.44 16.39
C GLU A 476 -30.87 8.34 15.39
N ALA A 477 -30.44 7.18 15.89
CA ALA A 477 -30.10 6.08 15.01
C ALA A 477 -31.29 5.70 14.13
N GLU A 478 -32.42 5.39 14.78
CA GLU A 478 -33.55 4.86 14.03
C GLU A 478 -34.28 5.91 13.21
N LEU A 479 -34.01 7.20 13.44
CA LEU A 479 -34.69 8.23 12.65
C LEU A 479 -33.80 8.87 11.61
N LEU A 480 -32.49 8.79 11.75
CA LEU A 480 -31.60 9.51 10.85
C LEU A 480 -30.51 8.62 10.27
N CYS A 481 -29.96 7.69 11.05
CA CYS A 481 -28.86 6.87 10.59
C CYS A 481 -29.32 5.51 10.07
N SER A 482 -30.63 5.31 9.96
CA SER A 482 -31.15 4.07 9.40
C SER A 482 -30.67 3.91 7.97
N VAL A 483 -30.38 2.66 7.60
CA VAL A 483 -29.76 2.41 6.29
C VAL A 483 -30.68 2.75 5.14
N ARG A 484 -31.98 2.90 5.39
CA ARG A 484 -32.87 3.34 4.32
C ARG A 484 -32.47 4.72 3.80
N ASN A 485 -31.88 5.55 4.67
CA ASN A 485 -31.45 6.87 4.22
C ASN A 485 -30.28 6.78 3.26
N TRP A 486 -29.52 5.71 3.30
CA TRP A 486 -28.37 5.53 2.42
C TRP A 486 -28.66 4.63 1.24
N PHE A 487 -29.92 4.31 0.98
CA PHE A 487 -30.23 3.52 -0.20
C PHE A 487 -29.87 4.27 -1.47
N ILE A 488 -30.16 5.56 -1.52
CA ILE A 488 -29.77 6.40 -2.63
C ILE A 488 -28.41 7.02 -2.30
N SER A 489 -27.43 6.78 -3.15
CA SER A 489 -26.07 7.22 -2.88
C SER A 489 -26.01 8.73 -2.73
N THR A 490 -25.31 9.20 -1.70
CA THR A 490 -25.03 10.63 -1.60
C THR A 490 -23.99 11.05 -2.63
N LYS A 491 -23.20 10.09 -3.12
CA LYS A 491 -22.13 10.42 -4.05
C LYS A 491 -22.68 10.68 -5.45
N SER A 492 -23.34 9.69 -6.04
CA SER A 492 -23.79 9.77 -7.42
C SER A 492 -25.31 9.88 -7.56
N SER A 493 -26.04 10.04 -6.47
CA SER A 493 -27.49 10.20 -6.47
C SER A 493 -28.24 9.01 -7.03
N GLY A 494 -27.56 7.88 -7.23
CA GLY A 494 -28.22 6.68 -7.68
C GLY A 494 -28.41 5.69 -6.54
N PRO A 495 -29.02 4.55 -6.83
CA PRO A 495 -29.16 3.52 -5.79
C PRO A 495 -27.87 2.73 -5.64
N VAL A 496 -27.60 2.29 -4.42
CA VAL A 496 -26.42 1.46 -4.20
C VAL A 496 -26.77 0.00 -4.07
N ASN A 497 -27.92 -0.31 -3.49
CA ASN A 497 -28.32 -1.70 -3.29
C ASN A 497 -29.03 -2.25 -4.51
N GLY A 498 -29.17 -3.58 -4.53
CA GLY A 498 -29.80 -4.25 -5.65
C GLY A 498 -29.50 -5.73 -5.58
N GLN A 499 -29.65 -6.39 -6.72
CA GLN A 499 -29.36 -7.81 -6.83
C GLN A 499 -27.94 -8.00 -7.35
N VAL A 500 -27.15 -8.81 -6.65
CA VAL A 500 -25.76 -9.03 -6.98
C VAL A 500 -25.53 -10.51 -7.25
N GLN A 501 -24.87 -10.82 -8.36
CA GLN A 501 -24.45 -12.17 -8.67
C GLN A 501 -25.61 -13.15 -8.68
N ASP A 502 -25.79 -13.81 -7.53
CA ASP A 502 -26.79 -14.85 -7.39
C ASP A 502 -28.18 -14.36 -7.75
N SER A 503 -28.60 -13.25 -7.16
CA SER A 503 -29.98 -12.79 -7.38
C SER A 503 -30.15 -12.22 -8.77
N THR A 504 -29.10 -11.62 -9.33
CA THR A 504 -29.19 -11.13 -10.70
C THR A 504 -29.39 -12.26 -11.69
N VAL A 505 -28.54 -13.30 -11.62
CA VAL A 505 -28.71 -14.42 -12.52
C VAL A 505 -30.02 -15.15 -12.23
N GLY A 506 -30.45 -15.17 -10.97
CA GLY A 506 -31.71 -15.81 -10.65
C GLY A 506 -32.90 -15.09 -11.24
N SER A 507 -32.90 -13.76 -11.17
CA SER A 507 -33.97 -12.99 -11.79
C SER A 507 -33.96 -13.18 -13.30
N PHE A 508 -32.78 -13.25 -13.90
CA PHE A 508 -32.74 -13.51 -15.33
C PHE A 508 -33.35 -14.86 -15.67
N LEU A 509 -32.98 -15.90 -14.91
CA LEU A 509 -33.52 -17.23 -15.17
C LEU A 509 -35.04 -17.25 -14.96
N LEU A 510 -35.51 -16.59 -13.90
CA LEU A 510 -36.92 -16.61 -13.57
C LEU A 510 -37.76 -15.88 -14.60
N THR A 511 -37.24 -14.76 -15.11
CA THR A 511 -38.06 -13.90 -15.98
C THR A 511 -37.93 -14.23 -17.46
N ARG A 512 -37.02 -15.13 -17.85
CA ARG A 512 -36.87 -15.41 -19.26
C ARG A 512 -38.07 -16.19 -19.80
N THR A 513 -38.21 -16.18 -21.12
CA THR A 513 -39.41 -16.75 -21.74
C THR A 513 -39.33 -18.26 -21.85
N ASN A 514 -38.19 -18.78 -22.28
CA ASN A 514 -38.03 -20.21 -22.54
C ASN A 514 -36.82 -20.75 -21.79
N THR A 515 -36.99 -21.92 -21.20
CA THR A 515 -35.91 -22.74 -20.68
C THR A 515 -35.51 -23.77 -21.72
N PRO A 516 -34.42 -24.51 -21.51
CA PRO A 516 -34.10 -25.60 -22.44
C PRO A 516 -35.18 -26.67 -22.51
N MET A 517 -36.06 -26.75 -21.52
CA MET A 517 -37.16 -27.70 -21.54
C MET A 517 -38.38 -27.18 -22.29
N GLY A 518 -38.37 -25.92 -22.74
CA GLY A 518 -39.50 -25.31 -23.41
C GLY A 518 -39.93 -24.03 -22.70
N LYS A 519 -41.24 -23.84 -22.63
CA LYS A 519 -41.79 -22.65 -21.99
C LYS A 519 -41.40 -22.60 -20.51
N ASN A 520 -41.08 -21.40 -20.04
CA ASN A 520 -40.61 -21.20 -18.67
C ASN A 520 -41.82 -21.05 -17.74
N VAL A 521 -42.43 -22.17 -17.40
CA VAL A 521 -43.64 -22.17 -16.59
C VAL A 521 -43.41 -23.01 -15.34
N MET A 522 -44.30 -22.83 -14.37
CA MET A 522 -44.30 -23.59 -13.14
C MET A 522 -45.75 -23.81 -12.74
N ASN A 523 -46.03 -24.94 -12.10
CA ASN A 523 -47.39 -25.18 -11.64
C ASN A 523 -47.69 -24.31 -10.43
N LYS A 524 -48.90 -24.45 -9.91
CA LYS A 524 -49.32 -23.61 -8.78
C LYS A 524 -48.46 -23.87 -7.55
N LEU A 525 -48.09 -25.14 -7.32
CA LEU A 525 -47.32 -25.48 -6.13
C LEU A 525 -45.98 -24.76 -6.11
N HIS A 526 -45.29 -24.74 -7.24
CA HIS A 526 -43.97 -24.11 -7.27
C HIS A 526 -44.07 -22.59 -7.32
N ALA A 527 -45.15 -22.06 -7.89
CA ALA A 527 -45.40 -20.63 -7.78
C ALA A 527 -45.57 -20.21 -6.32
N MET A 528 -46.32 -20.99 -5.55
CA MET A 528 -46.42 -20.72 -4.11
C MET A 528 -45.08 -20.92 -3.42
N GLY A 529 -44.30 -21.90 -3.85
CA GLY A 529 -42.97 -22.11 -3.29
C GLY A 529 -42.06 -20.92 -3.47
N LEU A 530 -42.21 -20.21 -4.60
CA LEU A 530 -41.41 -19.00 -4.80
C LEU A 530 -41.68 -17.96 -3.73
N PHE A 531 -42.95 -17.77 -3.36
CA PHE A 531 -43.32 -16.76 -2.39
C PHE A 531 -43.24 -17.24 -0.96
N GLN A 532 -42.92 -18.52 -0.75
CA GLN A 532 -42.76 -19.06 0.60
C GLN A 532 -41.93 -18.18 1.53
N THR A 533 -40.76 -17.73 1.07
CA THR A 533 -39.77 -17.12 1.95
C THR A 533 -39.52 -15.65 1.65
N THR A 534 -40.55 -14.88 1.30
CA THR A 534 -40.35 -13.45 1.09
C THR A 534 -40.74 -12.62 2.30
N GLN A 535 -41.31 -13.22 3.33
CA GLN A 535 -41.73 -12.59 4.58
C GLN A 535 -42.88 -11.59 4.38
N THR A 536 -43.33 -11.38 3.16
CA THR A 536 -44.43 -10.45 2.91
C THR A 536 -45.76 -11.14 3.18
N ASP A 537 -46.85 -10.50 2.74
CA ASP A 537 -48.14 -11.17 2.72
C ASP A 537 -48.26 -11.95 1.43
N PRO A 538 -48.34 -13.28 1.47
CA PRO A 538 -48.35 -14.06 0.24
C PRO A 538 -49.60 -13.77 -0.58
N PRO A 539 -49.49 -13.73 -1.90
CA PRO A 539 -50.66 -13.40 -2.72
C PRO A 539 -51.70 -14.52 -2.75
N CYS A 540 -52.75 -14.34 -3.53
CA CYS A 540 -53.86 -15.27 -3.57
C CYS A 540 -53.73 -16.15 -4.82
N PHE A 541 -53.53 -17.44 -4.60
CA PHE A 541 -53.46 -18.41 -5.69
C PHE A 541 -54.74 -19.24 -5.79
N ALA A 542 -55.83 -18.79 -5.18
CA ALA A 542 -57.06 -19.55 -5.18
C ALA A 542 -57.69 -19.67 -6.56
N ASN A 543 -57.25 -18.85 -7.52
CA ASN A 543 -57.81 -18.89 -8.87
C ASN A 543 -57.08 -19.86 -9.79
N TYR A 544 -56.07 -20.56 -9.31
CA TYR A 544 -55.25 -21.43 -10.15
C TYR A 544 -55.53 -22.89 -9.84
N SER A 545 -55.79 -23.67 -10.89
CA SER A 545 -55.91 -25.10 -10.75
C SER A 545 -54.54 -25.71 -10.43
N PRO A 546 -54.50 -26.88 -9.78
CA PRO A 546 -53.21 -27.50 -9.48
C PRO A 546 -52.38 -27.81 -10.71
N THR A 547 -52.99 -27.96 -11.87
CA THR A 547 -52.26 -28.18 -13.12
C THR A 547 -52.08 -26.89 -13.92
N ASP A 548 -52.50 -25.75 -13.39
CA ASP A 548 -52.30 -24.49 -14.09
C ASP A 548 -50.82 -24.13 -14.10
N LEU A 549 -50.36 -23.64 -15.25
CA LEU A 549 -48.94 -23.32 -15.44
C LEU A 549 -48.76 -21.82 -15.38
N LEU A 550 -48.07 -21.35 -14.34
CA LEU A 550 -47.81 -19.93 -14.16
C LEU A 550 -46.47 -19.56 -14.79
N ASP A 551 -46.47 -18.43 -15.49
CA ASP A 551 -45.25 -17.92 -16.09
C ASP A 551 -44.38 -17.25 -15.05
N GLY A 552 -43.09 -17.12 -15.35
CA GLY A 552 -42.19 -16.41 -14.45
C GLY A 552 -42.52 -14.93 -14.36
N LYS A 553 -42.80 -14.31 -15.51
CA LYS A 553 -43.25 -12.93 -15.49
C LYS A 553 -44.53 -12.77 -14.67
N SER A 554 -45.37 -13.81 -14.65
CA SER A 554 -46.59 -13.73 -13.85
C SER A 554 -46.26 -13.58 -12.37
N VAL A 555 -45.41 -14.44 -11.82
CA VAL A 555 -45.12 -14.37 -10.39
C VAL A 555 -44.34 -13.10 -10.07
N VAL A 556 -43.42 -12.70 -10.95
CA VAL A 556 -42.73 -11.43 -10.72
C VAL A 556 -43.71 -10.28 -10.67
N SER A 557 -44.73 -10.31 -11.52
CA SER A 557 -45.75 -9.26 -11.50
C SER A 557 -46.58 -9.32 -10.23
N MET A 558 -46.91 -10.52 -9.76
CA MET A 558 -47.65 -10.63 -8.50
C MET A 558 -46.84 -10.12 -7.32
N LEU A 559 -45.51 -10.10 -7.45
CA LEU A 559 -44.70 -9.45 -6.43
C LEU A 559 -44.64 -7.94 -6.63
N LEU A 560 -44.50 -7.49 -7.88
CA LEU A 560 -44.30 -6.07 -8.15
C LEU A 560 -45.57 -5.26 -8.05
N ARG A 561 -46.74 -5.88 -8.07
CA ARG A 561 -47.98 -5.13 -7.97
C ARG A 561 -48.11 -4.41 -6.63
N GLN A 562 -47.41 -4.88 -5.60
CA GLN A 562 -47.48 -4.22 -4.30
C GLN A 562 -46.90 -2.81 -4.37
N THR A 563 -45.92 -2.58 -5.24
CA THR A 563 -45.36 -1.25 -5.47
C THR A 563 -45.36 -1.01 -6.98
N PRO A 564 -46.51 -0.65 -7.54
CA PRO A 564 -46.61 -0.50 -9.00
C PRO A 564 -45.77 0.65 -9.51
N ILE A 565 -44.93 0.35 -10.51
CA ILE A 565 -44.07 1.34 -11.16
C ILE A 565 -44.10 1.09 -12.65
N ASN A 566 -43.53 2.03 -13.40
CA ASN A 566 -43.43 1.93 -14.85
C ASN A 566 -41.96 1.89 -15.24
N TYR A 567 -41.58 0.89 -16.01
CA TYR A 567 -40.19 0.70 -16.39
C TYR A 567 -40.14 0.13 -17.80
N GLN A 568 -39.28 0.71 -18.63
CA GLN A 568 -39.16 0.28 -20.02
C GLN A 568 -37.72 0.51 -20.45
N ARG A 569 -36.96 -0.56 -20.60
CA ARG A 569 -35.54 -0.44 -20.89
C ARG A 569 -35.04 -1.77 -21.42
N ALA A 570 -34.00 -1.71 -22.26
CA ALA A 570 -33.36 -2.92 -22.72
C ALA A 570 -32.58 -3.56 -21.58
N PRO A 571 -32.53 -4.90 -21.53
CA PRO A 571 -31.78 -5.58 -20.48
C PRO A 571 -30.32 -5.78 -20.87
N THR A 572 -29.48 -5.93 -19.85
CA THR A 572 -28.08 -6.23 -20.09
C THR A 572 -27.90 -7.58 -20.75
N TRP A 573 -28.89 -8.47 -20.62
CA TRP A 573 -28.84 -9.75 -21.33
C TRP A 573 -28.75 -9.55 -22.83
N TYR A 574 -29.33 -8.47 -23.33
CA TYR A 574 -29.29 -8.17 -24.76
C TYR A 574 -28.12 -7.26 -25.06
N SER A 575 -27.15 -7.76 -25.82
CA SER A 575 -25.99 -6.99 -26.22
C SER A 575 -25.77 -7.14 -27.71
N GLU A 576 -25.46 -6.03 -28.39
CA GLU A 576 -25.24 -6.09 -29.82
C GLU A 576 -24.03 -6.93 -30.18
N VAL A 577 -23.03 -6.97 -29.29
CA VAL A 577 -21.82 -7.72 -29.60
C VAL A 577 -22.12 -9.21 -29.66
N TYR A 578 -23.04 -9.69 -28.81
CA TYR A 578 -23.43 -11.09 -28.89
C TYR A 578 -24.35 -11.34 -30.08
N ALA A 579 -25.22 -10.37 -30.39
CA ALA A 579 -26.36 -10.57 -31.28
C ALA A 579 -26.10 -11.43 -32.53
N PRO A 580 -25.00 -11.26 -33.27
CA PRO A 580 -24.83 -12.10 -34.47
C PRO A 580 -24.84 -13.58 -34.16
N TYR A 581 -24.38 -13.97 -32.99
CA TYR A 581 -24.35 -15.36 -32.56
C TYR A 581 -25.35 -15.55 -31.43
N MET A 582 -25.99 -16.72 -31.41
CA MET A 582 -27.09 -17.02 -30.50
C MET A 582 -28.33 -16.24 -30.90
N HIS A 583 -29.49 -16.88 -30.83
CA HIS A 583 -30.74 -16.28 -31.27
C HIS A 583 -31.47 -15.76 -30.05
N TYR A 584 -31.44 -14.44 -29.87
CA TYR A 584 -32.16 -13.81 -28.78
C TYR A 584 -33.66 -13.98 -28.98
N ASN A 585 -34.35 -14.39 -27.92
CA ASN A 585 -35.80 -14.40 -27.94
C ASN A 585 -36.31 -12.97 -27.98
N LYS A 586 -37.13 -12.65 -28.98
CA LYS A 586 -37.62 -11.28 -29.13
C LYS A 586 -38.41 -10.81 -27.93
N GLN A 587 -38.91 -11.74 -27.12
CA GLN A 587 -39.65 -11.40 -25.92
C GLN A 587 -38.75 -11.18 -24.71
N ASP A 588 -37.43 -11.23 -24.90
CA ASP A 588 -36.49 -11.05 -23.81
C ASP A 588 -35.62 -9.81 -23.96
N ILE A 589 -35.51 -9.25 -25.17
CA ILE A 589 -34.60 -8.13 -25.41
C ILE A 589 -35.21 -6.78 -25.10
N SER A 590 -36.46 -6.74 -24.63
CA SER A 590 -37.09 -5.50 -24.22
C SER A 590 -37.86 -5.75 -22.93
N THR A 591 -37.48 -5.08 -21.86
CA THR A 591 -38.14 -5.21 -20.58
C THR A 591 -39.13 -4.07 -20.42
N GLN A 592 -40.38 -4.41 -20.09
CA GLN A 592 -41.45 -3.43 -19.96
C GLN A 592 -42.25 -3.76 -18.72
N ILE A 593 -42.44 -2.78 -17.84
CA ILE A 593 -43.28 -2.90 -16.66
C ILE A 593 -44.29 -1.77 -16.69
N ARG A 594 -45.57 -2.11 -16.57
CA ARG A 594 -46.64 -1.12 -16.51
C ARG A 594 -47.40 -1.33 -15.21
N ASN A 595 -47.23 -0.40 -14.28
CA ASN A 595 -47.92 -0.42 -12.99
C ASN A 595 -47.69 -1.74 -12.26
N GLY A 596 -46.43 -2.19 -12.27
CA GLY A 596 -46.05 -3.40 -11.58
C GLY A 596 -46.31 -4.68 -12.33
N GLU A 597 -46.83 -4.61 -13.55
CA GLU A 597 -47.10 -5.79 -14.36
C GLU A 597 -45.94 -5.99 -15.33
N LEU A 598 -44.97 -6.81 -14.93
CA LEU A 598 -43.84 -7.14 -15.79
C LEU A 598 -44.37 -8.03 -16.90
N ILE A 599 -44.66 -7.43 -18.06
CA ILE A 599 -44.97 -8.26 -19.22
C ILE A 599 -44.09 -7.90 -20.42
N GLU A 600 -42.82 -8.29 -20.33
CA GLU A 600 -41.86 -8.36 -21.44
C GLU A 600 -40.51 -8.72 -20.84
N GLY A 601 -39.59 -9.21 -21.66
CA GLY A 601 -38.19 -9.23 -21.30
C GLY A 601 -37.80 -9.98 -20.04
N VAL A 602 -36.54 -9.85 -19.66
CA VAL A 602 -36.01 -10.48 -18.48
C VAL A 602 -35.56 -9.39 -17.51
N LEU A 603 -35.33 -9.78 -16.26
CA LEU A 603 -34.81 -8.88 -15.24
C LEU A 603 -33.35 -9.26 -14.98
N ASP A 604 -32.46 -8.30 -15.13
CA ASP A 604 -31.04 -8.55 -14.97
C ASP A 604 -30.39 -7.28 -14.41
N LYS A 605 -29.07 -7.15 -14.60
CA LYS A 605 -28.33 -6.08 -13.95
C LYS A 605 -28.91 -4.71 -14.24
N LYS A 606 -29.36 -4.47 -15.46
CA LYS A 606 -29.86 -3.16 -15.82
C LYS A 606 -31.11 -2.80 -15.02
N ALA A 607 -31.99 -3.77 -14.79
CA ALA A 607 -33.25 -3.50 -14.12
C ALA A 607 -33.16 -3.67 -12.61
N VAL A 608 -32.59 -4.77 -12.14
CA VAL A 608 -32.56 -5.06 -10.71
C VAL A 608 -31.16 -5.04 -10.13
N GLY A 609 -30.12 -4.92 -10.95
CA GLY A 609 -28.78 -5.00 -10.42
C GLY A 609 -28.45 -3.83 -9.51
N ALA A 610 -27.53 -4.08 -8.58
CA ALA A 610 -27.11 -3.04 -7.65
C ALA A 610 -26.33 -1.96 -8.38
N GLY A 611 -26.57 -0.71 -7.98
CA GLY A 611 -25.89 0.40 -8.62
C GLY A 611 -26.33 0.68 -10.03
N SER A 612 -27.51 0.22 -10.41
CA SER A 612 -28.05 0.45 -11.74
C SER A 612 -29.01 1.63 -11.68
N SER A 613 -28.62 2.73 -12.30
CA SER A 613 -29.44 3.93 -12.29
C SER A 613 -30.71 3.71 -13.10
N GLY A 614 -31.85 4.12 -12.54
CA GLY A 614 -33.11 3.94 -13.21
C GLY A 614 -33.68 2.54 -13.13
N GLY A 615 -33.07 1.66 -12.36
CA GLY A 615 -33.61 0.34 -12.17
C GLY A 615 -34.91 0.37 -11.38
N ILE A 616 -35.53 -0.79 -11.25
CA ILE A 616 -36.86 -0.83 -10.66
C ILE A 616 -36.82 -0.42 -9.20
N TYR A 617 -35.74 -0.72 -8.48
CA TYR A 617 -35.66 -0.33 -7.08
C TYR A 617 -35.48 1.18 -6.93
N HIS A 618 -34.78 1.81 -7.87
CA HIS A 618 -34.68 3.26 -7.86
C HIS A 618 -36.05 3.91 -8.00
N LEU A 619 -36.86 3.41 -8.95
CA LEU A 619 -38.20 3.95 -9.14
C LEU A 619 -39.08 3.65 -7.93
N ILE A 620 -38.92 2.48 -7.33
CA ILE A 620 -39.69 2.16 -6.13
C ILE A 620 -39.35 3.12 -5.01
N SER A 621 -38.06 3.46 -4.86
CA SER A 621 -37.68 4.44 -3.85
C SER A 621 -38.25 5.81 -4.17
N ARG A 622 -38.21 6.22 -5.44
CA ARG A 622 -38.71 7.54 -5.81
C ARG A 622 -40.21 7.66 -5.54
N ARG A 623 -40.96 6.60 -5.81
CA ARG A 623 -42.41 6.64 -5.72
C ARG A 623 -42.93 6.35 -4.31
N TYR A 624 -42.34 5.37 -3.62
CA TYR A 624 -42.89 4.89 -2.36
C TYR A 624 -41.94 4.98 -1.18
N GLY A 625 -40.64 5.15 -1.42
CA GLY A 625 -39.69 5.33 -0.34
C GLY A 625 -38.57 4.34 -0.39
N PRO A 626 -37.41 4.71 0.15
CA PRO A 626 -36.28 3.77 0.18
C PRO A 626 -36.54 2.55 1.04
N GLN A 627 -37.37 2.65 2.07
CA GLN A 627 -37.69 1.47 2.86
C GLN A 627 -38.46 0.45 2.02
N GLN A 628 -39.42 0.91 1.25
CA GLN A 628 -40.13 0.01 0.34
C GLN A 628 -39.19 -0.52 -0.74
N ALA A 629 -38.20 0.27 -1.14
CA ALA A 629 -37.20 -0.25 -2.08
C ALA A 629 -36.40 -1.39 -1.47
N LEU A 630 -36.00 -1.26 -0.21
CA LEU A 630 -35.27 -2.35 0.44
C LEU A 630 -36.16 -3.58 0.60
N LYS A 631 -37.43 -3.38 0.96
CA LYS A 631 -38.34 -4.50 1.07
C LYS A 631 -38.51 -5.22 -0.28
N MET A 632 -38.64 -4.45 -1.36
CA MET A 632 -38.75 -5.05 -2.68
C MET A 632 -37.47 -5.74 -3.10
N ILE A 633 -36.30 -5.18 -2.72
CA ILE A 633 -35.04 -5.85 -3.03
C ILE A 633 -35.00 -7.21 -2.38
N PHE A 634 -35.37 -7.28 -1.09
CA PHE A 634 -35.38 -8.57 -0.40
C PHE A 634 -36.38 -9.52 -1.02
N ALA A 635 -37.58 -9.04 -1.35
CA ALA A 635 -38.61 -9.92 -1.90
C ALA A 635 -38.20 -10.48 -3.26
N THR A 636 -37.70 -9.64 -4.14
CA THR A 636 -37.27 -10.11 -5.45
C THR A 636 -36.07 -11.03 -5.34
N GLN A 637 -35.17 -10.74 -4.40
CA GLN A 637 -34.04 -11.62 -4.16
C GLN A 637 -34.51 -13.01 -3.75
N GLN A 638 -35.52 -13.07 -2.88
CA GLN A 638 -36.01 -14.37 -2.44
C GLN A 638 -36.71 -15.10 -3.58
N LEU A 639 -37.47 -14.38 -4.42
CA LEU A 639 -38.05 -15.02 -5.60
C LEU A 639 -36.98 -15.65 -6.47
N ALA A 640 -35.93 -14.88 -6.80
CA ALA A 640 -34.87 -15.40 -7.65
C ALA A 640 -34.17 -16.58 -7.00
N LEU A 641 -33.87 -16.47 -5.72
CA LEU A 641 -33.15 -17.53 -5.03
C LEU A 641 -33.96 -18.83 -4.97
N ASN A 642 -35.27 -18.74 -4.75
CA ASN A 642 -36.07 -19.95 -4.74
C ASN A 642 -36.23 -20.53 -6.13
N TYR A 643 -36.39 -19.67 -7.15
CA TYR A 643 -36.47 -20.20 -8.50
C TYR A 643 -35.18 -20.91 -8.89
N VAL A 644 -34.03 -20.43 -8.41
CA VAL A 644 -32.80 -21.16 -8.70
C VAL A 644 -32.68 -22.39 -7.82
N ARG A 645 -33.22 -22.34 -6.61
CA ARG A 645 -33.28 -23.52 -5.75
C ARG A 645 -34.00 -24.65 -6.45
N ASN A 646 -34.98 -24.33 -7.29
CA ASN A 646 -35.67 -25.39 -8.01
C ASN A 646 -35.21 -25.53 -9.46
N ALA A 647 -34.40 -24.59 -9.96
CA ALA A 647 -33.95 -24.66 -11.34
C ALA A 647 -32.47 -25.02 -11.45
N GLY A 648 -31.69 -24.72 -10.43
CA GLY A 648 -30.29 -25.07 -10.42
C GLY A 648 -29.45 -24.22 -11.34
N PHE A 649 -28.18 -24.02 -10.99
CA PHE A 649 -27.26 -23.23 -11.79
C PHE A 649 -25.84 -23.64 -11.44
N THR A 650 -24.98 -23.73 -12.44
CA THR A 650 -23.62 -24.19 -12.20
C THR A 650 -22.71 -23.73 -13.32
N VAL A 651 -21.41 -23.79 -13.04
CA VAL A 651 -20.37 -23.56 -14.04
C VAL A 651 -19.46 -24.78 -14.04
N SER A 652 -19.07 -25.22 -15.24
CA SER A 652 -18.31 -26.44 -15.40
C SER A 652 -17.05 -26.16 -16.21
N THR A 653 -16.09 -27.08 -16.11
CA THR A 653 -14.88 -26.95 -16.90
C THR A 653 -15.16 -27.07 -18.40
N ALA A 654 -16.24 -27.77 -18.77
CA ALA A 654 -16.61 -27.85 -20.17
C ALA A 654 -17.43 -26.65 -20.64
N ASP A 655 -17.87 -25.79 -19.72
CA ASP A 655 -18.51 -24.55 -20.13
C ASP A 655 -17.49 -23.62 -20.77
N MET A 656 -16.23 -23.73 -20.35
CA MET A 656 -15.17 -22.87 -20.84
C MET A 656 -14.27 -23.55 -21.85
N LEU A 657 -14.65 -24.73 -22.34
CA LEU A 657 -13.84 -25.48 -23.28
C LEU A 657 -14.38 -25.29 -24.68
N LEU A 658 -13.54 -24.83 -25.59
CA LEU A 658 -13.94 -24.62 -26.98
C LEU A 658 -14.07 -25.95 -27.72
N THR A 659 -14.93 -25.95 -28.72
CA THR A 659 -14.97 -27.08 -29.63
C THR A 659 -13.75 -27.05 -30.53
N PRO A 660 -13.31 -28.21 -31.04
CA PRO A 660 -12.09 -28.21 -31.88
C PRO A 660 -12.15 -27.29 -33.07
N GLU A 661 -13.31 -27.20 -33.74
CA GLU A 661 -13.46 -26.23 -34.83
C GLU A 661 -13.31 -24.82 -34.32
N ALA A 662 -13.90 -24.51 -33.16
CA ALA A 662 -13.74 -23.19 -32.57
C ALA A 662 -12.29 -22.93 -32.17
N HIS A 663 -11.58 -23.97 -31.70
CA HIS A 663 -10.18 -23.78 -31.36
C HIS A 663 -9.35 -23.46 -32.60
N GLN A 664 -9.62 -24.15 -33.71
CA GLN A 664 -8.94 -23.81 -34.96
C GLN A 664 -9.28 -22.40 -35.43
N GLU A 665 -10.52 -21.97 -35.21
CA GLU A 665 -10.88 -20.59 -35.58
C GLU A 665 -10.16 -19.57 -34.71
N VAL A 666 -10.04 -19.85 -33.41
CA VAL A 666 -9.29 -18.97 -32.53
C VAL A 666 -7.84 -18.91 -32.96
N GLN A 667 -7.26 -20.07 -33.30
CA GLN A 667 -5.91 -20.11 -33.82
C GLN A 667 -5.79 -19.27 -35.08
N GLU A 668 -6.77 -19.34 -35.97
CA GLU A 668 -6.71 -18.55 -37.20
C GLU A 668 -6.74 -17.06 -36.91
N ILE A 669 -7.60 -16.63 -35.98
CA ILE A 669 -7.67 -15.21 -35.64
C ILE A 669 -6.35 -14.72 -35.06
N ILE A 670 -5.78 -15.51 -34.13
CA ILE A 670 -4.51 -15.11 -33.54
C ILE A 670 -3.40 -15.14 -34.58
N ASN A 671 -3.47 -16.08 -35.52
CA ASN A 671 -2.48 -16.11 -36.61
C ASN A 671 -2.58 -14.87 -37.47
N GLU A 672 -3.79 -14.38 -37.72
CA GLU A 672 -3.94 -13.15 -38.49
C GLU A 672 -3.37 -11.96 -37.72
N LEU A 673 -3.60 -11.91 -36.41
CA LEU A 673 -2.99 -10.87 -35.59
C LEU A 673 -1.47 -10.90 -35.72
N LEU A 674 -0.88 -12.09 -35.53
CA LEU A 674 0.55 -12.23 -35.63
C LEU A 674 1.06 -11.98 -37.04
N LEU A 675 0.21 -12.21 -38.05
CA LEU A 675 0.62 -11.96 -39.43
C LEU A 675 0.74 -10.47 -39.70
N GLU A 676 -0.23 -9.68 -39.25
CA GLU A 676 -0.09 -8.24 -39.44
C GLU A 676 1.02 -7.67 -38.56
N SER A 677 1.25 -8.26 -37.39
CA SER A 677 2.41 -7.86 -36.59
C SER A 677 3.71 -8.16 -37.33
N GLU A 678 3.81 -9.33 -37.96
CA GLU A 678 5.01 -9.65 -38.70
C GLU A 678 5.13 -8.81 -39.96
N GLU A 679 4.01 -8.32 -40.49
CA GLU A 679 4.09 -7.37 -41.60
C GLU A 679 4.67 -6.04 -41.15
N ILE A 680 4.28 -5.60 -39.95
CA ILE A 680 4.94 -4.42 -39.37
C ILE A 680 6.44 -4.69 -39.22
N ASN A 681 6.79 -5.88 -38.73
CA ASN A 681 8.20 -6.22 -38.56
C ASN A 681 8.93 -6.23 -39.89
N ASN A 682 8.30 -6.73 -40.94
CA ASN A 682 8.91 -6.76 -42.26
C ASN A 682 9.12 -5.35 -42.81
N ARG A 683 8.15 -4.46 -42.57
CA ARG A 683 8.36 -3.06 -42.92
C ARG A 683 9.55 -2.48 -42.17
N LEU A 684 9.67 -2.83 -40.88
CA LEU A 684 10.81 -2.36 -40.09
C LEU A 684 12.12 -2.90 -40.64
N LEU A 685 12.13 -4.15 -41.11
CA LEU A 685 13.36 -4.76 -41.60
C LEU A 685 13.93 -3.99 -42.78
N HIS A 686 13.07 -3.58 -43.71
CA HIS A 686 13.51 -2.86 -44.89
C HIS A 686 13.58 -1.35 -44.66
N GLY A 687 13.51 -0.90 -43.41
CA GLY A 687 13.55 0.50 -43.12
C GLY A 687 12.39 1.29 -43.67
N ASP A 688 11.21 0.67 -43.74
CA ASP A 688 10.03 1.33 -44.28
C ASP A 688 9.16 1.96 -43.20
N ILE A 689 9.57 1.89 -41.94
CA ILE A 689 8.82 2.53 -40.84
C ILE A 689 9.27 3.99 -40.78
N MET A 690 8.38 4.89 -41.21
CA MET A 690 8.67 6.32 -41.19
C MET A 690 7.75 7.01 -40.20
N PRO A 691 8.20 7.29 -38.97
CA PRO A 691 7.29 7.83 -37.98
C PRO A 691 6.86 9.24 -38.35
N PRO A 692 5.64 9.64 -37.97
CA PRO A 692 5.24 11.03 -38.15
C PRO A 692 6.05 11.95 -37.26
N ILE A 693 5.88 13.26 -37.47
CA ILE A 693 6.66 14.23 -36.73
C ILE A 693 6.32 14.14 -35.24
N GLY A 694 7.28 14.47 -34.40
CA GLY A 694 7.11 14.39 -32.97
C GLY A 694 7.16 13.00 -32.39
N LEU A 695 7.55 12.01 -33.19
CA LEU A 695 7.59 10.62 -32.74
C LEU A 695 8.81 9.94 -33.35
N THR A 696 9.52 9.16 -32.53
CA THR A 696 10.66 8.41 -33.01
C THR A 696 10.22 7.07 -33.59
N THR A 697 11.16 6.41 -34.27
CA THR A 697 10.83 5.14 -34.91
C THR A 697 10.47 4.07 -33.88
N HIS A 698 11.16 4.08 -32.73
CA HIS A 698 10.83 3.14 -31.67
C HIS A 698 9.41 3.33 -31.20
N ASP A 699 9.03 4.57 -30.89
CA ASP A 699 7.69 4.83 -30.38
C ASP A 699 6.62 4.51 -31.42
N PHE A 700 6.87 4.89 -32.69
CA PHE A 700 5.90 4.60 -33.73
C PHE A 700 5.74 3.11 -33.96
N TYR A 701 6.86 2.37 -33.94
CA TYR A 701 6.79 0.92 -34.13
C TYR A 701 6.06 0.25 -32.97
N GLU A 702 6.33 0.69 -31.74
CA GLU A 702 5.61 0.14 -30.59
C GLU A 702 4.12 0.47 -30.68
N LYS A 703 3.80 1.68 -31.15
CA LYS A 703 2.39 2.04 -31.37
C LYS A 703 1.73 1.13 -32.38
N LEU A 704 2.42 0.86 -33.50
CA LEU A 704 1.87 -0.01 -34.53
C LEU A 704 1.64 -1.42 -34.00
N GLN A 705 2.62 -1.95 -33.26
CA GLN A 705 2.46 -3.30 -32.72
C GLN A 705 1.36 -3.35 -31.67
N LEU A 706 1.24 -2.33 -30.83
CA LEU A 706 0.18 -2.30 -29.82
C LEU A 706 -1.19 -2.24 -30.47
N ASN A 707 -1.34 -1.43 -31.52
CA ASN A 707 -2.62 -1.30 -32.18
C ASN A 707 -2.89 -2.41 -33.20
N ALA A 708 -1.92 -3.26 -33.46
CA ALA A 708 -2.13 -4.37 -34.38
C ALA A 708 -2.32 -5.71 -33.69
N LEU A 709 -2.04 -5.79 -32.39
CA LEU A 709 -2.21 -7.03 -31.64
C LEU A 709 -3.44 -6.98 -30.74
N LYS A 710 -4.52 -6.36 -31.22
CA LYS A 710 -5.76 -6.26 -30.48
C LYS A 710 -6.76 -7.28 -31.00
N PHE A 711 -7.43 -7.95 -30.07
CA PHE A 711 -8.41 -8.98 -30.43
C PHE A 711 -9.57 -8.35 -31.18
N PRO A 712 -9.91 -8.83 -32.38
CA PRO A 712 -11.07 -8.29 -33.08
C PRO A 712 -12.36 -8.73 -32.44
N ASP A 713 -13.45 -8.05 -32.80
CA ASP A 713 -14.77 -8.45 -32.32
C ASP A 713 -15.13 -9.85 -32.81
N ARG A 714 -14.52 -10.28 -33.90
CA ARG A 714 -14.78 -11.61 -34.46
C ARG A 714 -14.38 -12.72 -33.51
N ILE A 715 -13.52 -12.44 -32.53
CA ILE A 715 -13.06 -13.48 -31.61
C ILE A 715 -14.21 -14.09 -30.82
N LEU A 716 -15.35 -13.40 -30.75
CA LEU A 716 -16.49 -13.97 -30.04
C LEU A 716 -17.23 -15.01 -30.86
N LYS A 717 -16.97 -15.09 -32.16
CA LYS A 717 -17.65 -16.11 -32.97
C LYS A 717 -17.33 -17.52 -32.53
N PRO A 718 -16.06 -17.93 -32.37
CA PRO A 718 -15.82 -19.30 -31.88
C PRO A 718 -16.24 -19.48 -30.44
N ILE A 719 -16.07 -18.47 -29.60
CA ILE A 719 -16.52 -18.56 -28.21
C ILE A 719 -18.02 -18.78 -28.16
N MET A 720 -18.77 -18.04 -28.97
CA MET A 720 -20.22 -18.23 -28.99
C MET A 720 -20.62 -19.54 -29.64
N ASN A 721 -19.83 -20.02 -30.60
CA ASN A 721 -20.15 -21.29 -31.24
C ASN A 721 -19.92 -22.47 -30.31
N SER A 722 -18.96 -22.36 -29.39
CA SER A 722 -18.76 -23.41 -28.42
C SER A 722 -19.78 -23.35 -27.29
N ILE A 723 -20.44 -22.23 -27.14
CA ILE A 723 -21.26 -21.95 -25.95
C ILE A 723 -22.73 -22.14 -26.29
N ASN A 724 -23.44 -22.85 -25.42
CA ASN A 724 -24.90 -22.94 -25.50
C ASN A 724 -25.48 -21.91 -24.55
N PRO A 725 -25.93 -20.75 -25.04
CA PRO A 725 -26.36 -19.69 -24.13
C PRO A 725 -27.47 -20.07 -23.18
N GLU A 726 -28.39 -20.95 -23.60
CA GLU A 726 -29.48 -21.35 -22.73
C GLU A 726 -28.99 -22.08 -21.50
N THR A 727 -27.84 -22.74 -21.58
CA THR A 727 -27.36 -23.60 -20.51
C THR A 727 -25.99 -23.24 -19.98
N ASN A 728 -25.20 -22.47 -20.72
CA ASN A 728 -23.83 -22.16 -20.31
C ASN A 728 -23.86 -21.26 -19.08
N GLY A 729 -23.39 -21.79 -17.95
CA GLY A 729 -23.41 -21.01 -16.72
C GLY A 729 -22.48 -19.80 -16.78
N LEU A 730 -21.27 -20.00 -17.32
CA LEU A 730 -20.32 -18.90 -17.40
C LEU A 730 -20.85 -17.79 -18.30
N PHE A 731 -21.42 -18.16 -19.45
CA PHE A 731 -21.94 -17.14 -20.35
C PHE A 731 -23.11 -16.41 -19.73
N GLN A 732 -23.97 -17.11 -19.00
CA GLN A 732 -25.12 -16.46 -18.39
C GLN A 732 -24.68 -15.51 -17.28
N MET A 733 -23.67 -15.90 -16.51
CA MET A 733 -23.13 -15.01 -15.49
C MET A 733 -22.47 -13.79 -16.10
N VAL A 734 -21.77 -13.95 -17.22
CA VAL A 734 -21.13 -12.81 -17.87
C VAL A 734 -22.18 -11.89 -18.51
N ALA A 735 -23.15 -12.48 -19.21
CA ALA A 735 -24.06 -11.70 -20.04
C ALA A 735 -25.06 -10.91 -19.21
N THR A 736 -25.59 -11.50 -18.15
CA THR A 736 -26.60 -10.83 -17.35
C THR A 736 -26.00 -9.79 -16.41
N GLY A 737 -24.69 -9.58 -16.44
CA GLY A 737 -24.07 -8.61 -15.56
C GLY A 737 -23.87 -9.09 -14.15
N ALA A 738 -24.20 -10.34 -13.84
CA ALA A 738 -24.05 -10.85 -12.49
C ALA A 738 -22.59 -10.83 -12.05
N LYS A 739 -21.69 -11.29 -12.91
CA LYS A 739 -20.27 -11.25 -12.62
C LYS A 739 -19.49 -11.53 -13.90
N GLY A 740 -18.36 -10.87 -14.04
CA GLY A 740 -17.47 -11.08 -15.17
C GLY A 740 -17.76 -10.11 -16.30
N SER A 741 -17.01 -10.29 -17.37
CA SER A 741 -17.14 -9.45 -18.55
C SER A 741 -16.61 -10.22 -19.75
N ASN A 742 -16.91 -9.70 -20.94
CA ASN A 742 -16.40 -10.31 -22.16
C ASN A 742 -14.88 -10.46 -22.17
N PRO A 743 -14.08 -9.51 -21.70
CA PRO A 743 -12.64 -9.78 -21.58
C PRO A 743 -12.32 -11.00 -20.73
N ASN A 744 -13.04 -11.23 -19.63
CA ASN A 744 -12.79 -12.41 -18.82
C ASN A 744 -13.06 -13.67 -19.61
N MET A 745 -14.19 -13.72 -20.33
CA MET A 745 -14.53 -14.89 -21.13
C MET A 745 -13.50 -15.12 -22.22
N ILE A 746 -13.05 -14.04 -22.88
CA ILE A 746 -12.06 -14.17 -23.94
C ILE A 746 -10.75 -14.69 -23.38
N HIS A 747 -10.33 -14.17 -22.22
CA HIS A 747 -9.10 -14.66 -21.61
C HIS A 747 -9.21 -16.14 -21.25
N ILE A 748 -10.36 -16.54 -20.70
CA ILE A 748 -10.53 -17.93 -20.27
C ILE A 748 -10.55 -18.88 -21.45
N MET A 749 -11.20 -18.48 -22.55
CA MET A 749 -11.49 -19.41 -23.63
C MET A 749 -10.58 -19.24 -24.85
N ALA A 750 -10.46 -18.01 -25.36
CA ALA A 750 -9.76 -17.79 -26.63
C ALA A 750 -8.28 -17.46 -26.45
N GLY A 751 -7.97 -16.38 -25.75
CA GLY A 751 -6.59 -15.99 -25.54
C GLY A 751 -6.43 -14.76 -24.68
N ILE A 752 -5.24 -14.58 -24.10
CA ILE A 752 -5.01 -13.44 -23.22
C ILE A 752 -4.68 -12.19 -24.01
N GLY A 753 -3.94 -12.33 -25.10
CA GLY A 753 -3.56 -11.19 -25.89
C GLY A 753 -2.38 -10.44 -25.29
N GLN A 754 -2.18 -9.22 -25.78
CA GLN A 754 -1.02 -8.44 -25.40
C GLN A 754 -1.08 -8.06 -23.93
N ILE A 755 0.05 -8.23 -23.23
CA ILE A 755 0.18 -7.81 -21.85
C ILE A 755 0.80 -6.43 -21.83
N GLU A 756 0.03 -5.44 -21.40
CA GLU A 756 0.45 -4.04 -21.45
C GLU A 756 0.61 -3.51 -20.03
N ILE A 757 1.77 -2.95 -19.75
CA ILE A 757 2.05 -2.24 -18.50
C ILE A 757 2.30 -0.79 -18.84
N ASN A 758 1.51 0.11 -18.24
CA ASN A 758 1.58 1.53 -18.54
C ASN A 758 1.36 1.80 -20.03
N THR A 759 0.39 1.12 -20.62
CA THR A 759 0.00 1.28 -22.02
C THR A 759 1.16 1.02 -22.97
N GLN A 760 2.05 0.09 -22.62
CA GLN A 760 3.11 -0.33 -23.52
C GLN A 760 3.51 -1.76 -23.19
N ARG A 761 4.09 -2.42 -24.19
CA ARG A 761 4.49 -3.82 -24.04
C ARG A 761 5.63 -3.95 -23.03
N ILE A 762 6.00 -5.19 -22.74
CA ILE A 762 7.08 -5.48 -21.82
C ILE A 762 8.38 -4.91 -22.36
N GLN A 763 8.91 -3.90 -21.68
CA GLN A 763 10.17 -3.31 -22.09
C GLN A 763 11.32 -4.28 -21.85
N PRO A 764 12.36 -4.21 -22.68
CA PRO A 764 13.47 -5.17 -22.53
C PRO A 764 14.34 -4.87 -21.33
N GLN A 765 13.92 -5.33 -20.15
CA GLN A 765 14.64 -5.06 -18.92
C GLN A 765 15.67 -6.11 -18.57
N PHE A 766 15.57 -7.32 -19.12
CA PHE A 766 16.50 -8.39 -18.76
C PHE A 766 17.93 -8.01 -19.08
N SER A 767 18.15 -7.46 -20.27
CA SER A 767 19.46 -6.98 -20.68
C SER A 767 19.24 -5.91 -21.73
N PHE A 768 20.32 -5.52 -22.41
CA PHE A 768 20.18 -4.55 -23.48
C PHE A 768 19.51 -5.22 -24.68
N GLY A 769 18.21 -5.01 -24.84
CA GLY A 769 17.49 -5.58 -25.96
C GLY A 769 16.89 -6.95 -25.72
N ARG A 770 16.78 -7.40 -24.47
CA ARG A 770 16.20 -8.69 -24.15
C ARG A 770 15.11 -8.52 -23.11
N THR A 771 13.99 -9.22 -23.32
CA THR A 771 12.91 -9.20 -22.34
C THR A 771 13.02 -10.34 -21.35
N LEU A 772 13.51 -11.50 -21.80
CA LEU A 772 13.71 -12.64 -20.93
C LEU A 772 14.88 -13.45 -21.46
N VAL A 773 15.40 -14.33 -20.61
CA VAL A 773 16.43 -15.26 -21.07
C VAL A 773 15.88 -16.21 -22.11
N TYR A 774 14.56 -16.36 -22.19
CA TYR A 774 13.95 -17.27 -23.15
C TYR A 774 13.83 -16.68 -24.54
N TYR A 775 14.18 -15.41 -24.73
CA TYR A 775 14.06 -14.80 -26.04
C TYR A 775 15.36 -14.12 -26.44
N PRO A 776 15.74 -14.21 -27.70
CA PRO A 776 17.03 -13.66 -28.13
C PRO A 776 17.03 -12.15 -28.07
N ARG A 777 18.24 -11.59 -28.13
CA ARG A 777 18.40 -10.14 -28.20
C ARG A 777 17.88 -9.63 -29.53
N PHE A 778 17.17 -8.50 -29.49
CA PHE A 778 16.54 -7.91 -30.67
C PHE A 778 15.55 -8.88 -31.32
N ALA A 779 14.86 -9.67 -30.51
CA ALA A 779 13.81 -10.52 -31.05
C ALA A 779 12.64 -9.66 -31.50
N LEU A 780 12.17 -9.89 -32.73
CA LEU A 780 11.14 -9.05 -33.30
C LEU A 780 9.75 -9.67 -33.28
N GLU A 781 9.63 -10.96 -32.97
CA GLU A 781 8.32 -11.57 -32.89
C GLU A 781 7.54 -11.03 -31.69
N ALA A 782 6.21 -11.06 -31.81
CA ALA A 782 5.35 -10.37 -30.85
C ALA A 782 5.34 -11.05 -29.49
N GLN A 783 5.48 -12.39 -29.46
CA GLN A 783 5.42 -13.11 -28.20
C GLN A 783 6.54 -12.69 -27.25
N ALA A 784 7.65 -12.22 -27.80
CA ALA A 784 8.81 -11.90 -26.97
C ALA A 784 8.56 -10.68 -26.09
N TYR A 785 7.59 -9.84 -26.45
CA TYR A 785 7.35 -8.59 -25.74
C TYR A 785 6.06 -8.60 -24.95
N GLY A 786 5.44 -9.75 -24.75
CA GLY A 786 4.31 -9.83 -23.84
C GLY A 786 3.02 -10.34 -24.45
N PHE A 787 3.02 -10.66 -25.74
CA PHE A 787 1.80 -11.15 -26.39
C PHE A 787 1.58 -12.60 -25.98
N ILE A 788 0.53 -12.85 -25.22
CA ILE A 788 0.19 -14.19 -24.79
C ILE A 788 -0.83 -14.75 -25.78
N CYS A 789 -0.47 -15.86 -26.43
CA CYS A 789 -1.36 -16.43 -27.43
C CYS A 789 -2.30 -17.46 -26.82
N ASN A 790 -1.83 -18.21 -25.84
CA ASN A 790 -2.64 -19.26 -25.24
C ASN A 790 -3.68 -18.66 -24.30
N SER A 791 -4.84 -19.31 -24.26
CA SER A 791 -5.87 -18.96 -23.31
C SER A 791 -5.56 -19.59 -21.95
N TYR A 792 -6.30 -19.16 -20.94
CA TYR A 792 -6.11 -19.75 -19.62
C TYR A 792 -6.47 -21.22 -19.61
N ILE A 793 -7.55 -21.60 -20.29
CA ILE A 793 -7.96 -23.00 -20.28
C ILE A 793 -6.97 -23.85 -21.06
N ALA A 794 -6.29 -23.28 -22.05
CA ALA A 794 -5.28 -24.02 -22.79
C ALA A 794 -3.98 -24.17 -22.04
N GLY A 795 -3.71 -23.30 -21.06
CA GLY A 795 -2.51 -23.38 -20.28
C GLY A 795 -1.39 -22.54 -20.86
N LEU A 796 -0.94 -21.54 -20.11
CA LEU A 796 0.14 -20.68 -20.59
C LEU A 796 1.47 -21.43 -20.53
N THR A 797 2.35 -21.11 -21.48
CA THR A 797 3.71 -21.62 -21.41
C THR A 797 4.49 -20.89 -20.33
N SER A 798 5.79 -21.15 -20.26
CA SER A 798 6.59 -20.54 -19.20
C SER A 798 6.81 -19.05 -19.42
N PRO A 799 7.29 -18.56 -20.57
CA PRO A 799 7.40 -17.11 -20.74
C PRO A 799 6.07 -16.39 -20.70
N GLU A 800 5.01 -17.00 -21.21
CA GLU A 800 3.69 -16.38 -21.14
C GLU A 800 3.24 -16.23 -19.70
N PHE A 801 3.46 -17.26 -18.88
CA PHE A 801 3.12 -17.15 -17.47
C PHE A 801 3.99 -16.12 -16.77
N ILE A 802 5.24 -15.98 -17.20
CA ILE A 802 6.11 -14.96 -16.60
C ILE A 802 5.57 -13.56 -16.90
N PHE A 803 5.16 -13.32 -18.14
CA PHE A 803 4.60 -12.02 -18.49
C PHE A 803 3.27 -11.79 -17.75
N GLY A 804 2.43 -12.81 -17.68
CA GLY A 804 1.19 -12.66 -16.94
C GLY A 804 1.43 -12.36 -15.48
N GLU A 805 2.47 -12.96 -14.90
CA GLU A 805 2.82 -12.68 -13.52
C GLU A 805 3.33 -11.26 -13.36
N MET A 806 4.10 -10.78 -14.34
CA MET A 806 4.50 -9.37 -14.31
C MET A 806 3.29 -8.47 -14.24
N ASN A 807 2.30 -8.73 -15.10
CA ASN A 807 1.09 -7.90 -15.12
C ASN A 807 0.32 -8.00 -13.80
N GLY A 808 0.19 -9.21 -13.26
CA GLY A 808 -0.54 -9.38 -12.01
C GLY A 808 0.15 -8.69 -10.84
N ARG A 809 1.48 -8.78 -10.78
CA ARG A 809 2.22 -8.09 -9.74
C ARG A 809 2.05 -6.58 -9.87
N PHE A 810 2.05 -6.07 -11.11
CA PHE A 810 1.81 -4.66 -11.30
C PHE A 810 0.43 -4.26 -10.77
N ASP A 811 -0.58 -5.09 -11.01
CA ASP A 811 -1.91 -4.79 -10.50
C ASP A 811 -1.93 -4.76 -8.98
N LEU A 812 -1.27 -5.73 -8.34
CA LEU A 812 -1.24 -5.76 -6.88
C LEU A 812 -0.55 -4.51 -6.32
N ILE A 813 0.56 -4.12 -6.92
CA ILE A 813 1.26 -2.91 -6.48
C ILE A 813 0.37 -1.69 -6.66
N ASN A 814 -0.32 -1.61 -7.79
CA ASN A 814 -1.20 -0.48 -8.04
C ASN A 814 -2.30 -0.39 -7.00
N LYS A 815 -2.85 -1.54 -6.60
CA LYS A 815 -3.91 -1.52 -5.60
C LYS A 815 -3.38 -1.04 -4.24
N ALA A 816 -2.18 -1.50 -3.87
CA ALA A 816 -1.60 -1.02 -2.62
C ALA A 816 -1.35 0.49 -2.65
N LEU A 817 -0.82 0.99 -3.78
CA LEU A 817 -0.67 2.44 -3.94
C LEU A 817 -1.99 3.16 -3.86
N SER A 818 -3.03 2.60 -4.48
CA SER A 818 -4.35 3.23 -4.43
C SER A 818 -4.78 3.46 -3.00
N THR A 819 -4.74 2.40 -2.18
CA THR A 819 -5.13 2.54 -0.78
C THR A 819 -4.28 3.60 -0.08
N SER A 820 -2.96 3.46 -0.18
CA SER A 820 -2.08 4.33 0.58
C SER A 820 -2.27 5.80 0.21
N SER A 821 -2.34 6.09 -1.10
CA SER A 821 -2.41 7.48 -1.53
C SER A 821 -3.78 8.09 -1.29
N THR A 822 -4.86 7.32 -1.53
CA THR A 822 -6.17 7.84 -1.21
C THR A 822 -6.29 8.15 0.27
N GLY A 823 -5.52 7.49 1.12
CA GLY A 823 -5.44 7.92 2.50
C GLY A 823 -5.15 9.39 2.70
N TYR A 824 -3.94 9.82 2.31
CA TYR A 824 -3.56 11.23 2.50
C TYR A 824 -4.46 12.16 1.71
N ALA A 825 -4.83 11.78 0.49
CA ALA A 825 -5.69 12.64 -0.30
C ALA A 825 -7.01 12.90 0.42
N ASN A 826 -7.65 11.84 0.90
CA ASN A 826 -8.92 11.98 1.59
C ASN A 826 -8.78 12.79 2.86
N ARG A 827 -7.72 12.57 3.63
CA ARG A 827 -7.58 13.32 4.88
C ARG A 827 -7.38 14.81 4.61
N LYS A 828 -6.53 15.15 3.64
CA LYS A 828 -6.31 16.57 3.35
C LYS A 828 -7.59 17.22 2.83
N ALA A 829 -8.32 16.53 1.96
CA ALA A 829 -9.57 17.09 1.47
C ALA A 829 -10.58 17.27 2.59
N ILE A 830 -10.68 16.29 3.49
CA ILE A 830 -11.64 16.37 4.58
C ILE A 830 -11.33 17.56 5.46
N PHE A 831 -10.05 17.72 5.82
CA PHE A 831 -9.70 18.83 6.70
C PHE A 831 -9.83 20.17 6.01
N GLY A 832 -9.65 20.22 4.69
CA GLY A 832 -9.91 21.45 3.97
C GLY A 832 -11.39 21.83 3.99
N LEU A 833 -12.27 20.85 3.78
CA LEU A 833 -13.69 21.13 3.56
C LEU A 833 -14.56 20.97 4.80
N GLN A 834 -14.01 20.51 5.92
CA GLN A 834 -14.87 20.03 7.01
C GLN A 834 -15.69 21.15 7.65
N SER A 835 -15.22 22.39 7.58
CA SER A 835 -15.89 23.48 8.28
C SER A 835 -17.07 24.06 7.52
N CYS A 836 -17.38 23.53 6.33
CA CYS A 836 -18.47 24.06 5.51
C CYS A 836 -19.78 23.42 5.96
N ILE A 837 -20.68 24.24 6.50
CA ILE A 837 -21.93 23.79 7.07
C ILE A 837 -23.07 24.62 6.49
N VAL A 838 -24.15 23.96 6.10
CA VAL A 838 -25.31 24.65 5.55
C VAL A 838 -26.03 25.39 6.69
N ASP A 839 -26.23 26.69 6.52
CA ASP A 839 -26.88 27.47 7.55
C ASP A 839 -28.39 27.54 7.28
N TYR A 840 -29.09 28.42 8.00
CA TYR A 840 -30.54 28.47 7.92
C TYR A 840 -31.04 29.13 6.65
N TYR A 841 -30.17 29.83 5.93
CA TYR A 841 -30.51 30.32 4.61
C TYR A 841 -30.14 29.33 3.52
N ARG A 842 -29.72 28.13 3.92
CA ARG A 842 -29.22 27.08 3.04
C ARG A 842 -27.99 27.52 2.26
N ARG A 843 -27.36 28.61 2.70
CA ARG A 843 -26.01 28.92 2.25
C ARG A 843 -25.02 28.01 2.95
N VAL A 844 -23.89 27.76 2.30
CA VAL A 844 -22.79 27.04 2.92
C VAL A 844 -21.76 28.05 3.35
N SER A 845 -21.46 28.09 4.65
CA SER A 845 -20.61 29.12 5.20
C SER A 845 -19.62 28.52 6.20
N ILE A 846 -18.39 29.02 6.13
CA ILE A 846 -17.38 28.75 7.15
C ILE A 846 -17.65 29.72 8.30
N ASP A 847 -17.99 29.18 9.47
CA ASP A 847 -18.36 30.02 10.59
C ASP A 847 -19.50 30.94 10.19
N THR A 848 -19.17 32.15 9.77
CA THR A 848 -20.14 33.09 9.22
C THR A 848 -19.78 33.57 7.82
N ARG A 849 -18.61 33.21 7.30
CA ARG A 849 -18.19 33.66 5.98
C ARG A 849 -18.72 32.72 4.92
N LEU A 850 -19.39 33.29 3.92
CA LEU A 850 -20.05 32.48 2.90
C LEU A 850 -19.04 31.69 2.07
N VAL A 851 -19.49 30.52 1.62
CA VAL A 851 -18.74 29.73 0.66
C VAL A 851 -19.65 29.46 -0.53
N GLN A 852 -20.96 29.43 -0.29
CA GLN A 852 -21.94 29.23 -1.35
C GLN A 852 -23.21 29.99 -0.99
N GLN A 853 -23.71 30.78 -1.93
CA GLN A 853 -24.94 31.51 -1.68
C GLN A 853 -26.12 30.57 -1.52
N LEU A 854 -26.04 29.39 -2.11
CA LEU A 854 -27.05 28.35 -1.94
C LEU A 854 -26.36 27.03 -2.21
N TYR A 855 -26.69 26.00 -1.43
CA TYR A 855 -25.82 24.84 -1.30
C TYR A 855 -25.46 24.22 -2.64
N GLY A 856 -26.42 23.64 -3.33
CA GLY A 856 -26.06 23.08 -4.61
C GLY A 856 -26.25 24.01 -5.77
N GLU A 857 -26.45 25.30 -5.47
CA GLU A 857 -26.94 26.31 -6.40
C GLU A 857 -28.43 26.07 -6.64
N ASP A 858 -28.95 24.98 -6.08
CA ASP A 858 -30.36 24.66 -6.09
C ASP A 858 -30.90 24.31 -4.71
N GLY A 859 -30.04 24.11 -3.73
CA GLY A 859 -30.51 23.81 -2.39
C GLY A 859 -31.04 22.42 -2.21
N LEU A 860 -30.69 21.50 -3.09
CA LEU A 860 -31.24 20.15 -3.08
C LEU A 860 -30.25 19.16 -2.49
N ASP A 861 -30.78 18.22 -1.71
CA ASP A 861 -29.99 17.09 -1.24
C ASP A 861 -29.66 16.18 -2.42
N ALA A 862 -28.43 15.67 -2.44
CA ALA A 862 -28.02 14.79 -3.53
C ALA A 862 -28.76 13.46 -3.51
N ARG A 863 -29.39 13.11 -2.39
CA ARG A 863 -30.13 11.86 -2.28
C ARG A 863 -31.58 11.98 -2.72
N GLN A 864 -32.00 13.15 -3.19
CA GLN A 864 -33.39 13.36 -3.57
C GLN A 864 -33.49 13.87 -5.00
N LEU A 865 -32.72 13.27 -5.92
CA LEU A 865 -32.69 13.72 -7.30
C LEU A 865 -33.03 12.57 -8.24
N GLU A 866 -33.56 12.92 -9.40
CA GLU A 866 -33.91 11.97 -10.44
C GLU A 866 -33.63 12.59 -11.79
N THR A 867 -33.15 11.78 -12.73
CA THR A 867 -32.83 12.26 -14.08
C THR A 867 -34.08 12.20 -14.93
N VAL A 868 -34.60 13.37 -15.32
CA VAL A 868 -35.76 13.46 -16.19
C VAL A 868 -35.33 14.10 -17.50
N ARG A 869 -36.19 13.98 -18.50
CA ARG A 869 -35.93 14.53 -19.82
C ARG A 869 -36.71 15.82 -20.01
N PHE A 870 -36.05 16.83 -20.57
CA PHE A 870 -36.69 18.11 -20.86
C PHE A 870 -37.05 18.08 -22.34
N GLU A 871 -38.33 17.89 -22.62
CA GLU A 871 -38.78 17.51 -23.96
C GLU A 871 -38.70 18.64 -24.98
N THR A 872 -38.44 19.87 -24.56
CA THR A 872 -38.47 21.00 -25.50
C THR A 872 -37.09 21.36 -26.04
N ILE A 873 -36.02 20.88 -25.43
CA ILE A 873 -34.69 21.40 -25.75
C ILE A 873 -34.31 21.10 -27.19
N MET A 874 -34.57 19.88 -27.64
CA MET A 874 -34.12 19.43 -28.95
C MET A 874 -35.10 19.73 -30.08
N LEU A 875 -36.27 20.28 -29.76
CA LEU A 875 -37.30 20.50 -30.78
C LEU A 875 -36.98 21.71 -31.64
N SER A 876 -37.50 21.70 -32.86
CA SER A 876 -37.44 22.85 -33.75
C SER A 876 -38.64 23.75 -33.51
N ASP A 877 -38.58 24.96 -34.06
CA ASP A 877 -39.63 25.94 -33.82
C ASP A 877 -40.98 25.45 -34.33
N GLN A 878 -41.02 24.91 -35.55
CA GLN A 878 -42.25 24.34 -36.05
C GLN A 878 -42.69 23.15 -35.22
N GLU A 879 -41.74 22.28 -34.85
CA GLU A 879 -42.08 21.14 -34.01
C GLU A 879 -42.51 21.58 -32.64
N LEU A 880 -41.88 22.62 -32.09
CA LEU A 880 -42.31 23.14 -30.79
C LEU A 880 -43.73 23.66 -30.87
N GLU A 881 -44.07 24.39 -31.93
CA GLU A 881 -45.43 24.86 -32.10
C GLU A 881 -46.41 23.70 -32.24
N ASP A 882 -46.04 22.67 -33.00
CA ASP A 882 -46.94 21.54 -33.19
C ASP A 882 -47.20 20.82 -31.86
N LYS A 883 -46.15 20.59 -31.09
CA LYS A 883 -46.28 19.74 -29.91
C LYS A 883 -46.84 20.49 -28.72
N PHE A 884 -46.49 21.76 -28.54
CA PHE A 884 -46.79 22.46 -27.30
C PHE A 884 -47.75 23.63 -27.44
N LYS A 885 -47.75 24.33 -28.57
CA LYS A 885 -48.71 25.41 -28.76
C LYS A 885 -50.13 24.86 -28.77
N TYR A 886 -51.01 25.54 -28.04
CA TYR A 886 -52.39 25.09 -27.89
C TYR A 886 -53.29 25.90 -28.80
N THR A 887 -54.20 25.22 -29.49
CA THR A 887 -55.09 25.85 -30.45
C THR A 887 -56.56 25.74 -30.12
N GLY A 888 -56.93 25.00 -29.06
CA GLY A 888 -58.33 24.76 -28.79
C GLY A 888 -59.10 25.96 -28.29
N ILE A 889 -58.41 26.95 -27.71
CA ILE A 889 -59.06 28.14 -27.17
C ILE A 889 -58.38 29.37 -27.75
N GLN A 890 -59.18 30.29 -28.27
CA GLN A 890 -58.67 31.55 -28.81
C GLN A 890 -58.41 32.48 -27.64
N SER A 891 -57.15 32.79 -27.39
CA SER A 891 -56.77 33.75 -26.37
C SER A 891 -55.29 34.08 -26.48
N PRO A 892 -54.90 35.34 -26.33
CA PRO A 892 -53.47 35.67 -26.23
C PRO A 892 -52.83 35.12 -24.96
N LEU A 893 -53.63 34.68 -24.00
CA LEU A 893 -53.11 34.06 -22.80
C LEU A 893 -52.31 32.80 -23.11
N PHE A 894 -52.83 31.94 -23.99
CA PHE A 894 -52.10 30.73 -24.33
C PHE A 894 -50.92 31.04 -25.24
N GLU A 895 -51.00 32.12 -26.02
CA GLU A 895 -49.83 32.59 -26.73
C GLU A 895 -48.73 33.01 -25.77
N GLU A 896 -49.11 33.68 -24.68
CA GLU A 896 -48.14 34.03 -23.65
C GLU A 896 -47.54 32.79 -23.02
N GLU A 897 -48.37 31.77 -22.78
CA GLU A 897 -47.86 30.51 -22.24
C GLU A 897 -46.81 29.90 -23.17
N PHE A 898 -47.12 29.81 -24.46
CA PHE A 898 -46.18 29.22 -25.39
C PHE A 898 -44.92 30.06 -25.53
N SER A 899 -45.06 31.38 -25.49
CA SER A 899 -43.89 32.24 -25.56
C SER A 899 -43.01 32.07 -24.34
N ARG A 900 -43.61 31.87 -23.17
CA ARG A 900 -42.83 31.57 -21.97
C ARG A 900 -42.09 30.25 -22.14
N LEU A 901 -42.75 29.24 -22.68
CA LEU A 901 -42.10 27.96 -22.91
C LEU A 901 -40.92 28.09 -23.86
N LYS A 902 -41.12 28.84 -24.95
CA LYS A 902 -40.05 29.04 -25.92
C LYS A 902 -38.89 29.84 -25.33
N LYS A 903 -39.21 30.85 -24.51
CA LYS A 903 -38.15 31.61 -23.86
C LYS A 903 -37.36 30.74 -22.90
N ASP A 904 -38.03 29.86 -22.16
CA ASP A 904 -37.33 28.93 -21.29
C ASP A 904 -36.40 28.03 -22.10
N ARG A 905 -36.90 27.51 -23.23
CA ARG A 905 -36.07 26.65 -24.07
C ARG A 905 -34.85 27.41 -24.59
N ASP A 906 -35.05 28.64 -25.06
CA ASP A 906 -33.94 29.45 -25.54
C ASP A 906 -32.93 29.69 -24.44
N LYS A 907 -33.40 29.99 -23.23
CA LYS A 907 -32.51 30.16 -22.10
C LYS A 907 -31.66 28.91 -21.87
N TYR A 908 -32.31 27.78 -21.58
CA TYR A 908 -31.60 26.53 -21.34
C TYR A 908 -30.57 26.27 -22.42
N ARG A 909 -30.95 26.46 -23.69
CA ARG A 909 -30.02 26.26 -24.78
C ARG A 909 -28.81 27.17 -24.65
N GLN A 910 -29.04 28.46 -24.33
CA GLN A 910 -27.94 29.40 -24.29
C GLN A 910 -26.96 29.08 -23.16
N ILE A 911 -27.47 28.89 -21.94
CA ILE A 911 -26.57 28.57 -20.82
C ILE A 911 -25.82 27.26 -21.07
N PHE A 912 -26.52 26.20 -21.46
CA PHE A 912 -25.78 24.95 -21.55
C PHE A 912 -24.93 24.86 -22.82
N LEU A 913 -25.23 25.67 -23.84
CA LEU A 913 -24.30 25.80 -24.95
C LEU A 913 -23.02 26.49 -24.51
N ASN A 914 -23.13 27.55 -23.70
CA ASN A 914 -21.93 28.18 -23.19
C ASN A 914 -21.13 27.23 -22.30
N VAL A 915 -21.84 26.46 -21.47
CA VAL A 915 -21.18 25.48 -20.61
C VAL A 915 -20.43 24.45 -21.45
N GLU A 916 -21.06 23.99 -22.53
CA GLU A 916 -20.36 23.11 -23.46
C GLU A 916 -19.17 23.81 -24.09
N ASN A 917 -19.29 25.11 -24.34
CA ASN A 917 -18.22 25.85 -24.98
C ASN A 917 -16.96 25.87 -24.11
N PHE A 918 -17.09 26.28 -22.86
CA PHE A 918 -15.86 26.45 -22.08
C PHE A 918 -15.33 25.15 -21.48
N ASN A 919 -15.88 23.99 -21.87
CA ASN A 919 -15.36 22.71 -21.43
C ASN A 919 -14.70 21.97 -22.58
N PHE A 920 -14.02 20.88 -22.25
CA PHE A 920 -13.37 20.07 -23.28
C PHE A 920 -14.38 19.21 -24.03
N SER A 921 -15.06 18.31 -23.32
CA SER A 921 -15.97 17.37 -23.96
C SER A 921 -17.24 17.16 -23.15
N GLN A 922 -17.74 18.21 -22.50
CA GLN A 922 -19.04 18.17 -21.82
C GLN A 922 -20.06 18.81 -22.73
N LEU A 923 -20.93 18.01 -23.32
CA LEU A 923 -21.86 18.49 -24.33
C LEU A 923 -23.22 18.80 -23.72
N LEU A 924 -24.07 19.40 -24.54
CA LEU A 924 -25.42 19.75 -24.10
C LEU A 924 -26.28 18.50 -24.08
N THR A 925 -27.00 18.30 -22.98
CA THR A 925 -27.93 17.20 -22.83
C THR A 925 -29.26 17.73 -22.30
N ASP A 926 -30.36 17.11 -22.70
CA ASP A 926 -31.67 17.49 -22.23
C ASP A 926 -32.15 16.62 -21.07
N VAL A 927 -31.26 15.86 -20.45
CA VAL A 927 -31.58 15.08 -19.26
C VAL A 927 -30.92 15.74 -18.07
N ARG A 928 -31.74 16.25 -17.14
CA ARG A 928 -31.25 16.97 -15.99
C ARG A 928 -31.73 16.27 -14.72
N GLN A 929 -30.98 16.48 -13.64
CA GLN A 929 -31.35 15.93 -12.34
C GLN A 929 -32.20 16.95 -11.61
N VAL A 930 -33.46 16.62 -11.39
CA VAL A 930 -34.41 17.54 -10.77
C VAL A 930 -34.99 16.88 -9.53
N PRO A 931 -35.47 17.65 -8.54
CA PRO A 931 -36.01 17.01 -7.34
C PRO A 931 -37.25 16.19 -7.60
N VAL A 932 -38.19 16.70 -8.39
CA VAL A 932 -39.46 16.04 -8.63
C VAL A 932 -39.61 15.78 -10.12
N ASN A 933 -39.98 14.54 -10.46
CA ASN A 933 -40.33 14.19 -11.83
C ASN A 933 -41.80 14.48 -12.01
N VAL A 934 -42.11 15.58 -12.69
CA VAL A 934 -43.51 15.98 -12.88
C VAL A 934 -44.25 14.95 -13.73
N ALA A 935 -43.56 14.37 -14.71
CA ALA A 935 -44.23 13.43 -15.61
C ALA A 935 -44.77 12.23 -14.86
N SER A 936 -44.04 11.74 -13.86
CA SER A 936 -44.52 10.60 -13.08
C SER A 936 -45.79 10.96 -12.31
N ILE A 937 -45.83 12.16 -11.73
CA ILE A 937 -47.02 12.58 -10.99
C ILE A 937 -48.22 12.69 -11.94
N VAL A 938 -47.99 13.27 -13.11
CA VAL A 938 -49.07 13.39 -14.10
C VAL A 938 -49.56 12.01 -14.52
N LYS A 939 -48.64 11.08 -14.76
CA LYS A 939 -49.04 9.73 -15.14
C LYS A 939 -49.83 9.05 -14.04
N ASN A 940 -49.41 9.22 -12.78
CA ASN A 940 -50.14 8.65 -11.67
C ASN A 940 -51.56 9.20 -11.59
N ILE A 941 -51.71 10.51 -11.72
CA ILE A 941 -53.04 11.11 -11.63
C ILE A 941 -53.91 10.67 -12.80
N LEU A 942 -53.33 10.60 -14.00
CA LEU A 942 -54.09 10.16 -15.16
C LEU A 942 -54.51 8.71 -15.06
N LEU A 943 -53.66 7.84 -14.51
CA LEU A 943 -54.01 6.44 -14.34
C LEU A 943 -54.97 6.25 -13.17
N SER A 944 -55.02 7.19 -12.24
CA SER A 944 -56.01 7.19 -11.18
C SER A 944 -57.23 8.03 -11.49
N SER A 945 -57.35 8.52 -12.73
CA SER A 945 -58.47 9.37 -13.10
C SER A 945 -59.77 8.61 -13.03
N THR A 946 -60.86 9.33 -12.76
CA THR A 946 -62.18 8.74 -12.66
C THR A 946 -62.83 8.48 -14.00
N SER A 947 -62.26 8.99 -15.09
CA SER A 947 -62.87 8.84 -16.40
C SER A 947 -61.78 8.87 -17.46
N GLY A 948 -62.20 8.69 -18.72
CA GLY A 948 -61.29 8.74 -19.84
C GLY A 948 -61.05 10.16 -20.32
N VAL A 949 -61.16 10.39 -21.62
CA VAL A 949 -60.97 11.73 -22.16
C VAL A 949 -62.11 12.62 -21.68
N LEU A 950 -61.76 13.76 -21.11
CA LEU A 950 -62.76 14.68 -20.58
C LEU A 950 -63.43 15.45 -21.70
N PRO A 951 -64.69 15.83 -21.52
CA PRO A 951 -65.31 16.79 -22.45
C PRO A 951 -64.66 18.15 -22.31
N PHE A 952 -64.71 18.91 -23.40
CA PHE A 952 -64.08 20.23 -23.41
C PHE A 952 -64.73 21.14 -22.38
N ASP A 953 -63.90 21.91 -21.67
CA ASP A 953 -64.37 22.82 -20.64
C ASP A 953 -63.44 24.02 -20.65
N GLU A 954 -63.85 25.10 -21.34
CA GLU A 954 -62.97 26.25 -21.53
C GLU A 954 -62.64 26.91 -20.20
N LYS A 955 -63.65 27.08 -19.33
CA LYS A 955 -63.41 27.70 -18.04
C LYS A 955 -62.41 26.91 -17.21
N SER A 956 -62.55 25.58 -17.21
CA SER A 956 -61.61 24.75 -16.48
C SER A 956 -60.21 24.82 -17.08
N ILE A 957 -60.09 24.90 -18.40
CA ILE A 957 -58.77 25.06 -19.02
C ILE A 957 -58.12 26.35 -18.56
N LEU A 958 -58.87 27.45 -18.59
CA LEU A 958 -58.33 28.73 -18.17
C LEU A 958 -57.95 28.71 -16.69
N GLN A 959 -58.78 28.09 -15.85
CA GLN A 959 -58.45 27.98 -14.44
C GLN A 959 -57.18 27.15 -14.23
N LYS A 960 -57.03 26.06 -14.98
CA LYS A 960 -55.85 25.22 -14.86
C LYS A 960 -54.59 25.99 -15.26
N TYR A 961 -54.64 26.72 -16.37
CA TYR A 961 -53.46 27.49 -16.76
C TYR A 961 -53.16 28.58 -15.74
N ALA A 962 -54.18 29.27 -15.25
CA ALA A 962 -53.95 30.34 -14.29
C ALA A 962 -53.34 29.81 -12.99
N MET A 963 -53.83 28.65 -12.53
CA MET A 963 -53.28 28.09 -11.30
C MET A 963 -51.88 27.54 -11.51
N VAL A 964 -51.57 27.00 -12.71
CA VAL A 964 -50.21 26.61 -13.00
C VAL A 964 -49.29 27.83 -12.98
N LYS A 965 -49.73 28.93 -13.58
CA LYS A 965 -48.92 30.15 -13.61
C LYS A 965 -48.69 30.67 -12.20
N THR A 966 -49.74 30.68 -11.38
CA THR A 966 -49.60 31.13 -9.99
C THR A 966 -48.63 30.23 -9.22
N PHE A 967 -48.76 28.92 -9.39
CA PHE A 967 -47.87 28.00 -8.69
C PHE A 967 -46.42 28.20 -9.13
N CYS A 968 -46.19 28.38 -10.43
CA CYS A 968 -44.83 28.61 -10.90
C CYS A 968 -44.26 29.92 -10.39
N LYS A 969 -45.09 30.95 -10.29
CA LYS A 969 -44.62 32.22 -9.76
C LYS A 969 -44.35 32.16 -8.28
N ASN A 970 -45.10 31.35 -7.53
CA ASN A 970 -44.90 31.22 -6.10
C ASN A 970 -43.92 30.11 -5.72
N LEU A 971 -43.45 29.34 -6.70
CA LEU A 971 -42.53 28.24 -6.42
C LEU A 971 -41.29 28.64 -5.63
N PRO A 972 -40.59 29.74 -5.93
CA PRO A 972 -39.38 30.07 -5.17
C PRO A 972 -39.60 30.22 -3.67
N TYR A 973 -40.84 30.18 -3.20
CA TYR A 973 -41.10 30.27 -1.78
C TYR A 973 -40.85 28.96 -1.05
N VAL A 974 -40.52 27.88 -1.78
CA VAL A 974 -40.16 26.63 -1.11
C VAL A 974 -38.87 26.80 -0.33
N PHE A 975 -37.94 27.61 -0.84
CA PHE A 975 -36.70 27.87 -0.13
C PHE A 975 -36.92 28.81 1.06
N ILE A 976 -37.99 29.60 1.03
CA ILE A 976 -38.38 30.41 2.17
C ILE A 976 -39.39 29.61 2.98
N ASN A 977 -40.54 30.19 3.28
CA ASN A 977 -41.58 29.47 3.99
C ASN A 977 -42.94 29.89 3.45
N ASN A 978 -43.98 29.21 3.92
CA ASN A 978 -45.33 29.54 3.47
C ASN A 978 -45.84 30.85 4.05
N ILE A 979 -45.27 31.30 5.17
CA ILE A 979 -45.65 32.59 5.72
C ILE A 979 -45.32 33.71 4.74
N GLN A 980 -44.08 33.72 4.25
CA GLN A 980 -43.70 34.74 3.28
C GLN A 980 -44.39 34.55 1.95
N GLU A 981 -44.73 33.30 1.60
CA GLU A 981 -45.52 33.07 0.39
C GLU A 981 -46.89 33.73 0.51
N ARG A 982 -47.54 33.58 1.66
CA ARG A 982 -48.82 34.24 1.90
C ARG A 982 -48.67 35.75 1.91
N LEU A 983 -47.63 36.26 2.57
CA LEU A 983 -47.41 37.70 2.61
C LEU A 983 -46.89 38.25 1.30
N GLN A 984 -46.49 37.38 0.37
CA GLN A 984 -46.00 37.78 -0.96
C GLN A 984 -44.81 38.74 -0.87
N THR A 985 -43.96 38.54 0.13
CA THR A 985 -42.74 39.32 0.26
C THR A 985 -41.83 39.04 -0.93
N PRO A 986 -41.06 40.02 -1.38
CA PRO A 986 -40.21 39.80 -2.55
C PRO A 986 -39.24 38.64 -2.36
N ILE A 987 -39.05 37.87 -3.42
CA ILE A 987 -38.14 36.74 -3.41
C ILE A 987 -36.72 37.25 -3.69
N PRO A 988 -35.72 36.87 -2.91
CA PRO A 988 -34.34 37.21 -3.25
C PRO A 988 -33.98 36.64 -4.62
N VAL A 989 -33.12 37.37 -5.33
CA VAL A 989 -32.86 37.07 -6.73
C VAL A 989 -32.28 35.67 -6.89
N TYR A 990 -31.36 35.28 -6.01
CA TYR A 990 -30.76 33.96 -6.13
C TYR A 990 -31.79 32.85 -5.91
N LEU A 991 -32.83 33.11 -5.11
CA LEU A 991 -33.89 32.13 -4.95
C LEU A 991 -34.77 32.05 -6.20
N LYS A 992 -35.01 33.19 -6.85
CA LYS A 992 -35.71 33.16 -8.13
C LYS A 992 -34.91 32.38 -9.16
N ARG A 993 -33.59 32.49 -9.12
CA ARG A 993 -32.77 31.76 -10.08
C ARG A 993 -32.67 30.28 -9.73
N ALA A 994 -32.80 29.94 -8.44
CA ALA A 994 -32.66 28.55 -8.02
C ALA A 994 -33.76 27.68 -8.60
N ALA A 995 -34.98 28.19 -8.65
CA ALA A 995 -36.13 27.41 -9.10
C ALA A 995 -36.35 27.48 -10.60
N SER A 996 -35.43 28.09 -11.35
CA SER A 996 -35.64 28.28 -12.78
C SER A 996 -35.74 26.95 -13.52
N LEU A 997 -34.89 25.99 -13.18
CA LEU A 997 -34.96 24.68 -13.82
C LEU A 997 -36.28 23.99 -13.52
N MET A 998 -36.74 24.07 -12.29
CA MET A 998 -38.01 23.43 -11.94
C MET A 998 -39.19 24.15 -12.56
N ARG A 999 -39.13 25.48 -12.66
CA ARG A 999 -40.18 26.20 -13.37
C ARG A 999 -40.23 25.75 -14.82
N MET A 1000 -39.06 25.61 -15.45
CA MET A 1000 -38.98 25.03 -16.78
C MET A 1000 -39.66 23.68 -16.85
N LEU A 1001 -39.33 22.78 -15.93
CA LEU A 1001 -39.88 21.43 -16.00
C LEU A 1001 -41.39 21.43 -15.82
N ILE A 1002 -41.89 22.23 -14.88
CA ILE A 1002 -43.33 22.28 -14.62
C ILE A 1002 -44.07 22.83 -15.84
N ARG A 1003 -43.53 23.90 -16.44
CA ARG A 1003 -44.17 24.44 -17.63
C ARG A 1003 -44.12 23.46 -18.79
N ILE A 1004 -43.08 22.63 -18.85
CA ILE A 1004 -43.00 21.63 -19.92
C ILE A 1004 -44.03 20.53 -19.70
N GLU A 1005 -44.14 20.03 -18.47
CA GLU A 1005 -44.95 18.85 -18.21
C GLU A 1005 -46.42 19.20 -18.00
N LEU A 1006 -46.71 20.35 -17.40
CA LEU A 1006 -48.08 20.78 -17.21
C LEU A 1006 -48.58 21.68 -18.32
N ALA A 1007 -47.99 21.57 -19.52
CA ALA A 1007 -48.45 22.36 -20.64
C ALA A 1007 -49.88 21.99 -21.01
N THR A 1008 -50.62 22.96 -21.53
CA THR A 1008 -52.05 22.75 -21.77
C THR A 1008 -52.30 21.62 -22.75
N VAL A 1009 -51.33 21.31 -23.61
CA VAL A 1009 -51.48 20.18 -24.52
C VAL A 1009 -51.47 18.87 -23.75
N LYS A 1010 -50.71 18.81 -22.65
CA LYS A 1010 -50.63 17.59 -21.85
C LYS A 1010 -51.62 17.59 -20.69
N THR A 1011 -52.13 18.75 -20.29
CA THR A 1011 -53.05 18.87 -19.18
C THR A 1011 -54.51 18.71 -19.58
N LEU A 1012 -54.79 18.50 -20.88
CA LEU A 1012 -56.15 18.55 -21.39
C LEU A 1012 -57.07 17.57 -20.67
N ASN A 1013 -56.55 16.43 -20.23
CA ASN A 1013 -57.37 15.40 -19.61
C ASN A 1013 -57.35 15.48 -18.09
N ILE A 1014 -56.83 16.56 -17.52
CA ILE A 1014 -56.68 16.69 -16.08
C ILE A 1014 -57.68 17.73 -15.57
N THR A 1015 -58.43 17.36 -14.53
CA THR A 1015 -59.42 18.24 -13.94
C THR A 1015 -58.76 19.25 -13.00
N CYS A 1016 -59.54 20.25 -12.59
CA CYS A 1016 -59.01 21.30 -11.73
C CYS A 1016 -58.63 20.76 -10.36
N GLU A 1017 -59.46 19.88 -9.80
CA GLU A 1017 -59.09 19.23 -8.54
C GLU A 1017 -57.86 18.36 -8.71
N GLN A 1018 -57.80 17.61 -9.82
CA GLN A 1018 -56.62 16.80 -10.10
C GLN A 1018 -55.38 17.68 -10.25
N MET A 1019 -55.53 18.83 -10.90
CA MET A 1019 -54.39 19.73 -11.07
C MET A 1019 -53.95 20.32 -9.74
N SER A 1020 -54.89 20.66 -8.86
CA SER A 1020 -54.50 21.15 -7.55
C SER A 1020 -53.77 20.07 -6.75
N ALA A 1021 -54.22 18.82 -6.87
CA ALA A 1021 -53.51 17.73 -6.22
C ALA A 1021 -52.10 17.57 -6.78
N ILE A 1022 -51.96 17.70 -8.10
CA ILE A 1022 -50.64 17.61 -8.73
C ILE A 1022 -49.73 18.71 -8.21
N LEU A 1023 -50.25 19.94 -8.13
CA LEU A 1023 -49.46 21.05 -7.65
C LEU A 1023 -49.03 20.84 -6.21
N ASP A 1024 -49.95 20.34 -5.38
CA ASP A 1024 -49.59 20.07 -3.98
C ASP A 1024 -48.52 19.00 -3.90
N LEU A 1025 -48.61 17.95 -4.72
CA LEU A 1025 -47.59 16.91 -4.70
C LEU A 1025 -46.24 17.44 -5.16
N ILE A 1026 -46.24 18.28 -6.19
CA ILE A 1026 -44.97 18.85 -6.67
C ILE A 1026 -44.34 19.69 -5.57
N ARG A 1027 -45.14 20.55 -4.93
CA ARG A 1027 -44.59 21.39 -3.86
C ARG A 1027 -44.10 20.54 -2.69
N LEU A 1028 -44.83 19.48 -2.34
CA LEU A 1028 -44.43 18.63 -1.23
C LEU A 1028 -43.11 17.93 -1.51
N GLN A 1029 -42.97 17.37 -2.71
CA GLN A 1029 -41.72 16.69 -3.03
C GLN A 1029 -40.56 17.67 -3.14
N TYR A 1030 -40.82 18.87 -3.67
CA TYR A 1030 -39.78 19.89 -3.71
C TYR A 1030 -39.33 20.28 -2.32
N THR A 1031 -40.27 20.43 -1.39
CA THR A 1031 -39.90 20.72 -0.02
C THR A 1031 -39.10 19.57 0.59
N GLN A 1032 -39.51 18.33 0.31
CA GLN A 1032 -38.78 17.19 0.86
C GLN A 1032 -37.38 17.07 0.30
N SER A 1033 -37.14 17.62 -0.89
CA SER A 1033 -35.85 17.46 -1.55
C SER A 1033 -34.81 18.50 -1.12
N LEU A 1034 -35.18 19.45 -0.26
CA LEU A 1034 -34.25 20.51 0.10
C LEU A 1034 -33.24 20.05 1.14
N ILE A 1035 -32.05 20.63 1.08
CA ILE A 1035 -31.00 20.30 2.03
C ILE A 1035 -31.39 20.80 3.41
N ASN A 1036 -30.87 20.14 4.44
CA ASN A 1036 -31.24 20.44 5.82
C ASN A 1036 -30.35 21.50 6.42
N TYR A 1037 -30.93 22.31 7.31
CA TYR A 1037 -30.17 23.31 8.04
C TYR A 1037 -29.19 22.62 8.98
N GLY A 1038 -27.89 22.78 8.71
CA GLY A 1038 -26.87 22.22 9.55
C GLY A 1038 -26.17 20.99 9.00
N GLU A 1039 -26.47 20.58 7.78
CA GLU A 1039 -25.78 19.43 7.21
C GLU A 1039 -24.32 19.77 6.95
N ALA A 1040 -23.44 18.83 7.32
CA ALA A 1040 -22.01 19.00 7.12
C ALA A 1040 -21.68 18.61 5.69
N VAL A 1041 -21.95 19.54 4.77
CA VAL A 1041 -21.84 19.24 3.35
C VAL A 1041 -20.39 19.20 2.88
N GLY A 1042 -19.48 19.84 3.60
CA GLY A 1042 -18.07 19.72 3.24
C GLY A 1042 -17.55 18.31 3.35
N ILE A 1043 -17.93 17.61 4.43
CA ILE A 1043 -17.54 16.22 4.61
C ILE A 1043 -18.12 15.37 3.48
N LEU A 1044 -19.39 15.62 3.12
CA LEU A 1044 -20.02 14.87 2.06
C LEU A 1044 -19.27 15.05 0.74
N ALA A 1045 -18.94 16.30 0.41
CA ALA A 1045 -18.19 16.55 -0.83
C ALA A 1045 -16.82 15.89 -0.79
N ALA A 1046 -16.14 15.97 0.36
CA ALA A 1046 -14.82 15.38 0.46
C ALA A 1046 -14.86 13.87 0.25
N GLN A 1047 -15.82 13.19 0.90
CA GLN A 1047 -15.94 11.75 0.70
C GLN A 1047 -16.30 11.43 -0.75
N SER A 1048 -17.25 12.17 -1.32
CA SER A 1048 -17.75 11.85 -2.66
C SER A 1048 -16.70 12.11 -3.72
N VAL A 1049 -15.74 12.99 -3.47
CA VAL A 1049 -14.68 13.21 -4.44
C VAL A 1049 -13.48 12.31 -4.16
N SER A 1050 -13.23 11.95 -2.90
CA SER A 1050 -12.09 11.11 -2.57
C SER A 1050 -12.33 9.65 -2.95
N GLU A 1051 -13.59 9.21 -2.99
CA GLU A 1051 -13.85 7.85 -3.45
C GLU A 1051 -13.40 7.61 -4.87
N PRO A 1052 -13.75 8.43 -5.87
CA PRO A 1052 -13.24 8.18 -7.23
C PRO A 1052 -11.74 8.30 -7.37
N LEU A 1053 -11.04 8.92 -6.41
CA LEU A 1053 -9.59 8.99 -6.51
C LEU A 1053 -8.95 7.61 -6.38
N THR A 1054 -9.54 6.73 -5.58
CA THR A 1054 -9.03 5.37 -5.49
C THR A 1054 -9.10 4.67 -6.85
N GLN A 1055 -10.23 4.81 -7.54
CA GLN A 1055 -10.34 4.20 -8.86
C GLN A 1055 -9.45 4.92 -9.88
N TYR A 1056 -9.18 6.21 -9.66
CA TYR A 1056 -8.25 6.90 -10.53
C TYR A 1056 -6.84 6.33 -10.40
N MET A 1057 -6.42 6.05 -9.16
CA MET A 1057 -5.20 5.27 -8.94
C MET A 1057 -5.27 3.93 -9.67
N LEU A 1058 -6.35 3.18 -9.47
CA LEU A 1058 -6.43 1.84 -10.05
C LEU A 1058 -6.37 1.88 -11.57
N ASP A 1059 -6.90 2.95 -12.16
CA ASP A 1059 -6.90 3.11 -13.61
C ASP A 1059 -5.70 3.91 -14.11
N SER A 1060 -4.77 4.27 -13.22
CA SER A 1060 -3.54 4.91 -13.67
C SER A 1060 -2.75 3.99 -14.60
N HIS A 1061 -2.70 2.70 -14.29
CA HIS A 1061 -1.95 1.77 -15.12
C HIS A 1061 -2.56 1.62 -16.52
N HIS A 1062 -3.80 2.04 -16.70
CA HIS A 1062 -4.42 2.09 -18.01
C HIS A 1062 -4.27 3.46 -18.66
N ARG A 1063 -3.66 4.42 -17.96
CA ARG A 1063 -3.47 5.77 -18.47
C ARG A 1063 -2.03 5.97 -18.90
N SER A 1064 -1.84 6.95 -19.78
CA SER A 1064 -0.51 7.26 -20.29
C SER A 1064 0.39 7.76 -19.17
N VAL A 1065 1.64 7.29 -19.19
CA VAL A 1065 2.66 7.69 -18.23
C VAL A 1065 3.79 8.46 -18.90
N ALA A 1066 3.67 8.75 -20.19
CA ALA A 1066 4.71 9.47 -20.90
C ALA A 1066 4.79 10.92 -20.42
N GLY A 1067 6.00 11.47 -20.48
CA GLY A 1067 6.19 12.86 -20.11
C GLY A 1067 5.51 13.81 -21.08
N GLY A 1068 5.24 15.02 -20.59
CA GLY A 1068 4.52 16.01 -21.36
C GLY A 1068 3.03 15.83 -21.26
N THR A 1069 2.60 14.60 -21.00
CA THR A 1069 1.21 14.26 -20.71
C THR A 1069 1.15 13.36 -19.48
N ASN A 1070 1.88 13.74 -18.43
CA ASN A 1070 1.97 12.94 -17.23
C ASN A 1070 0.68 13.04 -16.43
N LYS A 1071 -0.04 11.92 -16.31
CA LYS A 1071 -1.25 11.85 -15.52
C LYS A 1071 -1.26 10.60 -14.64
N SER A 1072 -0.10 9.98 -14.44
CA SER A 1072 -0.03 8.73 -13.70
C SER A 1072 -0.34 8.94 -12.23
N GLY A 1073 -1.13 8.04 -11.68
CA GLY A 1073 -1.40 8.07 -10.25
C GLY A 1073 -2.19 9.29 -9.86
N ILE A 1074 -1.62 10.05 -8.92
CA ILE A 1074 -2.31 11.17 -8.28
C ILE A 1074 -1.79 12.52 -8.77
N VAL A 1075 -1.00 12.53 -9.85
CA VAL A 1075 -0.32 13.76 -10.26
C VAL A 1075 -1.33 14.84 -10.63
N ARG A 1076 -2.28 14.51 -11.52
CA ARG A 1076 -3.28 15.51 -11.89
C ARG A 1076 -4.17 15.93 -10.73
N PRO A 1077 -4.73 15.00 -9.93
CA PRO A 1077 -5.52 15.46 -8.77
C PRO A 1077 -4.71 16.27 -7.77
N GLN A 1078 -3.43 15.96 -7.58
CA GLN A 1078 -2.61 16.79 -6.71
C GLN A 1078 -2.43 18.18 -7.32
N GLU A 1079 -2.21 18.25 -8.63
CA GLU A 1079 -2.06 19.56 -9.27
C GLU A 1079 -3.31 20.39 -9.10
N ILE A 1080 -4.49 19.76 -9.19
CA ILE A 1080 -5.73 20.51 -9.00
C ILE A 1080 -5.90 20.93 -7.53
N PHE A 1081 -5.76 19.97 -6.62
CA PHE A 1081 -6.07 20.24 -5.22
C PHE A 1081 -5.00 21.12 -4.58
N SER A 1082 -3.72 20.79 -4.79
CA SER A 1082 -2.65 21.52 -4.14
C SER A 1082 -2.35 22.86 -4.80
N ALA A 1083 -3.07 23.21 -5.85
CA ALA A 1083 -2.97 24.51 -6.50
C ALA A 1083 -1.53 24.81 -6.91
N LYS A 1084 -0.90 23.83 -7.56
CA LYS A 1084 0.42 24.04 -8.11
C LYS A 1084 0.35 25.11 -9.18
N PRO A 1085 1.33 26.02 -9.25
CA PRO A 1085 1.24 27.10 -10.25
C PRO A 1085 1.39 26.59 -11.67
N VAL A 1086 1.31 27.49 -12.65
CA VAL A 1086 1.30 27.08 -14.05
C VAL A 1086 2.57 26.32 -14.41
N GLU A 1087 3.71 26.78 -13.89
CA GLU A 1087 4.99 26.13 -14.22
C GLU A 1087 5.05 24.71 -13.70
N ALA A 1088 4.40 24.43 -12.56
CA ALA A 1088 4.48 23.11 -11.95
C ALA A 1088 3.56 22.09 -12.63
N GLU A 1089 2.62 22.53 -13.45
CA GLU A 1089 1.69 21.60 -14.09
C GLU A 1089 2.41 20.79 -15.15
N GLN A 1090 2.16 19.47 -15.13
CA GLN A 1090 2.81 18.55 -16.06
C GLN A 1090 1.92 18.15 -17.23
N SER A 1091 0.61 18.37 -17.14
CA SER A 1091 -0.32 17.95 -18.18
C SER A 1091 -1.15 19.13 -18.65
N SER A 1092 -0.49 20.23 -18.98
CA SER A 1092 -1.17 21.44 -19.41
C SER A 1092 -1.62 21.26 -20.86
N GLU A 1093 -2.93 21.31 -21.09
CA GLU A 1093 -3.50 21.15 -22.42
C GLU A 1093 -4.42 22.33 -22.72
N MET A 1094 -4.29 22.90 -23.91
CA MET A 1094 -5.14 23.98 -24.36
C MET A 1094 -5.94 23.53 -25.57
N LEU A 1095 -7.23 23.86 -25.58
CA LEU A 1095 -8.11 23.57 -26.71
C LEU A 1095 -8.54 24.89 -27.32
N LEU A 1096 -8.26 25.06 -28.61
CA LEU A 1096 -8.55 26.29 -29.31
C LEU A 1096 -9.43 25.99 -30.52
N ARG A 1097 -10.45 26.81 -30.70
CA ARG A 1097 -11.36 26.67 -31.83
C ARG A 1097 -10.99 27.64 -32.94
N LEU A 1098 -11.01 27.15 -34.17
CA LEU A 1098 -10.74 28.00 -35.31
C LEU A 1098 -11.87 29.01 -35.51
N LYS A 1099 -11.51 30.28 -35.65
CA LYS A 1099 -12.46 31.32 -35.97
C LYS A 1099 -13.14 31.01 -37.30
N ASN A 1100 -14.26 31.72 -37.57
CA ASN A 1100 -14.95 31.64 -38.85
C ASN A 1100 -15.31 30.18 -39.11
N PRO A 1101 -16.35 29.64 -38.49
CA PRO A 1101 -16.54 28.20 -38.50
C PRO A 1101 -16.86 27.56 -39.87
N GLU A 1102 -16.86 28.31 -40.97
CA GLU A 1102 -16.78 27.70 -42.29
C GLU A 1102 -15.40 27.05 -42.47
N VAL A 1103 -14.34 27.84 -42.25
CA VAL A 1103 -12.98 27.33 -42.35
C VAL A 1103 -12.63 26.33 -41.25
N GLU A 1104 -13.48 26.19 -40.23
CA GLU A 1104 -13.25 25.23 -39.16
C GLU A 1104 -13.64 23.81 -39.55
N THR A 1105 -14.46 23.63 -40.60
CA THR A 1105 -14.98 22.31 -40.95
C THR A 1105 -13.97 21.41 -41.64
N ASN A 1106 -12.89 21.95 -42.20
CA ASN A 1106 -11.94 21.15 -42.97
C ASN A 1106 -10.68 20.86 -42.17
N LYS A 1107 -10.16 19.65 -42.33
CA LYS A 1107 -9.07 19.18 -41.48
C LYS A 1107 -7.74 19.82 -41.84
N THR A 1108 -7.46 19.97 -43.13
CA THR A 1108 -6.14 20.42 -43.57
C THR A 1108 -5.85 21.84 -43.09
N TYR A 1109 -6.87 22.72 -43.13
CA TYR A 1109 -6.66 24.09 -42.69
C TYR A 1109 -6.31 24.13 -41.20
N ALA A 1110 -7.04 23.37 -40.39
CA ALA A 1110 -6.67 23.23 -38.99
C ALA A 1110 -5.27 22.65 -38.86
N GLN A 1111 -4.88 21.79 -39.79
CA GLN A 1111 -3.56 21.16 -39.69
C GLN A 1111 -2.44 22.19 -39.82
N GLU A 1112 -2.46 23.01 -40.87
CA GLU A 1112 -1.32 23.93 -40.95
C GLU A 1112 -1.52 25.15 -40.05
N ILE A 1113 -2.74 25.39 -39.55
CA ILE A 1113 -2.87 26.35 -38.46
C ILE A 1113 -2.18 25.83 -37.20
N ALA A 1114 -2.36 24.53 -36.89
CA ALA A 1114 -1.67 23.94 -35.76
C ALA A 1114 -0.16 23.95 -35.98
N ASN A 1115 0.28 23.73 -37.21
CA ASN A 1115 1.70 23.86 -37.53
C ASN A 1115 2.18 25.29 -37.31
N SER A 1116 1.36 26.28 -37.65
CA SER A 1116 1.72 27.67 -37.39
C SER A 1116 1.83 27.95 -35.90
N ILE A 1117 0.90 27.45 -35.11
CA ILE A 1117 0.87 27.79 -33.69
C ILE A 1117 1.98 27.11 -32.90
N GLU A 1118 2.57 26.04 -33.43
CA GLU A 1118 3.59 25.33 -32.66
C GLU A 1118 4.79 26.23 -32.41
N LEU A 1119 5.30 26.20 -31.18
CA LEU A 1119 6.50 26.95 -30.84
C LEU A 1119 7.70 26.27 -31.46
N ILE A 1120 8.44 27.00 -32.30
CA ILE A 1120 9.69 26.53 -32.88
C ILE A 1120 10.80 27.39 -32.34
N THR A 1121 11.70 26.78 -31.57
CA THR A 1121 12.83 27.48 -30.98
C THR A 1121 14.07 27.27 -31.83
N PHE A 1122 15.06 28.12 -31.59
CA PHE A 1122 16.25 28.13 -32.46
C PHE A 1122 17.01 26.83 -32.38
N GLU A 1123 17.15 26.27 -31.17
CA GLU A 1123 17.97 25.06 -31.01
C GLU A 1123 17.46 23.91 -31.86
N ARG A 1124 16.15 23.85 -32.11
CA ARG A 1124 15.60 22.77 -32.91
C ARG A 1124 15.97 22.93 -34.39
N LEU A 1125 16.13 24.17 -34.85
CA LEU A 1125 16.53 24.42 -36.22
C LEU A 1125 18.03 24.27 -36.45
N ILE A 1126 18.81 24.20 -35.39
CA ILE A 1126 20.27 24.15 -35.49
C ILE A 1126 20.72 22.70 -35.54
N LEU A 1127 21.71 22.41 -36.38
CA LEU A 1127 22.31 21.09 -36.44
C LEU A 1127 23.79 21.09 -36.06
N GLN A 1128 24.37 22.26 -35.83
CA GLN A 1128 25.75 22.39 -35.39
C GLN A 1128 25.97 23.80 -34.91
N TRP A 1129 26.56 23.96 -33.73
CA TRP A 1129 26.91 25.29 -33.25
C TRP A 1129 28.27 25.24 -32.57
N HIS A 1130 29.13 26.18 -32.92
CA HIS A 1130 30.49 26.24 -32.41
C HIS A 1130 30.75 27.61 -31.83
N LEU A 1131 31.40 27.64 -30.67
CA LEU A 1131 31.78 28.88 -30.01
C LEU A 1131 33.21 29.20 -30.40
N LEU A 1132 33.42 30.35 -31.02
CA LEU A 1132 34.72 30.73 -31.54
C LEU A 1132 35.15 32.06 -30.95
N TYR A 1133 36.44 32.17 -30.64
CA TYR A 1133 37.04 33.38 -30.09
C TYR A 1133 37.36 34.42 -31.18
N GLU A 1134 36.78 34.28 -32.36
CA GLU A 1134 37.20 35.07 -33.52
C GLU A 1134 36.54 36.44 -33.50
N THR A 1135 36.72 37.17 -34.60
CA THR A 1135 36.15 38.49 -34.81
C THR A 1135 36.08 38.73 -36.31
N TYR A 1136 35.15 39.57 -36.73
CA TYR A 1136 35.12 40.06 -38.09
C TYR A 1136 35.19 41.59 -38.13
N SER A 1137 36.12 42.17 -37.38
CA SER A 1137 36.41 43.59 -37.50
C SER A 1137 36.73 43.89 -38.96
N SER A 1138 35.85 44.65 -39.62
CA SER A 1138 35.89 44.81 -41.07
C SER A 1138 36.13 43.47 -41.73
N THR A 1139 37.09 43.40 -42.67
CA THR A 1139 37.42 42.14 -43.31
C THR A 1139 38.92 42.02 -43.58
N LYS A 1140 39.77 42.44 -42.63
CA LYS A 1140 41.18 42.64 -42.95
C LYS A 1140 41.87 41.35 -43.40
N LYS A 1141 42.30 40.52 -42.45
CA LYS A 1141 42.52 39.11 -42.71
C LYS A 1141 41.88 38.24 -41.62
N ASN A 1142 42.37 38.41 -40.39
CA ASN A 1142 41.92 37.71 -39.19
C ASN A 1142 42.11 36.20 -39.27
N VAL A 1143 42.56 35.57 -38.18
CA VAL A 1143 42.60 34.11 -38.15
C VAL A 1143 41.32 33.56 -37.52
N MET A 1144 40.75 32.57 -38.18
CA MET A 1144 39.61 31.83 -37.63
C MET A 1144 40.08 30.43 -37.26
N TYR A 1145 39.12 29.63 -36.82
CA TYR A 1145 39.37 28.20 -36.65
C TYR A 1145 39.58 27.59 -38.03
N PRO A 1146 40.71 26.93 -38.29
CA PRO A 1146 40.98 26.44 -39.64
C PRO A 1146 39.99 25.40 -40.12
N ASP A 1147 39.23 24.78 -39.22
CA ASP A 1147 38.10 23.97 -39.64
C ASP A 1147 37.11 24.80 -40.46
N PHE A 1148 36.57 25.85 -39.83
CA PHE A 1148 35.66 26.77 -40.52
C PHE A 1148 36.44 28.02 -40.96
N ALA A 1149 37.43 27.79 -41.81
CA ALA A 1149 38.22 28.87 -42.38
C ALA A 1149 37.74 29.31 -43.75
N SER A 1150 37.09 28.43 -44.50
CA SER A 1150 36.54 28.74 -45.82
C SER A 1150 35.26 29.54 -45.75
N ASP A 1151 34.91 30.13 -44.61
CA ASP A 1151 33.70 30.92 -44.53
C ASP A 1151 33.88 32.32 -45.13
N VAL A 1152 35.11 32.74 -45.39
CA VAL A 1152 35.37 34.09 -45.88
C VAL A 1152 34.81 34.28 -47.28
N GLU A 1153 34.83 33.24 -48.12
CA GLU A 1153 34.34 33.39 -49.49
C GLU A 1153 32.85 33.72 -49.51
N TRP A 1154 32.06 33.06 -48.67
CA TRP A 1154 30.65 33.40 -48.57
C TRP A 1154 30.42 34.63 -47.70
N MET A 1155 31.36 34.94 -46.81
CA MET A 1155 31.28 36.16 -46.03
C MET A 1155 31.34 37.40 -46.92
N THR A 1156 32.26 37.39 -47.88
CA THR A 1156 32.36 38.49 -48.84
C THR A 1156 31.10 38.56 -49.69
N ASP A 1157 30.54 37.40 -50.06
CA ASP A 1157 29.28 37.38 -50.80
C ASP A 1157 28.16 38.02 -49.99
N PHE A 1158 28.09 37.71 -48.70
CA PHE A 1158 27.12 38.37 -47.83
C PHE A 1158 27.35 39.88 -47.81
N LEU A 1159 28.61 40.30 -47.66
CA LEU A 1159 28.89 41.72 -47.53
C LEU A 1159 28.48 42.48 -48.79
N GLU A 1160 28.74 41.91 -49.96
CA GLU A 1160 28.34 42.60 -51.19
C GLU A 1160 26.84 42.50 -51.43
N ASN A 1161 26.20 41.44 -50.95
CA ASN A 1161 24.76 41.29 -51.14
C ASN A 1161 23.93 41.93 -50.04
N HIS A 1162 24.52 42.26 -48.90
CA HIS A 1162 23.84 42.96 -47.82
C HIS A 1162 24.69 44.13 -47.36
N PRO A 1163 24.81 45.17 -48.19
CA PRO A 1163 25.65 46.31 -47.82
C PRO A 1163 24.95 47.36 -46.95
N LEU A 1164 23.69 47.13 -46.56
CA LEU A 1164 23.06 48.01 -45.57
C LEU A 1164 23.68 47.84 -44.20
N LEU A 1165 24.12 46.62 -43.88
CA LEU A 1165 24.68 46.29 -42.57
C LEU A 1165 26.11 45.83 -42.71
N GLN A 1166 26.97 46.35 -41.84
CA GLN A 1166 28.39 46.07 -41.79
C GLN A 1166 28.78 45.73 -40.36
N PRO A 1167 29.88 45.01 -40.17
CA PRO A 1167 30.33 44.67 -38.81
C PRO A 1167 30.47 45.90 -37.95
N PRO A 1168 29.74 45.97 -36.84
CA PRO A 1168 29.77 47.16 -35.99
C PRO A 1168 31.11 47.33 -35.29
N GLU A 1169 31.40 48.57 -34.91
CA GLU A 1169 32.68 48.91 -34.31
C GLU A 1169 32.87 48.29 -32.93
N ASP A 1170 31.82 47.79 -32.30
CA ASP A 1170 31.91 47.22 -30.96
C ASP A 1170 31.96 45.70 -30.97
N ILE A 1171 32.18 45.09 -32.14
CA ILE A 1171 32.19 43.63 -32.24
C ILE A 1171 33.34 43.09 -31.38
N ALA A 1172 33.02 42.12 -30.54
CA ALA A 1172 34.00 41.58 -29.60
C ALA A 1172 34.69 40.36 -30.18
N ASN A 1173 35.76 39.94 -29.51
CA ASN A 1173 36.54 38.78 -29.95
C ASN A 1173 35.86 37.48 -29.50
N TRP A 1174 34.61 37.32 -29.95
CA TRP A 1174 33.82 36.14 -29.66
C TRP A 1174 32.82 35.94 -30.80
N CYS A 1175 32.61 34.69 -31.17
CA CYS A 1175 31.77 34.37 -32.31
C CYS A 1175 31.08 33.04 -32.10
N ILE A 1176 29.97 32.86 -32.81
CA ILE A 1176 29.22 31.62 -32.80
C ILE A 1176 28.92 31.26 -34.24
N ARG A 1177 29.39 30.08 -34.67
CA ARG A 1177 29.08 29.58 -36.01
C ARG A 1177 28.01 28.51 -35.88
N LEU A 1178 26.87 28.74 -36.52
CA LEU A 1178 25.73 27.83 -36.45
C LEU A 1178 25.40 27.33 -37.84
N GLU A 1179 25.23 26.02 -37.97
CA GLU A 1179 24.86 25.39 -39.23
C GLU A 1179 23.40 24.99 -39.16
N LEU A 1180 22.60 25.47 -40.10
CA LEU A 1180 21.17 25.23 -40.11
C LEU A 1180 20.86 23.83 -40.58
N ASN A 1181 19.83 23.23 -39.98
CA ASN A 1181 19.29 21.95 -40.42
C ASN A 1181 18.33 22.23 -41.57
N LYS A 1182 18.82 22.00 -42.80
CA LYS A 1182 17.99 22.25 -43.98
C LYS A 1182 16.74 21.39 -43.96
N THR A 1183 16.87 20.14 -43.51
CA THR A 1183 15.73 19.21 -43.52
C THR A 1183 14.61 19.73 -42.63
N THR A 1184 14.93 20.28 -41.47
CA THR A 1184 13.87 20.77 -40.59
C THR A 1184 13.24 22.05 -41.12
N MET A 1185 14.05 22.98 -41.63
CA MET A 1185 13.48 24.24 -42.10
C MET A 1185 12.66 24.06 -43.36
N ILE A 1186 12.96 23.02 -44.16
CA ILE A 1186 12.06 22.70 -45.27
C ILE A 1186 10.90 21.86 -44.76
N LEU A 1187 11.10 21.18 -43.63
CA LEU A 1187 10.05 20.32 -43.07
C LEU A 1187 8.95 21.15 -42.44
N LYS A 1188 9.29 22.23 -41.75
CA LYS A 1188 8.33 23.09 -41.09
C LYS A 1188 8.09 24.38 -41.86
N SER A 1189 8.67 24.52 -43.05
CA SER A 1189 8.51 25.71 -43.91
C SER A 1189 8.98 26.99 -43.22
N ILE A 1190 10.11 26.92 -42.52
CA ILE A 1190 10.72 28.12 -41.93
C ILE A 1190 11.65 28.74 -42.96
N SER A 1191 11.45 30.01 -43.26
CA SER A 1191 12.30 30.72 -44.19
C SER A 1191 13.53 31.28 -43.47
N LEU A 1192 14.64 31.32 -44.21
CA LEU A 1192 15.89 31.84 -43.65
C LEU A 1192 15.75 33.30 -43.26
N GLU A 1193 15.07 34.09 -44.10
CA GLU A 1193 14.84 35.50 -43.79
C GLU A 1193 14.09 35.65 -42.47
N SER A 1194 13.12 34.77 -42.23
CA SER A 1194 12.38 34.81 -40.96
C SER A 1194 13.32 34.59 -39.78
N ILE A 1195 14.18 33.57 -39.88
CA ILE A 1195 15.14 33.31 -38.81
C ILE A 1195 15.97 34.54 -38.53
N ILE A 1196 16.52 35.13 -39.60
CA ILE A 1196 17.49 36.21 -39.40
C ILE A 1196 16.82 37.46 -38.88
N ASN A 1197 15.64 37.81 -39.41
CA ASN A 1197 14.98 39.03 -38.94
C ASN A 1197 14.48 38.86 -37.52
N SER A 1198 13.98 37.68 -37.16
CA SER A 1198 13.59 37.44 -35.78
C SER A 1198 14.78 37.52 -34.84
N LEU A 1199 15.92 36.96 -35.25
CA LEU A 1199 17.11 37.01 -34.40
C LEU A 1199 17.61 38.43 -34.24
N ARG A 1200 17.69 39.18 -35.34
CA ARG A 1200 18.20 40.54 -35.26
C ARG A 1200 17.21 41.49 -34.61
N ALA A 1201 15.94 41.13 -34.53
CA ALA A 1201 14.98 41.94 -33.79
C ALA A 1201 14.97 41.58 -32.31
N LYS A 1202 15.26 40.33 -31.98
CA LYS A 1202 15.28 39.90 -30.59
C LYS A 1202 16.61 40.17 -29.91
N HIS A 1203 17.72 40.15 -30.66
CA HIS A 1203 19.04 40.49 -30.10
C HIS A 1203 19.77 41.45 -31.03
N PRO A 1204 19.34 42.71 -31.09
CA PRO A 1204 20.22 43.74 -31.69
C PRO A 1204 21.56 43.85 -30.99
N ASN A 1205 21.64 43.45 -29.71
CA ASN A 1205 22.87 43.43 -28.93
C ASN A 1205 23.91 42.51 -29.56
N THR A 1206 23.49 41.76 -30.58
CA THR A 1206 24.36 40.82 -31.25
C THR A 1206 24.21 40.98 -32.76
N TYR A 1207 25.31 40.80 -33.49
CA TYR A 1207 25.35 41.06 -34.92
C TYR A 1207 25.42 39.76 -35.69
N ILE A 1208 24.48 39.57 -36.62
CA ILE A 1208 24.24 38.30 -37.29
C ILE A 1208 24.51 38.46 -38.78
N MET A 1209 25.16 37.45 -39.38
CA MET A 1209 25.43 37.43 -40.81
C MET A 1209 24.91 36.14 -41.43
N HIS A 1210 24.13 36.26 -42.51
CA HIS A 1210 23.50 35.10 -43.13
C HIS A 1210 24.01 34.91 -44.55
N SER A 1211 24.14 33.64 -44.95
CA SER A 1211 24.59 33.29 -46.28
C SER A 1211 23.42 32.92 -47.18
N VAL A 1212 23.69 32.78 -48.47
CA VAL A 1212 22.68 32.35 -49.43
C VAL A 1212 22.45 30.85 -49.29
N GLU A 1213 21.19 30.43 -49.31
CA GLU A 1213 20.85 29.07 -48.94
C GLU A 1213 19.86 28.37 -49.87
N ASN A 1214 19.15 29.08 -50.74
CA ASN A 1214 18.08 28.47 -51.51
C ASN A 1214 18.59 27.54 -52.60
N THR A 1215 19.90 27.52 -52.86
CA THR A 1215 20.44 26.90 -54.06
C THR A 1215 20.13 25.41 -54.16
N ALA A 1216 20.68 24.61 -53.25
CA ALA A 1216 20.64 23.16 -53.44
C ALA A 1216 21.12 22.39 -52.22
N SER A 1217 21.25 21.07 -52.37
CA SER A 1217 21.88 20.25 -51.35
C SER A 1217 23.39 20.45 -51.38
N GLY A 1218 24.07 19.84 -50.42
CA GLY A 1218 25.53 19.96 -50.33
C GLY A 1218 26.03 21.22 -49.66
N ILE A 1219 25.45 22.37 -50.01
CA ILE A 1219 25.81 23.64 -49.37
C ILE A 1219 25.21 23.69 -47.97
N PRO A 1220 26.03 23.83 -46.93
CA PRO A 1220 25.49 23.96 -45.57
C PRO A 1220 25.18 25.41 -45.25
N ILE A 1221 23.93 25.67 -44.84
CA ILE A 1221 23.52 27.02 -44.51
C ILE A 1221 24.24 27.44 -43.23
N ILE A 1222 25.25 28.30 -43.38
CA ILE A 1222 26.07 28.76 -42.26
C ILE A 1222 25.57 30.13 -41.84
N ILE A 1223 25.24 30.27 -40.57
CA ILE A 1223 24.93 31.56 -39.96
C ILE A 1223 26.00 31.83 -38.92
N ARG A 1224 26.64 32.99 -39.03
CA ARG A 1224 27.67 33.38 -38.08
C ARG A 1224 27.17 34.56 -37.27
N ILE A 1225 27.28 34.45 -35.96
CA ILE A 1225 26.86 35.49 -35.05
C ILE A 1225 28.03 35.87 -34.16
N TYR A 1226 28.30 37.17 -34.09
CA TYR A 1226 29.39 37.72 -33.30
C TYR A 1226 28.81 38.61 -32.22
N LEU A 1227 29.52 38.70 -31.10
CA LEU A 1227 29.06 39.46 -29.96
C LEU A 1227 29.70 40.84 -29.97
N ARG A 1228 28.97 41.84 -29.50
CA ARG A 1228 29.53 43.17 -29.33
C ARG A 1228 29.71 43.47 -27.85
N GLU A 1229 30.41 44.58 -27.56
CA GLU A 1229 30.73 44.92 -26.17
C GLU A 1229 29.48 45.05 -25.32
N SER A 1230 28.39 45.59 -25.89
CA SER A 1230 27.19 45.87 -25.09
C SER A 1230 26.62 44.62 -24.44
N ALA A 1231 26.90 43.43 -25.00
CA ALA A 1231 26.47 42.20 -24.34
C ALA A 1231 27.30 41.90 -23.11
N PHE A 1232 28.61 42.15 -23.18
CA PHE A 1232 29.50 41.90 -22.05
C PHE A 1232 29.31 42.91 -20.93
N ARG A 1233 28.57 43.99 -21.17
CA ARG A 1233 28.50 45.09 -20.22
C ARG A 1233 27.63 44.74 -19.02
N ARG A 1234 28.19 44.02 -18.06
CA ARG A 1234 27.52 43.75 -16.81
C ARG A 1234 27.48 45.00 -15.93
N MET A 1240 32.80 39.68 -11.63
CA MET A 1240 31.54 38.94 -11.51
C MET A 1240 31.57 37.67 -12.37
N ALA A 1241 31.86 37.83 -13.66
CA ALA A 1241 31.97 36.71 -14.57
C ALA A 1241 32.88 37.10 -15.72
N THR A 1242 33.53 36.11 -16.31
CA THR A 1242 34.49 36.34 -17.37
C THR A 1242 33.78 36.38 -18.73
N ASP A 1243 34.59 36.62 -19.78
CA ASP A 1243 34.03 36.78 -21.11
C ASP A 1243 33.53 35.46 -21.67
N GLU A 1244 34.19 34.34 -21.36
CA GLU A 1244 33.76 33.07 -21.92
C GLU A 1244 32.41 32.66 -21.36
N LYS A 1245 32.16 32.92 -20.07
CA LYS A 1245 30.84 32.65 -19.54
C LYS A 1245 29.80 33.57 -20.17
N ILE A 1246 30.19 34.80 -20.50
CA ILE A 1246 29.28 35.69 -21.22
C ILE A 1246 28.93 35.11 -22.58
N ALA A 1247 29.92 34.60 -23.30
CA ALA A 1247 29.66 34.02 -24.61
C ALA A 1247 28.79 32.78 -24.50
N VAL A 1248 29.05 31.93 -23.49
CA VAL A 1248 28.22 30.75 -23.28
C VAL A 1248 26.79 31.15 -22.95
N ASN A 1249 26.63 32.20 -22.12
CA ASN A 1249 25.29 32.69 -21.80
C ASN A 1249 24.58 33.18 -23.05
N VAL A 1250 25.28 33.90 -23.91
CA VAL A 1250 24.66 34.39 -25.14
C VAL A 1250 24.27 33.22 -26.04
N VAL A 1251 25.12 32.19 -26.11
CA VAL A 1251 24.79 31.00 -26.88
C VAL A 1251 23.51 30.37 -26.35
N ASP A 1252 23.40 30.25 -25.03
CA ASP A 1252 22.19 29.71 -24.43
C ASP A 1252 20.98 30.59 -24.73
N LYS A 1253 21.16 31.91 -24.67
CA LYS A 1253 20.04 32.81 -24.85
C LYS A 1253 19.49 32.75 -26.26
N LEU A 1254 20.36 32.85 -27.27
CA LEU A 1254 19.88 32.80 -28.65
C LEU A 1254 19.51 31.39 -29.08
N LEU A 1255 20.09 30.37 -28.46
CA LEU A 1255 19.69 29.00 -28.77
C LEU A 1255 18.24 28.75 -28.40
N ASN A 1256 17.79 29.31 -27.27
CA ASN A 1256 16.43 29.11 -26.78
C ASN A 1256 15.43 30.11 -27.35
N SER A 1257 15.86 31.02 -28.22
CA SER A 1257 14.95 32.02 -28.76
C SER A 1257 13.88 31.37 -29.63
N THR A 1258 12.74 32.06 -29.73
CA THR A 1258 11.59 31.55 -30.46
C THR A 1258 11.60 32.09 -31.88
N ILE A 1259 11.49 31.18 -32.85
CA ILE A 1259 11.37 31.58 -34.25
C ILE A 1259 9.93 31.91 -34.61
N ARG A 1260 9.01 30.98 -34.38
CA ARG A 1260 7.59 31.21 -34.64
C ARG A 1260 6.77 30.44 -33.63
N GLY A 1261 5.53 30.89 -33.44
CA GLY A 1261 4.60 30.16 -32.61
C GLY A 1261 4.10 30.91 -31.39
N ILE A 1262 4.07 30.23 -30.25
CA ILE A 1262 3.52 30.77 -29.01
C ILE A 1262 4.33 30.25 -27.84
N PRO A 1263 4.72 31.11 -26.89
CA PRO A 1263 5.51 30.63 -25.75
C PRO A 1263 4.76 29.57 -24.96
N GLY A 1264 5.49 28.56 -24.50
CA GLY A 1264 4.94 27.56 -23.63
C GLY A 1264 4.20 26.42 -24.32
N ILE A 1265 4.05 26.46 -25.63
CA ILE A 1265 3.38 25.39 -26.37
C ILE A 1265 4.45 24.43 -26.86
N LYS A 1266 4.33 23.16 -26.49
CA LYS A 1266 5.31 22.17 -26.93
C LYS A 1266 4.87 21.47 -28.21
N ASN A 1267 3.58 21.18 -28.32
CA ASN A 1267 3.06 20.50 -29.49
C ASN A 1267 1.65 21.01 -29.78
N ALA A 1268 1.21 20.80 -31.01
CA ALA A 1268 -0.16 21.13 -31.40
C ALA A 1268 -0.69 19.99 -32.27
N ASN A 1269 -2.00 19.76 -32.16
CA ASN A 1269 -2.64 18.70 -32.91
C ASN A 1269 -4.08 19.08 -33.20
N VAL A 1270 -4.66 18.45 -34.21
CA VAL A 1270 -6.02 18.73 -34.66
C VAL A 1270 -6.92 17.59 -34.24
N VAL A 1271 -8.05 17.92 -33.62
CA VAL A 1271 -8.97 16.93 -33.08
C VAL A 1271 -10.38 17.22 -33.59
N LYS A 1272 -11.23 16.21 -33.48
CA LYS A 1272 -12.64 16.32 -33.85
C LYS A 1272 -13.49 16.39 -32.60
N LEU A 1273 -14.31 17.43 -32.49
CA LEU A 1273 -15.21 17.59 -31.37
C LEU A 1273 -16.66 17.54 -31.83
N MET A 1274 -17.52 17.05 -30.95
CA MET A 1274 -18.95 17.05 -31.18
C MET A 1274 -19.54 18.29 -30.52
N ARG A 1275 -20.06 19.21 -31.33
CA ARG A 1275 -20.55 20.47 -30.82
C ARG A 1275 -22.00 20.68 -31.26
N HIS A 1276 -22.75 21.40 -30.46
CA HIS A 1276 -24.15 21.67 -30.72
C HIS A 1276 -24.32 23.06 -31.30
N ARG A 1277 -25.12 23.15 -32.35
CA ARG A 1277 -25.42 24.43 -32.99
C ARG A 1277 -26.89 24.43 -33.41
N VAL A 1278 -27.46 25.62 -33.47
CA VAL A 1278 -28.87 25.79 -33.80
C VAL A 1278 -29.01 25.99 -35.30
N ASP A 1279 -29.91 25.24 -35.92
CA ASP A 1279 -30.17 25.41 -37.33
C ASP A 1279 -31.03 26.67 -37.56
N ALA A 1280 -31.41 26.90 -38.81
CA ALA A 1280 -32.23 28.06 -39.14
C ALA A 1280 -33.61 27.95 -38.48
N GLN A 1281 -34.19 26.76 -38.48
CA GLN A 1281 -35.55 26.53 -38.00
C GLN A 1281 -35.63 26.27 -36.50
N GLY A 1282 -34.64 26.68 -35.73
CA GLY A 1282 -34.69 26.51 -34.29
C GLY A 1282 -34.37 25.12 -33.80
N LYS A 1283 -33.92 24.22 -34.67
CA LYS A 1283 -33.56 22.87 -34.27
C LYS A 1283 -32.12 22.83 -33.80
N LEU A 1284 -31.89 22.18 -32.66
CA LEU A 1284 -30.56 22.08 -32.06
C LEU A 1284 -29.92 20.79 -32.55
N VAL A 1285 -29.01 20.90 -33.49
CA VAL A 1285 -28.30 19.75 -34.04
C VAL A 1285 -26.94 19.66 -33.38
N ARG A 1286 -26.41 18.44 -33.30
CA ARG A 1286 -25.08 18.18 -32.78
C ARG A 1286 -24.14 17.92 -33.95
N LEU A 1287 -23.27 18.89 -34.23
CA LEU A 1287 -22.34 18.82 -35.36
C LEU A 1287 -21.11 18.02 -34.98
N ASP A 1288 -20.57 17.27 -35.94
CA ASP A 1288 -19.37 16.48 -35.72
C ASP A 1288 -18.22 16.83 -36.65
N ASN A 1289 -18.47 17.50 -37.77
CA ASN A 1289 -17.44 17.78 -38.75
C ASN A 1289 -16.66 19.06 -38.45
N ILE A 1290 -16.61 19.46 -37.19
CA ILE A 1290 -15.85 20.64 -36.78
C ILE A 1290 -14.52 20.18 -36.23
N TYR A 1291 -13.48 20.98 -36.46
CA TYR A 1291 -12.14 20.66 -36.03
C TYR A 1291 -11.60 21.78 -35.14
N ALA A 1292 -10.65 21.42 -34.28
CA ALA A 1292 -10.02 22.38 -33.40
C ALA A 1292 -8.68 21.82 -32.97
N ILE A 1293 -7.93 22.64 -32.23
CA ILE A 1293 -6.54 22.37 -31.89
C ILE A 1293 -6.45 22.11 -30.39
N LYS A 1294 -5.91 20.94 -30.04
CA LYS A 1294 -5.56 20.63 -28.66
C LYS A 1294 -4.05 20.53 -28.55
N THR A 1295 -3.47 21.42 -27.76
CA THR A 1295 -2.03 21.60 -27.70
C THR A 1295 -1.46 21.00 -26.42
N ASN A 1296 -0.13 20.96 -26.37
CA ASN A 1296 0.61 20.64 -25.15
C ASN A 1296 1.26 21.91 -24.63
N GLY A 1297 1.05 22.20 -23.36
CA GLY A 1297 1.46 23.47 -22.81
C GLY A 1297 0.39 24.53 -22.99
N THR A 1298 0.42 25.52 -22.11
CA THR A 1298 -0.65 26.51 -22.02
C THR A 1298 -0.10 27.90 -22.17
N ASN A 1299 -0.73 28.69 -23.04
CA ASN A 1299 -0.52 30.14 -23.07
C ASN A 1299 -1.82 30.75 -23.60
N ILE A 1300 -2.69 31.17 -22.68
CA ILE A 1300 -3.92 31.83 -23.07
C ILE A 1300 -3.62 33.20 -23.67
N PHE A 1301 -2.60 33.88 -23.14
CA PHE A 1301 -2.29 35.24 -23.59
C PHE A 1301 -1.91 35.25 -25.07
N GLY A 1302 -0.98 34.38 -25.47
CA GLY A 1302 -0.54 34.37 -26.85
C GLY A 1302 -1.61 33.93 -27.83
N ALA A 1303 -2.36 32.88 -27.48
CA ALA A 1303 -3.42 32.40 -28.36
C ALA A 1303 -4.51 33.47 -28.49
N MET A 1304 -4.84 34.12 -27.38
CA MET A 1304 -5.72 35.28 -27.42
C MET A 1304 -5.17 36.35 -28.35
N LEU A 1305 -3.84 36.50 -28.38
CA LEU A 1305 -3.21 37.49 -29.26
C LEU A 1305 -3.22 37.06 -30.72
N ASP A 1306 -3.22 35.76 -30.98
CA ASP A 1306 -3.15 35.28 -32.36
C ASP A 1306 -4.47 35.53 -33.08
N ASP A 1307 -4.37 35.96 -34.34
CA ASP A 1307 -5.55 36.35 -35.10
C ASP A 1307 -6.13 35.23 -35.95
N ASN A 1308 -5.46 34.08 -36.05
CA ASN A 1308 -6.02 32.97 -36.80
C ASN A 1308 -6.83 32.01 -35.92
N ILE A 1309 -6.98 32.31 -34.64
CA ILE A 1309 -7.72 31.45 -33.71
C ILE A 1309 -8.73 32.31 -32.98
N ASP A 1310 -9.80 31.68 -32.50
CA ASP A 1310 -10.86 32.38 -31.82
C ASP A 1310 -10.42 32.74 -30.41
N PRO A 1311 -10.43 34.03 -30.03
CA PRO A 1311 -9.97 34.39 -28.68
C PRO A 1311 -11.00 34.16 -27.58
N TYR A 1312 -12.28 34.13 -27.91
CA TYR A 1312 -13.30 33.99 -26.88
C TYR A 1312 -13.46 32.55 -26.40
N THR A 1313 -13.01 31.57 -27.17
CA THR A 1313 -13.17 30.17 -26.81
C THR A 1313 -11.84 29.51 -26.43
N ILE A 1314 -10.99 30.22 -25.70
CA ILE A 1314 -9.79 29.58 -25.17
C ILE A 1314 -10.19 28.70 -23.99
N VAL A 1315 -9.82 27.42 -24.06
CA VAL A 1315 -10.08 26.48 -22.98
C VAL A 1315 -8.75 25.85 -22.61
N SER A 1316 -8.29 26.11 -21.40
CA SER A 1316 -6.98 25.68 -20.95
C SER A 1316 -7.12 24.76 -19.75
N SER A 1317 -6.35 23.66 -19.75
CA SER A 1317 -6.41 22.73 -18.64
C SER A 1317 -5.94 23.38 -17.35
N SER A 1318 -4.87 24.19 -17.41
CA SER A 1318 -4.28 24.73 -16.20
C SER A 1318 -5.25 25.66 -15.48
N ILE A 1319 -5.30 25.52 -14.15
CA ILE A 1319 -6.18 26.37 -13.36
C ILE A 1319 -5.53 27.70 -13.06
N GLY A 1320 -4.21 27.73 -12.88
CA GLY A 1320 -3.54 28.99 -12.62
C GLY A 1320 -3.63 29.97 -13.78
N ASP A 1321 -3.39 29.48 -15.00
CA ASP A 1321 -3.50 30.34 -16.17
C ASP A 1321 -4.93 30.83 -16.35
N THR A 1322 -5.89 29.91 -16.23
CA THR A 1322 -7.29 30.29 -16.38
C THR A 1322 -7.67 31.36 -15.38
N MET A 1323 -7.25 31.19 -14.12
CA MET A 1323 -7.49 32.22 -13.12
C MET A 1323 -6.86 33.54 -13.54
N GLU A 1324 -5.56 33.51 -13.85
CA GLU A 1324 -4.81 34.76 -14.00
C GLU A 1324 -5.26 35.57 -15.20
N LEU A 1325 -5.75 34.93 -16.27
CA LEU A 1325 -6.26 35.73 -17.38
C LEU A 1325 -7.78 35.74 -17.53
N TYR A 1326 -8.54 35.12 -16.63
CA TYR A 1326 -9.99 35.12 -16.79
C TYR A 1326 -10.77 35.50 -15.54
N GLY A 1327 -10.14 35.57 -14.36
CA GLY A 1327 -10.87 35.89 -13.16
C GLY A 1327 -11.20 34.67 -12.32
N ILE A 1328 -11.60 34.95 -11.08
CA ILE A 1328 -11.81 33.89 -10.10
C ILE A 1328 -13.01 33.03 -10.48
N GLU A 1329 -14.01 33.60 -11.14
CA GLU A 1329 -15.18 32.80 -11.53
C GLU A 1329 -14.82 31.79 -12.60
N ALA A 1330 -14.05 32.21 -13.60
CA ALA A 1330 -13.59 31.24 -14.59
C ALA A 1330 -12.63 30.24 -13.99
N ALA A 1331 -11.84 30.65 -12.99
CA ALA A 1331 -11.03 29.68 -12.26
C ALA A 1331 -11.89 28.65 -11.56
N ARG A 1332 -13.00 29.09 -10.97
CA ARG A 1332 -13.93 28.17 -10.32
C ARG A 1332 -14.52 27.17 -11.32
N GLN A 1333 -14.95 27.67 -12.47
CA GLN A 1333 -15.50 26.78 -13.50
C GLN A 1333 -14.44 25.80 -13.99
N LYS A 1334 -13.20 26.27 -14.15
CA LYS A 1334 -12.14 25.37 -14.58
C LYS A 1334 -11.85 24.31 -13.54
N ILE A 1335 -11.92 24.68 -12.26
CA ILE A 1335 -11.72 23.71 -11.19
C ILE A 1335 -12.80 22.64 -11.25
N ILE A 1336 -14.05 23.07 -11.42
CA ILE A 1336 -15.14 22.10 -11.53
C ILE A 1336 -14.90 21.16 -12.70
N SER A 1337 -14.53 21.71 -13.85
CA SER A 1337 -14.32 20.88 -15.04
C SER A 1337 -13.18 19.90 -14.83
N GLU A 1338 -12.08 20.35 -14.25
CA GLU A 1338 -10.92 19.47 -14.06
C GLU A 1338 -11.22 18.36 -13.07
N ILE A 1339 -11.88 18.69 -11.95
CA ILE A 1339 -12.23 17.66 -10.99
C ILE A 1339 -13.19 16.66 -11.62
N ARG A 1340 -14.16 17.16 -12.42
CA ARG A 1340 -15.08 16.25 -13.09
C ARG A 1340 -14.35 15.32 -14.03
N THR A 1341 -13.39 15.85 -14.79
CA THR A 1341 -12.62 14.99 -15.70
C THR A 1341 -11.84 13.94 -14.92
N VAL A 1342 -11.28 14.32 -13.78
CA VAL A 1342 -10.52 13.36 -12.99
C VAL A 1342 -11.42 12.26 -12.44
N MET A 1343 -12.60 12.63 -11.92
CA MET A 1343 -13.53 11.61 -11.44
C MET A 1343 -13.94 10.65 -12.56
N GLY A 1344 -14.23 11.19 -13.74
CA GLY A 1344 -14.62 10.35 -14.86
C GLY A 1344 -16.11 10.13 -14.96
N ASP A 1345 -16.52 8.98 -15.50
CA ASP A 1345 -17.94 8.70 -15.68
C ASP A 1345 -18.62 8.36 -14.36
N LYS A 1346 -17.96 7.59 -13.52
CA LYS A 1346 -18.49 7.15 -12.24
C LYS A 1346 -18.52 8.28 -11.21
N GLY A 1347 -17.98 9.45 -11.55
CA GLY A 1347 -17.84 10.57 -10.66
C GLY A 1347 -19.09 10.96 -9.91
N PRO A 1348 -18.91 11.74 -8.85
CA PRO A 1348 -20.00 12.03 -7.92
C PRO A 1348 -20.95 13.07 -8.46
N ASN A 1349 -21.94 13.40 -7.63
CA ASN A 1349 -22.92 14.42 -7.98
C ASN A 1349 -22.23 15.76 -8.14
N HIS A 1350 -22.79 16.59 -9.02
CA HIS A 1350 -22.11 17.83 -9.38
C HIS A 1350 -22.01 18.80 -8.21
N ARG A 1351 -22.93 18.71 -7.24
CA ARG A 1351 -22.85 19.65 -6.13
C ARG A 1351 -21.60 19.43 -5.29
N HIS A 1352 -21.00 18.25 -5.34
CA HIS A 1352 -19.76 18.03 -4.61
C HIS A 1352 -18.59 18.72 -5.28
N LEU A 1353 -18.53 18.66 -6.61
CA LEU A 1353 -17.51 19.43 -7.33
C LEU A 1353 -17.73 20.92 -7.16
N LEU A 1354 -18.99 21.35 -7.13
CA LEU A 1354 -19.31 22.74 -6.82
C LEU A 1354 -18.81 23.12 -5.43
N MET A 1355 -18.99 22.23 -4.45
CA MET A 1355 -18.48 22.49 -3.11
C MET A 1355 -16.97 22.67 -3.11
N TYR A 1356 -16.27 21.76 -3.79
CA TYR A 1356 -14.81 21.87 -3.89
C TYR A 1356 -14.41 23.22 -4.47
N ALA A 1357 -14.97 23.56 -5.63
CA ALA A 1357 -14.57 24.79 -6.31
C ALA A 1357 -14.93 26.02 -5.51
N ASP A 1358 -16.12 26.05 -4.92
CA ASP A 1358 -16.56 27.22 -4.17
C ASP A 1358 -15.73 27.40 -2.89
N LEU A 1359 -15.27 26.31 -2.30
CA LEU A 1359 -14.38 26.46 -1.15
C LEU A 1359 -13.00 26.95 -1.57
N MET A 1360 -12.44 26.34 -2.61
CA MET A 1360 -11.07 26.67 -3.00
C MET A 1360 -10.95 28.05 -3.64
N THR A 1361 -12.07 28.68 -4.01
CA THR A 1361 -12.05 29.98 -4.66
C THR A 1361 -12.90 31.01 -3.93
N ARG A 1362 -13.12 30.82 -2.62
CA ARG A 1362 -14.01 31.73 -1.91
C ARG A 1362 -13.34 33.03 -1.50
N THR A 1363 -12.03 33.13 -1.63
CA THR A 1363 -11.30 34.32 -1.22
C THR A 1363 -10.85 35.18 -2.39
N GLY A 1364 -11.31 34.88 -3.60
CA GLY A 1364 -10.87 35.60 -4.77
C GLY A 1364 -9.62 35.05 -5.43
N GLN A 1365 -8.95 34.09 -4.81
CA GLN A 1365 -7.79 33.44 -5.38
C GLN A 1365 -7.90 31.93 -5.14
N VAL A 1366 -7.31 31.16 -6.04
CA VAL A 1366 -7.40 29.71 -5.94
C VAL A 1366 -6.53 29.26 -4.78
N THR A 1367 -7.15 28.90 -3.67
CA THR A 1367 -6.43 28.39 -2.50
C THR A 1367 -6.47 26.87 -2.50
N SER A 1368 -5.35 26.26 -2.14
CA SER A 1368 -5.24 24.82 -2.20
C SER A 1368 -5.95 24.17 -1.01
N LEU A 1369 -5.99 22.84 -1.03
CA LEU A 1369 -6.47 22.07 0.10
C LEU A 1369 -5.37 21.74 1.09
N GLU A 1370 -4.12 22.04 0.75
CA GLU A 1370 -2.98 21.77 1.62
C GLU A 1370 -3.03 22.78 2.77
N LYS A 1371 -2.12 22.64 3.74
CA LYS A 1371 -2.12 23.49 4.93
C LYS A 1371 -2.09 24.96 4.55
N ALA A 1372 -1.39 25.32 3.47
CA ALA A 1372 -1.32 26.72 3.05
C ALA A 1372 -2.70 27.28 2.71
N GLY A 1373 -3.51 26.49 2.00
CA GLY A 1373 -4.87 26.91 1.76
C GLY A 1373 -5.68 27.05 3.04
N LEU A 1374 -5.40 26.19 4.02
CA LEU A 1374 -6.09 26.30 5.30
C LEU A 1374 -5.75 27.60 5.99
N ASN A 1375 -4.46 28.01 5.95
CA ASN A 1375 -4.10 29.31 6.49
C ASN A 1375 -4.78 30.43 5.74
N ALA A 1376 -4.83 30.33 4.41
CA ALA A 1376 -5.42 31.38 3.61
C ALA A 1376 -6.91 31.55 3.92
N ARG A 1377 -7.63 30.43 4.08
CA ARG A 1377 -9.08 30.51 4.27
C ARG A 1377 -9.45 30.69 5.73
N GLU A 1378 -8.80 29.95 6.63
CA GLU A 1378 -9.16 29.90 8.05
C GLU A 1378 -7.94 30.18 8.90
N PRO A 1379 -7.48 31.44 8.94
CA PRO A 1379 -6.30 31.74 9.76
C PRO A 1379 -6.60 31.79 11.24
N SER A 1380 -7.81 32.19 11.62
CA SER A 1380 -8.16 32.31 13.03
C SER A 1380 -8.47 30.97 13.69
N ASN A 1381 -8.68 29.92 12.91
CA ASN A 1381 -8.96 28.59 13.46
C ASN A 1381 -7.63 27.92 13.76
N VAL A 1382 -7.10 28.21 14.94
CA VAL A 1382 -5.84 27.61 15.36
C VAL A 1382 -5.99 26.10 15.52
N LEU A 1383 -7.08 25.67 16.15
CA LEU A 1383 -7.24 24.26 16.48
C LEU A 1383 -7.35 23.40 15.23
N LEU A 1384 -8.06 23.88 14.21
CA LEU A 1384 -8.20 23.12 12.99
C LEU A 1384 -6.84 22.92 12.33
N ARG A 1385 -6.03 23.97 12.27
CA ARG A 1385 -4.71 23.86 11.66
C ARG A 1385 -3.78 23.00 12.49
N MET A 1386 -3.89 23.05 13.81
CA MET A 1386 -3.11 22.14 14.66
C MET A 1386 -3.50 20.69 14.39
N ALA A 1387 -4.80 20.44 14.23
CA ALA A 1387 -5.26 19.08 13.97
C ALA A 1387 -4.81 18.58 12.60
N LEU A 1388 -4.73 19.47 11.61
CA LEU A 1388 -4.33 19.03 10.28
C LEU A 1388 -2.88 18.54 10.26
N SER A 1389 -1.94 19.43 10.56
CA SER A 1389 -0.53 19.05 10.51
C SER A 1389 0.30 20.07 11.26
N SER A 1390 1.50 19.63 11.66
CA SER A 1390 2.48 20.47 12.34
C SER A 1390 1.90 21.21 13.53
N PRO A 1391 1.44 20.50 14.57
CA PRO A 1391 0.84 21.18 15.71
C PRO A 1391 1.78 22.12 16.44
N VAL A 1392 3.07 21.79 16.51
CA VAL A 1392 4.01 22.60 17.27
C VAL A 1392 4.17 23.98 16.65
N GLN A 1393 4.39 24.04 15.33
CA GLN A 1393 4.65 25.32 14.68
C GLN A 1393 3.45 26.24 14.79
N VAL A 1394 2.25 25.73 14.46
CA VAL A 1394 1.07 26.56 14.50
C VAL A 1394 0.71 26.94 15.92
N LEU A 1395 0.97 26.04 16.88
CA LEU A 1395 0.74 26.41 18.29
C LEU A 1395 1.62 27.58 18.69
N THR A 1396 2.92 27.52 18.34
CA THR A 1396 3.81 28.61 18.67
C THR A 1396 3.40 29.90 18.00
N ASP A 1397 3.01 29.83 16.72
CA ASP A 1397 2.59 31.03 16.00
C ASP A 1397 1.35 31.64 16.62
N ALA A 1398 0.39 30.80 17.01
CA ALA A 1398 -0.81 31.31 17.67
C ALA A 1398 -0.46 31.96 19.00
N ALA A 1399 0.43 31.33 19.77
CA ALA A 1399 0.80 31.88 21.07
C ALA A 1399 1.46 33.24 20.93
N VAL A 1400 2.41 33.37 20.00
CA VAL A 1400 3.09 34.65 19.83
C VAL A 1400 2.14 35.69 19.25
N ASP A 1401 1.21 35.27 18.38
CA ASP A 1401 0.26 36.18 17.78
C ASP A 1401 -0.94 36.44 18.67
N SER A 1402 -1.09 35.70 19.77
CA SER A 1402 -2.23 35.83 20.68
C SER A 1402 -3.55 35.65 19.92
N ALA A 1403 -3.62 34.60 19.12
CA ALA A 1403 -4.79 34.38 18.28
C ALA A 1403 -6.02 34.06 19.12
N VAL A 1404 -7.13 34.69 18.77
CA VAL A 1404 -8.43 34.42 19.39
C VAL A 1404 -9.17 33.48 18.45
N ASN A 1405 -9.32 32.23 18.85
CA ASN A 1405 -9.88 31.21 17.98
C ASN A 1405 -11.34 30.98 18.33
N PRO A 1406 -12.28 31.33 17.46
CA PRO A 1406 -13.70 31.03 17.73
C PRO A 1406 -13.99 29.57 17.44
N ILE A 1407 -14.92 29.01 18.21
CA ILE A 1407 -15.23 27.58 18.10
C ILE A 1407 -16.31 27.41 17.04
N TYR A 1408 -15.92 26.89 15.88
CA TYR A 1408 -16.86 26.61 14.81
C TYR A 1408 -16.35 25.42 14.02
N GLY A 1409 -17.24 24.80 13.26
CA GLY A 1409 -16.83 23.67 12.44
C GLY A 1409 -16.76 22.38 13.24
N ILE A 1410 -15.85 21.50 12.83
CA ILE A 1410 -15.77 20.15 13.35
C ILE A 1410 -14.50 19.95 14.17
N ALA A 1411 -13.35 20.37 13.67
CA ALA A 1411 -12.09 20.11 14.36
C ALA A 1411 -11.94 21.00 15.59
N ALA A 1412 -12.31 22.27 15.47
CA ALA A 1412 -12.14 23.19 16.60
C ALA A 1412 -12.92 22.75 17.83
N PRO A 1413 -14.21 22.40 17.77
CA PRO A 1413 -14.87 21.93 18.98
C PRO A 1413 -14.46 20.53 19.39
N THR A 1414 -14.08 19.68 18.44
CA THR A 1414 -13.61 18.34 18.80
C THR A 1414 -12.34 18.41 19.63
N LEU A 1415 -11.41 19.27 19.26
CA LEU A 1415 -10.17 19.41 20.02
C LEU A 1415 -10.40 19.99 21.39
N MET A 1416 -11.51 20.70 21.61
CA MET A 1416 -11.85 21.23 22.91
C MET A 1416 -12.75 20.30 23.70
N GLY A 1417 -13.00 19.09 23.22
CA GLY A 1417 -13.79 18.13 23.95
C GLY A 1417 -15.28 18.31 23.85
N SER A 1418 -15.75 19.10 22.89
CA SER A 1418 -17.17 19.35 22.71
C SER A 1418 -17.61 18.83 21.34
N VAL A 1419 -18.91 18.61 21.20
CA VAL A 1419 -19.47 18.09 19.95
C VAL A 1419 -19.75 19.28 19.03
N PRO A 1420 -19.53 19.17 17.73
CA PRO A 1420 -19.78 20.29 16.83
C PRO A 1420 -21.26 20.65 16.75
N ARG A 1421 -21.52 21.93 16.47
CA ARG A 1421 -22.87 22.42 16.25
C ARG A 1421 -23.20 22.17 14.78
N ILE A 1422 -23.59 20.93 14.49
CA ILE A 1422 -24.10 20.53 13.19
C ILE A 1422 -25.29 19.61 13.40
N GLY A 1423 -25.75 18.97 12.32
CA GLY A 1423 -27.16 18.70 12.09
C GLY A 1423 -28.10 18.48 13.26
N THR A 1424 -27.88 17.46 14.09
CA THR A 1424 -28.85 17.24 15.16
C THR A 1424 -28.78 18.31 16.23
N MET A 1425 -27.67 19.02 16.33
CA MET A 1425 -27.51 20.10 17.30
C MET A 1425 -27.37 21.47 16.66
N TYR A 1426 -27.75 21.61 15.39
CA TYR A 1426 -27.67 22.92 14.75
C TYR A 1426 -28.70 23.88 15.31
N SER A 1427 -29.90 23.39 15.62
CA SER A 1427 -30.99 24.24 16.09
C SER A 1427 -31.19 24.02 17.58
N ASP A 1428 -31.24 25.11 18.34
CA ASP A 1428 -31.53 25.03 19.75
C ASP A 1428 -32.97 24.60 19.97
N ILE A 1429 -33.19 23.76 20.97
CA ILE A 1429 -34.51 23.30 21.36
C ILE A 1429 -34.81 23.87 22.73
N ILE A 1430 -35.88 24.66 22.83
CA ILE A 1430 -36.26 25.31 24.08
C ILE A 1430 -37.61 24.76 24.51
N MET A 1431 -37.76 24.51 25.80
CA MET A 1431 -39.00 23.95 26.31
C MET A 1431 -40.14 24.94 26.12
N ASP A 1432 -41.28 24.42 25.69
CA ASP A 1432 -42.44 25.24 25.38
C ASP A 1432 -43.11 25.64 26.69
N GLU A 1433 -42.96 26.91 27.08
CA GLU A 1433 -43.48 27.34 28.37
C GLU A 1433 -45.01 27.43 28.34
N LYS A 1434 -45.58 28.07 27.32
CA LYS A 1434 -47.02 28.29 27.35
C LYS A 1434 -47.80 27.02 27.10
N TYR A 1435 -47.28 26.13 26.24
CA TYR A 1435 -47.98 24.87 26.01
C TYR A 1435 -47.95 24.00 27.26
N ILE A 1436 -46.83 24.01 27.99
CA ILE A 1436 -46.74 23.23 29.21
C ILE A 1436 -47.63 23.83 30.31
N THR A 1437 -47.61 25.14 30.45
CA THR A 1437 -48.44 25.80 31.45
C THR A 1437 -49.92 25.57 31.17
N GLU A 1438 -50.32 25.66 29.90
CA GLU A 1438 -51.73 25.60 29.55
C GLU A 1438 -52.20 24.15 29.39
N ASN A 1439 -51.53 23.38 28.53
CA ASN A 1439 -51.99 22.07 28.13
C ASN A 1439 -51.11 20.94 28.68
N TYR A 1440 -50.61 21.11 29.89
CA TYR A 1440 -49.78 20.09 30.52
C TYR A 1440 -49.86 20.28 32.03
N LYS A 1441 -48.95 19.64 32.77
CA LYS A 1441 -48.93 19.66 34.22
C LYS A 1441 -50.22 19.07 34.78
N ILE B 1 38.49 -33.53 -23.90
CA ILE B 1 37.24 -34.25 -23.69
C ILE B 1 36.25 -33.95 -24.82
N THR B 2 35.75 -35.01 -25.46
CA THR B 2 34.75 -34.90 -26.49
C THR B 2 33.58 -35.80 -26.14
N TYR B 3 32.37 -35.28 -26.32
CA TYR B 3 31.16 -36.03 -26.04
C TYR B 3 30.66 -36.73 -27.29
N GLY B 4 29.68 -37.59 -27.11
CA GLY B 4 29.03 -38.25 -28.23
C GLY B 4 28.39 -37.24 -29.15
N PRO B 5 28.40 -37.51 -30.45
CA PRO B 5 27.85 -36.54 -31.40
C PRO B 5 26.37 -36.27 -31.11
N ILE B 6 25.97 -35.02 -31.30
CA ILE B 6 24.60 -34.64 -30.99
C ILE B 6 23.62 -35.16 -32.02
N GLU B 7 24.10 -35.65 -33.17
CA GLU B 7 23.21 -36.19 -34.17
C GLU B 7 22.68 -37.57 -33.82
N THR B 8 23.20 -38.20 -32.76
CA THR B 8 22.81 -39.55 -32.40
C THR B 8 21.98 -39.64 -31.13
N VAL B 9 21.98 -38.60 -30.29
CA VAL B 9 21.23 -38.66 -29.05
C VAL B 9 19.74 -38.73 -29.36
N ASP B 10 19.05 -39.69 -28.73
CA ASP B 10 17.63 -39.93 -28.97
C ASP B 10 16.83 -39.21 -27.91
N ASN B 11 16.14 -38.15 -28.30
CA ASN B 11 15.39 -37.33 -27.37
C ASN B 11 13.90 -37.30 -27.66
N GLU B 12 13.44 -37.99 -28.70
CA GLU B 12 12.05 -37.86 -29.11
C GLU B 12 11.10 -38.39 -28.04
N GLU B 13 11.45 -39.51 -27.41
CA GLU B 13 10.57 -40.14 -26.43
C GLU B 13 10.72 -39.55 -25.03
N LEU B 14 11.26 -38.34 -24.92
CA LEU B 14 11.47 -37.69 -23.64
C LEU B 14 10.28 -36.77 -23.36
N THR B 15 9.60 -37.00 -22.24
CA THR B 15 8.42 -36.24 -21.88
C THR B 15 8.73 -35.22 -20.79
N GLU B 16 7.77 -34.33 -20.54
CA GLU B 16 7.94 -33.32 -19.50
C GLU B 16 8.02 -33.96 -18.11
N ALA B 17 7.19 -34.97 -17.86
CA ALA B 17 7.26 -35.67 -16.58
C ALA B 17 8.62 -36.33 -16.38
N ASP B 18 9.35 -36.59 -17.46
CA ASP B 18 10.74 -37.01 -17.30
C ASP B 18 11.62 -35.85 -16.85
N MET B 19 11.36 -34.65 -17.36
CA MET B 19 12.12 -33.47 -16.93
C MET B 19 11.87 -33.16 -15.47
N LEU B 20 10.72 -33.58 -14.95
CA LEU B 20 10.49 -33.45 -13.51
C LEU B 20 11.53 -34.24 -12.72
N SER B 21 12.08 -35.31 -13.31
CA SER B 21 13.16 -36.02 -12.65
C SER B 21 14.41 -35.17 -12.54
N PHE B 22 14.70 -34.37 -13.58
CA PHE B 22 15.82 -33.44 -13.49
C PHE B 22 15.57 -32.39 -12.43
N ILE B 23 14.33 -31.90 -12.34
CA ILE B 23 13.99 -30.97 -11.26
C ILE B 23 14.27 -31.60 -9.90
N SER B 24 13.88 -32.87 -9.75
CA SER B 24 14.12 -33.58 -8.50
C SER B 24 15.61 -33.74 -8.22
N ALA B 25 16.39 -34.03 -9.26
CA ALA B 25 17.84 -34.16 -9.07
C ALA B 25 18.44 -32.85 -8.61
N ALA B 26 18.02 -31.74 -9.22
CA ALA B 26 18.52 -30.44 -8.80
C ALA B 26 18.15 -30.15 -7.35
N VAL B 27 16.92 -30.45 -6.97
CA VAL B 27 16.49 -30.21 -5.59
C VAL B 27 17.27 -31.08 -4.63
N ASN B 28 17.49 -32.35 -4.98
CA ASN B 28 18.24 -33.25 -4.12
C ASN B 28 19.67 -32.77 -3.91
N SER B 29 20.31 -32.32 -4.99
CA SER B 29 21.66 -31.77 -4.85
C SER B 29 21.64 -30.52 -3.97
N THR B 30 20.67 -29.63 -4.18
CA THR B 30 20.57 -28.43 -3.37
C THR B 30 20.29 -28.75 -1.90
N GLY B 31 19.38 -29.69 -1.65
CA GLY B 31 18.94 -29.96 -0.30
C GLY B 31 17.79 -29.09 0.16
N LEU B 32 17.48 -28.03 -0.59
CA LEU B 32 16.33 -27.14 -0.41
C LEU B 32 16.49 -26.21 0.78
N ILE B 33 17.45 -26.47 1.66
CA ILE B 33 17.86 -25.51 2.68
C ILE B 33 19.38 -25.53 2.80
N GLY B 34 20.03 -26.35 1.98
CA GLY B 34 21.42 -26.71 2.24
C GLY B 34 22.35 -25.53 2.38
N TYR B 35 22.06 -24.44 1.66
CA TYR B 35 22.93 -23.27 1.74
C TYR B 35 22.99 -22.69 3.14
N ASN B 36 21.90 -22.77 3.91
CA ASN B 36 21.92 -22.21 5.26
C ASN B 36 22.90 -22.94 6.15
N ILE B 37 22.77 -24.27 6.23
CA ILE B 37 23.67 -25.05 7.08
C ILE B 37 25.10 -24.95 6.56
N LYS B 38 25.28 -25.02 5.24
CA LYS B 38 26.62 -24.95 4.69
C LYS B 38 27.27 -23.60 4.99
N SER B 39 26.51 -22.51 4.89
CA SER B 39 27.06 -21.20 5.17
C SER B 39 27.38 -21.03 6.64
N PHE B 40 26.54 -21.55 7.53
CA PHE B 40 26.85 -21.43 8.95
C PHE B 40 28.06 -22.26 9.34
N ASP B 41 28.17 -23.48 8.79
CA ASP B 41 29.36 -24.29 9.04
C ASP B 41 30.60 -23.61 8.49
N ASP B 42 30.49 -23.01 7.30
CA ASP B 42 31.60 -22.25 6.75
C ASP B 42 31.96 -21.08 7.66
N LEU B 43 30.97 -20.40 8.20
CA LEU B 43 31.23 -19.35 9.18
C LEU B 43 32.09 -19.88 10.32
N MET B 44 31.58 -20.87 11.05
CA MET B 44 32.29 -21.35 12.24
C MET B 44 33.64 -21.98 11.90
N ASP B 45 33.80 -22.48 10.68
CA ASP B 45 35.05 -23.16 10.37
C ASP B 45 36.13 -22.21 9.85
N ASN B 46 35.77 -21.32 8.93
CA ASN B 46 36.73 -20.37 8.36
C ASN B 46 36.60 -18.99 9.01
N GLY B 47 35.40 -18.40 8.94
CA GLY B 47 35.29 -16.96 9.13
C GLY B 47 35.58 -16.52 10.55
N ILE B 48 34.98 -17.19 11.53
CA ILE B 48 35.18 -16.77 12.92
C ILE B 48 36.64 -16.86 13.34
N PRO B 49 37.35 -17.97 13.13
CA PRO B 49 38.81 -17.94 13.35
C PRO B 49 39.50 -16.92 12.47
N GLN B 50 39.09 -16.79 11.21
CA GLN B 50 39.73 -15.84 10.32
C GLN B 50 39.54 -14.41 10.83
N ILE B 51 38.30 -14.04 11.17
CA ILE B 51 38.05 -12.70 11.67
C ILE B 51 38.85 -12.44 12.95
N VAL B 52 38.74 -13.37 13.91
CA VAL B 52 39.36 -13.16 15.20
C VAL B 52 40.87 -13.01 15.07
N LYS B 53 41.50 -13.89 14.30
CA LYS B 53 42.95 -13.86 14.20
C LYS B 53 43.43 -12.73 13.29
N GLN B 54 43.04 -12.76 12.02
CA GLN B 54 43.59 -11.82 11.06
C GLN B 54 43.12 -10.39 11.32
N MET B 55 41.82 -10.21 11.53
CA MET B 55 41.26 -8.87 11.43
C MET B 55 41.39 -8.06 12.71
N PHE B 56 41.23 -8.69 13.87
CA PHE B 56 41.19 -7.97 15.14
C PHE B 56 42.56 -7.98 15.82
N ASN B 57 43.52 -7.32 15.19
CA ASN B 57 44.78 -7.00 15.83
C ASN B 57 44.71 -5.61 16.43
N VAL B 58 45.18 -5.47 17.66
CA VAL B 58 45.07 -4.22 18.40
C VAL B 58 46.46 -3.66 18.62
N ASP B 59 46.64 -2.37 18.27
CA ASP B 59 47.90 -1.68 18.44
C ASP B 59 47.54 -0.21 18.75
N ILE B 60 47.45 0.09 20.04
CA ILE B 60 47.12 1.43 20.50
C ILE B 60 48.15 1.84 21.54
N THR B 61 48.30 3.15 21.71
CA THR B 61 49.25 3.71 22.67
C THR B 61 48.53 4.69 23.57
N TYR B 62 48.75 4.58 24.87
CA TYR B 62 48.08 5.39 25.87
C TYR B 62 49.09 6.09 26.76
N LYS B 63 48.73 7.28 27.22
CA LYS B 63 49.62 8.13 28.01
C LYS B 63 48.94 8.51 29.31
N ASP B 64 49.66 8.34 30.43
CA ASP B 64 49.16 8.73 31.74
C ASP B 64 50.28 9.27 32.61
N ASP B 72 60.53 7.02 36.93
CA ASP B 72 59.13 6.68 36.72
C ASP B 72 58.37 7.85 36.09
N LYS B 73 58.91 9.05 36.25
CA LYS B 73 58.40 10.22 35.55
C LYS B 73 58.90 10.27 34.12
N LEU B 74 59.85 9.43 33.76
CA LEU B 74 60.37 9.32 32.41
C LEU B 74 59.43 8.57 31.47
N ARG B 75 58.45 7.84 32.02
CA ARG B 75 57.49 7.10 31.21
C ARG B 75 56.44 8.05 30.66
N GLU B 76 56.30 8.10 29.34
CA GLU B 76 55.34 8.99 28.69
C GLU B 76 54.13 8.25 28.12
N SER B 77 54.33 7.04 27.61
CA SER B 77 53.24 6.31 26.97
C SER B 77 53.48 4.82 27.09
N VAL B 78 52.39 4.05 26.94
CA VAL B 78 52.43 2.60 26.91
C VAL B 78 51.75 2.14 25.63
N GLN B 79 52.43 1.31 24.86
CA GLN B 79 51.89 0.79 23.62
C GLN B 79 51.36 -0.61 23.86
N ILE B 80 50.04 -0.76 23.83
CA ILE B 80 49.39 -2.05 24.01
C ILE B 80 49.27 -2.72 22.64
N GLN B 81 49.80 -3.93 22.53
CA GLN B 81 49.67 -4.72 21.31
C GLN B 81 49.33 -6.15 21.71
N PHE B 82 48.22 -6.66 21.20
CA PHE B 82 47.89 -8.06 21.40
C PHE B 82 47.12 -8.58 20.20
N ASN B 83 47.19 -9.89 20.01
CA ASN B 83 46.47 -10.56 18.93
C ASN B 83 46.08 -11.95 19.40
N PHE B 84 44.91 -12.40 18.94
CA PHE B 84 44.41 -13.72 19.27
C PHE B 84 44.87 -14.71 18.21
N THR B 85 45.51 -15.80 18.65
CA THR B 85 45.62 -16.99 17.82
C THR B 85 45.17 -18.18 18.65
N ASP B 86 43.87 -18.25 18.90
CA ASP B 86 43.12 -19.47 19.19
C ASP B 86 41.65 -19.07 19.28
N VAL B 87 40.79 -19.72 18.50
CA VAL B 87 39.36 -19.53 18.66
C VAL B 87 38.64 -20.76 18.14
N ASN B 88 37.82 -21.36 18.98
CA ASN B 88 37.01 -22.50 18.58
C ASN B 88 35.67 -22.39 19.27
N ILE B 89 34.62 -22.77 18.55
CA ILE B 89 33.25 -22.72 19.07
C ILE B 89 32.81 -24.17 19.26
N GLU B 90 32.66 -24.58 20.50
CA GLU B 90 32.15 -25.90 20.84
C GLU B 90 30.64 -25.86 21.06
N ARG B 91 30.03 -27.04 21.14
CA ARG B 91 28.58 -27.17 21.11
C ARG B 91 27.98 -26.61 22.40
N PRO B 92 26.68 -26.27 22.38
CA PRO B 92 26.07 -25.63 23.55
C PRO B 92 26.13 -26.51 24.78
N GLN B 93 26.37 -25.89 25.92
CA GLN B 93 26.51 -26.58 27.19
C GLN B 93 25.58 -25.96 28.21
N HIS B 94 25.18 -26.78 29.19
CA HIS B 94 24.37 -26.30 30.30
C HIS B 94 24.93 -26.89 31.58
N ARG B 95 25.01 -26.09 32.63
CA ARG B 95 25.50 -26.54 33.92
C ARG B 95 24.31 -27.00 34.74
N ASN B 96 24.31 -28.27 35.14
CA ASN B 96 23.10 -28.90 35.67
C ASN B 96 22.76 -28.37 37.05
N TYR B 97 23.67 -28.54 38.00
CA TYR B 97 23.45 -28.13 39.40
C TYR B 97 24.56 -27.19 39.84
N SER B 98 24.83 -26.17 39.01
CA SER B 98 25.86 -25.17 39.26
C SER B 98 27.25 -25.80 39.30
N GLN B 99 27.48 -26.69 40.25
CA GLN B 99 28.79 -27.33 40.42
C GLN B 99 29.01 -28.49 39.48
N GLY B 100 28.23 -28.61 38.40
CA GLY B 100 28.42 -29.68 37.45
C GLY B 100 29.56 -29.43 36.50
N ASN B 101 29.90 -30.46 35.73
CA ASN B 101 30.94 -30.37 34.71
C ASN B 101 30.45 -29.69 33.44
N LYS B 102 29.22 -29.18 33.43
CA LYS B 102 28.55 -28.65 32.24
C LYS B 102 28.27 -29.81 31.29
N ILE B 103 27.03 -29.87 30.78
CA ILE B 103 26.57 -31.00 30.00
C ILE B 103 25.92 -30.50 28.73
N ASN B 104 25.71 -31.42 27.79
CA ASN B 104 25.14 -31.07 26.50
C ASN B 104 23.76 -30.47 26.67
N LEU B 105 23.46 -29.47 25.85
CA LEU B 105 22.20 -28.74 25.88
C LEU B 105 21.42 -29.08 24.62
N LEU B 106 20.51 -30.03 24.73
CA LEU B 106 19.72 -30.40 23.56
C LEU B 106 18.76 -29.26 23.19
N PRO B 107 18.44 -29.11 21.90
CA PRO B 107 17.65 -27.94 21.48
C PRO B 107 16.31 -27.81 22.17
N ASN B 108 15.61 -28.90 22.43
CA ASN B 108 14.31 -28.80 23.07
C ASN B 108 14.42 -28.30 24.51
N LYS B 109 15.50 -28.66 25.20
CA LYS B 109 15.73 -28.11 26.53
C LYS B 109 15.85 -26.60 26.47
N ALA B 110 16.59 -26.09 25.49
CA ALA B 110 16.71 -24.64 25.32
C ALA B 110 15.37 -24.01 25.02
N ARG B 111 14.60 -24.63 24.12
CA ARG B 111 13.32 -24.06 23.73
C ARG B 111 12.36 -24.00 24.90
N LEU B 112 12.36 -25.04 25.74
CA LEU B 112 11.41 -25.10 26.83
C LEU B 112 11.83 -24.19 27.99
N CYS B 113 13.12 -24.14 28.30
CA CYS B 113 13.59 -23.32 29.40
C CYS B 113 13.86 -21.87 29.01
N GLY B 114 13.74 -21.53 27.72
CA GLY B 114 14.07 -20.20 27.28
C GLY B 114 15.56 -19.95 27.13
N LEU B 115 16.38 -20.97 27.30
CA LEU B 115 17.82 -20.80 27.14
C LEU B 115 18.16 -20.56 25.67
N SER B 116 19.33 -20.00 25.44
CA SER B 116 19.80 -19.72 24.09
C SER B 116 20.72 -20.83 23.63
N TYR B 117 20.44 -21.36 22.45
CA TYR B 117 21.24 -22.45 21.88
C TYR B 117 22.58 -21.88 21.40
N SER B 118 23.45 -21.60 22.37
CA SER B 118 24.71 -20.94 22.14
C SER B 118 25.86 -21.81 22.63
N GLY B 119 26.87 -21.99 21.78
CA GLY B 119 28.05 -22.71 22.16
C GLY B 119 29.16 -21.77 22.59
N PRO B 120 29.89 -22.14 23.64
CA PRO B 120 30.92 -21.24 24.15
C PRO B 120 32.06 -21.05 23.16
N VAL B 121 32.65 -19.86 23.21
CA VAL B 121 33.79 -19.50 22.37
C VAL B 121 35.02 -19.39 23.25
N ASN B 122 36.05 -20.18 22.92
CA ASN B 122 37.28 -20.21 23.68
C ASN B 122 38.35 -19.43 22.94
N LEU B 123 39.07 -18.57 23.65
CA LEU B 123 40.01 -17.64 23.04
C LEU B 123 41.35 -17.70 23.77
N ALA B 124 42.42 -17.49 22.99
CA ALA B 124 43.77 -17.36 23.53
C ALA B 124 44.51 -16.32 22.72
N ALA B 125 45.28 -15.49 23.41
CA ALA B 125 45.92 -14.34 22.79
C ALA B 125 47.38 -14.24 23.21
N GLU B 126 48.17 -13.56 22.37
CA GLU B 126 49.52 -13.16 22.70
C GLU B 126 49.53 -11.65 22.87
N VAL B 127 50.07 -11.18 23.99
CA VAL B 127 50.00 -9.77 24.34
C VAL B 127 51.42 -9.20 24.42
N ILE B 128 51.57 -7.97 23.92
CA ILE B 128 52.82 -7.24 24.01
C ILE B 128 52.52 -5.88 24.61
N LEU B 129 52.92 -5.68 25.86
CA LEU B 129 52.83 -4.39 26.53
C LEU B 129 54.20 -3.74 26.48
N THR B 130 54.34 -2.72 25.62
CA THR B 130 55.61 -2.03 25.43
C THR B 130 55.46 -0.60 25.90
N ALA B 131 56.37 -0.17 26.77
CA ALA B 131 56.35 1.18 27.33
C ALA B 131 57.48 1.98 26.71
N HIS B 132 57.14 3.16 26.19
CA HIS B 132 58.11 4.07 25.63
C HIS B 132 58.37 5.20 26.63
N TYR B 133 59.63 5.37 27.02
CA TYR B 133 60.01 6.37 27.99
C TYR B 133 60.39 7.66 27.29
N SER B 134 60.74 8.66 28.08
CA SER B 134 61.33 9.87 27.52
C SER B 134 62.71 9.56 26.95
N ASN B 135 63.17 10.41 26.05
CA ASN B 135 64.45 10.27 25.35
C ASN B 135 64.62 8.91 24.69
N GLY B 136 63.51 8.22 24.39
CA GLY B 136 63.54 7.06 23.52
C GLY B 136 63.84 5.72 24.15
N ARG B 137 63.90 5.64 25.48
CA ARG B 137 64.12 4.35 26.13
C ARG B 137 62.84 3.53 26.10
N GLN B 138 63.00 2.23 25.84
CA GLN B 138 61.88 1.36 25.53
C GLN B 138 62.01 0.04 26.27
N GLU B 139 60.90 -0.44 26.82
CA GLU B 139 60.82 -1.73 27.49
C GLU B 139 59.61 -2.49 26.99
N VAL B 140 59.74 -3.81 26.89
CA VAL B 140 58.71 -4.67 26.32
C VAL B 140 58.34 -5.74 27.35
N LYS B 141 57.05 -5.81 27.68
CA LYS B 141 56.51 -6.85 28.53
C LYS B 141 55.59 -7.74 27.70
N ARG B 142 55.83 -9.04 27.74
CA ARG B 142 55.14 -9.99 26.88
C ARG B 142 54.60 -11.14 27.71
N ALA B 143 53.42 -11.64 27.34
CA ALA B 143 52.80 -12.75 28.04
C ALA B 143 52.05 -13.63 27.05
N SER B 144 52.12 -14.94 27.28
CA SER B 144 51.35 -15.92 26.54
C SER B 144 50.13 -16.28 27.37
N ILE B 145 48.96 -15.93 26.87
CA ILE B 145 47.73 -15.94 27.66
C ILE B 145 46.97 -17.23 27.35
N PRO B 146 46.63 -18.04 28.35
CA PRO B 146 46.10 -19.38 28.08
C PRO B 146 44.68 -19.31 27.54
N PRO B 147 44.23 -20.37 26.85
CA PRO B 147 42.88 -20.35 26.29
C PRO B 147 41.79 -20.22 27.33
N PHE B 148 41.08 -19.11 27.31
CA PHE B 148 39.97 -18.83 28.21
C PHE B 148 38.67 -18.76 27.39
N GLN B 149 37.56 -18.54 28.09
CA GLN B 149 36.25 -18.54 27.43
C GLN B 149 35.34 -17.55 28.14
N VAL B 150 35.20 -16.34 27.60
CA VAL B 150 34.08 -15.50 27.96
C VAL B 150 33.39 -15.06 26.67
N SER B 151 32.51 -15.93 26.16
CA SER B 151 31.69 -15.67 24.99
C SER B 151 30.82 -16.89 24.70
N THR B 152 29.63 -16.68 24.16
CA THR B 152 28.82 -17.77 23.65
C THR B 152 28.16 -17.34 22.35
N PHE B 153 28.30 -18.17 21.33
CA PHE B 153 27.83 -17.87 19.99
C PHE B 153 26.62 -18.72 19.65
N PRO B 154 25.49 -18.13 19.28
CA PRO B 154 24.29 -18.93 19.00
C PRO B 154 24.52 -19.90 17.86
N ILE B 155 24.01 -21.12 18.04
CA ILE B 155 24.23 -22.21 17.10
C ILE B 155 22.96 -22.45 16.30
N MET B 156 23.10 -22.52 14.99
CA MET B 156 21.95 -22.81 14.15
C MET B 156 21.62 -24.30 14.22
N ARG B 157 20.34 -24.62 14.36
CA ARG B 157 19.92 -26.01 14.41
C ARG B 157 20.25 -26.73 13.12
N GLY B 158 20.93 -27.87 13.23
CA GLY B 158 21.32 -28.65 12.08
C GLY B 158 22.76 -28.44 11.64
N SER B 159 23.41 -27.39 12.11
CA SER B 159 24.79 -27.13 11.73
C SER B 159 25.72 -28.12 12.42
N ASN B 160 26.99 -28.13 11.98
CA ASN B 160 27.92 -29.12 12.48
C ASN B 160 28.24 -28.93 13.96
N ARG B 161 27.86 -27.79 14.55
CA ARG B 161 27.99 -27.58 15.99
C ARG B 161 26.66 -27.71 16.72
N CYS B 162 25.62 -28.21 16.05
CA CYS B 162 24.37 -28.55 16.70
C CYS B 162 24.45 -29.99 17.22
N HIS B 163 23.88 -30.22 18.40
CA HIS B 163 23.95 -31.57 18.97
C HIS B 163 23.22 -32.59 18.11
N THR B 164 22.20 -32.17 17.37
CA THR B 164 21.46 -33.11 16.54
C THR B 164 22.29 -33.61 15.36
N HIS B 165 23.45 -33.00 15.10
CA HIS B 165 24.25 -33.41 13.95
C HIS B 165 24.80 -34.82 14.13
N HIS B 166 25.05 -35.25 15.38
CA HIS B 166 25.35 -36.64 15.66
C HIS B 166 24.21 -37.41 16.30
N LEU B 167 22.98 -37.11 15.95
CA LEU B 167 21.86 -37.94 16.37
C LEU B 167 21.14 -38.47 15.14
N SER B 168 20.69 -39.71 15.24
CA SER B 168 19.93 -40.34 14.18
C SER B 168 18.49 -39.85 14.20
N LYS B 169 17.76 -40.17 13.13
CA LYS B 169 16.40 -39.64 12.98
C LYS B 169 15.50 -40.12 14.11
N THR B 170 15.61 -41.39 14.50
CA THR B 170 14.82 -41.88 15.64
C THR B 170 15.30 -41.24 16.93
N ALA B 171 16.61 -41.02 17.07
CA ALA B 171 17.12 -40.33 18.25
C ALA B 171 16.55 -38.93 18.35
N LYS B 172 16.50 -38.20 17.23
CA LYS B 172 15.84 -36.90 17.22
C LYS B 172 14.35 -37.03 17.57
N LYS B 173 13.71 -38.08 17.04
CA LYS B 173 12.29 -38.31 17.33
C LYS B 173 12.05 -38.37 18.83
N GLU B 174 12.85 -39.16 19.53
CA GLU B 174 12.65 -39.30 20.97
C GLU B 174 13.14 -38.09 21.76
N ILE B 175 14.16 -37.38 21.25
CA ILE B 175 14.62 -36.17 21.91
C ILE B 175 13.53 -35.10 21.90
N GLY B 176 12.89 -34.89 20.75
CA GLY B 176 11.89 -33.86 20.63
C GLY B 176 12.00 -33.01 19.39
N GLU B 177 12.89 -33.36 18.47
CA GLU B 177 13.03 -32.66 17.21
C GLU B 177 12.17 -33.32 16.15
N ASP B 178 11.85 -32.56 15.12
CA ASP B 178 11.22 -33.17 13.95
C ASP B 178 12.28 -33.98 13.22
N PRO B 179 12.07 -35.28 13.04
CA PRO B 179 13.05 -36.06 12.26
C PRO B 179 13.20 -35.57 10.83
N ASN B 180 12.12 -35.07 10.24
CA ASN B 180 12.14 -34.68 8.83
C ASN B 180 12.58 -33.25 8.62
N GLU B 181 12.37 -32.37 9.59
CA GLU B 181 12.78 -30.98 9.42
C GLU B 181 14.30 -30.91 9.35
N PRO B 182 14.85 -30.07 8.50
CA PRO B 182 16.31 -30.03 8.33
C PRO B 182 17.02 -29.20 9.38
N GLY B 183 16.39 -28.12 9.82
CA GLY B 183 17.02 -27.14 10.68
C GLY B 183 17.21 -25.81 9.97
N GLY B 184 18.26 -25.10 10.34
CA GLY B 184 18.56 -23.84 9.72
C GLY B 184 18.04 -22.62 10.44
N TYR B 185 17.58 -22.75 11.67
CA TYR B 185 17.09 -21.64 12.46
C TYR B 185 17.85 -21.57 13.77
N PHE B 186 17.66 -20.46 14.48
CA PHE B 186 18.34 -20.21 15.74
C PHE B 186 17.33 -20.18 16.87
N ILE B 187 17.73 -20.74 18.01
CA ILE B 187 16.90 -20.74 19.21
C ILE B 187 17.48 -19.69 20.14
N ALA B 188 16.66 -18.72 20.52
CA ALA B 188 17.11 -17.60 21.35
C ALA B 188 15.97 -17.13 22.22
N ARG B 189 16.13 -17.25 23.53
CA ARG B 189 15.13 -16.82 24.50
C ARG B 189 13.78 -17.47 24.24
N GLY B 190 13.78 -18.81 24.15
CA GLY B 190 12.56 -19.56 24.05
C GLY B 190 11.85 -19.49 22.71
N GLY B 191 12.48 -18.90 21.69
CA GLY B 191 11.88 -18.80 20.38
C GLY B 191 12.78 -19.42 19.32
N GLU B 192 12.27 -19.44 18.09
CA GLU B 192 13.01 -19.90 16.93
C GLU B 192 13.08 -18.77 15.93
N TRP B 193 14.28 -18.46 15.47
CA TRP B 193 14.52 -17.32 14.60
C TRP B 193 15.27 -17.77 13.35
N VAL B 194 14.87 -17.22 12.21
CA VAL B 194 15.45 -17.59 10.92
C VAL B 194 16.20 -16.38 10.38
N VAL B 195 17.50 -16.51 10.22
CA VAL B 195 18.30 -15.46 9.60
C VAL B 195 18.10 -15.56 8.09
N ASP B 196 17.38 -14.60 7.52
CA ASP B 196 17.02 -14.68 6.13
C ASP B 196 18.20 -14.29 5.24
N LEU B 197 18.05 -14.60 3.96
CA LEU B 197 19.06 -14.27 2.95
C LEU B 197 18.91 -12.80 2.60
N LEU B 198 19.79 -11.95 3.13
CA LEU B 198 19.75 -10.53 2.83
C LEU B 198 20.06 -10.29 1.37
N GLU B 199 19.24 -9.45 0.73
CA GLU B 199 19.47 -9.06 -0.64
C GLU B 199 20.45 -7.90 -0.67
N ASN B 200 21.63 -8.12 -1.24
CA ASN B 200 22.71 -7.15 -1.18
C ASN B 200 23.27 -6.90 -2.57
N ILE B 201 23.71 -5.66 -2.79
CA ILE B 201 24.36 -5.33 -4.05
C ILE B 201 25.70 -6.07 -4.13
N ARG B 202 26.19 -6.23 -5.34
CA ARG B 202 27.41 -6.99 -5.55
C ARG B 202 28.63 -6.15 -5.16
N PHE B 203 29.55 -6.78 -4.43
CA PHE B 203 30.80 -6.13 -4.10
C PHE B 203 31.75 -6.18 -5.29
N ASN B 204 32.75 -5.29 -5.27
CA ASN B 204 33.73 -5.18 -6.35
C ASN B 204 33.05 -4.90 -7.69
N THR B 205 31.93 -4.18 -7.64
CA THR B 205 31.18 -3.82 -8.84
C THR B 205 30.76 -2.37 -8.73
N LEU B 206 30.94 -1.61 -9.81
CA LEU B 206 30.64 -0.20 -9.83
C LEU B 206 29.17 0.01 -10.16
N HIS B 207 28.42 0.58 -9.22
CA HIS B 207 26.99 0.84 -9.39
C HIS B 207 26.79 2.33 -9.65
N ILE B 208 26.33 2.67 -10.84
CA ILE B 208 26.23 4.05 -11.29
C ILE B 208 24.75 4.36 -11.52
N HIS B 209 24.13 5.02 -10.56
CA HIS B 209 22.75 5.49 -10.74
C HIS B 209 22.68 6.99 -10.53
N TYR B 210 21.86 7.65 -11.35
CA TYR B 210 21.77 9.09 -11.33
C TYR B 210 21.23 9.59 -9.99
N HIS B 211 21.69 10.78 -9.60
CA HIS B 211 21.27 11.44 -8.36
C HIS B 211 19.88 12.08 -8.55
N THR B 212 18.91 11.23 -8.84
CA THR B 212 17.56 11.68 -9.13
C THR B 212 16.75 11.92 -7.86
N ASN B 218 22.62 19.32 -6.10
CA ASN B 218 23.92 19.90 -6.40
C ASN B 218 24.75 18.79 -7.02
N GLU B 219 24.21 17.57 -6.98
CA GLU B 219 24.91 16.41 -7.49
C GLU B 219 24.42 16.03 -8.89
N ILE B 220 25.27 15.29 -9.58
CA ILE B 220 24.96 14.65 -10.86
C ILE B 220 25.34 13.20 -10.66
N ILE B 221 25.43 12.43 -11.75
CA ILE B 221 25.70 11.01 -11.75
C ILE B 221 26.71 10.60 -10.68
N ARG B 222 26.42 9.51 -9.97
CA ARG B 222 27.24 9.05 -8.86
C ARG B 222 27.52 7.56 -9.04
N GLY B 223 28.76 7.16 -8.78
CA GLY B 223 29.16 5.76 -8.85
C GLY B 223 29.69 5.29 -7.50
N GLU B 224 29.22 4.13 -7.07
CA GLU B 224 29.65 3.55 -5.80
C GLU B 224 30.32 2.22 -6.07
N PHE B 225 31.53 2.06 -5.57
CA PHE B 225 32.29 0.83 -5.71
C PHE B 225 32.67 0.34 -4.32
N ILE B 226 32.08 -0.77 -3.91
CA ILE B 226 32.39 -1.38 -2.62
C ILE B 226 33.41 -2.47 -2.87
N SER B 227 34.60 -2.30 -2.30
CA SER B 227 35.72 -3.20 -2.56
C SER B 227 35.94 -4.11 -1.36
N GLN B 228 35.86 -5.42 -1.58
CA GLN B 228 36.14 -6.39 -0.54
C GLN B 228 37.48 -7.06 -0.82
N PRO B 229 38.47 -6.89 0.05
CA PRO B 229 39.83 -7.34 -0.30
C PRO B 229 39.94 -8.81 -0.63
N GLY B 230 39.22 -9.67 0.08
CA GLY B 230 39.46 -11.10 -0.06
C GLY B 230 38.19 -11.92 -0.08
N GLY B 231 38.11 -12.89 0.83
CA GLY B 231 36.98 -13.78 0.89
C GLY B 231 35.71 -13.09 1.35
N ALA B 232 34.76 -13.92 1.78
CA ALA B 232 33.45 -13.42 2.17
C ALA B 232 33.52 -12.54 3.41
N PHE B 233 34.49 -12.78 4.29
CA PHE B 233 34.49 -12.20 5.62
C PHE B 233 35.33 -10.94 5.76
N GLU B 234 36.12 -10.60 4.75
CA GLU B 234 36.94 -9.39 4.83
C GLU B 234 36.07 -8.14 4.82
N ASN B 235 36.42 -7.17 5.65
CA ASN B 235 35.68 -5.92 5.70
C ASN B 235 35.94 -5.10 4.44
N SER B 236 34.88 -4.50 3.93
CA SER B 236 34.92 -3.80 2.65
C SER B 236 34.88 -2.30 2.83
N SER B 237 35.75 -1.60 2.12
CA SER B 237 35.82 -0.15 2.15
C SER B 237 35.16 0.40 0.91
N GLN B 238 34.09 1.15 1.09
CA GLN B 238 33.29 1.69 0.00
C GLN B 238 33.85 3.02 -0.45
N ILE B 239 34.06 3.18 -1.75
CA ILE B 239 34.52 4.43 -2.34
C ILE B 239 33.43 4.96 -3.25
N ILE B 240 33.05 6.21 -3.03
CA ILE B 240 31.95 6.84 -3.75
C ILE B 240 32.53 7.96 -4.61
N ILE B 241 32.34 7.84 -5.91
CA ILE B 241 32.79 8.84 -6.88
C ILE B 241 31.58 9.68 -7.27
N ARG B 242 31.71 10.99 -7.17
CA ARG B 242 30.63 11.90 -7.52
C ARG B 242 31.07 12.83 -8.64
N TYR B 243 30.18 13.07 -9.58
CA TYR B 243 30.31 14.16 -10.54
C TYR B 243 29.30 15.23 -10.12
N MET B 244 29.81 16.42 -9.80
CA MET B 244 29.00 17.44 -9.16
C MET B 244 28.58 18.51 -10.16
N THR B 245 27.54 19.27 -9.80
CA THR B 245 27.08 20.35 -10.66
C THR B 245 28.10 21.48 -10.76
N THR B 246 29.06 21.54 -9.82
CA THR B 246 30.12 22.54 -9.90
C THR B 246 31.13 22.23 -10.99
N GLY B 247 31.06 21.05 -11.61
CA GLY B 247 32.02 20.62 -12.59
C GLY B 247 33.08 19.69 -12.06
N ALA B 248 33.26 19.62 -10.75
CA ALA B 248 34.31 18.81 -10.16
C ALA B 248 33.92 17.34 -10.11
N ILE B 249 34.91 16.49 -9.88
CA ILE B 249 34.70 15.07 -9.60
C ILE B 249 35.38 14.78 -8.27
N THR B 250 34.58 14.42 -7.27
CA THR B 250 35.09 14.19 -5.93
C THR B 250 34.98 12.72 -5.58
N ILE B 251 35.92 12.24 -4.76
CA ILE B 251 35.99 10.86 -4.34
C ILE B 251 35.86 10.81 -2.83
N GLU B 252 34.85 10.10 -2.33
CA GLU B 252 34.65 9.92 -0.90
C GLU B 252 34.90 8.45 -0.57
N ILE B 253 35.81 8.22 0.37
CA ILE B 253 36.17 6.87 0.79
C ILE B 253 35.63 6.66 2.21
N ASN B 254 34.84 5.61 2.38
CA ASN B 254 34.29 5.24 3.67
C ASN B 254 34.84 3.89 4.08
N SER B 255 35.33 3.78 5.30
CA SER B 255 35.88 2.54 5.81
C SER B 255 35.87 2.59 7.33
N THR B 256 36.59 1.68 7.96
CA THR B 256 36.81 1.76 9.40
C THR B 256 37.58 3.03 9.76
N LYS B 257 38.57 3.39 8.94
CA LYS B 257 39.41 4.55 9.23
C LYS B 257 38.73 5.84 8.80
N PHE B 258 38.43 5.97 7.50
CA PHE B 258 37.86 7.19 6.95
C PHE B 258 36.37 7.24 7.22
N SER B 259 35.80 8.45 7.10
CA SER B 259 34.37 8.63 7.22
C SER B 259 33.93 10.00 6.70
N LYS B 260 32.99 10.02 5.76
CA LYS B 260 32.30 11.21 5.27
C LYS B 260 33.22 12.23 4.62
N LEU B 261 34.47 11.89 4.32
CA LEU B 261 35.42 12.85 3.80
C LEU B 261 35.38 12.84 2.27
N ARG B 262 35.20 14.02 1.68
CA ARG B 262 35.13 14.17 0.24
C ARG B 262 36.43 14.75 -0.29
N ILE B 263 37.04 14.06 -1.23
CA ILE B 263 38.38 14.40 -1.72
C ILE B 263 38.34 14.54 -3.23
N PRO B 264 39.00 15.54 -3.81
CA PRO B 264 39.17 15.56 -5.27
C PRO B 264 39.94 14.34 -5.74
N TRP B 265 39.58 13.87 -6.94
CA TRP B 265 40.14 12.61 -7.43
C TRP B 265 41.62 12.72 -7.74
N TYR B 266 42.04 13.81 -8.39
CA TYR B 266 43.43 13.94 -8.78
C TYR B 266 44.34 13.95 -7.56
N LEU B 267 43.84 14.45 -6.42
CA LEU B 267 44.62 14.40 -5.19
C LEU B 267 44.90 12.97 -4.78
N ILE B 268 43.87 12.13 -4.82
CA ILE B 268 44.03 10.71 -4.50
C ILE B 268 45.02 10.07 -5.46
N PHE B 269 44.94 10.43 -6.73
CA PHE B 269 45.89 9.87 -7.70
C PHE B 269 47.32 10.30 -7.38
N ARG B 270 47.52 11.56 -7.03
CA ARG B 270 48.90 12.03 -6.90
C ARG B 270 49.53 11.73 -5.55
N MET B 271 48.76 11.45 -4.50
CA MET B 271 49.44 11.10 -3.26
C MET B 271 49.99 9.68 -3.30
N PHE B 272 49.62 8.89 -4.30
CA PHE B 272 50.25 7.61 -4.56
C PHE B 272 51.39 7.71 -5.56
N GLY B 273 51.65 8.89 -6.08
CA GLY B 273 52.62 9.11 -7.14
C GLY B 273 51.97 9.69 -8.37
N MET B 274 52.79 9.90 -9.39
CA MET B 274 52.39 10.54 -10.64
C MET B 274 51.57 11.81 -10.38
N THR B 275 52.23 12.78 -9.75
CA THR B 275 51.60 14.07 -9.55
C THR B 275 51.28 14.79 -10.86
N GLY B 276 51.91 14.40 -11.96
CA GLY B 276 51.61 14.99 -13.26
C GLY B 276 50.20 14.70 -13.71
N ASP B 277 49.43 15.74 -14.04
CA ASP B 277 48.03 15.55 -14.36
C ASP B 277 47.84 14.89 -15.73
N ASP B 278 48.82 15.00 -16.63
CA ASP B 278 48.68 14.34 -17.91
C ASP B 278 48.61 12.83 -17.74
N SER B 279 49.41 12.28 -16.83
CA SER B 279 49.33 10.85 -16.54
C SER B 279 48.01 10.48 -15.90
N ILE B 280 47.43 11.39 -15.09
CA ILE B 280 46.13 11.10 -14.49
C ILE B 280 45.05 11.01 -15.56
N ILE B 281 45.01 12.00 -16.46
CA ILE B 281 44.04 11.96 -17.53
C ILE B 281 44.27 10.73 -18.40
N GLU B 282 45.53 10.35 -18.58
CA GLU B 282 45.83 9.12 -19.32
C GLU B 282 45.28 7.90 -18.61
N GLN B 283 45.40 7.85 -17.28
CA GLN B 283 44.89 6.71 -16.53
C GLN B 283 43.37 6.64 -16.60
N VAL B 284 42.71 7.78 -16.79
CA VAL B 284 41.25 7.74 -16.89
C VAL B 284 40.82 7.35 -18.31
N VAL B 285 41.40 8.02 -19.33
CA VAL B 285 40.96 7.80 -20.71
C VAL B 285 41.75 6.70 -21.42
N PHE B 286 42.81 6.18 -20.81
CA PHE B 286 43.61 5.07 -21.30
C PHE B 286 44.46 5.43 -22.50
N ASP B 287 44.23 6.61 -23.08
CA ASP B 287 45.07 7.10 -24.17
C ASP B 287 44.83 8.57 -24.44
N LEU B 288 45.82 9.42 -24.18
CA LEU B 288 45.64 10.85 -24.45
C LEU B 288 45.78 11.15 -25.93
N GLU B 289 46.70 10.48 -26.62
CA GLU B 289 46.94 10.75 -28.02
C GLU B 289 45.82 10.24 -28.93
N SER B 290 44.88 9.47 -28.39
CA SER B 290 43.82 8.92 -29.21
C SER B 290 42.85 10.00 -29.66
N ASN B 291 42.31 9.80 -30.87
CA ASN B 291 41.26 10.64 -31.41
C ASN B 291 39.91 10.23 -30.83
N SER B 292 38.83 10.65 -31.48
CA SER B 292 37.45 10.23 -31.22
C SER B 292 36.77 11.09 -30.17
N LEU B 293 35.44 11.13 -30.23
CA LEU B 293 34.67 12.07 -29.42
C LEU B 293 34.72 11.71 -27.94
N VAL B 294 34.81 10.42 -27.63
CA VAL B 294 34.77 10.01 -26.23
C VAL B 294 35.98 10.55 -25.49
N ASN B 295 37.16 10.47 -26.09
CA ASN B 295 38.36 11.02 -25.45
C ASN B 295 38.25 12.53 -25.30
N THR B 296 37.67 13.20 -26.30
CA THR B 296 37.55 14.65 -26.24
C THR B 296 36.66 15.10 -25.09
N PHE B 297 35.48 14.47 -24.96
CA PHE B 297 34.61 14.86 -23.86
C PHE B 297 35.28 14.52 -22.53
N MET B 298 35.89 13.33 -22.47
CA MET B 298 36.58 12.90 -21.25
C MET B 298 37.58 13.96 -20.81
N ILE B 299 38.41 14.40 -21.75
CA ILE B 299 39.46 15.37 -21.46
C ILE B 299 38.83 16.68 -21.01
N GLU B 300 37.77 17.13 -21.69
CA GLU B 300 37.14 18.39 -21.31
C GLU B 300 36.64 18.34 -19.87
N ILE B 301 35.86 17.31 -19.52
CA ILE B 301 35.27 17.25 -18.19
C ILE B 301 36.36 17.07 -17.14
N LEU B 302 37.37 16.26 -17.43
CA LEU B 302 38.42 16.03 -16.44
C LEU B 302 39.23 17.28 -16.18
N GLU B 303 39.56 18.03 -17.24
CA GLU B 303 40.27 19.29 -17.04
C GLU B 303 39.43 20.26 -16.24
N LYS B 304 38.14 20.37 -16.56
CA LYS B 304 37.29 21.26 -15.79
C LYS B 304 37.26 20.86 -14.32
N SER B 305 37.14 19.56 -14.05
CA SER B 305 37.11 19.08 -12.67
C SER B 305 38.43 19.36 -11.96
N ILE B 306 39.54 19.24 -12.67
CA ILE B 306 40.84 19.48 -12.07
C ILE B 306 40.98 20.95 -11.68
N HIS B 307 40.54 21.86 -12.56
CA HIS B 307 40.75 23.28 -12.31
C HIS B 307 39.75 23.87 -11.32
N VAL B 308 38.62 23.20 -11.07
CA VAL B 308 37.63 23.75 -10.14
C VAL B 308 38.19 23.74 -8.72
N LEU B 309 37.96 24.84 -8.00
CA LEU B 309 38.44 24.98 -6.64
C LEU B 309 37.67 24.07 -5.70
N ASP B 310 38.23 23.86 -4.50
CA ASP B 310 37.60 23.04 -3.50
C ASP B 310 37.53 23.79 -2.18
N PRO B 311 36.43 23.64 -1.43
CA PRO B 311 36.34 24.32 -0.13
C PRO B 311 37.38 23.88 0.89
N ILE B 312 37.77 22.61 0.88
CA ILE B 312 38.58 22.03 1.94
C ILE B 312 40.02 21.85 1.51
N PHE B 313 40.25 21.17 0.38
CA PHE B 313 41.58 20.78 -0.04
C PHE B 313 42.28 21.86 -0.88
N GLN B 314 41.90 23.12 -0.69
CA GLN B 314 42.57 24.22 -1.39
C GLN B 314 44.06 24.30 -1.11
N PRO B 315 44.54 24.18 0.14
CA PRO B 315 45.99 24.30 0.35
C PRO B 315 46.81 23.30 -0.43
N VAL B 316 46.31 22.07 -0.61
CA VAL B 316 47.02 21.06 -1.38
C VAL B 316 46.46 20.90 -2.79
N GLN B 317 45.63 21.83 -3.24
CA GLN B 317 45.01 21.70 -4.56
C GLN B 317 46.04 21.74 -5.67
N HIS B 318 46.99 22.66 -5.58
CA HIS B 318 48.02 22.82 -6.60
C HIS B 318 49.37 22.29 -6.13
N GLU B 319 49.40 21.52 -5.06
CA GLU B 319 50.64 21.00 -4.52
C GLU B 319 51.12 19.80 -5.34
N LEU B 320 52.35 19.88 -5.83
CA LEU B 320 52.96 18.76 -6.54
C LEU B 320 53.75 17.86 -5.60
N ASN B 321 53.81 18.19 -4.31
CA ASN B 321 54.56 17.41 -3.34
C ASN B 321 53.65 16.33 -2.77
N ARG B 322 54.00 15.07 -3.03
CA ARG B 322 53.19 13.97 -2.53
C ARG B 322 53.19 13.94 -1.01
N GLU B 323 54.34 14.18 -0.39
CA GLU B 323 54.44 14.11 1.07
C GLU B 323 53.56 15.16 1.73
N LYS B 324 53.53 16.36 1.18
CA LYS B 324 52.72 17.42 1.79
C LYS B 324 51.24 17.08 1.75
N ILE B 325 50.78 16.52 0.64
CA ILE B 325 49.37 16.13 0.53
C ILE B 325 49.06 14.97 1.46
N ILE B 326 49.98 14.00 1.56
CA ILE B 326 49.77 12.89 2.48
C ILE B 326 49.66 13.39 3.91
N GLN B 327 50.54 14.30 4.30
CA GLN B 327 50.49 14.89 5.64
C GLN B 327 49.21 15.67 5.85
N PHE B 328 48.78 16.44 4.84
CA PHE B 328 47.54 17.19 4.94
C PHE B 328 46.36 16.26 5.19
N LEU B 329 46.27 15.19 4.40
CA LEU B 329 45.17 14.24 4.57
C LEU B 329 45.24 13.54 5.92
N SER B 330 46.45 13.19 6.37
CA SER B 330 46.58 12.54 7.66
C SER B 330 46.15 13.47 8.79
N GLU B 331 46.45 14.76 8.66
CA GLU B 331 45.95 15.73 9.62
C GLU B 331 44.43 15.80 9.59
N LYS B 332 43.86 15.80 8.39
CA LYS B 332 42.42 16.02 8.27
C LYS B 332 41.62 14.81 8.74
N VAL B 333 42.08 13.60 8.44
CA VAL B 333 41.25 12.43 8.64
C VAL B 333 41.57 11.68 9.93
N SER B 334 42.82 11.72 10.39
CA SER B 334 43.18 10.97 11.58
C SER B 334 42.64 11.65 12.81
N LYS B 335 42.15 10.84 13.75
CA LYS B 335 41.79 11.36 15.06
C LYS B 335 43.06 11.69 15.83
N PHE B 336 42.88 12.06 17.10
CA PHE B 336 43.96 12.26 18.05
C PHE B 336 44.96 13.33 17.61
N VAL B 337 44.71 14.01 16.50
CA VAL B 337 45.53 15.13 16.07
C VAL B 337 44.64 16.36 16.17
N SER B 338 44.67 17.01 17.32
CA SER B 338 43.78 18.13 17.61
C SER B 338 44.42 19.48 17.35
N ASN B 339 45.76 19.58 17.44
CA ASN B 339 46.48 20.81 17.16
C ASN B 339 47.52 20.50 16.10
N PRO B 340 47.20 20.68 14.83
CA PRO B 340 48.15 20.29 13.77
C PRO B 340 49.26 21.30 13.57
N SER B 341 49.87 21.76 14.67
CA SER B 341 51.09 22.56 14.58
C SER B 341 52.16 22.16 15.58
N ALA B 342 51.82 21.53 16.70
CA ALA B 342 52.83 21.13 17.67
C ALA B 342 53.69 20.00 17.12
N TYR B 343 53.04 18.97 16.55
CA TYR B 343 53.78 17.85 15.99
C TYR B 343 54.57 18.24 14.75
N LYS B 344 54.25 19.38 14.14
CA LYS B 344 54.87 19.76 12.87
C LYS B 344 56.38 19.94 13.03
N SER B 345 56.80 20.53 14.14
CA SER B 345 58.23 20.76 14.36
C SER B 345 59.00 19.45 14.43
N ASP B 346 58.45 18.45 15.12
CA ASP B 346 59.12 17.17 15.27
C ASP B 346 59.02 16.40 13.96
N GLU B 347 60.17 16.13 13.33
CA GLU B 347 60.17 15.41 12.07
C GLU B 347 59.72 13.96 12.26
N ASN B 348 59.95 13.39 13.44
CA ASN B 348 59.50 12.02 13.68
C ASN B 348 57.99 11.93 13.79
N ALA B 349 57.34 12.95 14.35
CA ALA B 349 55.87 12.96 14.37
C ALA B 349 55.31 13.04 12.96
N VAL B 350 55.92 13.88 12.11
CA VAL B 350 55.48 13.97 10.72
C VAL B 350 55.70 12.63 10.01
N GLN B 351 56.84 11.99 10.27
CA GLN B 351 57.09 10.67 9.69
C GLN B 351 56.03 9.67 10.14
N TYR B 352 55.69 9.68 11.42
CA TYR B 352 54.67 8.78 11.94
C TYR B 352 53.34 9.01 11.24
N LEU B 353 52.91 10.27 11.14
CA LEU B 353 51.64 10.56 10.51
C LEU B 353 51.63 10.15 9.05
N ASN B 354 52.70 10.46 8.31
CA ASN B 354 52.74 10.14 6.89
C ASN B 354 52.74 8.63 6.68
N GLU B 355 53.56 7.90 7.44
CA GLU B 355 53.61 6.45 7.28
C GLU B 355 52.29 5.81 7.68
N ARG B 356 51.67 6.29 8.76
CA ARG B 356 50.38 5.77 9.16
C ARG B 356 49.34 6.01 8.08
N GLN B 357 49.32 7.22 7.51
CA GLN B 357 48.34 7.52 6.46
C GLN B 357 48.55 6.65 5.24
N LEU B 358 49.79 6.44 4.84
CA LEU B 358 50.03 5.60 3.66
C LEU B 358 49.65 4.15 3.91
N THR B 359 49.93 3.63 5.11
CA THR B 359 49.48 2.28 5.44
C THR B 359 47.96 2.19 5.46
N ILE B 360 47.30 3.21 6.03
CA ILE B 360 45.85 3.21 6.09
C ILE B 360 45.26 3.20 4.69
N LEU B 361 45.80 4.02 3.79
CA LEU B 361 45.26 4.08 2.44
C LEU B 361 45.56 2.80 1.67
N ASP B 362 46.75 2.21 1.88
CA ASP B 362 47.05 0.93 1.25
C ASP B 362 46.05 -0.13 1.68
N LYS B 363 45.63 -0.10 2.94
CA LYS B 363 44.64 -1.06 3.40
C LYS B 363 43.23 -0.71 2.95
N ILE B 364 42.93 0.57 2.75
CA ILE B 364 41.55 1.03 2.63
C ILE B 364 41.14 1.29 1.19
N LEU B 365 41.97 1.96 0.40
CA LEU B 365 41.59 2.29 -0.96
C LEU B 365 41.71 1.05 -1.84
N LEU B 366 40.60 0.66 -2.47
CA LEU B 366 40.50 -0.47 -3.39
C LEU B 366 41.30 -1.68 -2.90
N PRO B 367 40.98 -2.21 -1.72
CA PRO B 367 41.79 -3.31 -1.18
C PRO B 367 41.78 -4.56 -2.04
N HIS B 368 40.73 -4.75 -2.87
CA HIS B 368 40.66 -5.98 -3.64
C HIS B 368 41.75 -6.07 -4.69
N MET B 369 42.29 -4.93 -5.12
CA MET B 369 43.45 -4.96 -6.00
C MET B 369 44.71 -5.33 -5.23
N GLY B 370 44.76 -4.98 -3.95
CA GLY B 370 45.90 -5.28 -3.12
C GLY B 370 45.85 -4.49 -1.83
N GLN B 371 46.73 -4.86 -0.91
CA GLN B 371 46.82 -4.17 0.37
C GLN B 371 48.27 -3.90 0.73
N THR B 372 49.12 -3.71 -0.27
CA THR B 372 50.54 -3.42 -0.07
C THR B 372 50.92 -2.21 -0.89
N ALA B 373 52.18 -1.78 -0.73
CA ALA B 373 52.63 -0.56 -1.41
C ALA B 373 52.87 -0.78 -2.89
N ASP B 374 53.25 -1.99 -3.29
CA ASP B 374 53.60 -2.26 -4.68
C ASP B 374 52.39 -2.27 -5.61
N THR B 375 51.18 -2.24 -5.06
CA THR B 375 49.97 -2.29 -5.86
C THR B 375 49.33 -0.92 -6.05
N ARG B 376 50.03 0.16 -5.68
CA ARG B 376 49.39 1.47 -5.70
C ARG B 376 49.13 1.95 -7.13
N VAL B 377 50.06 1.69 -8.04
CA VAL B 377 49.85 2.11 -9.43
C VAL B 377 48.68 1.35 -10.04
N ARG B 378 48.59 0.05 -9.78
CA ARG B 378 47.47 -0.69 -10.35
C ARG B 378 46.15 -0.30 -9.71
N LYS B 379 46.16 0.05 -8.43
CA LYS B 379 44.96 0.61 -7.81
C LYS B 379 44.54 1.90 -8.51
N LEU B 380 45.50 2.74 -8.86
CA LEU B 380 45.16 3.97 -9.57
C LEU B 380 44.70 3.68 -10.99
N ARG B 381 45.25 2.65 -11.63
CA ARG B 381 44.74 2.25 -12.94
C ARG B 381 43.29 1.83 -12.86
N PHE B 382 42.95 1.04 -11.84
CA PHE B 382 41.57 0.60 -11.69
C PHE B 382 40.65 1.76 -11.33
N LEU B 383 41.14 2.72 -10.53
CA LEU B 383 40.34 3.89 -10.23
C LEU B 383 40.08 4.72 -11.48
N GLY B 384 41.09 4.87 -12.33
CA GLY B 384 40.88 5.53 -13.60
C GLY B 384 39.87 4.80 -14.46
N LEU B 385 39.90 3.47 -14.45
CA LEU B 385 38.89 2.71 -15.19
C LEU B 385 37.49 2.96 -14.65
N LEU B 386 37.36 3.02 -13.31
CA LEU B 386 36.06 3.32 -12.72
C LEU B 386 35.56 4.70 -13.15
N ILE B 387 36.43 5.70 -13.12
CA ILE B 387 36.04 7.03 -13.54
C ILE B 387 35.65 7.05 -15.01
N HIS B 388 36.38 6.28 -15.83
CA HIS B 388 36.04 6.16 -17.24
C HIS B 388 34.63 5.60 -17.41
N LYS B 389 34.30 4.56 -16.64
CA LYS B 389 32.96 3.98 -16.75
C LYS B 389 31.89 4.96 -16.31
N ILE B 390 32.13 5.69 -15.22
CA ILE B 390 31.15 6.66 -14.73
C ILE B 390 30.89 7.71 -15.81
N LEU B 391 31.96 8.29 -16.36
CA LEU B 391 31.78 9.35 -17.33
C LEU B 391 31.27 8.81 -18.66
N LEU B 392 31.47 7.53 -18.94
CA LEU B 392 30.77 6.91 -20.06
C LEU B 392 29.27 6.89 -19.83
N VAL B 393 28.86 6.55 -18.61
CA VAL B 393 27.42 6.55 -18.31
C VAL B 393 26.85 7.95 -18.46
N ILE B 394 27.60 8.98 -18.03
CA ILE B 394 27.11 10.34 -18.17
C ILE B 394 26.97 10.74 -19.63
N MET B 395 27.71 10.08 -20.53
CA MET B 395 27.55 10.35 -21.96
C MET B 395 26.23 9.89 -22.54
N ASN B 396 25.46 9.08 -21.82
CA ASN B 396 24.40 8.25 -22.37
C ASN B 396 24.93 7.19 -23.33
N VAL B 397 26.26 7.04 -23.41
CA VAL B 397 26.83 5.86 -24.04
C VAL B 397 26.46 4.60 -23.27
N PHE B 398 26.24 4.71 -21.97
CA PHE B 398 25.82 3.60 -21.14
C PHE B 398 24.55 4.00 -20.39
N PRO B 399 23.72 3.03 -20.03
CA PRO B 399 22.59 3.31 -19.16
C PRO B 399 23.00 3.14 -17.71
N PRO B 400 22.28 3.75 -16.78
CA PRO B 400 22.59 3.54 -15.36
C PRO B 400 22.38 2.08 -14.98
N THR B 401 23.10 1.66 -13.95
CA THR B 401 22.99 0.28 -13.48
C THR B 401 21.54 0.01 -13.06
N ASP B 402 21.02 -1.15 -13.46
CA ASP B 402 19.65 -1.52 -13.10
C ASP B 402 19.62 -1.87 -11.62
N ARG B 403 19.01 -1.00 -10.81
CA ARG B 403 19.05 -1.17 -9.36
C ARG B 403 18.34 -2.43 -8.90
N ASP B 404 17.49 -3.02 -9.74
CA ASP B 404 16.72 -4.20 -9.34
C ASP B 404 17.13 -5.47 -10.07
N SER B 405 17.99 -5.36 -11.09
CA SER B 405 18.46 -6.55 -11.78
C SER B 405 19.32 -7.39 -10.85
N TYR B 406 19.35 -8.69 -11.13
CA TYR B 406 20.15 -9.61 -10.33
C TYR B 406 21.51 -9.87 -10.94
N ARG B 407 21.85 -9.20 -12.03
CA ARG B 407 23.21 -9.30 -12.54
C ARG B 407 24.22 -8.71 -11.56
N THR B 408 23.78 -7.77 -10.72
CA THR B 408 24.64 -7.12 -9.75
C THR B 408 24.10 -7.24 -8.33
N LYS B 409 23.52 -8.38 -7.96
CA LYS B 409 22.97 -8.55 -6.63
C LYS B 409 23.41 -9.89 -6.04
N ARG B 410 23.51 -9.91 -4.71
CA ARG B 410 23.93 -11.08 -3.97
C ARG B 410 22.94 -11.34 -2.85
N VAL B 411 22.90 -12.59 -2.39
CA VAL B 411 22.12 -12.96 -1.22
C VAL B 411 23.08 -13.44 -0.15
N HIS B 412 23.08 -12.76 0.99
CA HIS B 412 23.99 -13.05 2.09
C HIS B 412 23.16 -13.55 3.27
N GLY B 413 23.36 -14.80 3.63
CA GLY B 413 22.53 -15.42 4.66
C GLY B 413 23.36 -16.06 5.74
N SER B 414 22.80 -16.08 6.94
CA SER B 414 23.39 -16.70 8.13
C SER B 414 24.87 -16.36 8.28
N GLY B 415 25.72 -17.04 7.52
CA GLY B 415 27.16 -16.89 7.72
C GLY B 415 27.64 -15.47 7.51
N VAL B 416 27.30 -14.88 6.36
CA VAL B 416 27.82 -13.56 6.03
C VAL B 416 27.22 -12.51 6.96
N SER B 417 25.91 -12.54 7.15
CA SER B 417 25.25 -11.58 8.03
C SER B 417 25.74 -11.70 9.46
N LEU B 418 25.86 -12.94 9.96
CA LEU B 418 26.31 -13.12 11.32
C LEU B 418 27.75 -12.66 11.49
N ALA B 419 28.61 -12.93 10.50
CA ALA B 419 29.99 -12.44 10.61
C ALA B 419 30.04 -10.92 10.58
N LYS B 420 29.25 -10.29 9.71
CA LYS B 420 29.28 -8.83 9.61
C LYS B 420 28.75 -8.16 10.85
N ALA B 421 27.77 -8.75 11.52
CA ALA B 421 27.35 -8.23 12.83
C ALA B 421 28.34 -8.61 13.91
N PHE B 422 29.00 -9.76 13.77
CA PHE B 422 29.86 -10.27 14.82
C PHE B 422 31.14 -9.46 14.93
N LYS B 423 31.68 -8.97 13.81
CA LYS B 423 32.89 -8.18 13.93
C LYS B 423 32.63 -6.94 14.77
N ALA B 424 31.52 -6.25 14.52
CA ALA B 424 31.19 -5.06 15.32
C ALA B 424 30.92 -5.44 16.77
N ILE B 425 30.13 -6.50 16.99
CA ILE B 425 29.78 -6.86 18.36
C ILE B 425 31.00 -7.33 19.14
N PHE B 426 31.85 -8.13 18.51
CA PHE B 426 33.09 -8.58 19.13
C PHE B 426 33.98 -7.41 19.47
N ASN B 427 34.15 -6.48 18.53
CA ASN B 427 34.90 -5.27 18.83
C ASN B 427 34.37 -4.61 20.10
N THR B 428 33.11 -4.20 20.07
CA THR B 428 32.54 -3.40 21.15
C THR B 428 32.58 -4.14 22.48
N SER B 429 32.27 -5.44 22.49
CA SER B 429 32.08 -6.17 23.74
C SER B 429 33.33 -6.90 24.20
N VAL B 430 34.40 -6.91 23.42
CA VAL B 430 35.62 -7.63 23.78
C VAL B 430 36.83 -6.70 23.73
N ILE B 431 37.09 -6.08 22.58
CA ILE B 431 38.30 -5.30 22.44
C ILE B 431 38.24 -4.04 23.29
N ALA B 432 37.09 -3.37 23.29
CA ALA B 432 36.95 -2.17 24.13
C ALA B 432 37.10 -2.48 25.61
N PRO B 433 36.42 -3.47 26.19
CA PRO B 433 36.67 -3.76 27.61
C PRO B 433 38.10 -4.17 27.90
N ILE B 434 38.73 -4.91 26.98
CA ILE B 434 40.11 -5.34 27.19
C ILE B 434 41.05 -4.14 27.20
N ILE B 435 40.88 -3.24 26.24
CA ILE B 435 41.72 -2.05 26.17
C ILE B 435 41.50 -1.18 27.40
N ASN B 436 40.24 -1.02 27.81
CA ASN B 436 39.94 -0.23 29.00
C ASN B 436 40.58 -0.83 30.24
N GLY B 437 40.51 -2.16 30.38
CA GLY B 437 41.11 -2.81 31.52
C GLY B 437 42.62 -2.68 31.54
N PHE B 438 43.27 -2.82 30.37
CA PHE B 438 44.71 -2.66 30.32
C PHE B 438 45.12 -1.24 30.64
N LYS B 439 44.37 -0.24 30.16
CA LYS B 439 44.66 1.14 30.50
C LYS B 439 44.51 1.38 32.00
N GLU B 440 43.45 0.84 32.60
CA GLU B 440 43.26 0.99 34.04
C GLU B 440 44.38 0.31 34.82
N LEU B 441 44.81 -0.88 34.38
CA LEU B 441 45.89 -1.57 35.06
C LEU B 441 47.18 -0.77 34.98
N LEU B 442 47.49 -0.22 33.81
CA LEU B 442 48.69 0.60 33.70
C LEU B 442 48.56 1.90 34.47
N LYS B 443 47.34 2.36 34.72
CA LYS B 443 47.14 3.44 35.68
C LYS B 443 47.49 3.00 37.08
N GLN B 444 47.13 1.77 37.45
CA GLN B 444 47.26 1.34 38.83
C GLN B 444 48.71 0.97 39.17
N THR B 445 49.45 0.41 38.21
CA THR B 445 50.83 0.00 38.46
C THR B 445 51.76 0.63 37.44
N ALA B 446 53.05 0.59 37.75
CA ALA B 446 54.07 1.10 36.85
C ALA B 446 54.20 0.21 35.63
N PHE B 447 54.63 0.82 34.52
CA PHE B 447 54.69 0.10 33.25
C PHE B 447 55.79 -0.96 33.27
N GLU B 448 56.81 -0.78 34.10
CA GLU B 448 57.91 -1.73 34.21
C GLU B 448 57.73 -2.67 35.40
N GLU B 449 57.01 -2.24 36.43
CA GLU B 449 56.91 -3.00 37.67
C GLU B 449 56.08 -4.27 37.50
N LEU B 450 55.06 -4.23 36.63
CA LEU B 450 54.06 -5.28 36.57
C LEU B 450 54.67 -6.62 36.14
N THR B 451 53.93 -7.69 36.41
CA THR B 451 54.35 -9.05 36.11
C THR B 451 53.35 -9.73 35.17
N GLN B 452 53.75 -10.91 34.68
CA GLN B 452 52.95 -11.63 33.69
C GLN B 452 51.61 -12.05 34.25
N ARG B 453 51.58 -12.51 35.51
CA ARG B 453 50.32 -12.91 36.12
C ARG B 453 49.38 -11.72 36.24
N ASN B 454 49.93 -10.53 36.51
CA ASN B 454 49.10 -9.34 36.52
C ASN B 454 48.46 -9.09 35.16
N ILE B 455 49.24 -9.27 34.09
CA ILE B 455 48.73 -9.07 32.74
C ILE B 455 47.60 -10.07 32.46
N ILE B 456 47.81 -11.33 32.79
CA ILE B 456 46.81 -12.36 32.51
C ILE B 456 45.54 -12.09 33.31
N GLU B 457 45.69 -11.73 34.59
CA GLU B 457 44.51 -11.46 35.41
C GLU B 457 43.76 -10.24 34.90
N ALA B 458 44.48 -9.21 34.45
CA ALA B 458 43.82 -8.04 33.87
C ALA B 458 43.06 -8.43 32.61
N PHE B 459 43.66 -9.27 31.76
CA PHE B 459 42.96 -9.73 30.56
C PHE B 459 41.66 -10.41 30.94
N SER B 460 41.73 -11.39 31.85
CA SER B 460 40.55 -12.18 32.19
C SER B 460 39.50 -11.35 32.91
N ALA B 461 39.90 -10.40 33.75
CA ALA B 461 38.95 -9.59 34.49
C ALA B 461 38.29 -8.54 33.62
N ALA B 462 39.01 -8.02 32.62
CA ALA B 462 38.46 -6.97 31.78
C ALA B 462 37.20 -7.42 31.05
N LEU B 463 37.10 -8.71 30.75
CA LEU B 463 35.99 -9.26 30.00
C LEU B 463 34.85 -9.77 30.88
N SER B 464 34.85 -9.41 32.16
CA SER B 464 33.79 -9.88 33.07
C SER B 464 32.43 -9.33 32.66
N LYS B 465 32.26 -8.02 32.73
CA LYS B 465 30.99 -7.35 32.40
C LYS B 465 29.80 -8.06 33.04
N ASP B 470 28.09 -10.50 27.53
CA ASP B 470 27.65 -9.36 26.74
C ASP B 470 27.62 -9.72 25.26
N LEU B 471 28.60 -10.53 24.84
CA LEU B 471 28.64 -10.95 23.44
C LEU B 471 27.42 -11.75 23.07
N ASN B 472 27.01 -12.69 23.94
CA ASN B 472 25.83 -13.50 23.66
C ASN B 472 24.57 -12.65 23.58
N ARG B 473 24.41 -11.70 24.51
CA ARG B 473 23.22 -10.85 24.48
C ARG B 473 23.18 -10.02 23.21
N SER B 474 24.33 -9.49 22.80
CA SER B 474 24.38 -8.70 21.57
C SER B 474 24.06 -9.55 20.34
N MET B 475 24.61 -10.76 20.27
CA MET B 475 24.31 -11.63 19.14
C MET B 475 22.83 -11.99 19.12
N GLU B 476 22.27 -12.34 20.28
CA GLU B 476 20.86 -12.67 20.35
C GLU B 476 19.97 -11.49 19.99
N GLN B 477 20.35 -10.28 20.40
CA GLN B 477 19.55 -9.11 20.02
C GLN B 477 19.65 -8.84 18.53
N SER B 478 20.83 -9.05 17.95
CA SER B 478 20.95 -8.90 16.50
C SER B 478 20.06 -9.90 15.77
N ILE B 479 20.00 -11.13 16.28
CA ILE B 479 19.12 -12.14 15.69
C ILE B 479 17.65 -11.73 15.87
N ILE B 480 17.23 -11.54 17.12
CA ILE B 480 15.82 -11.34 17.42
C ILE B 480 15.29 -10.09 16.74
N SER B 481 16.02 -8.98 16.88
CA SER B 481 15.53 -7.72 16.32
C SER B 481 15.61 -7.73 14.80
N GLY B 482 16.83 -7.88 14.26
CA GLY B 482 17.02 -7.71 12.84
C GLY B 482 16.65 -6.32 12.36
N ASN B 483 16.54 -5.37 13.30
CA ASN B 483 16.02 -4.05 13.01
C ASN B 483 17.05 -3.23 12.26
N LYS B 484 16.62 -2.60 11.16
CA LYS B 484 17.56 -2.02 10.21
C LYS B 484 18.34 -0.84 10.76
N THR B 485 17.95 -0.29 11.90
CA THR B 485 18.73 0.77 12.54
C THR B 485 18.68 0.58 14.05
N ILE B 486 19.77 0.09 14.63
CA ILE B 486 19.86 -0.09 16.06
C ILE B 486 21.01 0.75 16.61
N VAL B 494 23.36 0.43 11.23
CA VAL B 494 22.44 -0.31 10.39
C VAL B 494 22.73 -1.80 10.45
N ASN B 495 21.77 -2.56 10.99
CA ASN B 495 21.95 -3.99 11.20
C ASN B 495 21.70 -4.74 9.89
N ARG B 496 22.65 -5.60 9.52
CA ARG B 496 22.57 -6.36 8.28
C ARG B 496 22.13 -7.80 8.52
N VAL B 497 21.34 -8.05 9.56
CA VAL B 497 20.89 -9.40 9.89
C VAL B 497 19.39 -9.44 9.57
N SER B 498 19.06 -9.85 8.35
CA SER B 498 17.66 -10.05 7.98
C SER B 498 17.13 -11.27 8.71
N THR B 499 16.34 -11.05 9.74
CA THR B 499 15.85 -12.13 10.56
C THR B 499 14.35 -11.98 10.76
N GLN B 500 13.68 -13.12 10.84
CA GLN B 500 12.26 -13.16 11.12
C GLN B 500 11.98 -14.29 12.09
N SER B 501 10.94 -14.13 12.90
CA SER B 501 10.53 -15.20 13.78
C SER B 501 10.10 -16.40 12.93
N LEU B 502 10.40 -17.59 13.44
CA LEU B 502 10.02 -18.82 12.75
C LEU B 502 8.64 -19.23 13.25
N GLU B 503 7.61 -18.85 12.49
CA GLU B 503 6.25 -19.26 12.79
C GLU B 503 6.00 -20.57 12.07
N ARG B 504 5.69 -21.61 12.82
CA ARG B 504 5.47 -22.93 12.23
C ARG B 504 3.98 -23.13 11.93
N LYS B 505 3.50 -22.39 10.93
CA LYS B 505 2.13 -22.58 10.51
C LYS B 505 1.95 -23.93 9.84
N ASN B 506 2.95 -24.37 9.10
CA ASN B 506 3.03 -25.73 8.55
C ASN B 506 4.45 -25.93 8.04
N LEU B 507 4.71 -27.11 7.49
CA LEU B 507 6.03 -27.40 6.95
C LEU B 507 6.36 -26.49 5.77
N LEU B 508 5.36 -26.22 4.92
CA LEU B 508 5.59 -25.36 3.77
C LEU B 508 5.98 -23.96 4.20
N ASN B 509 5.32 -23.42 5.22
CA ASN B 509 5.65 -22.09 5.69
C ASN B 509 7.06 -22.04 6.23
N THR B 510 7.49 -23.07 6.97
CA THR B 510 8.84 -23.10 7.49
C THR B 510 9.87 -23.16 6.37
N ILE B 511 9.67 -24.05 5.40
CA ILE B 511 10.65 -24.19 4.33
C ILE B 511 10.67 -22.95 3.44
N SER B 512 9.53 -22.27 3.29
CA SER B 512 9.53 -21.01 2.56
C SER B 512 10.15 -19.88 3.37
N ALA B 513 10.10 -19.97 4.70
CA ALA B 513 10.82 -19.03 5.52
C ALA B 513 12.33 -19.19 5.36
N LEU B 514 12.79 -20.44 5.27
CA LEU B 514 14.21 -20.68 5.08
C LEU B 514 14.68 -20.40 3.66
N ARG B 515 13.75 -20.21 2.72
CA ARG B 515 14.08 -19.92 1.32
C ARG B 515 13.74 -18.51 0.92
N THR B 516 13.66 -17.59 1.88
CA THR B 516 13.18 -16.24 1.64
C THR B 516 14.35 -15.29 1.45
N VAL B 517 14.23 -14.41 0.45
CA VAL B 517 15.23 -13.37 0.18
C VAL B 517 14.59 -12.02 0.42
N ASN B 518 15.10 -11.29 1.42
CA ASN B 518 14.52 -10.03 1.84
C ASN B 518 15.38 -8.87 1.37
N THR B 519 14.75 -7.89 0.73
CA THR B 519 15.46 -6.67 0.37
C THR B 519 15.94 -5.94 1.61
N HIS B 520 15.05 -5.76 2.59
CA HIS B 520 15.34 -5.18 3.89
C HIS B 520 16.19 -3.92 3.77
N ASN B 521 15.60 -2.91 3.13
CA ASN B 521 16.21 -1.60 3.00
C ASN B 521 16.54 -0.99 4.36
N ALA B 525 15.60 5.53 3.35
CA ALA B 525 14.73 4.49 2.83
C ALA B 525 14.05 4.95 1.55
N SER B 526 13.13 4.12 1.04
CA SER B 526 12.44 4.39 -0.22
C SER B 526 11.21 5.24 0.05
N LYS B 527 11.31 6.52 -0.28
CA LYS B 527 10.22 7.46 -0.10
C LYS B 527 9.25 7.37 -1.28
N GLN B 528 8.35 8.35 -1.37
CA GLN B 528 7.43 8.43 -2.50
C GLN B 528 8.22 8.64 -3.78
N THR B 529 8.25 7.61 -4.62
CA THR B 529 9.00 7.63 -5.87
C THR B 529 8.48 6.51 -6.76
N GLU B 530 8.93 6.53 -8.02
CA GLU B 530 8.72 5.37 -8.88
C GLU B 530 9.57 4.19 -8.42
N ARG B 531 10.53 4.43 -7.54
CA ARG B 531 11.38 3.35 -7.05
C ARG B 531 10.57 2.31 -6.28
N ALA B 532 9.60 2.76 -5.47
CA ALA B 532 8.83 1.82 -4.66
C ALA B 532 8.04 0.87 -5.54
N ASP B 533 7.44 1.37 -6.62
CA ASP B 533 6.74 0.50 -7.56
C ASP B 533 7.72 -0.38 -8.32
N MET B 534 8.82 0.21 -8.80
CA MET B 534 9.71 -0.50 -9.71
C MET B 534 10.42 -1.65 -9.00
N MET B 535 10.75 -1.49 -7.72
CA MET B 535 11.51 -2.54 -7.05
C MET B 535 10.63 -3.68 -6.57
N ARG B 536 9.31 -3.51 -6.63
CA ARG B 536 8.39 -4.58 -6.25
C ARG B 536 7.91 -5.39 -7.44
N ARG B 537 8.11 -4.91 -8.65
CA ARG B 537 7.66 -5.65 -9.83
C ARG B 537 8.49 -6.92 -10.01
N VAL B 538 7.98 -7.81 -10.86
CA VAL B 538 8.71 -9.02 -11.22
C VAL B 538 9.76 -8.63 -12.24
N HIS B 539 11.02 -8.56 -11.82
CA HIS B 539 12.07 -8.23 -12.76
C HIS B 539 12.33 -9.40 -13.69
N ALA B 540 12.86 -9.10 -14.86
CA ALA B 540 13.10 -10.13 -15.86
C ALA B 540 14.28 -11.03 -15.51
N SER B 541 15.05 -10.70 -14.49
CA SER B 541 16.13 -11.57 -14.03
C SER B 541 15.68 -12.55 -12.96
N TYR B 542 14.45 -12.42 -12.47
CA TYR B 542 13.89 -13.34 -11.49
C TYR B 542 13.69 -14.75 -12.06
N PRO B 543 13.16 -14.91 -13.31
CA PRO B 543 12.91 -16.27 -13.82
C PRO B 543 14.02 -17.28 -13.59
N GLY B 544 13.71 -18.32 -12.83
CA GLY B 544 14.63 -19.39 -12.55
C GLY B 544 15.36 -19.28 -11.23
N TYR B 545 15.53 -18.07 -10.71
CA TYR B 545 16.25 -17.82 -9.46
C TYR B 545 15.33 -17.33 -8.36
N ILE B 546 14.45 -16.39 -8.68
CA ILE B 546 13.45 -15.89 -7.75
C ILE B 546 12.09 -16.30 -8.27
N CYS B 547 11.22 -16.78 -7.38
CA CYS B 547 9.88 -17.19 -7.76
C CYS B 547 9.13 -16.02 -8.38
N VAL B 548 8.70 -16.19 -9.62
CA VAL B 548 7.98 -15.13 -10.31
C VAL B 548 6.56 -14.96 -9.77
N ALA B 549 6.09 -15.91 -8.98
CA ALA B 549 4.71 -15.86 -8.49
C ALA B 549 4.62 -15.50 -7.01
N GLN B 550 5.48 -16.07 -6.17
CA GLN B 550 5.33 -15.91 -4.73
C GLN B 550 5.61 -14.48 -4.30
N SER B 551 4.72 -13.93 -3.50
CA SER B 551 4.83 -12.59 -2.95
C SER B 551 3.69 -12.40 -1.96
N ALA B 552 3.71 -11.27 -1.26
CA ALA B 552 2.56 -10.91 -0.45
C ALA B 552 1.52 -10.20 -1.32
N ASP B 553 0.27 -10.60 -1.15
CA ASP B 553 -0.80 -10.02 -1.96
C ASP B 553 -1.41 -8.77 -1.33
N THR B 554 -1.04 -8.44 -0.10
CA THR B 554 -1.68 -7.37 0.64
C THR B 554 -0.63 -6.46 1.26
N GLY B 555 -0.95 -5.18 1.34
CA GLY B 555 -0.15 -4.24 2.10
C GLY B 555 1.11 -3.79 1.39
N GLU B 556 2.04 -3.27 2.19
CA GLU B 556 3.30 -2.77 1.68
C GLU B 556 4.33 -3.87 1.42
N LYS B 557 4.05 -5.09 1.84
CA LYS B 557 4.99 -6.20 1.70
C LYS B 557 4.96 -6.83 0.31
N VAL B 558 4.12 -6.33 -0.60
CA VAL B 558 4.05 -6.89 -1.94
C VAL B 558 5.41 -6.76 -2.60
N GLY B 559 5.92 -7.87 -3.13
CA GLY B 559 7.21 -7.88 -3.80
C GLY B 559 8.40 -7.57 -2.92
N MET B 560 8.19 -7.22 -1.65
CA MET B 560 9.32 -6.95 -0.76
C MET B 560 10.04 -8.24 -0.41
N SER B 561 9.30 -9.27 -0.02
CA SER B 561 9.86 -10.53 0.40
C SER B 561 9.76 -11.53 -0.76
N LYS B 562 10.92 -11.97 -1.24
CA LYS B 562 11.01 -12.84 -2.39
C LYS B 562 11.29 -14.27 -1.95
N GLN B 563 11.18 -15.20 -2.88
CA GLN B 563 11.46 -16.60 -2.62
C GLN B 563 12.32 -17.17 -3.74
N LEU B 564 13.30 -17.98 -3.36
CA LEU B 564 14.11 -18.67 -4.34
C LEU B 564 13.26 -19.66 -5.12
N ALA B 565 13.61 -19.84 -6.40
CA ALA B 565 12.93 -20.82 -7.23
C ALA B 565 13.18 -22.22 -6.72
N ILE B 566 12.57 -23.22 -7.35
CA ILE B 566 12.66 -24.58 -6.81
C ILE B 566 14.06 -25.15 -6.97
N THR B 567 14.73 -24.84 -8.09
CA THR B 567 16.06 -25.34 -8.34
C THR B 567 17.16 -24.34 -8.00
N ALA B 568 16.80 -23.10 -7.65
CA ALA B 568 17.80 -22.09 -7.39
C ALA B 568 18.56 -22.40 -6.10
N ASN B 569 19.85 -22.10 -6.11
CA ASN B 569 20.73 -22.34 -4.99
C ASN B 569 21.61 -21.12 -4.77
N VAL B 570 22.20 -21.04 -3.58
CA VAL B 570 23.09 -19.95 -3.22
C VAL B 570 24.50 -20.50 -3.14
N CYS B 571 25.40 -19.94 -3.96
CA CYS B 571 26.77 -20.42 -4.01
C CYS B 571 27.53 -20.06 -2.75
N THR B 572 28.59 -20.81 -2.49
CA THR B 572 29.57 -20.49 -1.47
C THR B 572 30.86 -20.01 -2.11
N ALA B 573 31.73 -19.44 -1.29
CA ALA B 573 32.97 -18.86 -1.81
C ALA B 573 33.81 -19.91 -2.50
N GLY B 574 34.28 -19.57 -3.71
CA GLY B 574 35.11 -20.49 -4.47
C GLY B 574 36.59 -20.22 -4.31
N GLU B 575 37.39 -21.14 -4.85
CA GLU B 575 38.84 -21.06 -4.74
C GLU B 575 39.33 -20.00 -5.72
N VAL B 576 39.36 -18.75 -5.26
CA VAL B 576 39.78 -17.65 -6.12
C VAL B 576 41.26 -17.77 -6.46
N LEU B 577 42.07 -18.23 -5.51
CA LEU B 577 43.51 -18.27 -5.72
C LEU B 577 43.89 -19.23 -6.84
N SER B 578 43.25 -20.41 -6.87
CA SER B 578 43.58 -21.39 -7.90
C SER B 578 43.22 -20.87 -9.28
N LEU B 579 42.02 -20.31 -9.42
CA LEU B 579 41.62 -19.79 -10.73
C LEU B 579 42.46 -18.60 -11.13
N LYS B 580 42.84 -17.76 -10.17
CA LYS B 580 43.71 -16.62 -10.48
C LYS B 580 45.06 -17.09 -10.98
N GLN B 581 45.64 -18.11 -10.33
CA GLN B 581 46.90 -18.66 -10.80
C GLN B 581 46.76 -19.30 -12.17
N ARG B 582 45.66 -20.01 -12.41
CA ARG B 582 45.43 -20.61 -13.72
C ARG B 582 45.34 -19.55 -14.80
N LEU B 583 44.62 -18.46 -14.53
CA LEU B 583 44.47 -17.39 -15.50
C LEU B 583 45.79 -16.68 -15.74
N LEU B 584 46.56 -16.42 -14.69
CA LEU B 584 47.82 -15.70 -14.84
C LEU B 584 48.82 -16.50 -15.66
N SER B 585 48.78 -17.83 -15.56
CA SER B 585 49.65 -18.68 -16.36
C SER B 585 49.12 -18.91 -17.77
N ASP B 586 47.91 -18.43 -18.07
CA ASP B 586 47.36 -18.59 -19.40
C ASP B 586 48.15 -17.71 -20.38
N PRO B 587 48.65 -18.27 -21.48
CA PRO B 587 49.39 -17.45 -22.45
C PRO B 587 48.53 -16.37 -23.09
N ALA B 588 47.21 -16.49 -23.06
CA ALA B 588 46.32 -15.51 -23.66
C ALA B 588 45.93 -14.39 -22.71
N ILE B 589 46.40 -14.42 -21.47
CA ILE B 589 46.16 -13.34 -20.52
C ILE B 589 47.46 -12.58 -20.31
N GLN B 590 47.47 -11.32 -20.75
CA GLN B 590 48.63 -10.46 -20.57
C GLN B 590 48.47 -9.70 -19.26
N GLN B 591 49.27 -10.07 -18.26
CA GLN B 591 49.12 -9.51 -16.92
C GLN B 591 49.26 -7.99 -16.95
N LEU B 592 48.68 -7.36 -15.92
CA LEU B 592 48.70 -5.90 -15.85
C LEU B 592 50.12 -5.36 -15.84
N ALA B 593 51.06 -6.11 -15.29
CA ALA B 593 52.44 -5.64 -15.24
C ALA B 593 53.05 -5.47 -16.62
N ASP B 594 52.49 -6.12 -17.64
CA ASP B 594 53.09 -6.15 -18.97
C ASP B 594 52.37 -5.32 -20.01
N VAL B 595 51.10 -4.95 -19.77
CA VAL B 595 50.30 -4.22 -20.74
C VAL B 595 49.98 -2.85 -20.18
N SER B 596 50.26 -1.81 -20.97
CA SER B 596 49.90 -0.45 -20.62
C SER B 596 48.55 -0.10 -21.23
N ASN B 597 47.93 0.95 -20.68
CA ASN B 597 46.60 1.34 -21.13
C ASN B 597 46.59 1.72 -22.61
N LYS B 598 47.70 2.29 -23.10
CA LYS B 598 47.83 2.52 -24.53
C LYS B 598 47.75 1.22 -25.30
N ASP B 599 48.41 0.17 -24.81
CA ASP B 599 48.30 -1.13 -25.46
C ASP B 599 46.92 -1.75 -25.25
N ILE B 600 46.22 -1.35 -24.19
CA ILE B 600 44.86 -1.84 -23.98
C ILE B 600 43.95 -1.32 -25.08
N VAL B 601 44.02 -0.01 -25.35
CA VAL B 601 43.09 0.57 -26.32
C VAL B 601 43.54 0.31 -27.76
N ARG B 602 44.84 0.46 -28.03
CA ARG B 602 45.31 0.41 -29.40
C ARG B 602 45.31 -1.01 -29.96
N LYS B 603 45.62 -2.00 -29.13
CA LYS B 603 45.50 -3.38 -29.57
C LYS B 603 44.09 -3.91 -29.45
N GLY B 604 43.16 -3.11 -28.97
CA GLY B 604 41.79 -3.57 -28.77
C GLY B 604 41.67 -4.68 -27.75
N LEU B 605 42.49 -4.63 -26.71
CA LEU B 605 42.51 -5.69 -25.72
C LEU B 605 41.30 -5.62 -24.82
N ALA B 606 40.72 -6.78 -24.53
CA ALA B 606 39.65 -6.92 -23.56
C ALA B 606 40.24 -6.94 -22.16
N ARG B 607 39.41 -6.68 -21.16
CA ARG B 607 39.83 -6.65 -19.77
C ARG B 607 39.21 -7.81 -19.01
N VAL B 608 40.05 -8.56 -18.31
CA VAL B 608 39.65 -9.75 -17.57
C VAL B 608 39.60 -9.42 -16.09
N PHE B 609 38.53 -9.83 -15.43
CA PHE B 609 38.36 -9.64 -14.00
C PHE B 609 38.15 -10.98 -13.33
N ILE B 610 38.49 -11.06 -12.05
CA ILE B 610 38.13 -12.20 -11.22
C ILE B 610 37.67 -11.67 -9.87
N ASN B 611 36.41 -11.94 -9.53
CA ASN B 611 35.78 -11.39 -8.33
C ASN B 611 35.86 -9.86 -8.35
N GLY B 612 35.77 -9.27 -9.53
CA GLY B 612 35.81 -7.84 -9.67
C GLY B 612 37.19 -7.23 -9.62
N GLU B 613 38.22 -8.03 -9.34
CA GLU B 613 39.59 -7.55 -9.29
C GLU B 613 40.19 -7.66 -10.68
N TRP B 614 40.51 -6.51 -11.28
CA TRP B 614 40.97 -6.47 -12.66
C TRP B 614 42.40 -6.99 -12.72
N ILE B 615 42.59 -8.10 -13.41
CA ILE B 615 43.92 -8.67 -13.63
C ILE B 615 43.92 -9.27 -15.03
N GLY B 616 44.75 -8.74 -15.91
CA GLY B 616 44.97 -9.35 -17.20
C GLY B 616 44.21 -8.72 -18.35
N CYS B 617 44.56 -9.12 -19.57
CA CYS B 617 43.91 -8.66 -20.78
C CYS B 617 44.10 -9.75 -21.83
N CYS B 618 43.09 -9.96 -22.66
CA CYS B 618 43.15 -10.99 -23.69
C CYS B 618 42.91 -10.38 -25.05
N THR B 619 43.49 -11.01 -26.07
CA THR B 619 43.24 -10.56 -27.44
C THR B 619 41.77 -10.71 -27.81
N ASN B 620 41.16 -11.83 -27.45
CA ASN B 620 39.77 -12.12 -27.79
C ASN B 620 39.03 -12.51 -26.52
N ALA B 621 38.13 -11.64 -26.07
CA ALA B 621 37.35 -11.94 -24.87
C ALA B 621 36.46 -13.16 -25.08
N PHE B 622 35.80 -13.25 -26.23
CA PHE B 622 34.88 -14.34 -26.48
C PHE B 622 35.60 -15.69 -26.46
N GLU B 623 36.77 -15.76 -27.08
CA GLU B 623 37.50 -17.03 -27.11
C GLU B 623 37.89 -17.46 -25.70
N LEU B 624 38.38 -16.53 -24.89
CA LEU B 624 38.77 -16.87 -23.52
C LEU B 624 37.57 -17.33 -22.71
N ALA B 625 36.46 -16.60 -22.81
CA ALA B 625 35.26 -16.97 -22.05
C ALA B 625 34.75 -18.34 -22.49
N GLN B 626 34.72 -18.58 -23.80
CA GLN B 626 34.25 -19.87 -24.31
C GLN B 626 35.17 -21.00 -23.87
N ARG B 627 36.48 -20.79 -23.93
CA ARG B 627 37.42 -21.83 -23.54
C ARG B 627 37.31 -22.15 -22.06
N TYR B 628 37.15 -21.13 -21.21
CA TYR B 628 37.02 -21.41 -19.80
C TYR B 628 35.64 -21.97 -19.45
N ARG B 629 34.61 -21.67 -20.24
CA ARG B 629 33.34 -22.37 -20.07
C ARG B 629 33.49 -23.84 -20.41
N MET B 630 34.26 -24.16 -21.47
CA MET B 630 34.52 -25.56 -21.80
C MET B 630 35.30 -26.25 -20.68
N LEU B 631 36.30 -25.56 -20.13
CA LEU B 631 37.07 -26.15 -19.03
C LEU B 631 36.18 -26.38 -17.81
N ARG B 632 35.29 -25.43 -17.51
CA ARG B 632 34.34 -25.63 -16.43
C ARG B 632 33.43 -26.82 -16.71
N ARG B 633 33.05 -27.01 -17.96
CA ARG B 633 32.27 -28.18 -18.34
C ARG B 633 33.04 -29.46 -18.08
N GLU B 634 34.34 -29.46 -18.40
CA GLU B 634 35.18 -30.62 -18.07
C GLU B 634 35.22 -30.85 -16.57
N GLY B 635 35.30 -29.78 -15.78
CA GLY B 635 35.05 -29.85 -14.35
C GLY B 635 36.26 -29.93 -13.45
N LYS B 636 37.47 -29.96 -14.01
CA LYS B 636 38.68 -30.15 -13.21
C LYS B 636 39.40 -28.85 -12.91
N VAL B 637 39.80 -28.13 -13.95
CA VAL B 637 40.65 -26.94 -13.76
C VAL B 637 39.84 -25.72 -13.34
N VAL B 638 38.60 -25.60 -13.78
CA VAL B 638 37.72 -24.52 -13.37
C VAL B 638 36.53 -25.14 -12.67
N HIS B 639 36.25 -24.67 -11.46
CA HIS B 639 35.17 -25.25 -10.67
C HIS B 639 33.84 -25.05 -11.39
N PRO B 640 32.92 -26.01 -11.31
CA PRO B 640 31.64 -25.85 -12.01
C PRO B 640 30.78 -24.72 -11.49
N HIS B 641 31.05 -24.21 -10.29
CA HIS B 641 30.22 -23.17 -9.69
C HIS B 641 30.73 -21.75 -9.97
N THR B 642 31.77 -21.61 -10.79
CA THR B 642 32.26 -20.26 -11.10
C THR B 642 31.46 -19.66 -12.24
N THR B 643 31.28 -18.34 -12.19
CA THR B 643 30.56 -17.61 -13.21
C THR B 643 31.54 -17.07 -14.24
N ILE B 644 31.24 -17.27 -15.52
CA ILE B 644 32.07 -16.76 -16.61
C ILE B 644 31.18 -15.88 -17.46
N TYR B 645 31.16 -14.59 -17.17
CA TYR B 645 30.32 -13.63 -17.88
C TYR B 645 31.18 -12.87 -18.87
N TRP B 646 30.71 -12.78 -20.11
CA TRP B 646 31.41 -12.04 -21.15
C TRP B 646 30.55 -10.87 -21.56
N ASP B 647 30.89 -9.67 -21.08
CA ASP B 647 30.15 -8.45 -21.41
C ASP B 647 30.48 -8.08 -22.85
N SER B 648 29.57 -8.40 -23.76
CA SER B 648 29.82 -8.11 -25.18
C SER B 648 29.82 -6.63 -25.47
N MET B 649 29.22 -5.81 -24.61
CA MET B 649 29.13 -4.39 -24.88
C MET B 649 30.47 -3.69 -24.76
N VAL B 650 31.33 -4.14 -23.85
CA VAL B 650 32.63 -3.51 -23.67
C VAL B 650 33.74 -4.54 -23.64
N ASP B 651 33.45 -5.77 -24.03
CA ASP B 651 34.44 -6.84 -24.15
C ASP B 651 35.21 -6.99 -22.82
N GLU B 652 34.47 -7.40 -21.79
CA GLU B 652 35.06 -7.64 -20.49
C GLU B 652 34.62 -9.01 -19.99
N VAL B 653 35.57 -9.91 -19.80
CA VAL B 653 35.31 -11.23 -19.25
C VAL B 653 35.42 -11.14 -17.74
N GLU B 654 34.40 -11.61 -17.03
CA GLU B 654 34.36 -11.54 -15.58
C GLU B 654 34.21 -12.94 -15.03
N PHE B 655 35.15 -13.35 -14.19
CA PHE B 655 35.04 -14.58 -13.43
C PHE B 655 34.59 -14.21 -12.02
N TRP B 656 33.49 -14.81 -11.57
CA TRP B 656 32.96 -14.54 -10.24
C TRP B 656 32.94 -15.83 -9.46
N LEU B 657 33.60 -15.84 -8.31
CA LEU B 657 33.62 -16.99 -7.42
C LEU B 657 33.19 -16.61 -6.00
N ASP B 658 32.61 -15.44 -5.82
CA ASP B 658 32.26 -14.98 -4.48
C ASP B 658 31.07 -15.75 -3.93
N VAL B 659 30.75 -15.47 -2.68
CA VAL B 659 29.65 -16.12 -2.00
C VAL B 659 28.36 -15.36 -2.30
N GLY B 660 27.23 -16.06 -2.24
CA GLY B 660 25.95 -15.44 -2.41
C GLY B 660 25.42 -15.39 -3.82
N ARG B 661 26.16 -15.89 -4.80
CA ARG B 661 25.66 -15.92 -6.16
C ARG B 661 24.49 -16.88 -6.26
N LEU B 662 23.39 -16.42 -6.85
CA LEU B 662 22.26 -17.29 -7.11
C LEU B 662 22.59 -18.18 -8.30
N THR B 663 22.39 -19.48 -8.16
CA THR B 663 22.72 -20.42 -9.20
C THR B 663 21.57 -21.40 -9.39
N ARG B 664 21.46 -21.93 -10.61
CA ARG B 664 20.47 -22.93 -10.90
C ARG B 664 21.00 -23.79 -12.03
N PRO B 665 20.77 -25.10 -12.01
CA PRO B 665 21.30 -25.98 -13.04
C PRO B 665 20.46 -25.91 -14.30
N LEU B 666 21.12 -25.77 -15.44
CA LEU B 666 20.45 -25.72 -16.73
C LEU B 666 21.03 -26.79 -17.63
N LEU B 667 20.17 -27.57 -18.26
CA LEU B 667 20.62 -28.60 -19.18
C LEU B 667 21.20 -27.96 -20.42
N ILE B 668 22.34 -28.48 -20.87
CA ILE B 668 23.07 -27.86 -21.96
C ILE B 668 22.56 -28.37 -23.29
N VAL B 669 22.43 -27.47 -24.26
CA VAL B 669 21.99 -27.78 -25.61
C VAL B 669 23.19 -27.74 -26.53
N ASP B 670 23.40 -28.81 -27.28
CA ASP B 670 24.52 -28.90 -28.20
C ASP B 670 23.99 -29.03 -29.62
N ASN B 671 24.76 -28.52 -30.59
CA ASN B 671 24.34 -28.50 -31.97
C ASN B 671 25.52 -28.82 -32.88
N ASN B 672 25.23 -28.93 -34.18
CA ASN B 672 26.23 -29.23 -35.20
C ASN B 672 26.58 -28.00 -36.03
N ILE B 673 26.69 -26.84 -35.40
CA ILE B 673 26.91 -25.60 -36.15
C ILE B 673 28.23 -25.64 -36.91
N GLU B 674 29.23 -26.36 -36.40
CA GLU B 674 30.50 -26.44 -37.10
C GLU B 674 30.38 -27.25 -38.38
N LYS B 675 29.76 -28.44 -38.29
CA LYS B 675 29.53 -29.23 -39.49
C LYS B 675 28.56 -28.53 -40.42
N TYR B 676 27.58 -27.82 -39.86
CA TYR B 676 26.67 -27.04 -40.68
C TYR B 676 27.41 -25.97 -41.47
N ASN B 677 28.34 -25.27 -40.82
CA ASN B 677 29.13 -24.25 -41.51
C ASN B 677 30.00 -24.87 -42.58
N GLN B 678 30.63 -26.01 -42.29
CA GLN B 678 31.46 -26.66 -43.30
C GLN B 678 30.63 -27.11 -44.50
N ALA B 679 29.43 -27.65 -44.24
CA ALA B 679 28.55 -28.03 -45.35
C ALA B 679 28.11 -26.81 -46.14
N CYS B 680 27.85 -25.69 -45.46
CA CYS B 680 27.51 -24.46 -46.18
C CYS B 680 28.66 -24.01 -47.06
N TYR B 681 29.88 -24.08 -46.56
CA TYR B 681 31.04 -23.70 -47.37
C TYR B 681 31.19 -24.63 -48.57
N LYS B 682 31.01 -25.93 -48.36
CA LYS B 682 31.10 -26.88 -49.46
C LYS B 682 30.03 -26.59 -50.51
N ALA B 683 28.82 -26.28 -50.07
CA ALA B 683 27.76 -25.92 -51.01
C ALA B 683 28.12 -24.66 -51.77
N ALA B 684 28.74 -23.69 -51.08
CA ALA B 684 29.15 -22.46 -51.77
C ALA B 684 30.19 -22.75 -52.84
N GLU B 685 31.17 -23.60 -52.53
CA GLU B 685 32.15 -23.98 -53.54
C GLU B 685 31.49 -24.73 -54.69
N ALA B 686 30.48 -25.55 -54.39
CA ALA B 686 29.74 -26.23 -55.45
C ALA B 686 29.04 -25.24 -56.36
N ARG B 687 28.42 -24.21 -55.78
CA ARG B 687 27.80 -23.16 -56.58
C ARG B 687 28.83 -22.46 -57.45
N LYS B 688 30.00 -22.16 -56.87
CA LYS B 688 31.04 -21.47 -57.64
C LYS B 688 31.52 -22.33 -58.80
N LYS B 689 31.73 -23.63 -58.56
CA LYS B 689 32.18 -24.52 -59.62
C LYS B 689 31.12 -24.67 -60.70
N GLY B 690 29.86 -24.71 -60.31
CA GLY B 690 28.78 -24.78 -61.27
C GLY B 690 27.90 -26.00 -61.13
N ASP B 691 27.90 -26.61 -59.94
CA ASP B 691 27.05 -27.77 -59.71
C ASP B 691 25.58 -27.36 -59.72
N LYS B 692 24.76 -28.13 -60.44
CA LYS B 692 23.34 -27.83 -60.54
C LYS B 692 22.57 -28.19 -59.28
N ASP B 693 23.02 -29.17 -58.53
CA ASP B 693 22.33 -29.67 -57.35
C ASP B 693 23.14 -29.40 -56.09
N TRP B 694 23.75 -28.22 -56.03
CA TRP B 694 24.60 -27.81 -54.91
C TRP B 694 23.90 -27.96 -53.57
N GLU B 695 22.58 -28.11 -53.56
CA GLU B 695 21.83 -28.37 -52.33
C GLU B 695 22.20 -29.71 -51.70
N LYS B 696 22.83 -30.60 -52.46
CA LYS B 696 23.12 -31.94 -51.96
C LYS B 696 24.16 -31.91 -50.86
N HIS B 697 25.12 -30.98 -50.93
CA HIS B 697 26.21 -30.97 -49.98
C HIS B 697 25.79 -30.46 -48.61
N LYS B 698 24.67 -29.75 -48.50
CA LYS B 698 24.27 -29.22 -47.22
C LYS B 698 23.75 -30.32 -46.31
N ILE B 699 23.73 -30.02 -45.01
CA ILE B 699 23.26 -30.96 -44.00
C ILE B 699 22.23 -30.26 -43.12
N PRO B 700 21.29 -30.98 -42.53
CA PRO B 700 20.28 -30.34 -41.68
C PRO B 700 20.84 -29.97 -40.32
N PHE B 701 20.49 -28.78 -39.86
CA PHE B 701 20.87 -28.34 -38.52
C PHE B 701 20.15 -29.19 -37.49
N ILE B 702 20.88 -29.68 -36.50
CA ILE B 702 20.32 -30.44 -35.39
C ILE B 702 20.85 -29.87 -34.10
N GLN B 703 19.96 -29.35 -33.26
CA GLN B 703 20.30 -28.96 -31.91
C GLN B 703 19.46 -29.80 -30.95
N ASN B 704 20.07 -30.17 -29.83
CA ASN B 704 19.45 -31.13 -28.93
C ASN B 704 20.07 -30.98 -27.55
N THR B 705 19.49 -31.66 -26.58
CA THR B 705 20.11 -31.81 -25.28
C THR B 705 20.51 -33.27 -25.09
N ARG B 706 21.54 -33.50 -24.29
CA ARG B 706 22.04 -34.85 -24.08
C ARG B 706 21.30 -35.60 -22.99
N PHE B 707 20.28 -35.00 -22.40
CA PHE B 707 19.46 -35.66 -21.39
C PHE B 707 18.58 -36.70 -22.07
N THR B 708 19.02 -37.95 -22.08
CA THR B 708 18.23 -39.04 -22.62
C THR B 708 17.22 -39.54 -21.59
N PRO B 709 16.14 -40.17 -22.03
CA PRO B 709 15.18 -40.72 -21.05
C PRO B 709 15.79 -41.73 -20.12
N GLN B 710 16.82 -42.45 -20.56
CA GLN B 710 17.53 -43.34 -19.67
C GLN B 710 18.19 -42.57 -18.53
N MET B 711 18.63 -41.35 -18.77
CA MET B 711 19.14 -40.52 -17.68
C MET B 711 18.04 -40.23 -16.66
N ALA B 712 16.82 -39.96 -17.14
CA ALA B 712 15.71 -39.74 -16.22
C ALA B 712 15.42 -41.00 -15.42
N LYS B 713 15.45 -42.15 -16.07
CA LYS B 713 15.23 -43.41 -15.35
C LYS B 713 16.30 -43.64 -14.30
N ASP B 714 17.56 -43.32 -14.63
CA ASP B 714 18.63 -43.46 -13.66
C ASP B 714 18.45 -42.52 -12.48
N ILE B 715 18.08 -41.26 -12.77
CA ILE B 715 17.87 -40.29 -11.69
C ILE B 715 16.76 -40.77 -10.77
N LEU B 716 15.70 -41.34 -11.34
CA LEU B 716 14.65 -41.95 -10.52
C LEU B 716 15.20 -43.11 -9.70
N ALA B 717 16.04 -43.94 -10.32
CA ALA B 717 16.62 -45.09 -9.63
C ALA B 717 17.69 -44.68 -8.61
N GLY B 718 18.14 -43.44 -8.63
CA GLY B 718 19.17 -43.00 -7.72
C GLY B 718 20.59 -43.28 -8.16
N THR B 719 20.79 -43.85 -9.35
CA THR B 719 22.13 -44.12 -9.85
C THR B 719 22.74 -42.94 -10.58
N LEU B 720 22.03 -41.82 -10.65
CA LEU B 720 22.54 -40.61 -11.29
C LEU B 720 22.11 -39.40 -10.48
N THR B 721 23.03 -38.46 -10.29
CA THR B 721 22.77 -37.27 -9.51
C THR B 721 23.10 -36.04 -10.36
N LEU B 722 22.78 -34.86 -9.83
CA LEU B 722 23.14 -33.64 -10.54
C LEU B 722 24.65 -33.45 -10.58
N GLU B 723 25.36 -33.96 -9.58
CA GLU B 723 26.82 -33.94 -9.64
C GLU B 723 27.32 -34.74 -10.83
N ASP B 724 26.72 -35.91 -11.07
CA ASP B 724 27.11 -36.72 -12.22
C ASP B 724 26.71 -36.06 -13.53
N LEU B 725 25.54 -35.40 -13.55
CA LEU B 725 25.12 -34.72 -14.77
C LEU B 725 26.05 -33.57 -15.11
N VAL B 726 26.47 -32.81 -14.10
CA VAL B 726 27.45 -31.76 -14.32
C VAL B 726 28.79 -32.34 -14.74
N ALA B 727 29.21 -33.42 -14.10
CA ALA B 727 30.49 -34.03 -14.41
C ALA B 727 30.55 -34.51 -15.86
N GLN B 728 29.46 -35.13 -16.33
CA GLN B 728 29.42 -35.62 -17.70
C GLN B 728 29.18 -34.50 -18.71
N GLY B 729 28.90 -33.29 -18.26
CA GLY B 729 28.65 -32.19 -19.17
C GLY B 729 27.24 -32.14 -19.72
N ILE B 730 26.31 -32.90 -19.14
CA ILE B 730 24.93 -32.85 -19.60
C ILE B 730 24.28 -31.52 -19.24
N CYS B 731 24.57 -30.98 -18.07
CA CYS B 731 24.03 -29.71 -17.63
C CYS B 731 25.14 -28.87 -17.04
N GLU B 732 24.78 -27.67 -16.59
CA GLU B 732 25.74 -26.79 -15.94
C GLU B 732 24.99 -25.77 -15.12
N PHE B 733 25.73 -25.10 -14.23
CA PHE B 733 25.15 -24.12 -13.33
C PHE B 733 25.25 -22.73 -13.95
N ILE B 734 24.13 -22.02 -13.99
CA ILE B 734 24.06 -20.71 -14.62
C ILE B 734 23.51 -19.73 -13.60
N THR B 735 24.24 -18.68 -13.37
CA THR B 735 24.15 -17.50 -12.52
C THR B 735 23.56 -16.34 -13.33
N PRO B 736 22.84 -15.41 -12.70
CA PRO B 736 22.26 -14.30 -13.48
C PRO B 736 23.27 -13.54 -14.33
N GLU B 737 24.48 -13.31 -13.81
CA GLU B 737 25.54 -12.73 -14.62
C GLU B 737 25.75 -13.55 -15.89
N GLU B 738 25.88 -14.86 -15.73
CA GLU B 738 26.02 -15.71 -16.91
C GLU B 738 24.69 -15.91 -17.61
N ALA B 739 23.58 -15.85 -16.88
CA ALA B 739 22.27 -15.99 -17.51
C ALA B 739 22.04 -14.89 -18.55
N GLU B 740 22.67 -13.74 -18.38
CA GLU B 740 22.59 -12.72 -19.41
C GLU B 740 23.38 -13.08 -20.66
N ASN B 741 24.17 -14.15 -20.61
CA ASN B 741 24.88 -14.67 -21.78
C ASN B 741 24.24 -15.93 -22.35
N CYS B 742 23.06 -16.32 -21.86
CA CYS B 742 22.42 -17.53 -22.30
C CYS B 742 21.24 -17.23 -23.23
N LEU B 743 20.79 -18.26 -23.92
CA LEU B 743 19.52 -18.24 -24.64
C LEU B 743 18.85 -19.57 -24.34
N VAL B 744 17.86 -19.55 -23.46
CA VAL B 744 17.32 -20.75 -22.85
C VAL B 744 15.99 -21.08 -23.51
N ALA B 745 15.89 -22.28 -24.08
CA ALA B 745 14.60 -22.81 -24.50
C ALA B 745 13.77 -23.11 -23.27
N PHE B 746 12.54 -22.61 -23.23
CA PHE B 746 11.79 -22.68 -21.99
C PHE B 746 11.32 -24.09 -21.66
N SER B 747 11.38 -25.02 -22.61
CA SER B 747 10.98 -26.39 -22.33
C SER B 747 11.59 -27.29 -23.40
N ILE B 748 11.59 -28.60 -23.12
CA ILE B 748 12.05 -29.56 -24.10
C ILE B 748 11.13 -29.58 -25.31
N ILE B 749 9.87 -29.18 -25.13
CA ILE B 749 8.95 -29.10 -26.26
C ILE B 749 9.41 -28.02 -27.25
N GLU B 750 9.81 -26.86 -26.73
CA GLU B 750 10.30 -25.80 -27.61
C GLU B 750 11.57 -26.21 -28.31
N LEU B 751 12.49 -26.87 -27.59
CA LEU B 751 13.72 -27.33 -28.21
C LEU B 751 13.44 -28.36 -29.30
N ARG B 752 12.50 -29.26 -29.05
CA ARG B 752 12.12 -30.24 -30.05
C ARG B 752 11.49 -29.58 -31.27
N LYS B 753 10.67 -28.54 -31.03
CA LYS B 753 10.08 -27.81 -32.14
C LYS B 753 11.14 -27.10 -32.97
N HIS B 754 12.13 -26.51 -32.30
CA HIS B 754 13.23 -25.81 -32.96
C HIS B 754 14.45 -26.69 -33.16
N LYS B 755 14.26 -28.01 -33.25
CA LYS B 755 15.41 -28.91 -33.36
C LYS B 755 16.23 -28.59 -34.60
N HIS B 756 15.57 -28.23 -35.70
CA HIS B 756 16.26 -27.93 -36.95
C HIS B 756 16.23 -26.45 -37.30
N ASP B 757 16.07 -25.58 -36.30
CA ASP B 757 16.02 -24.15 -36.54
C ASP B 757 17.41 -23.56 -36.30
N VAL B 758 18.06 -23.13 -37.39
CA VAL B 758 19.38 -22.51 -37.29
C VAL B 758 19.31 -21.06 -36.88
N THR B 759 18.10 -20.51 -36.73
CA THR B 759 17.92 -19.13 -36.29
C THR B 759 17.74 -19.01 -34.78
N ARG B 760 17.39 -20.10 -34.10
CA ARG B 760 17.24 -20.13 -32.66
C ARG B 760 18.16 -21.23 -32.14
N ARG B 761 19.40 -20.87 -31.84
CA ARG B 761 20.40 -21.81 -31.35
C ARG B 761 20.50 -21.62 -29.84
N PHE B 762 19.66 -22.36 -29.11
CA PHE B 762 19.60 -22.21 -27.67
C PHE B 762 20.88 -22.72 -27.02
N THR B 763 21.38 -21.94 -26.05
CA THR B 763 22.52 -22.39 -25.27
C THR B 763 22.12 -23.42 -24.23
N HIS B 764 20.91 -23.32 -23.69
CA HIS B 764 20.44 -24.23 -22.66
C HIS B 764 18.95 -24.51 -22.88
N VAL B 765 18.47 -25.55 -22.22
CA VAL B 765 17.06 -25.92 -22.21
C VAL B 765 16.60 -25.99 -20.77
N ASP B 766 15.45 -25.37 -20.49
CA ASP B 766 14.94 -25.25 -19.13
C ASP B 766 13.90 -26.33 -18.87
N VAL B 767 13.55 -26.46 -17.59
CA VAL B 767 12.35 -27.17 -17.16
C VAL B 767 11.37 -26.13 -16.63
N PRO B 768 10.20 -25.97 -17.25
CA PRO B 768 9.35 -24.83 -16.90
C PRO B 768 8.94 -24.78 -15.45
N GLN B 769 8.92 -25.93 -14.76
CA GLN B 769 8.60 -25.93 -13.34
C GLN B 769 9.67 -25.26 -12.50
N ALA B 770 10.84 -24.97 -13.07
CA ALA B 770 11.91 -24.36 -12.30
C ALA B 770 11.62 -22.89 -11.98
N ILE B 771 10.81 -22.22 -12.80
CA ILE B 771 10.60 -20.78 -12.61
C ILE B 771 9.76 -20.47 -11.39
N LEU B 772 9.15 -21.48 -10.77
CA LEU B 772 8.26 -21.27 -9.65
C LEU B 772 8.90 -21.73 -8.35
N GLY B 773 8.52 -21.08 -7.25
CA GLY B 773 9.00 -21.46 -5.95
C GLY B 773 8.29 -22.68 -5.43
N LEU B 774 8.63 -23.06 -4.20
CA LEU B 774 8.05 -24.26 -3.62
C LEU B 774 6.57 -24.07 -3.31
N ALA B 775 6.19 -22.92 -2.75
CA ALA B 775 4.79 -22.69 -2.42
C ALA B 775 3.97 -22.43 -3.67
N ALA B 776 4.55 -21.80 -4.68
CA ALA B 776 3.82 -21.56 -5.93
C ALA B 776 3.63 -22.82 -6.74
N LEU B 777 4.40 -23.87 -6.46
CA LEU B 777 4.20 -25.14 -7.14
C LEU B 777 3.04 -25.92 -6.54
N VAL B 778 2.57 -25.54 -5.36
CA VAL B 778 1.44 -26.24 -4.74
C VAL B 778 0.19 -26.09 -5.59
N SER B 779 -0.01 -24.93 -6.19
CA SER B 779 -1.18 -24.68 -7.01
C SER B 779 -1.19 -25.62 -8.22
N PRO B 780 -2.23 -26.44 -8.39
CA PRO B 780 -2.27 -27.33 -9.55
C PRO B 780 -2.73 -26.59 -10.78
N TYR B 781 -2.13 -26.93 -11.92
CA TYR B 781 -2.46 -26.28 -13.19
C TYR B 781 -2.36 -24.77 -13.05
N ALA B 782 -1.27 -24.33 -12.42
CA ALA B 782 -1.10 -22.90 -12.15
C ALA B 782 -1.01 -22.09 -13.44
N ASN B 783 -0.49 -22.69 -14.51
CA ASN B 783 -0.44 -22.00 -15.78
C ASN B 783 -1.83 -21.78 -16.37
N CYS B 784 -2.84 -22.47 -15.85
CA CYS B 784 -4.22 -22.25 -16.27
C CYS B 784 -4.94 -21.23 -15.40
N THR B 785 -4.47 -21.01 -14.19
CA THR B 785 -5.03 -20.00 -13.31
C THR B 785 -4.41 -18.64 -13.62
N GLN B 786 -5.18 -17.59 -13.37
CA GLN B 786 -4.65 -16.24 -13.51
C GLN B 786 -3.50 -16.04 -12.52
N PRO B 787 -2.36 -15.49 -12.95
CA PRO B 787 -1.17 -15.49 -12.09
C PRO B 787 -1.37 -14.79 -10.74
N ALA B 788 -2.15 -13.71 -10.70
CA ALA B 788 -2.42 -13.07 -9.42
C ALA B 788 -3.02 -14.07 -8.43
N ARG B 789 -3.93 -14.92 -8.91
CA ARG B 789 -4.48 -15.95 -8.04
C ARG B 789 -3.42 -16.94 -7.61
N VAL B 790 -2.40 -17.17 -8.45
CA VAL B 790 -1.29 -18.02 -8.04
C VAL B 790 -0.53 -17.38 -6.89
N THR B 791 -0.33 -16.05 -6.93
CA THR B 791 0.29 -15.37 -5.81
C THR B 791 -0.56 -15.50 -4.54
N TYR B 792 -1.88 -15.31 -4.68
CA TYR B 792 -2.77 -15.52 -3.54
C TYR B 792 -2.60 -16.91 -2.98
N GLU B 793 -2.41 -17.91 -3.86
CA GLU B 793 -2.19 -19.26 -3.39
C GLU B 793 -0.85 -19.38 -2.66
N THR B 794 0.19 -18.73 -3.17
CA THR B 794 1.46 -18.75 -2.47
C THR B 794 1.31 -18.24 -1.04
N ASN B 795 0.40 -17.28 -0.84
CA ASN B 795 0.15 -16.80 0.53
C ASN B 795 -0.69 -17.78 1.34
N GLN B 796 -1.78 -18.28 0.74
CA GLN B 796 -2.74 -19.07 1.50
C GLN B 796 -2.18 -20.44 1.87
N GLY B 797 -1.41 -21.06 0.98
CA GLY B 797 -0.81 -22.35 1.29
C GLY B 797 0.16 -22.27 2.45
N ARG B 798 0.81 -21.13 2.62
CA ARG B 798 1.63 -20.91 3.80
C ARG B 798 0.81 -20.55 5.02
N GLN B 799 -0.38 -19.97 4.83
CA GLN B 799 -1.28 -19.75 5.96
C GLN B 799 -2.07 -21.00 6.34
N THR B 800 -2.04 -22.04 5.51
CA THR B 800 -2.95 -23.16 5.67
C THR B 800 -2.64 -23.97 6.92
N GLY B 801 -3.68 -24.34 7.66
CA GLY B 801 -3.51 -25.21 8.80
C GLY B 801 -3.31 -26.66 8.39
N GLY B 802 -2.42 -27.33 9.09
CA GLY B 802 -2.11 -28.73 8.82
C GLY B 802 -1.28 -29.31 9.94
N TRP B 803 -0.38 -30.23 9.61
CA TRP B 803 0.59 -30.73 10.58
C TRP B 803 1.68 -29.68 10.71
N TYR B 804 1.50 -28.77 11.66
CA TYR B 804 2.39 -27.62 11.76
C TYR B 804 3.78 -28.01 12.21
N CYS B 805 3.90 -29.01 13.07
CA CYS B 805 5.20 -29.49 13.50
C CYS B 805 5.07 -30.97 13.83
N PHE B 806 6.03 -31.76 13.34
CA PHE B 806 5.96 -33.20 13.55
C PHE B 806 6.17 -33.58 15.02
N SER B 807 6.89 -32.75 15.76
CA SER B 807 7.10 -32.95 17.20
C SER B 807 6.26 -32.01 18.04
N TRP B 808 5.02 -31.73 17.61
CA TRP B 808 4.19 -30.77 18.33
C TRP B 808 3.97 -31.07 19.81
N PRO B 809 3.78 -32.32 20.25
CA PRO B 809 3.51 -32.51 21.69
C PRO B 809 4.64 -32.05 22.59
N TYR B 810 5.90 -32.16 22.14
CA TYR B 810 7.02 -31.74 22.97
C TYR B 810 7.11 -30.24 23.08
N ARG B 811 6.51 -29.49 22.16
CA ARG B 811 6.66 -28.05 22.12
C ARG B 811 5.56 -27.36 22.93
N VAL B 812 5.83 -26.11 23.28
CA VAL B 812 4.84 -25.22 23.89
C VAL B 812 4.85 -23.95 23.02
N ASP B 813 3.98 -23.92 22.02
CA ASP B 813 3.96 -22.84 21.04
C ASP B 813 2.68 -22.03 21.18
N MET B 814 2.82 -20.71 21.05
CA MET B 814 1.68 -19.82 21.15
C MET B 814 0.94 -19.75 19.83
N ASN B 815 -0.37 -19.97 19.87
CA ASN B 815 -1.25 -19.79 18.70
C ASN B 815 -0.82 -20.69 17.55
N ARG B 816 -0.77 -21.99 17.79
CA ARG B 816 -0.46 -22.97 16.76
C ARG B 816 -1.60 -23.97 16.64
N PHE B 817 -1.97 -24.28 15.40
CA PHE B 817 -3.12 -25.14 15.09
C PHE B 817 -2.62 -26.39 14.41
N PHE B 818 -3.02 -27.55 14.92
CA PHE B 818 -2.62 -28.84 14.38
C PHE B 818 -3.84 -29.53 13.80
N GLN B 819 -3.96 -29.52 12.47
CA GLN B 819 -5.08 -30.14 11.79
C GLN B 819 -4.87 -31.64 11.72
N PHE B 820 -5.83 -32.40 12.27
CA PHE B 820 -5.62 -33.83 12.46
C PHE B 820 -5.45 -34.57 11.14
N TYR B 821 -6.38 -34.38 10.21
CA TYR B 821 -6.44 -35.16 8.99
C TYR B 821 -5.90 -34.32 7.82
N ASN B 822 -4.94 -34.89 7.10
CA ASN B 822 -4.40 -34.28 5.90
C ASN B 822 -4.45 -35.30 4.77
N GLU B 823 -4.57 -34.81 3.55
CA GLU B 823 -4.70 -35.69 2.40
C GLU B 823 -3.79 -35.22 1.27
N MET B 824 -3.11 -36.17 0.65
CA MET B 824 -2.42 -35.88 -0.59
C MET B 824 -3.45 -35.56 -1.67
N PRO B 825 -3.32 -34.45 -2.37
CA PRO B 825 -4.36 -34.07 -3.33
C PRO B 825 -4.53 -35.13 -4.41
N LEU B 826 -5.78 -35.33 -4.84
CA LEU B 826 -6.01 -36.19 -5.99
C LEU B 826 -5.26 -35.68 -7.21
N VAL B 827 -5.09 -34.37 -7.31
CA VAL B 827 -4.20 -33.76 -8.28
C VAL B 827 -3.05 -33.13 -7.51
N LYS B 828 -1.96 -33.85 -7.36
CA LYS B 828 -0.80 -33.38 -6.62
C LYS B 828 0.19 -32.71 -7.57
N THR B 829 1.19 -32.07 -6.99
CA THR B 829 2.23 -31.40 -7.76
C THR B 829 3.59 -31.84 -7.25
N ILE B 830 4.65 -31.39 -7.92
CA ILE B 830 6.00 -31.75 -7.51
C ILE B 830 6.31 -31.22 -6.12
N ALA B 831 5.63 -30.15 -5.70
CA ALA B 831 5.89 -29.57 -4.39
C ALA B 831 5.59 -30.56 -3.28
N HIS B 832 4.70 -31.52 -3.52
CA HIS B 832 4.29 -32.44 -2.48
C HIS B 832 5.27 -33.60 -2.29
N ASN B 833 6.30 -33.68 -3.12
CA ASN B 833 7.40 -34.58 -2.82
C ASN B 833 8.21 -34.10 -1.63
N TYR B 834 8.24 -32.78 -1.40
CA TYR B 834 9.13 -32.18 -0.42
C TYR B 834 8.44 -31.62 0.80
N VAL B 835 7.14 -31.34 0.73
CA VAL B 835 6.40 -30.84 1.88
C VAL B 835 5.15 -31.69 2.07
N ILE B 836 4.68 -31.74 3.31
CA ILE B 836 3.44 -32.45 3.63
C ILE B 836 2.26 -31.64 3.15
N PRO B 837 1.31 -32.22 2.42
CA PRO B 837 0.11 -31.47 2.05
C PRO B 837 -0.71 -31.12 3.26
N ASN B 838 -1.37 -29.97 3.21
CA ASN B 838 -2.19 -29.46 4.31
C ASN B 838 -3.56 -29.14 3.75
N GLY B 839 -4.55 -29.96 4.07
CA GLY B 839 -5.89 -29.77 3.59
C GLY B 839 -6.56 -31.09 3.35
N LEU B 840 -7.71 -31.03 2.67
CA LEU B 840 -8.52 -32.21 2.41
C LEU B 840 -9.05 -32.14 0.98
N ASN B 841 -9.38 -33.31 0.44
CA ASN B 841 -10.00 -33.39 -0.88
C ASN B 841 -11.51 -33.34 -0.69
N THR B 842 -11.99 -32.18 -0.27
CA THR B 842 -13.41 -31.97 -0.07
C THR B 842 -14.15 -32.08 -1.41
N ILE B 843 -15.34 -32.65 -1.36
CA ILE B 843 -16.22 -32.68 -2.52
C ILE B 843 -16.90 -31.33 -2.62
N VAL B 844 -16.64 -30.61 -3.71
CA VAL B 844 -17.12 -29.25 -3.88
C VAL B 844 -18.13 -29.24 -5.02
N ALA B 845 -19.33 -28.73 -4.75
CA ALA B 845 -20.35 -28.54 -5.76
C ALA B 845 -20.42 -27.06 -6.12
N TYR B 846 -20.16 -26.76 -7.39
CA TYR B 846 -20.15 -25.38 -7.86
C TYR B 846 -21.57 -25.04 -8.27
N MET B 847 -22.41 -24.75 -7.28
CA MET B 847 -23.82 -24.56 -7.53
C MET B 847 -24.36 -23.46 -6.63
N ILE B 848 -25.53 -22.95 -7.01
CA ILE B 848 -26.27 -21.99 -6.20
C ILE B 848 -27.18 -22.75 -5.25
N TYR B 849 -27.07 -22.45 -3.96
CA TYR B 849 -27.90 -23.11 -2.95
C TYR B 849 -28.36 -22.07 -1.93
N GLY B 850 -29.52 -21.46 -2.19
CA GLY B 850 -30.13 -20.57 -1.24
C GLY B 850 -29.47 -19.21 -1.12
N GLY B 851 -28.41 -18.94 -1.87
CA GLY B 851 -27.75 -17.66 -1.80
C GLY B 851 -26.90 -17.42 -0.57
N TYR B 852 -26.69 -18.42 0.27
CA TYR B 852 -25.85 -18.24 1.44
C TYR B 852 -24.37 -18.24 1.11
N ASN B 853 -24.00 -18.57 -0.13
CA ASN B 853 -22.61 -18.62 -0.54
C ASN B 853 -22.25 -17.48 -1.49
N GLN B 854 -23.02 -16.41 -1.50
CA GLN B 854 -22.73 -15.26 -2.35
C GLN B 854 -21.51 -14.50 -1.82
N GLU B 855 -20.83 -13.81 -2.72
CA GLU B 855 -19.64 -13.04 -2.40
C GLU B 855 -18.63 -13.90 -1.65
N ASP B 856 -18.08 -14.86 -2.40
CA ASP B 856 -17.16 -15.90 -1.95
C ASP B 856 -17.34 -16.30 -0.49
N SER B 857 -18.54 -16.74 -0.14
CA SER B 857 -18.77 -17.54 1.05
C SER B 857 -18.87 -19.00 0.63
N VAL B 858 -18.87 -19.89 1.61
CA VAL B 858 -18.91 -21.32 1.36
C VAL B 858 -20.00 -21.94 2.24
N ILE B 859 -20.81 -22.81 1.65
CA ILE B 859 -21.77 -23.59 2.41
C ILE B 859 -21.11 -24.92 2.76
N VAL B 860 -21.00 -25.21 4.05
CA VAL B 860 -20.28 -26.37 4.54
C VAL B 860 -21.27 -27.36 5.12
N SER B 861 -21.10 -28.63 4.78
CA SER B 861 -21.91 -29.68 5.37
C SER B 861 -21.57 -29.79 6.85
N GLN B 862 -22.59 -29.74 7.70
CA GLN B 862 -22.36 -29.88 9.12
C GLN B 862 -21.80 -31.25 9.46
N SER B 863 -22.17 -32.27 8.68
CA SER B 863 -21.64 -33.61 8.91
C SER B 863 -20.16 -33.68 8.59
N PHE B 864 -19.73 -32.97 7.54
CA PHE B 864 -18.30 -32.94 7.23
C PHE B 864 -17.52 -32.26 8.34
N ILE B 865 -18.11 -31.24 8.96
CA ILE B 865 -17.49 -30.61 10.12
C ILE B 865 -17.39 -31.60 11.28
N ASP B 866 -18.51 -32.28 11.57
CA ASP B 866 -18.55 -33.16 12.74
C ASP B 866 -17.60 -34.35 12.58
N ARG B 867 -17.52 -34.91 11.38
CA ARG B 867 -16.74 -36.13 11.16
C ARG B 867 -15.24 -35.89 11.32
N GLY B 868 -14.80 -34.64 11.38
CA GLY B 868 -13.39 -34.32 11.55
C GLY B 868 -12.79 -33.46 10.46
N GLY B 869 -13.56 -33.04 9.46
CA GLY B 869 -13.03 -32.21 8.41
C GLY B 869 -12.50 -30.89 8.91
N PHE B 870 -11.24 -30.60 8.58
CA PHE B 870 -10.54 -29.37 8.96
C PHE B 870 -10.52 -29.14 10.46
N ALA B 871 -10.77 -30.16 11.27
CA ALA B 871 -10.70 -30.02 12.71
C ALA B 871 -9.26 -30.13 13.17
N GLY B 872 -9.05 -29.90 14.47
CA GLY B 872 -7.72 -30.01 15.02
C GLY B 872 -7.66 -29.45 16.42
N THR B 873 -6.44 -29.22 16.88
CA THR B 873 -6.18 -28.63 18.19
C THR B 873 -5.47 -27.31 18.04
N PHE B 874 -5.90 -26.32 18.80
CA PHE B 874 -5.31 -24.99 18.80
C PHE B 874 -4.69 -24.74 20.16
N TYR B 875 -3.45 -24.28 20.17
CA TYR B 875 -2.66 -24.21 21.39
C TYR B 875 -2.34 -22.76 21.76
N ARG B 876 -2.27 -22.52 23.06
CA ARG B 876 -1.79 -21.25 23.60
C ARG B 876 -0.93 -21.56 24.81
N GLU B 877 -0.05 -20.60 25.15
CA GLU B 877 0.84 -20.78 26.27
C GLU B 877 0.82 -19.53 27.15
N GLU B 878 0.80 -19.75 28.47
CA GLU B 878 0.91 -18.69 29.45
C GLU B 878 2.14 -18.93 30.29
N LYS B 879 3.13 -18.05 30.19
CA LYS B 879 4.34 -18.16 30.97
C LYS B 879 4.53 -16.89 31.80
N VAL B 880 4.92 -17.07 33.05
CA VAL B 880 5.14 -15.94 33.95
C VAL B 880 6.31 -16.28 34.86
N GLU B 881 7.26 -15.36 34.96
CA GLU B 881 8.41 -15.54 35.83
C GLU B 881 8.31 -14.62 37.04
N LEU B 882 8.84 -15.09 38.17
CA LEU B 882 8.92 -14.27 39.36
C LEU B 882 9.82 -13.08 39.10
N GLU B 883 9.43 -11.90 39.59
CA GLU B 883 10.30 -10.74 39.48
C GLU B 883 11.58 -10.94 40.29
N SER B 884 11.45 -11.54 41.46
CA SER B 884 12.57 -11.83 42.33
C SER B 884 12.16 -12.97 43.27
N ASP B 885 12.94 -13.16 44.34
CA ASP B 885 12.54 -14.11 45.37
C ASP B 885 11.34 -13.63 46.17
N ILE B 886 10.94 -12.36 45.99
CA ILE B 886 9.79 -11.81 46.71
C ILE B 886 8.52 -12.57 46.34
N GLU B 887 8.37 -12.97 45.08
CA GLU B 887 7.18 -13.65 44.61
C GLU B 887 7.27 -15.15 44.88
N SER B 888 6.14 -15.83 44.68
CA SER B 888 6.05 -17.27 44.81
C SER B 888 4.72 -17.75 44.24
N PHE B 889 4.76 -18.88 43.55
CA PHE B 889 3.54 -19.50 43.06
C PHE B 889 2.77 -20.15 44.21
N GLY B 890 1.45 -20.02 44.17
CA GLY B 890 0.62 -20.61 45.21
C GLY B 890 -0.74 -19.95 45.32
N LYS B 891 -1.74 -20.70 45.75
CA LYS B 891 -3.06 -20.13 45.95
C LYS B 891 -3.01 -19.11 47.07
N PRO B 892 -3.36 -17.85 46.84
CA PRO B 892 -3.26 -16.84 47.89
C PRO B 892 -4.22 -17.12 49.04
N ASP B 893 -3.80 -16.75 50.24
CA ASP B 893 -4.71 -16.80 51.39
C ASP B 893 -5.67 -15.62 51.32
N PRO B 894 -6.96 -15.84 51.63
CA PRO B 894 -7.94 -14.76 51.46
C PRO B 894 -7.69 -13.55 52.34
N LEU B 895 -6.99 -13.73 53.48
CA LEU B 895 -6.87 -12.64 54.44
C LEU B 895 -5.75 -11.68 54.06
N ILE B 896 -4.51 -12.18 54.02
CA ILE B 896 -3.36 -11.29 53.86
C ILE B 896 -3.07 -10.93 52.41
N THR B 897 -3.88 -11.41 51.46
CA THR B 897 -3.62 -11.16 50.05
C THR B 897 -3.69 -9.67 49.73
N LYS B 898 -4.76 -9.01 50.18
CA LYS B 898 -4.95 -7.57 50.07
C LYS B 898 -5.15 -7.09 48.63
N ASN B 899 -5.00 -7.98 47.66
CA ASN B 899 -5.15 -7.59 46.26
C ASN B 899 -5.87 -8.66 45.45
N LEU B 900 -6.79 -9.39 46.06
CA LEU B 900 -7.48 -10.49 45.39
C LEU B 900 -8.24 -9.99 44.16
N LYS B 901 -8.24 -10.81 43.11
CA LYS B 901 -8.91 -10.43 41.88
C LYS B 901 -10.41 -10.37 42.11
N PRO B 902 -11.12 -9.44 41.45
CA PRO B 902 -12.56 -9.29 41.70
C PRO B 902 -13.39 -10.37 41.02
N GLY B 903 -13.95 -11.28 41.82
CA GLY B 903 -14.83 -12.30 41.29
C GLY B 903 -14.16 -13.42 40.55
N ALA B 904 -12.83 -13.46 40.55
CA ALA B 904 -12.13 -14.55 39.88
C ALA B 904 -12.30 -15.85 40.67
N ASN B 905 -12.03 -16.96 40.00
CA ASN B 905 -12.31 -18.27 40.59
C ASN B 905 -11.37 -18.55 41.77
N TYR B 906 -10.08 -18.66 41.49
CA TYR B 906 -9.02 -18.97 42.44
C TYR B 906 -9.10 -20.39 42.99
N GLU B 907 -10.13 -21.15 42.63
CA GLU B 907 -10.19 -22.57 42.97
C GLU B 907 -9.39 -23.34 41.93
N LYS B 908 -9.49 -24.66 41.96
CA LYS B 908 -8.91 -25.57 40.97
C LYS B 908 -7.40 -25.38 40.80
N LEU B 909 -6.77 -24.60 41.68
CA LEU B 909 -5.32 -24.45 41.68
C LEU B 909 -4.70 -25.44 42.64
N VAL B 910 -3.64 -26.11 42.20
CA VAL B 910 -2.86 -26.97 43.07
C VAL B 910 -1.42 -26.47 43.06
N ASP B 911 -0.92 -26.10 44.24
CA ASP B 911 0.43 -25.59 44.42
C ASP B 911 0.70 -24.36 43.57
N GLY B 912 -0.34 -23.64 43.15
CA GLY B 912 -0.20 -22.45 42.34
C GLY B 912 -0.41 -22.68 40.85
N PHE B 913 -0.77 -23.87 40.42
CA PHE B 913 -0.96 -24.20 39.03
C PHE B 913 -2.24 -24.99 38.86
N VAL B 914 -2.93 -24.74 37.76
CA VAL B 914 -4.13 -25.52 37.43
C VAL B 914 -3.69 -26.84 36.83
N PRO B 915 -4.14 -27.97 37.37
CA PRO B 915 -3.65 -29.26 36.87
C PRO B 915 -4.15 -29.56 35.48
N VAL B 916 -3.43 -30.47 34.81
CA VAL B 916 -3.76 -30.83 33.43
C VAL B 916 -5.17 -31.42 33.37
N GLY B 917 -5.79 -31.29 32.19
CA GLY B 917 -7.12 -31.79 31.98
C GLY B 917 -8.21 -30.99 32.63
N THR B 918 -7.91 -29.79 33.12
CA THR B 918 -8.90 -28.95 33.77
C THR B 918 -9.45 -27.93 32.78
N VAL B 919 -10.76 -27.84 32.69
CA VAL B 919 -11.41 -26.85 31.83
C VAL B 919 -11.36 -25.50 32.53
N VAL B 920 -10.85 -24.49 31.84
CA VAL B 920 -10.66 -23.16 32.41
C VAL B 920 -11.57 -22.18 31.70
N LYS B 921 -12.35 -21.42 32.47
CA LYS B 921 -13.26 -20.42 31.93
C LYS B 921 -12.66 -19.03 32.07
N LYS B 922 -13.37 -18.04 31.52
CA LYS B 922 -12.87 -16.68 31.45
C LYS B 922 -12.60 -16.07 32.82
N GLY B 923 -13.21 -16.60 33.89
CA GLY B 923 -12.94 -16.10 35.21
C GLY B 923 -11.94 -16.89 36.01
N ASP B 924 -11.53 -18.06 35.51
CA ASP B 924 -10.65 -18.93 36.27
C ASP B 924 -9.26 -18.34 36.40
N ILE B 925 -8.67 -18.50 37.57
CA ILE B 925 -7.30 -18.07 37.84
C ILE B 925 -6.36 -19.23 37.56
N ILE B 926 -5.37 -18.99 36.73
CA ILE B 926 -4.30 -19.94 36.48
C ILE B 926 -3.01 -19.31 37.00
N ILE B 927 -1.97 -20.14 37.08
CA ILE B 927 -0.62 -19.75 37.53
C ILE B 927 -0.69 -18.67 38.60
N GLY B 928 -1.33 -18.98 39.73
CA GLY B 928 -1.45 -18.00 40.80
C GLY B 928 -0.09 -17.63 41.35
N LYS B 929 0.08 -16.34 41.65
CA LYS B 929 1.39 -15.81 41.99
C LYS B 929 1.22 -14.62 42.92
N VAL B 930 1.64 -14.76 44.18
CA VAL B 930 1.59 -13.68 45.14
C VAL B 930 2.99 -13.12 45.32
N ALA B 931 3.07 -11.94 45.94
CA ALA B 931 4.33 -11.24 46.13
C ALA B 931 4.41 -10.70 47.54
N LYS B 932 5.46 -9.90 47.80
CA LYS B 932 5.68 -9.27 49.09
C LYS B 932 5.65 -10.28 50.22
N ILE B 933 6.35 -11.39 50.03
CA ILE B 933 6.39 -12.46 51.01
C ILE B 933 7.70 -12.39 51.80
N TYR B 943 1.14 -9.37 52.35
CA TYR B 943 1.27 -9.94 51.02
C TYR B 943 0.63 -9.04 49.98
N ILE B 944 0.70 -9.47 48.71
CA ILE B 944 0.02 -8.79 47.61
C ILE B 944 -0.17 -9.81 46.51
N ASP B 945 -1.10 -9.53 45.60
CA ASP B 945 -1.49 -10.49 44.57
C ASP B 945 -1.00 -10.04 43.21
N ARG B 946 -0.36 -10.96 42.48
CA ARG B 946 0.02 -10.76 41.09
C ARG B 946 -0.44 -11.91 40.22
N SER B 947 -1.51 -12.61 40.61
CA SER B 947 -1.94 -13.81 39.94
C SER B 947 -2.44 -13.50 38.53
N VAL B 948 -2.51 -14.55 37.71
CA VAL B 948 -2.83 -14.43 36.29
C VAL B 948 -4.24 -14.96 36.06
N MET B 949 -5.06 -14.18 35.38
CA MET B 949 -6.42 -14.57 35.04
C MET B 949 -6.46 -15.12 33.63
N TYR B 950 -7.39 -16.04 33.38
CA TYR B 950 -7.45 -16.67 32.07
C TYR B 950 -7.79 -15.67 30.98
N GLY B 951 -8.85 -14.91 31.15
CA GLY B 951 -9.20 -13.86 30.21
C GLY B 951 -10.04 -14.21 29.00
N PHE B 952 -9.61 -15.20 28.22
CA PHE B 952 -10.31 -15.51 26.97
C PHE B 952 -11.72 -16.00 27.24
N ASP B 953 -12.65 -15.61 26.35
CA ASP B 953 -14.03 -16.06 26.47
C ASP B 953 -14.15 -17.56 26.17
N GLU B 954 -13.41 -18.04 25.18
CA GLU B 954 -13.49 -19.44 24.79
C GLU B 954 -12.83 -20.31 25.85
N PRO B 955 -13.55 -21.24 26.48
CA PRO B 955 -12.94 -22.10 27.48
C PRO B 955 -11.88 -23.01 26.87
N ALA B 956 -10.85 -23.30 27.65
CA ALA B 956 -9.74 -24.11 27.21
C ALA B 956 -9.50 -25.25 28.18
N VAL B 957 -8.52 -26.09 27.84
CA VAL B 957 -8.09 -27.20 28.67
C VAL B 957 -6.61 -27.06 28.91
N VAL B 958 -6.17 -27.37 30.12
CA VAL B 958 -4.78 -27.27 30.52
C VAL B 958 -4.09 -28.59 30.24
N ASP B 959 -2.92 -28.54 29.60
CA ASP B 959 -2.06 -29.72 29.53
C ASP B 959 -0.61 -29.23 29.49
N ALA B 960 -0.03 -29.02 30.66
CA ALA B 960 1.39 -28.71 30.77
C ALA B 960 1.89 -28.89 32.19
N VAL B 961 2.76 -29.86 32.41
CA VAL B 961 3.41 -30.04 33.70
C VAL B 961 4.87 -29.64 33.55
N MET B 962 5.16 -28.36 33.75
CA MET B 962 6.52 -27.85 33.61
C MET B 962 6.64 -26.51 34.30
N ARG B 963 7.69 -26.36 35.11
CA ARG B 963 8.07 -25.09 35.71
C ARG B 963 9.56 -24.93 35.45
N PRO B 964 9.94 -24.51 34.24
CA PRO B 964 11.35 -24.60 33.82
C PRO B 964 12.31 -23.73 34.62
N HIS B 965 13.59 -23.85 34.28
CA HIS B 965 14.68 -23.12 34.92
C HIS B 965 15.30 -22.20 33.88
N GLY B 966 14.98 -20.90 33.97
CA GLY B 966 15.27 -19.97 32.90
C GLY B 966 16.73 -19.61 32.82
N PRO B 967 17.06 -18.79 31.80
CA PRO B 967 18.45 -18.37 31.61
C PRO B 967 19.01 -17.59 32.78
N ASN B 968 18.18 -16.80 33.47
CA ASN B 968 18.60 -16.07 34.66
C ASN B 968 18.61 -16.95 35.90
N ASP B 969 18.55 -18.27 35.73
CA ASP B 969 18.51 -19.22 36.84
C ASP B 969 17.33 -18.94 37.77
N GLU B 970 16.15 -18.81 37.18
CA GLU B 970 14.92 -18.60 37.94
C GLU B 970 13.79 -19.37 37.28
N ILE B 971 12.79 -19.71 38.09
CA ILE B 971 11.68 -20.54 37.63
C ILE B 971 10.61 -19.64 36.99
N PHE B 972 9.80 -20.25 36.13
CA PHE B 972 8.65 -19.57 35.54
C PHE B 972 7.59 -20.61 35.20
N GLY B 973 6.37 -20.13 34.97
CA GLY B 973 5.24 -21.01 34.82
C GLY B 973 5.21 -21.86 33.55
N LEU B 974 4.96 -21.23 32.41
CA LEU B 974 4.92 -21.91 31.11
C LEU B 974 3.94 -23.09 31.14
N MET B 975 2.67 -22.75 31.23
CA MET B 975 1.60 -23.72 31.02
C MET B 975 1.04 -23.58 29.61
N ARG B 976 0.48 -24.66 29.09
CA ARG B 976 -0.01 -24.73 27.72
C ARG B 976 -1.50 -25.02 27.73
N LEU B 977 -2.25 -24.25 26.94
CA LEU B 977 -3.70 -24.39 26.86
C LEU B 977 -4.08 -25.01 25.53
N ARG B 978 -4.98 -25.97 25.58
CA ARG B 978 -5.42 -26.72 24.41
C ARG B 978 -6.87 -26.40 24.11
N TYR B 979 -7.16 -26.04 22.86
CA TYR B 979 -8.49 -25.66 22.42
C TYR B 979 -9.01 -26.67 21.42
N GLU B 980 -10.29 -27.02 21.55
CA GLU B 980 -10.94 -27.93 20.62
C GLU B 980 -11.50 -27.11 19.47
N ARG B 981 -10.86 -27.20 18.30
CA ARG B 981 -11.20 -26.36 17.15
C ARG B 981 -11.73 -27.22 16.02
N ASN B 982 -13.05 -27.26 15.87
CA ASN B 982 -13.65 -27.74 14.65
C ASN B 982 -13.69 -26.62 13.63
N LEU B 983 -14.37 -26.85 12.52
CA LEU B 983 -14.56 -25.81 11.51
C LEU B 983 -15.83 -25.05 11.85
N ASN B 984 -15.68 -23.94 12.57
CA ASN B 984 -16.83 -23.14 12.98
C ASN B 984 -17.32 -22.27 11.83
N ILE B 985 -18.54 -21.77 11.98
CA ILE B 985 -19.12 -20.88 10.99
C ILE B 985 -18.40 -19.54 11.10
N GLY B 986 -17.69 -19.16 10.05
CA GLY B 986 -16.83 -17.99 10.07
C GLY B 986 -15.37 -18.29 9.88
N ASP B 987 -14.96 -19.55 9.87
CA ASP B 987 -13.58 -19.89 9.59
C ASP B 987 -13.33 -19.89 8.09
N LYS B 988 -12.15 -19.45 7.69
CA LYS B 988 -11.84 -19.23 6.30
C LYS B 988 -11.29 -20.50 5.66
N MET B 989 -11.72 -20.78 4.44
CA MET B 989 -11.21 -21.88 3.65
C MET B 989 -10.84 -21.37 2.27
N SER B 990 -9.97 -22.12 1.60
CA SER B 990 -9.49 -21.68 0.29
C SER B 990 -8.99 -22.87 -0.51
N SER B 991 -9.32 -22.88 -1.79
CA SER B 991 -8.82 -23.89 -2.70
C SER B 991 -7.41 -23.51 -3.16
N ARG B 992 -6.70 -24.48 -3.72
CA ARG B 992 -5.33 -24.25 -4.13
C ARG B 992 -5.18 -23.28 -5.29
N SER B 993 -6.28 -22.73 -5.82
CA SER B 993 -6.21 -21.70 -6.83
C SER B 993 -6.35 -20.30 -6.25
N GLY B 994 -6.44 -20.17 -4.94
CA GLY B 994 -6.49 -18.86 -4.31
C GLY B 994 -7.87 -18.27 -4.14
N ASN B 995 -8.90 -19.08 -4.02
CA ASN B 995 -10.26 -18.59 -3.79
C ASN B 995 -10.59 -18.70 -2.31
N LYS B 996 -10.38 -17.61 -1.57
CA LYS B 996 -10.76 -17.60 -0.17
C LYS B 996 -12.27 -17.61 -0.04
N GLY B 997 -12.75 -18.05 1.11
CA GLY B 997 -14.17 -18.08 1.37
C GLY B 997 -14.48 -18.33 2.82
N ILE B 998 -15.35 -17.52 3.41
CA ILE B 998 -15.74 -17.68 4.79
C ILE B 998 -16.90 -18.66 4.86
N ALA B 999 -16.75 -19.68 5.68
CA ALA B 999 -17.77 -20.72 5.82
C ALA B 999 -18.97 -20.14 6.55
N ALA B 1000 -20.06 -19.89 5.83
CA ALA B 1000 -21.30 -19.50 6.48
C ALA B 1000 -22.46 -20.33 5.93
N LEU B 1001 -22.55 -21.59 6.41
CA LEU B 1001 -23.78 -22.35 6.48
C LEU B 1001 -23.49 -23.70 7.13
N ALA B 1002 -24.34 -24.14 8.04
CA ALA B 1002 -24.20 -25.45 8.67
C ALA B 1002 -25.44 -26.25 8.30
N LEU B 1003 -25.33 -27.01 7.22
CA LEU B 1003 -26.44 -27.79 6.71
C LEU B 1003 -26.28 -29.24 7.12
N PRO B 1004 -27.24 -29.85 7.80
CA PRO B 1004 -27.14 -31.27 8.11
C PRO B 1004 -27.06 -32.10 6.84
N THR B 1005 -26.62 -33.36 7.00
CA THR B 1005 -26.38 -34.20 5.85
C THR B 1005 -27.63 -34.44 5.01
N SER B 1006 -28.82 -34.30 5.60
CA SER B 1006 -30.05 -34.45 4.83
C SER B 1006 -30.35 -33.22 3.98
N ASP B 1007 -30.00 -32.03 4.46
CA ASP B 1007 -30.28 -30.81 3.72
C ASP B 1007 -29.29 -30.56 2.58
N MET B 1008 -28.19 -31.28 2.55
CA MET B 1008 -27.22 -31.09 1.48
C MET B 1008 -27.78 -31.63 0.16
N PRO B 1009 -27.58 -30.93 -0.95
CA PRO B 1009 -27.98 -31.49 -2.24
C PRO B 1009 -27.15 -32.72 -2.55
N PHE B 1010 -27.78 -33.66 -3.25
CA PHE B 1010 -27.11 -34.92 -3.55
C PHE B 1010 -27.36 -35.28 -5.00
N THR B 1011 -26.40 -35.98 -5.60
CA THR B 1011 -26.54 -36.41 -6.97
C THR B 1011 -27.48 -37.60 -7.06
N GLU B 1012 -27.65 -38.11 -8.28
CA GLU B 1012 -28.52 -39.26 -8.49
C GLU B 1012 -28.02 -40.48 -7.73
N ASP B 1013 -26.69 -40.64 -7.64
CA ASP B 1013 -26.08 -41.80 -7.02
C ASP B 1013 -25.55 -41.50 -5.62
N GLY B 1014 -26.20 -40.58 -4.90
CA GLY B 1014 -25.93 -40.40 -3.49
C GLY B 1014 -24.77 -39.50 -3.14
N LEU B 1015 -24.02 -39.01 -4.10
CA LEU B 1015 -22.90 -38.13 -3.80
C LEU B 1015 -23.40 -36.75 -3.41
N GLN B 1016 -22.91 -36.23 -2.30
CA GLN B 1016 -23.22 -34.90 -1.83
C GLN B 1016 -21.91 -34.16 -1.57
N PRO B 1017 -21.92 -32.83 -1.59
CA PRO B 1017 -20.67 -32.10 -1.37
C PRO B 1017 -20.38 -31.84 0.10
N ASP B 1018 -19.09 -31.61 0.38
CA ASP B 1018 -18.71 -31.07 1.67
C ASP B 1018 -18.86 -29.55 1.68
N LEU B 1019 -18.36 -28.90 0.64
CA LEU B 1019 -18.48 -27.47 0.47
C LEU B 1019 -19.31 -27.19 -0.78
N ILE B 1020 -20.16 -26.18 -0.69
CA ILE B 1020 -20.89 -25.66 -1.84
C ILE B 1020 -20.36 -24.25 -2.09
N VAL B 1021 -19.65 -24.07 -3.20
CA VAL B 1021 -19.06 -22.79 -3.54
C VAL B 1021 -19.88 -22.15 -4.64
N ASN B 1022 -19.99 -20.84 -4.61
CA ASN B 1022 -20.82 -20.13 -5.58
C ASN B 1022 -20.13 -20.15 -6.94
N PRO B 1023 -20.86 -20.44 -8.02
CA PRO B 1023 -20.24 -20.38 -9.35
C PRO B 1023 -19.77 -19.00 -9.74
N HIS B 1024 -20.31 -17.95 -9.11
CA HIS B 1024 -19.91 -16.59 -9.45
C HIS B 1024 -18.49 -16.28 -9.03
N SER B 1025 -17.91 -17.09 -8.16
CA SER B 1025 -16.54 -16.83 -7.72
C SER B 1025 -15.53 -17.07 -8.83
N HIS B 1026 -15.90 -17.75 -9.90
CA HIS B 1026 -14.93 -18.09 -10.93
C HIS B 1026 -14.66 -16.99 -11.95
N PRO B 1027 -15.66 -16.48 -12.68
CA PRO B 1027 -15.37 -15.75 -13.91
C PRO B 1027 -14.54 -14.50 -13.73
N SER B 1028 -14.69 -13.78 -12.63
CA SER B 1028 -13.91 -12.57 -12.43
C SER B 1028 -12.46 -12.89 -12.10
N ARG B 1029 -12.23 -13.96 -11.34
CA ARG B 1029 -10.89 -14.33 -10.92
C ARG B 1029 -10.20 -15.25 -11.91
N MET B 1030 -10.96 -15.89 -12.81
CA MET B 1030 -10.40 -16.76 -13.84
C MET B 1030 -9.54 -17.88 -13.23
N THR B 1031 -9.99 -18.42 -12.11
CA THR B 1031 -9.27 -19.52 -11.46
C THR B 1031 -9.70 -20.85 -12.07
N ASN B 1032 -9.29 -21.04 -13.33
CA ASN B 1032 -9.64 -22.26 -14.04
C ASN B 1032 -8.86 -23.47 -13.54
N GLY B 1033 -7.77 -23.25 -12.81
CA GLY B 1033 -7.04 -24.36 -12.24
C GLY B 1033 -7.89 -25.17 -11.27
N GLN B 1034 -8.74 -24.49 -10.51
CA GLN B 1034 -9.62 -25.18 -9.58
C GLN B 1034 -10.61 -26.07 -10.31
N MET B 1035 -11.21 -25.55 -11.39
CA MET B 1035 -12.18 -26.35 -12.15
C MET B 1035 -11.50 -27.53 -12.84
N ILE B 1036 -10.31 -27.32 -13.40
CA ILE B 1036 -9.62 -28.45 -14.01
C ILE B 1036 -9.21 -29.46 -12.96
N GLU B 1037 -8.82 -28.99 -11.77
CA GLU B 1037 -8.51 -29.92 -10.69
C GLU B 1037 -9.73 -30.76 -10.34
N THR B 1038 -10.91 -30.15 -10.30
CA THR B 1038 -12.12 -30.90 -10.01
C THR B 1038 -12.42 -31.91 -11.11
N THR B 1039 -12.29 -31.50 -12.37
CA THR B 1039 -12.64 -32.38 -13.49
C THR B 1039 -11.63 -33.51 -13.64
N VAL B 1040 -10.43 -33.34 -13.10
CA VAL B 1040 -9.47 -34.45 -13.09
C VAL B 1040 -9.68 -35.30 -11.84
N GLY B 1041 -10.03 -34.68 -10.72
CA GLY B 1041 -10.21 -35.41 -9.49
C GLY B 1041 -11.39 -36.35 -9.52
N LEU B 1042 -12.42 -36.02 -10.30
CA LEU B 1042 -13.54 -36.96 -10.45
C LEU B 1042 -13.06 -38.27 -11.07
N ALA B 1043 -12.38 -38.17 -12.22
CA ALA B 1043 -11.87 -39.37 -12.86
C ALA B 1043 -10.84 -40.08 -11.99
N ASN B 1044 -10.00 -39.31 -11.30
CA ASN B 1044 -8.99 -39.91 -10.43
C ASN B 1044 -9.62 -40.70 -9.30
N ALA B 1045 -10.66 -40.13 -8.67
CA ALA B 1045 -11.35 -40.82 -7.61
C ALA B 1045 -12.02 -42.09 -8.11
N LEU B 1046 -12.62 -42.02 -9.31
CA LEU B 1046 -13.26 -43.21 -9.85
C LEU B 1046 -12.23 -44.30 -10.16
N GLN B 1047 -11.09 -43.92 -10.73
CA GLN B 1047 -10.04 -44.88 -11.06
C GLN B 1047 -9.19 -45.26 -9.86
N GLY B 1048 -9.32 -44.56 -8.74
CA GLY B 1048 -8.46 -44.82 -7.60
C GLY B 1048 -7.01 -44.49 -7.86
N VAL B 1049 -6.76 -43.33 -8.46
CA VAL B 1049 -5.41 -42.92 -8.82
C VAL B 1049 -5.12 -41.56 -8.22
N VAL B 1050 -3.84 -41.19 -8.29
CA VAL B 1050 -3.38 -39.85 -7.94
C VAL B 1050 -2.50 -39.36 -9.09
N THR B 1051 -2.74 -38.15 -9.57
CA THR B 1051 -2.08 -37.64 -10.75
C THR B 1051 -1.30 -36.38 -10.42
N ASP B 1052 -0.29 -36.09 -11.23
CA ASP B 1052 0.51 -34.88 -11.07
C ASP B 1052 -0.13 -33.75 -11.85
N GLY B 1053 -0.52 -32.69 -11.15
CA GLY B 1053 -1.04 -31.51 -11.80
C GLY B 1053 -0.09 -30.34 -11.68
N THR B 1054 1.21 -30.61 -11.78
CA THR B 1054 2.20 -29.57 -11.66
C THR B 1054 2.04 -28.53 -12.76
N ALA B 1055 2.43 -27.31 -12.46
CA ALA B 1055 2.35 -26.23 -13.44
C ALA B 1055 3.20 -26.56 -14.65
N PHE B 1056 2.73 -26.12 -15.82
CA PHE B 1056 3.41 -26.20 -17.10
C PHE B 1056 3.57 -27.63 -17.60
N LEU B 1057 2.99 -28.62 -16.93
CA LEU B 1057 2.88 -29.94 -17.51
C LEU B 1057 1.87 -29.91 -18.64
N PRO B 1058 2.05 -30.74 -19.66
CA PRO B 1058 1.08 -30.77 -20.76
C PRO B 1058 -0.31 -31.12 -20.24
N ILE B 1059 -1.31 -30.39 -20.73
CA ILE B 1059 -2.70 -30.55 -20.30
C ILE B 1059 -3.60 -30.43 -21.52
N ASN B 1060 -4.62 -31.27 -21.57
CA ASN B 1060 -5.64 -31.19 -22.61
C ASN B 1060 -7.00 -31.30 -21.94
N VAL B 1061 -7.72 -30.18 -21.87
CA VAL B 1061 -9.02 -30.18 -21.20
C VAL B 1061 -9.99 -31.10 -21.94
N GLN B 1062 -9.93 -31.10 -23.27
CA GLN B 1062 -10.78 -31.99 -24.04
C GLN B 1062 -10.50 -33.45 -23.70
N LEU B 1063 -9.23 -33.81 -23.59
CA LEU B 1063 -8.89 -35.20 -23.28
C LEU B 1063 -9.23 -35.56 -21.84
N LEU B 1064 -9.08 -34.63 -20.91
CA LEU B 1064 -9.51 -34.89 -19.54
C LEU B 1064 -11.01 -35.12 -19.47
N SER B 1065 -11.78 -34.34 -20.22
CA SER B 1065 -13.23 -34.52 -20.23
C SER B 1065 -13.61 -35.84 -20.90
N GLU B 1066 -12.89 -36.23 -21.96
CA GLU B 1066 -13.15 -37.53 -22.56
C GLU B 1066 -12.77 -38.66 -21.61
N ARG B 1067 -11.76 -38.45 -20.77
CA ARG B 1067 -11.44 -39.40 -19.71
C ARG B 1067 -12.60 -39.51 -18.73
N LEU B 1068 -13.21 -38.38 -18.39
CA LEU B 1068 -14.43 -38.42 -17.57
C LEU B 1068 -15.51 -39.25 -18.25
N ALA B 1069 -15.70 -39.03 -19.55
CA ALA B 1069 -16.73 -39.76 -20.28
C ALA B 1069 -16.47 -41.26 -20.27
N GLN B 1070 -15.21 -41.66 -20.47
CA GLN B 1070 -14.88 -43.08 -20.45
C GLN B 1070 -14.89 -43.64 -19.04
N GLU B 1071 -14.92 -42.78 -18.01
CA GLU B 1071 -15.08 -43.27 -16.65
C GLU B 1071 -16.54 -43.55 -16.28
N GLY B 1072 -17.47 -43.30 -17.19
CA GLY B 1072 -18.88 -43.53 -16.95
C GLY B 1072 -19.68 -42.28 -16.66
N LEU B 1073 -19.03 -41.17 -16.31
CA LEU B 1073 -19.74 -39.94 -16.03
C LEU B 1073 -20.00 -39.18 -17.33
N ARG B 1074 -20.59 -38.00 -17.20
CA ARG B 1074 -20.83 -37.16 -18.37
C ARG B 1074 -19.52 -36.61 -18.89
N PHE B 1075 -19.56 -36.09 -20.11
CA PHE B 1075 -18.36 -35.48 -20.70
C PHE B 1075 -17.87 -34.34 -19.83
N ASN B 1076 -18.75 -33.42 -19.47
CA ASN B 1076 -18.45 -32.50 -18.39
C ASN B 1076 -18.65 -33.22 -17.05
N GLY B 1077 -18.20 -32.59 -15.98
CA GLY B 1077 -18.31 -33.23 -14.68
C GLY B 1077 -19.72 -33.17 -14.13
N CYS B 1078 -20.63 -32.60 -14.90
CA CYS B 1078 -21.98 -32.33 -14.42
C CYS B 1078 -22.73 -33.62 -14.11
N GLN B 1079 -23.59 -33.54 -13.10
CA GLN B 1079 -24.40 -34.67 -12.67
C GLN B 1079 -25.80 -34.19 -12.32
N LYS B 1080 -26.72 -35.14 -12.25
CA LYS B 1080 -28.09 -34.85 -11.84
C LYS B 1080 -28.17 -34.80 -10.33
N MET B 1081 -28.41 -33.61 -9.78
CA MET B 1081 -28.52 -33.45 -8.34
C MET B 1081 -29.97 -33.20 -7.94
N PHE B 1082 -30.28 -33.57 -6.71
CA PHE B 1082 -31.60 -33.36 -6.11
C PHE B 1082 -31.44 -32.39 -4.95
N ASN B 1083 -32.36 -31.44 -4.85
CA ASN B 1083 -32.35 -30.52 -3.72
C ASN B 1083 -32.58 -31.30 -2.43
N GLY B 1084 -31.68 -31.11 -1.47
CA GLY B 1084 -31.77 -31.89 -0.24
C GLY B 1084 -32.98 -31.58 0.60
N GLN B 1085 -33.40 -30.31 0.63
CA GLN B 1085 -34.49 -29.90 1.51
C GLN B 1085 -35.84 -30.40 1.00
N THR B 1086 -36.09 -30.27 -0.29
CA THR B 1086 -37.39 -30.60 -0.86
C THR B 1086 -37.41 -31.86 -1.71
N GLY B 1087 -36.26 -32.46 -1.97
CA GLY B 1087 -36.20 -33.68 -2.75
C GLY B 1087 -36.36 -33.49 -4.23
N GLU B 1088 -36.64 -32.28 -4.70
CA GLU B 1088 -36.79 -32.02 -6.12
C GLU B 1088 -35.43 -31.99 -6.80
N TYR B 1089 -35.40 -32.44 -8.04
CA TYR B 1089 -34.18 -32.38 -8.82
C TYR B 1089 -34.03 -31.00 -9.47
N PHE B 1090 -32.79 -30.52 -9.52
CA PHE B 1090 -32.51 -29.30 -10.25
C PHE B 1090 -32.65 -29.56 -11.74
N ASP B 1091 -33.13 -28.57 -12.47
CA ASP B 1091 -33.25 -28.71 -13.92
C ASP B 1091 -31.87 -28.81 -14.57
N ALA B 1092 -30.90 -28.07 -14.06
CA ALA B 1092 -29.58 -28.03 -14.66
C ALA B 1092 -28.66 -29.04 -13.98
N ALA B 1093 -27.96 -29.84 -14.78
CA ALA B 1093 -26.97 -30.75 -14.23
C ALA B 1093 -25.86 -29.95 -13.58
N ILE B 1094 -25.48 -30.36 -12.38
CA ILE B 1094 -24.59 -29.57 -11.53
C ILE B 1094 -23.19 -30.17 -11.56
N PHE B 1095 -22.19 -29.29 -11.67
CA PHE B 1095 -20.79 -29.68 -11.67
C PHE B 1095 -20.33 -29.88 -10.23
N ILE B 1096 -20.08 -31.12 -9.85
CA ILE B 1096 -19.67 -31.46 -8.50
C ILE B 1096 -18.51 -32.44 -8.58
N GLY B 1097 -17.46 -32.19 -7.79
CA GLY B 1097 -16.31 -33.07 -7.76
C GLY B 1097 -15.38 -32.76 -6.61
N PRO B 1098 -14.35 -33.59 -6.44
CA PRO B 1098 -13.41 -33.39 -5.33
C PRO B 1098 -12.38 -32.32 -5.64
N THR B 1099 -12.46 -31.20 -4.94
CA THR B 1099 -11.48 -30.13 -5.05
C THR B 1099 -10.74 -30.01 -3.73
N TYR B 1100 -9.41 -30.05 -3.81
CA TYR B 1100 -8.58 -29.92 -2.62
C TYR B 1100 -8.79 -28.55 -1.99
N HIS B 1101 -9.01 -28.52 -0.68
CA HIS B 1101 -9.33 -27.29 0.01
C HIS B 1101 -8.50 -27.15 1.27
N GLN B 1102 -8.14 -25.91 1.57
CA GLN B 1102 -7.25 -25.57 2.68
C GLN B 1102 -7.98 -24.68 3.66
N ARG B 1103 -7.81 -24.95 4.95
CA ARG B 1103 -8.37 -24.12 6.01
C ARG B 1103 -7.31 -23.12 6.45
N LEU B 1104 -7.47 -21.87 6.02
CA LEU B 1104 -6.53 -20.83 6.41
C LEU B 1104 -6.68 -20.52 7.89
N GLN B 1105 -5.56 -20.26 8.55
CA GLN B 1105 -5.56 -20.15 10.01
C GLN B 1105 -5.93 -18.76 10.49
N LYS B 1106 -7.08 -18.24 10.03
CA LYS B 1106 -7.67 -17.02 10.54
C LYS B 1106 -9.01 -17.39 11.14
N PHE B 1107 -9.01 -17.77 12.42
CA PHE B 1107 -10.18 -18.30 13.11
C PHE B 1107 -11.08 -17.18 13.58
N VAL B 1108 -12.39 -17.45 13.57
CA VAL B 1108 -13.35 -16.46 14.06
C VAL B 1108 -13.22 -16.30 15.56
N LEU B 1109 -12.98 -17.40 16.28
CA LEU B 1109 -12.92 -17.34 17.74
C LEU B 1109 -11.74 -16.52 18.22
N ASP B 1110 -10.66 -16.45 17.42
CA ASP B 1110 -9.53 -15.61 17.79
C ASP B 1110 -9.85 -14.14 17.57
N ASP B 1111 -10.56 -13.82 16.49
CA ASP B 1111 -10.68 -12.44 16.02
C ASP B 1111 -11.92 -11.73 16.55
N ARG B 1112 -12.96 -12.46 16.91
CA ARG B 1112 -14.15 -11.82 17.45
C ARG B 1112 -13.85 -11.18 18.80
N TYR B 1113 -14.50 -10.05 19.05
CA TYR B 1113 -14.32 -9.34 20.31
C TYR B 1113 -15.59 -8.58 20.65
N ALA B 1114 -15.90 -8.51 21.93
CA ALA B 1114 -17.04 -7.74 22.42
C ALA B 1114 -16.75 -7.34 23.85
N VAL B 1115 -16.81 -6.04 24.12
CA VAL B 1115 -16.46 -5.50 25.44
C VAL B 1115 -17.64 -4.72 25.99
N ALA B 1116 -17.90 -4.89 27.28
CA ALA B 1116 -19.03 -4.24 27.93
C ALA B 1116 -18.66 -2.79 28.24
N SER B 1117 -19.49 -2.14 29.06
CA SER B 1117 -19.36 -0.71 29.31
C SER B 1117 -18.23 -0.35 30.27
N TYR B 1118 -17.35 -1.28 30.63
CA TYR B 1118 -16.30 -0.96 31.58
C TYR B 1118 -15.16 -1.95 31.45
N GLY B 1119 -13.99 -1.52 31.90
CA GLY B 1119 -12.79 -2.33 31.84
C GLY B 1119 -11.55 -1.50 32.11
N PRO B 1120 -10.38 -2.03 31.75
CA PRO B 1120 -9.14 -1.26 31.94
C PRO B 1120 -9.13 0.03 31.13
N THR B 1121 -8.60 1.09 31.72
CA THR B 1121 -8.55 2.40 31.09
C THR B 1121 -7.11 2.89 31.05
N ASP B 1122 -6.77 3.64 30.01
CA ASP B 1122 -5.46 4.25 29.92
C ASP B 1122 -5.32 5.31 31.00
N ALA B 1123 -4.18 5.29 31.71
CA ALA B 1123 -3.98 6.23 32.80
C ALA B 1123 -3.87 7.67 32.29
N LEU B 1124 -3.21 7.87 31.16
CA LEU B 1124 -2.92 9.22 30.68
C LEU B 1124 -4.20 9.92 30.22
N THR B 1125 -4.86 9.38 29.21
CA THR B 1125 -6.02 10.02 28.59
C THR B 1125 -7.36 9.53 29.13
N GLY B 1126 -7.36 8.58 30.07
CA GLY B 1126 -8.62 8.12 30.60
C GLY B 1126 -9.47 7.34 29.63
N GLN B 1127 -8.90 6.86 28.54
CA GLN B 1127 -9.59 6.10 27.52
C GLN B 1127 -9.32 4.61 27.69
N PRO B 1128 -10.20 3.76 27.17
CA PRO B 1128 -9.97 2.32 27.23
C PRO B 1128 -8.66 1.92 26.58
N LEU B 1129 -8.04 0.87 27.11
CA LEU B 1129 -6.79 0.37 26.56
C LEU B 1129 -7.01 -0.13 25.14
N ASP B 1130 -5.91 -0.44 24.47
CA ASP B 1130 -5.93 -0.74 23.04
C ASP B 1130 -5.99 -2.25 22.81
N GLY B 1131 -7.06 -2.70 22.17
CA GLY B 1131 -7.09 -4.02 21.59
C GLY B 1131 -7.62 -5.11 22.49
N LYS B 1132 -7.84 -6.28 21.87
CA LYS B 1132 -8.29 -7.46 22.60
C LYS B 1132 -7.26 -7.91 23.62
N ARG B 1133 -5.97 -7.78 23.29
CA ARG B 1133 -4.93 -8.23 24.19
C ARG B 1133 -4.97 -7.47 25.50
N SER B 1134 -5.17 -6.15 25.44
CA SER B 1134 -5.27 -5.33 26.64
C SER B 1134 -6.61 -5.47 27.34
N HIS B 1135 -7.54 -6.25 26.77
CA HIS B 1135 -8.84 -6.54 27.37
C HIS B 1135 -9.71 -5.29 27.46
N GLY B 1136 -9.77 -4.53 26.39
CA GLY B 1136 -10.67 -3.39 26.32
C GLY B 1136 -10.39 -2.57 25.08
N GLY B 1137 -11.32 -1.70 24.76
CA GLY B 1137 -11.11 -0.72 23.72
C GLY B 1137 -11.86 -1.04 22.45
N LEU B 1138 -11.13 -1.15 21.34
CA LEU B 1138 -11.62 -1.05 19.96
C LEU B 1138 -11.89 0.41 19.63
N ARG B 1139 -11.40 0.86 18.47
CA ARG B 1139 -11.22 2.27 18.20
C ARG B 1139 -12.29 2.79 17.26
N LEU B 1140 -12.83 3.96 17.59
CA LEU B 1140 -13.70 4.73 16.69
C LEU B 1140 -12.83 5.86 16.13
N GLY B 1141 -12.12 5.56 15.06
CA GLY B 1141 -11.06 6.42 14.58
C GLY B 1141 -11.48 7.74 13.97
N GLU B 1142 -10.57 8.35 13.22
CA GLU B 1142 -10.85 9.64 12.58
C GLU B 1142 -11.97 9.51 11.55
N MET B 1143 -11.87 8.49 10.70
CA MET B 1143 -12.81 8.38 9.59
C MET B 1143 -14.21 8.00 10.08
N GLU B 1144 -14.31 7.25 11.17
CA GLU B 1144 -15.62 6.98 11.74
C GLU B 1144 -16.27 8.25 12.26
N HIS B 1145 -15.48 9.12 12.89
CA HIS B 1145 -16.00 10.42 13.30
C HIS B 1145 -16.41 11.26 12.10
N TRP B 1146 -15.61 11.21 11.02
CA TRP B 1146 -15.97 11.94 9.81
C TRP B 1146 -17.29 11.43 9.25
N VAL B 1147 -17.48 10.12 9.23
CA VAL B 1147 -18.71 9.55 8.69
C VAL B 1147 -19.91 9.93 9.54
N LEU B 1148 -19.76 9.84 10.87
CA LEU B 1148 -20.86 10.23 11.74
C LEU B 1148 -21.19 11.71 11.61
N THR B 1149 -20.17 12.54 11.38
CA THR B 1149 -20.41 13.94 11.09
C THR B 1149 -21.15 14.12 9.77
N ALA B 1150 -20.75 13.37 8.75
CA ALA B 1150 -21.37 13.47 7.44
C ALA B 1150 -22.85 13.09 7.49
N GLN B 1151 -23.23 12.29 8.47
CA GLN B 1151 -24.63 11.95 8.68
C GLN B 1151 -25.33 12.93 9.61
N GLY B 1152 -24.62 13.96 10.05
CA GLY B 1152 -25.18 14.88 11.02
C GLY B 1152 -25.55 14.21 12.32
N ALA B 1153 -24.87 13.13 12.67
CA ALA B 1153 -25.29 12.30 13.79
C ALA B 1153 -25.24 13.03 15.12
N MET B 1154 -24.05 13.35 15.60
CA MET B 1154 -23.84 13.82 16.98
C MET B 1154 -24.59 12.87 17.89
N GLN B 1155 -24.99 13.31 19.09
CA GLN B 1155 -25.72 12.46 20.03
C GLN B 1155 -25.10 11.08 20.14
N THR B 1156 -25.14 10.30 19.05
CA THR B 1156 -24.35 9.08 18.95
C THR B 1156 -22.87 9.39 19.09
N ILE B 1157 -22.41 10.48 18.48
CA ILE B 1157 -21.02 10.89 18.69
C ILE B 1157 -20.80 11.24 20.16
N ILE B 1158 -21.74 11.99 20.75
CA ILE B 1158 -21.63 12.29 22.18
C ILE B 1158 -21.57 11.01 22.98
N GLU B 1159 -22.49 10.08 22.73
CA GLU B 1159 -22.48 8.82 23.45
C GLU B 1159 -21.13 8.16 23.31
N LYS B 1160 -20.77 7.77 22.07
CA LYS B 1160 -19.61 6.92 21.85
C LYS B 1160 -18.32 7.58 22.32
N SER B 1161 -18.12 8.86 22.02
CA SER B 1161 -16.89 9.50 22.46
C SER B 1161 -16.97 9.88 23.92
N HIS B 1162 -17.84 10.81 24.29
CA HIS B 1162 -17.85 11.32 25.65
C HIS B 1162 -18.29 10.25 26.63
N ASP B 1163 -19.54 9.78 26.52
CA ASP B 1163 -20.08 8.97 27.59
C ASP B 1163 -19.47 7.58 27.62
N ASP B 1164 -18.66 7.24 26.63
CA ASP B 1164 -18.13 5.89 26.53
C ASP B 1164 -16.61 5.78 26.49
N SER B 1165 -15.87 6.88 26.32
CA SER B 1165 -14.41 6.78 26.34
C SER B 1165 -13.79 7.57 27.48
N ASP B 1166 -13.92 8.88 27.49
CA ASP B 1166 -13.26 9.69 28.52
C ASP B 1166 -14.11 10.88 28.91
N GLY B 1167 -15.43 10.68 28.99
CA GLY B 1167 -16.29 11.80 29.33
C GLY B 1167 -15.98 12.36 30.69
N CYS B 1168 -15.92 13.69 30.77
CA CYS B 1168 -15.65 14.38 32.02
C CYS B 1168 -16.28 15.76 31.96
N ILE B 1169 -16.48 16.35 33.12
CA ILE B 1169 -17.01 17.71 33.23
C ILE B 1169 -15.86 18.65 33.50
N SER B 1170 -15.73 19.69 32.70
CA SER B 1170 -14.67 20.67 32.83
C SER B 1170 -15.27 21.98 33.31
N TYR B 1171 -14.72 22.51 34.40
CA TYR B 1171 -15.20 23.75 34.99
C TYR B 1171 -14.27 24.89 34.61
N ILE B 1172 -14.86 26.00 34.19
CA ILE B 1172 -14.12 27.17 33.74
C ILE B 1172 -14.72 28.39 34.40
N CYS B 1173 -13.86 29.30 34.85
CA CYS B 1173 -14.30 30.39 35.72
C CYS B 1173 -15.31 31.30 35.04
N ARG B 1174 -15.19 31.49 33.72
CA ARG B 1174 -16.07 32.35 32.92
C ARG B 1174 -15.80 33.82 33.20
N ASN B 1175 -15.05 34.11 34.26
CA ASN B 1175 -14.62 35.48 34.54
C ASN B 1175 -13.18 35.72 34.14
N CYS B 1176 -12.36 34.67 34.09
CA CYS B 1176 -10.98 34.76 33.66
C CYS B 1176 -10.65 33.83 32.51
N GLY B 1177 -11.48 32.84 32.21
CA GLY B 1177 -11.25 31.94 31.10
C GLY B 1177 -10.32 30.79 31.37
N GLU B 1178 -9.88 30.62 32.60
CA GLU B 1178 -8.96 29.55 32.97
C GLU B 1178 -9.69 28.45 33.72
N PRO B 1179 -9.17 27.23 33.69
CA PRO B 1179 -9.83 26.13 34.40
C PRO B 1179 -9.93 26.43 35.89
N ALA B 1180 -11.02 25.94 36.49
CA ALA B 1180 -11.33 26.25 37.87
C ALA B 1180 -11.48 24.97 38.66
N ILE B 1181 -11.84 25.12 39.93
CA ILE B 1181 -11.99 24.00 40.87
C ILE B 1181 -13.41 24.03 41.39
N TYR B 1182 -14.11 22.91 41.27
CA TYR B 1182 -15.46 22.79 41.78
C TYR B 1182 -15.65 21.40 42.37
N ASN B 1183 -16.34 21.34 43.51
CA ASN B 1183 -16.63 20.07 44.17
C ASN B 1183 -17.95 20.23 44.89
N ALA B 1184 -18.94 19.42 44.51
CA ALA B 1184 -20.27 19.57 45.09
C ALA B 1184 -20.31 19.05 46.53
N SER B 1185 -19.71 17.88 46.78
CA SER B 1185 -19.74 17.31 48.12
C SER B 1185 -18.93 18.16 49.08
N HIS B 1186 -17.62 18.23 48.87
CA HIS B 1186 -16.79 19.15 49.62
C HIS B 1186 -16.94 20.51 48.96
N PRO B 1187 -17.71 21.43 49.55
CA PRO B 1187 -18.18 22.59 48.77
C PRO B 1187 -17.07 23.56 48.40
N ILE B 1188 -16.24 23.15 47.44
CA ILE B 1188 -15.17 24.00 46.92
C ILE B 1188 -15.69 24.73 45.69
N TYR B 1189 -15.55 26.05 45.70
CA TYR B 1189 -15.99 26.89 44.58
C TYR B 1189 -14.97 28.02 44.46
N LYS B 1190 -13.97 27.81 43.61
CA LYS B 1190 -12.85 28.74 43.54
C LYS B 1190 -12.12 28.55 42.22
N CYS B 1191 -11.36 29.58 41.85
CA CYS B 1191 -10.37 29.48 40.79
C CYS B 1191 -9.14 30.25 41.22
N MET B 1192 -7.97 29.70 40.94
CA MET B 1192 -6.72 30.31 41.39
C MET B 1192 -6.45 31.65 40.73
N ASN B 1193 -6.97 31.88 39.52
CA ASN B 1193 -6.58 33.08 38.78
C ASN B 1193 -7.15 34.35 39.40
N CYS B 1194 -8.46 34.35 39.70
CA CYS B 1194 -9.08 35.57 40.22
C CYS B 1194 -9.97 35.29 41.42
N ASP B 1195 -9.63 34.25 42.20
CA ASP B 1195 -10.21 33.89 43.49
C ASP B 1195 -11.63 34.38 43.75
N VAL B 1196 -11.76 35.57 44.34
CA VAL B 1196 -13.05 36.08 44.77
C VAL B 1196 -14.01 36.29 43.61
N GLN B 1197 -13.49 36.69 42.45
CA GLN B 1197 -14.30 37.00 41.28
C GLN B 1197 -14.80 35.76 40.54
N ALA B 1198 -14.72 34.58 41.16
CA ALA B 1198 -15.03 33.34 40.48
C ALA B 1198 -16.52 33.23 40.18
N ASP B 1199 -16.84 32.82 38.95
CA ASP B 1199 -18.21 32.62 38.48
C ASP B 1199 -18.30 31.32 37.69
N ILE B 1200 -17.79 30.23 38.29
CA ILE B 1200 -17.55 28.99 37.57
C ILE B 1200 -18.79 28.54 36.81
N GLY B 1201 -18.57 28.04 35.59
CA GLY B 1201 -19.58 27.29 34.86
C GLY B 1201 -19.03 25.92 34.50
N MET B 1202 -19.88 25.00 34.06
CA MET B 1202 -19.44 23.66 33.71
C MET B 1202 -19.50 23.47 32.19
N VAL B 1203 -18.45 22.88 31.65
CA VAL B 1203 -18.35 22.60 30.23
C VAL B 1203 -18.08 21.11 30.05
N ASP B 1204 -18.94 20.43 29.32
CA ASP B 1204 -18.73 19.03 29.05
C ASP B 1204 -17.52 18.85 28.15
N SER B 1205 -16.59 17.98 28.57
CA SER B 1205 -15.34 17.82 27.85
C SER B 1205 -14.93 16.35 27.91
N ARG B 1206 -13.72 16.08 27.44
CA ARG B 1206 -13.13 14.76 27.49
C ARG B 1206 -11.79 14.84 28.20
N ARG B 1207 -11.43 13.79 28.92
CA ARG B 1207 -10.16 13.79 29.63
C ARG B 1207 -9.00 14.01 28.68
N SER B 1208 -9.11 13.50 27.45
CA SER B 1208 -8.05 13.73 26.47
C SER B 1208 -7.89 15.22 26.18
N SER B 1209 -9.01 15.93 26.05
CA SER B 1209 -8.93 17.36 25.75
C SER B 1209 -8.34 18.14 26.93
N ILE B 1210 -8.72 17.78 28.15
CA ILE B 1210 -8.15 18.43 29.32
C ILE B 1210 -6.65 18.17 29.40
N VAL B 1211 -6.24 16.93 29.13
CA VAL B 1211 -4.80 16.61 29.16
C VAL B 1211 -4.06 17.37 28.06
N PHE B 1212 -4.68 17.49 26.89
CA PHE B 1212 -4.08 18.26 25.80
C PHE B 1212 -3.92 19.73 26.18
N GLN B 1213 -4.94 20.30 26.82
CA GLN B 1213 -4.83 21.68 27.27
C GLN B 1213 -3.74 21.83 28.33
N HIS B 1214 -3.65 20.85 29.24
CA HIS B 1214 -2.59 20.89 30.25
C HIS B 1214 -1.23 20.82 29.60
N GLU B 1215 -1.10 20.02 28.54
CA GLU B 1215 0.18 19.96 27.83
C GLU B 1215 0.51 21.29 27.17
N MET B 1216 -0.49 21.95 26.59
CA MET B 1216 -0.25 23.26 25.99
C MET B 1216 0.15 24.30 27.02
N ARG B 1217 -0.46 24.24 28.21
CA ARG B 1217 -0.02 25.15 29.27
C ARG B 1217 1.38 24.79 29.75
N ALA B 1218 1.70 23.49 29.80
CA ALA B 1218 3.03 23.07 30.22
C ALA B 1218 4.09 23.51 29.22
N ALA B 1219 3.69 23.76 27.98
CA ALA B 1219 4.58 24.36 27.00
C ALA B 1219 4.54 25.88 27.05
N ASN B 1220 4.05 26.45 28.14
CA ASN B 1220 3.97 27.90 28.33
C ASN B 1220 3.09 28.57 27.28
N VAL B 1221 1.97 27.95 26.93
CA VAL B 1221 0.95 28.56 26.09
C VAL B 1221 -0.34 28.62 26.91
N ASN B 1222 -0.83 29.83 27.15
CA ASN B 1222 -1.99 30.02 28.00
C ASN B 1222 -3.26 29.80 27.20
N ILE B 1223 -3.97 28.71 27.50
CA ILE B 1223 -5.22 28.38 26.82
C ILE B 1223 -6.35 28.95 27.68
N THR B 1224 -6.90 30.08 27.28
CA THR B 1224 -8.01 30.70 27.97
C THR B 1224 -9.26 30.61 27.11
N SER B 1225 -10.38 30.24 27.73
CA SER B 1225 -11.62 29.96 27.03
C SER B 1225 -12.61 31.10 27.24
N VAL B 1226 -13.17 31.59 26.13
CA VAL B 1226 -14.09 32.73 26.20
C VAL B 1226 -15.41 32.31 26.85
N LEU B 1227 -15.91 31.13 26.50
CA LEU B 1227 -17.20 30.60 26.94
C LEU B 1227 -18.36 31.37 26.32
N SER B 1228 -19.46 30.66 26.06
CA SER B 1228 -20.60 31.27 25.40
C SER B 1228 -21.24 32.31 26.31
N PRO B 1229 -21.54 33.50 25.80
CA PRO B 1229 -22.19 34.52 26.64
C PRO B 1229 -23.61 34.11 26.99
N ARG B 1230 -24.06 34.56 28.15
CA ARG B 1230 -25.43 34.33 28.55
C ARG B 1230 -26.37 35.15 27.68
N VAL B 1231 -27.54 34.60 27.39
CA VAL B 1231 -28.54 35.25 26.55
C VAL B 1231 -29.84 35.35 27.31
N PHE B 1232 -30.38 36.56 27.39
CA PHE B 1232 -31.62 36.83 28.10
C PHE B 1232 -32.64 37.44 27.16
N GLN B 1233 -33.90 37.17 27.41
CA GLN B 1233 -34.94 37.81 26.63
C GLN B 1233 -35.34 39.13 27.26
N PRO B 1234 -35.88 40.07 26.47
CA PRO B 1234 -36.29 41.35 27.03
C PRO B 1234 -37.38 41.18 28.07
N ALA B 1235 -37.39 42.08 29.05
CA ALA B 1235 -38.35 42.03 30.14
C ALA B 1235 -39.79 42.09 29.63
N GLU C 1 -53.56 -52.36 -1.05
CA GLU C 1 -52.77 -51.27 -1.58
C GLU C 1 -51.29 -51.45 -1.26
N LYS C 2 -50.46 -51.48 -2.30
CA LYS C 2 -49.03 -51.71 -2.16
C LYS C 2 -48.29 -50.46 -2.63
N ILE C 3 -48.09 -49.52 -1.70
CA ILE C 3 -47.29 -48.35 -2.00
C ILE C 3 -45.83 -48.72 -2.18
N PHE C 4 -45.30 -49.53 -1.26
CA PHE C 4 -43.90 -49.92 -1.25
C PHE C 4 -43.77 -51.26 -1.97
N GLN C 5 -43.26 -51.22 -3.20
CA GLN C 5 -43.08 -52.41 -4.01
C GLN C 5 -41.81 -53.16 -3.62
N ASN C 6 -41.33 -54.04 -4.49
CA ASN C 6 -40.18 -54.89 -4.19
C ASN C 6 -38.97 -54.06 -3.76
N VAL C 7 -38.11 -54.69 -2.95
CA VAL C 7 -36.94 -54.06 -2.37
C VAL C 7 -35.76 -55.01 -2.53
N GLU C 8 -34.64 -54.50 -3.04
CA GLU C 8 -33.42 -55.28 -3.20
C GLU C 8 -32.49 -55.01 -2.03
N ILE C 9 -31.95 -56.07 -1.45
CA ILE C 9 -31.02 -55.99 -0.34
C ILE C 9 -29.71 -56.64 -0.76
N LYS C 10 -28.61 -55.91 -0.60
CA LYS C 10 -27.31 -56.40 -1.04
C LYS C 10 -26.22 -55.92 -0.09
N PRO C 11 -25.70 -56.78 0.77
CA PRO C 11 -24.58 -56.38 1.63
C PRO C 11 -23.31 -56.17 0.83
N PHE C 12 -22.44 -55.32 1.36
CA PHE C 12 -21.13 -55.07 0.77
C PHE C 12 -20.16 -56.10 1.35
N LEU C 13 -19.72 -57.03 0.51
CA LEU C 13 -18.89 -58.14 0.93
C LEU C 13 -17.45 -57.93 0.49
N ILE C 14 -16.52 -58.52 1.24
CA ILE C 14 -15.11 -58.48 0.88
C ILE C 14 -14.85 -59.56 -0.16
N ASP C 15 -14.17 -59.18 -1.24
CA ASP C 15 -13.88 -60.09 -2.34
C ASP C 15 -12.49 -60.67 -2.12
N PHE C 16 -12.44 -61.86 -1.51
CA PHE C 16 -11.17 -62.54 -1.28
C PHE C 16 -10.59 -63.15 -2.55
N SER C 17 -11.16 -62.86 -3.71
CA SER C 17 -10.56 -63.32 -4.96
C SER C 17 -9.30 -62.53 -5.29
N ASN C 18 -9.17 -61.32 -4.73
CA ASN C 18 -7.94 -60.57 -4.89
C ASN C 18 -6.88 -61.09 -3.92
N LEU C 19 -5.70 -61.40 -4.45
CA LEU C 19 -4.64 -61.94 -3.61
C LEU C 19 -4.20 -60.94 -2.56
N PHE C 20 -4.12 -59.66 -2.93
CA PHE C 20 -3.65 -58.65 -1.99
C PHE C 20 -4.60 -58.52 -0.80
N ILE C 21 -5.91 -58.53 -1.05
CA ILE C 21 -6.88 -58.39 0.03
C ILE C 21 -6.79 -59.58 0.97
N LYS C 22 -6.77 -60.80 0.42
CA LYS C 22 -6.70 -62.00 1.24
C LYS C 22 -5.42 -62.01 2.07
N ASN C 23 -4.29 -61.71 1.42
CA ASN C 23 -3.00 -61.73 2.11
C ASN C 23 -2.97 -60.71 3.22
N ALA C 24 -3.43 -59.49 2.97
CA ALA C 24 -3.42 -58.47 3.99
C ALA C 24 -4.34 -58.85 5.16
N ALA C 25 -5.56 -59.28 4.84
CA ALA C 25 -6.51 -59.62 5.91
C ALA C 25 -5.98 -60.74 6.79
N LYS C 26 -5.43 -61.79 6.17
CA LYS C 26 -4.90 -62.89 6.97
C LYS C 26 -3.60 -62.50 7.66
N LYS C 27 -2.86 -61.54 7.11
CA LYS C 27 -1.57 -61.18 7.68
C LYS C 27 -1.74 -60.36 8.95
N LEU C 28 -2.65 -59.38 8.94
CA LEU C 28 -2.79 -58.64 10.19
C LEU C 28 -3.99 -59.08 11.02
N PHE C 29 -5.16 -59.23 10.41
CA PHE C 29 -6.35 -59.53 11.19
C PHE C 29 -6.67 -61.01 11.29
N GLN C 30 -5.89 -61.86 10.61
CA GLN C 30 -6.19 -63.29 10.51
C GLN C 30 -7.61 -63.49 10.00
N LEU C 31 -8.00 -62.67 9.02
CA LEU C 31 -9.37 -62.64 8.53
C LEU C 31 -9.49 -63.54 7.31
N GLU C 32 -10.36 -64.54 7.40
CA GLU C 32 -10.60 -65.47 6.30
C GLU C 32 -12.02 -65.42 5.78
N GLU C 33 -12.92 -64.69 6.44
CA GLU C 33 -14.31 -64.64 6.03
C GLU C 33 -14.78 -63.20 5.95
N GLN C 34 -16.09 -63.01 5.78
CA GLN C 34 -16.65 -61.68 5.86
C GLN C 34 -16.70 -61.21 7.32
N LEU C 35 -16.83 -59.90 7.48
CA LEU C 35 -16.80 -59.31 8.81
C LEU C 35 -18.11 -59.58 9.55
N PRO C 36 -18.09 -59.51 10.89
CA PRO C 36 -19.33 -59.74 11.64
C PRO C 36 -20.43 -58.75 11.31
N LEU C 37 -20.08 -57.52 10.95
CA LEU C 37 -21.04 -56.51 10.54
C LEU C 37 -20.65 -56.00 9.17
N VAL C 38 -21.61 -55.95 8.26
CA VAL C 38 -21.35 -55.54 6.88
C VAL C 38 -22.22 -54.33 6.56
N PRO C 39 -21.74 -53.42 5.70
CA PRO C 39 -22.60 -52.32 5.23
C PRO C 39 -23.52 -52.84 4.13
N VAL C 40 -24.81 -52.73 4.35
CA VAL C 40 -25.80 -53.25 3.42
C VAL C 40 -26.35 -52.12 2.58
N ASN C 41 -26.66 -52.43 1.33
CA ASN C 41 -27.30 -51.48 0.42
C ASN C 41 -28.73 -51.91 0.19
N VAL C 42 -29.67 -51.00 0.41
CA VAL C 42 -31.10 -51.29 0.27
C VAL C 42 -31.66 -50.36 -0.79
N VAL C 43 -32.19 -50.94 -1.86
CA VAL C 43 -32.80 -50.19 -2.96
C VAL C 43 -34.29 -50.51 -2.97
N MET C 44 -35.12 -49.48 -2.90
CA MET C 44 -36.55 -49.63 -2.70
C MET C 44 -37.30 -48.92 -3.82
N ASP C 45 -38.44 -49.48 -4.21
CA ASP C 45 -39.31 -48.89 -5.21
C ASP C 45 -40.65 -48.56 -4.58
N PHE C 46 -41.12 -47.34 -4.82
CA PHE C 46 -42.39 -46.86 -4.30
C PHE C 46 -43.29 -46.46 -5.45
N LYS C 47 -44.57 -46.77 -5.32
CA LYS C 47 -45.55 -46.38 -6.34
C LYS C 47 -46.76 -45.75 -5.68
N GLY C 48 -47.35 -44.79 -6.37
CA GLY C 48 -48.53 -44.10 -5.86
C GLY C 48 -48.27 -43.33 -4.60
N ILE C 49 -47.12 -42.66 -4.50
CA ILE C 49 -46.73 -41.93 -3.31
C ILE C 49 -46.10 -40.61 -3.72
N SER C 50 -46.37 -39.57 -2.96
CA SER C 50 -45.82 -38.25 -3.27
C SER C 50 -44.33 -38.21 -2.98
N ARG C 51 -43.62 -37.40 -3.76
CA ARG C 51 -42.19 -37.22 -3.56
C ARG C 51 -41.86 -36.78 -2.14
N ALA C 52 -42.76 -36.02 -1.52
CA ALA C 52 -42.50 -35.53 -0.18
C ALA C 52 -42.39 -36.67 0.82
N ALA C 53 -43.25 -37.69 0.71
CA ALA C 53 -43.21 -38.79 1.66
C ALA C 53 -41.95 -39.62 1.50
N VAL C 54 -41.56 -39.92 0.26
CA VAL C 54 -40.34 -40.69 0.02
C VAL C 54 -39.12 -39.92 0.50
N HIS C 55 -39.06 -38.62 0.19
CA HIS C 55 -37.92 -37.84 0.64
C HIS C 55 -37.90 -37.67 2.16
N GLY C 56 -39.07 -37.60 2.79
CA GLY C 56 -39.11 -37.54 4.23
C GLY C 56 -38.61 -38.83 4.86
N LEU C 57 -39.01 -39.97 4.30
CA LEU C 57 -38.47 -41.24 4.75
C LEU C 57 -36.95 -41.28 4.59
N SER C 58 -36.46 -40.81 3.43
CA SER C 58 -35.03 -40.81 3.18
C SER C 58 -34.29 -39.95 4.18
N ARG C 59 -34.79 -38.73 4.42
CA ARG C 59 -34.14 -37.82 5.37
C ARG C 59 -34.15 -38.39 6.78
N VAL C 60 -35.29 -38.97 7.18
CA VAL C 60 -35.39 -39.52 8.52
C VAL C 60 -34.39 -40.64 8.72
N LEU C 61 -34.34 -41.58 7.77
CA LEU C 61 -33.36 -42.65 7.84
C LEU C 61 -31.94 -42.10 7.84
N GLN C 62 -31.69 -41.03 7.08
CA GLN C 62 -30.35 -40.46 7.02
C GLN C 62 -29.91 -39.94 8.38
N ASP C 63 -30.62 -38.97 8.92
CA ASP C 63 -30.15 -38.42 10.19
C ASP C 63 -31.20 -38.39 11.29
N GLU C 64 -32.48 -38.27 10.96
CA GLU C 64 -33.45 -37.95 12.00
C GLU C 64 -33.92 -39.16 12.79
N ILE C 65 -33.45 -40.35 12.47
CA ILE C 65 -33.80 -41.54 13.25
C ILE C 65 -32.89 -41.62 14.48
N PRO C 66 -33.45 -41.77 15.69
CA PRO C 66 -32.60 -41.91 16.87
C PRO C 66 -31.67 -43.10 16.75
N ASN C 67 -30.37 -42.82 16.72
CA ASN C 67 -29.36 -43.84 16.51
C ASN C 67 -28.35 -43.76 17.65
N TYR C 68 -27.51 -44.79 17.75
CA TYR C 68 -26.59 -44.92 18.87
C TYR C 68 -25.16 -44.61 18.43
N MET C 69 -24.37 -44.15 19.39
CA MET C 69 -22.98 -43.81 19.18
C MET C 69 -22.14 -44.49 20.26
N LEU C 70 -20.86 -44.69 19.97
CA LEU C 70 -19.88 -44.94 21.01
C LEU C 70 -19.25 -43.62 21.42
N ASP C 71 -19.24 -43.34 22.71
CA ASP C 71 -18.69 -42.09 23.20
C ASP C 71 -17.92 -42.37 24.48
N ILE C 72 -17.19 -41.36 24.94
CA ILE C 72 -16.35 -41.46 26.14
C ILE C 72 -16.98 -40.60 27.22
N LYS C 73 -17.29 -41.21 28.36
CA LYS C 73 -17.79 -40.45 29.48
C LYS C 73 -16.71 -39.47 29.95
N PRO C 74 -17.07 -38.25 30.35
CA PRO C 74 -16.07 -37.29 30.80
C PRO C 74 -15.28 -37.85 31.97
N GLY C 75 -13.96 -37.76 31.87
CA GLY C 75 -13.07 -38.41 32.80
C GLY C 75 -12.68 -39.82 32.41
N GLY C 76 -13.31 -40.39 31.40
CA GLY C 76 -12.93 -41.72 30.95
C GLY C 76 -11.53 -41.76 30.39
N TYR C 77 -11.15 -40.75 29.62
CA TYR C 77 -9.80 -40.67 29.08
C TYR C 77 -8.84 -40.34 30.22
N LYS C 78 -8.07 -41.33 30.64
CA LYS C 78 -7.20 -41.18 31.81
C LYS C 78 -5.97 -40.37 31.42
N ILE C 79 -5.95 -39.09 31.79
CA ILE C 79 -4.83 -38.23 31.44
C ILE C 79 -3.55 -38.75 32.07
N GLU C 80 -3.63 -39.17 33.34
CA GLU C 80 -2.44 -39.67 34.03
C GLU C 80 -1.91 -40.94 33.40
N ASP C 81 -2.78 -41.91 33.14
CA ASP C 81 -2.36 -43.22 32.65
C ASP C 81 -2.07 -43.26 31.16
N SER C 82 -2.59 -42.32 30.38
CA SER C 82 -2.31 -42.27 28.94
C SER C 82 -0.99 -41.55 28.73
N THR C 83 0.05 -42.30 28.40
CA THR C 83 1.39 -41.76 28.20
C THR C 83 1.57 -41.14 26.83
N ASP C 84 0.89 -41.65 25.79
CA ASP C 84 1.16 -41.22 24.43
C ASP C 84 0.88 -39.73 24.29
N LEU C 85 1.82 -39.02 23.68
CA LEU C 85 1.70 -37.58 23.53
C LEU C 85 0.96 -37.17 22.25
N PHE C 86 0.81 -38.07 21.29
CA PHE C 86 0.16 -37.74 20.03
C PHE C 86 -1.33 -38.07 20.03
N MET C 87 -1.77 -39.01 20.85
CA MET C 87 -3.17 -39.42 20.85
C MET C 87 -3.93 -38.58 21.86
N THR C 88 -4.31 -37.39 21.40
CA THR C 88 -5.10 -36.49 22.24
C THR C 88 -6.48 -37.08 22.48
N GLU C 89 -7.16 -36.54 23.50
CA GLU C 89 -8.51 -37.00 23.78
C GLU C 89 -9.44 -36.68 22.63
N GLN C 90 -9.25 -35.53 21.99
CA GLN C 90 -10.12 -35.14 20.89
C GLN C 90 -10.00 -36.10 19.72
N PHE C 91 -8.77 -36.46 19.35
CA PHE C 91 -8.57 -37.33 18.19
C PHE C 91 -9.14 -38.71 18.44
N ILE C 92 -8.85 -39.30 19.60
CA ILE C 92 -9.36 -40.63 19.89
C ILE C 92 -10.87 -40.62 20.07
N ARG C 93 -11.41 -39.57 20.68
CA ARG C 93 -12.86 -39.46 20.80
C ARG C 93 -13.52 -39.35 19.45
N ASN C 94 -12.90 -38.61 18.52
CA ASN C 94 -13.45 -38.52 17.17
C ASN C 94 -13.36 -39.85 16.44
N ARG C 95 -12.26 -40.58 16.63
CA ARG C 95 -12.15 -41.90 16.00
C ARG C 95 -13.19 -42.86 16.54
N ILE C 96 -13.39 -42.86 17.85
CA ILE C 96 -14.30 -43.82 18.46
C ILE C 96 -15.76 -43.44 18.20
N ASN C 97 -16.05 -42.14 18.09
CA ASN C 97 -17.42 -41.70 17.89
C ASN C 97 -18.01 -42.26 16.62
N PHE C 98 -17.24 -42.26 15.53
CA PHE C 98 -17.76 -42.57 14.21
C PHE C 98 -17.53 -44.02 13.82
N ILE C 99 -17.38 -44.91 14.80
CA ILE C 99 -17.41 -46.34 14.54
C ILE C 99 -18.87 -46.75 14.47
N PRO C 100 -19.36 -47.17 13.30
CA PRO C 100 -20.78 -47.52 13.21
C PRO C 100 -21.07 -48.81 13.95
N ILE C 101 -21.92 -48.72 14.97
CA ILE C 101 -22.24 -49.84 15.83
C ILE C 101 -23.69 -50.25 15.59
N TYR C 102 -23.96 -51.54 15.74
CA TYR C 102 -25.32 -52.08 15.73
C TYR C 102 -25.59 -52.55 17.15
N ALA C 103 -26.07 -51.64 17.99
CA ALA C 103 -26.24 -51.91 19.40
C ALA C 103 -27.70 -52.22 19.71
N LYS C 104 -27.95 -53.34 20.36
CA LYS C 104 -29.28 -53.73 20.81
C LYS C 104 -29.50 -53.40 22.28
N ASN C 105 -28.43 -53.33 23.07
CA ASN C 105 -28.50 -52.94 24.47
C ASN C 105 -27.72 -51.65 24.67
N GLU C 106 -28.27 -50.77 25.51
CA GLU C 106 -27.67 -49.46 25.72
C GLU C 106 -26.73 -49.40 26.93
N THR C 107 -26.56 -50.50 27.66
CA THR C 107 -25.74 -50.49 28.86
C THR C 107 -24.33 -51.03 28.64
N LEU C 108 -23.98 -51.38 27.41
CA LEU C 108 -22.64 -51.90 27.14
C LEU C 108 -21.61 -50.78 27.27
N VAL C 109 -20.70 -50.93 28.23
CA VAL C 109 -19.62 -49.97 28.44
C VAL C 109 -18.31 -50.66 28.09
N PHE C 110 -17.55 -50.04 27.21
CA PHE C 110 -16.27 -50.56 26.74
C PHE C 110 -15.14 -49.79 27.39
N ALA C 111 -13.95 -50.40 27.39
CA ALA C 111 -12.75 -49.78 27.92
C ALA C 111 -11.58 -50.04 26.99
N LEU C 112 -10.68 -49.07 26.89
CA LEU C 112 -9.46 -49.22 26.13
C LEU C 112 -8.28 -49.21 27.08
N ARG C 113 -7.45 -50.25 27.00
CA ARG C 113 -6.23 -50.36 27.79
C ARG C 113 -5.16 -50.95 26.89
N SER C 114 -4.24 -50.12 26.41
CA SER C 114 -3.22 -50.55 25.48
C SER C 114 -1.88 -50.00 25.94
N LEU C 115 -0.97 -50.90 26.29
CA LEU C 115 0.38 -50.54 26.70
C LEU C 115 1.35 -51.04 25.64
N ASN C 116 2.20 -50.13 25.15
CA ASN C 116 3.17 -50.47 24.10
C ASN C 116 4.47 -50.89 24.80
N ASN C 117 4.58 -52.18 25.09
CA ASN C 117 5.71 -52.74 25.80
C ASN C 117 6.90 -53.00 24.89
N SER C 118 6.96 -52.39 23.72
CA SER C 118 7.97 -52.72 22.73
C SER C 118 8.52 -51.47 22.08
N CYS C 119 9.46 -51.67 21.16
CA CYS C 119 10.10 -50.57 20.46
C CYS C 119 9.44 -50.21 19.13
N GLU C 120 8.39 -50.92 18.75
CA GLU C 120 7.71 -50.60 17.50
C GLU C 120 6.50 -49.72 17.77
N VAL C 121 6.10 -48.98 16.73
CA VAL C 121 4.92 -48.12 16.84
C VAL C 121 3.69 -49.02 16.76
N LYS C 122 3.13 -49.34 17.92
CA LYS C 122 1.99 -50.25 18.02
C LYS C 122 0.72 -49.54 17.57
N THR C 123 -0.07 -50.20 16.75
CA THR C 123 -1.34 -49.67 16.28
C THR C 123 -2.47 -50.28 17.08
N ILE C 124 -3.33 -49.43 17.64
CA ILE C 124 -4.53 -49.89 18.32
C ILE C 124 -5.60 -50.16 17.29
N TYR C 125 -6.22 -51.33 17.36
CA TYR C 125 -7.32 -51.70 16.48
C TYR C 125 -8.60 -51.78 17.28
N SER C 126 -9.71 -51.93 16.57
CA SER C 126 -11.00 -52.02 17.23
C SER C 126 -11.13 -53.29 18.08
N ARG C 127 -10.32 -54.31 17.80
CA ARG C 127 -10.33 -55.50 18.64
C ARG C 127 -9.75 -55.22 20.01
N ASP C 128 -8.99 -54.14 20.17
CA ASP C 128 -8.46 -53.76 21.48
C ASP C 128 -9.54 -53.24 22.43
N LEU C 129 -10.72 -52.91 21.91
CA LEU C 129 -11.79 -52.40 22.76
C LEU C 129 -12.36 -53.55 23.59
N ILE C 130 -12.21 -53.45 24.90
CA ILE C 130 -12.62 -54.51 25.83
C ILE C 130 -13.92 -54.07 26.50
N GLN C 131 -14.91 -54.95 26.46
CA GLN C 131 -16.21 -54.66 27.03
C GLN C 131 -16.28 -55.16 28.46
N VAL C 132 -16.46 -54.25 29.42
CA VAL C 132 -16.80 -54.68 30.77
C VAL C 132 -18.01 -53.91 31.27
N ALA C 133 -19.21 -54.38 30.91
CA ALA C 133 -20.49 -53.92 31.41
C ALA C 133 -21.58 -54.66 30.66
N GLY C 134 -22.78 -54.67 31.25
CA GLY C 134 -23.94 -55.22 30.60
C GLY C 134 -23.82 -56.69 30.28
N PRO C 135 -24.81 -57.25 29.60
CA PRO C 135 -24.73 -58.64 29.18
C PRO C 135 -23.54 -58.88 28.26
N LYS C 136 -22.91 -60.03 28.41
CA LYS C 136 -21.76 -60.38 27.59
C LYS C 136 -22.18 -60.46 26.12
N LEU C 137 -21.37 -59.85 25.25
CA LEU C 137 -21.71 -59.79 23.84
C LEU C 137 -21.49 -61.16 23.20
N LYS C 138 -22.56 -61.77 22.71
CA LYS C 138 -22.44 -62.98 21.91
C LYS C 138 -22.22 -62.67 20.44
N TYR C 139 -22.34 -61.41 20.04
CA TYR C 139 -22.05 -60.96 18.69
C TYR C 139 -21.51 -59.55 18.81
N PRO C 140 -20.38 -59.24 18.17
CA PRO C 140 -19.80 -57.91 18.30
C PRO C 140 -20.72 -56.86 17.69
N ILE C 141 -20.71 -55.67 18.31
CA ILE C 141 -21.50 -54.57 17.78
C ILE C 141 -20.71 -53.68 16.84
N PHE C 142 -19.42 -53.94 16.66
CA PHE C 142 -18.64 -53.23 15.66
C PHE C 142 -17.58 -54.17 15.11
N ASN C 143 -17.09 -53.85 13.92
CA ASN C 143 -16.05 -54.66 13.32
C ASN C 143 -14.77 -54.56 14.14
N PRO C 144 -14.04 -55.67 14.29
CA PRO C 144 -12.79 -55.63 15.05
C PRO C 144 -11.59 -55.13 14.27
N THR C 145 -11.79 -54.43 13.16
CA THR C 145 -10.68 -53.98 12.31
C THR C 145 -10.53 -52.48 12.27
N PHE C 146 -11.35 -51.73 12.99
CA PHE C 146 -11.26 -50.28 12.94
C PHE C 146 -9.95 -49.81 13.56
N GLU C 147 -9.31 -48.85 12.89
CA GLU C 147 -8.05 -48.28 13.37
C GLU C 147 -8.35 -47.13 14.30
N ILE C 148 -8.28 -47.38 15.60
CA ILE C 148 -8.14 -46.32 16.57
C ILE C 148 -6.67 -45.94 16.56
N GLY C 149 -6.35 -44.80 17.19
CA GLY C 149 -5.02 -44.24 17.03
C GLY C 149 -3.92 -45.18 17.47
N PHE C 150 -2.75 -45.01 16.87
CA PHE C 150 -1.58 -45.82 17.17
C PHE C 150 -0.96 -45.39 18.50
N LEU C 151 0.18 -46.00 18.81
CA LEU C 151 0.95 -45.68 20.00
C LEU C 151 2.43 -45.65 19.67
N GLN C 152 3.13 -44.63 20.15
CA GLN C 152 4.56 -44.57 20.01
C GLN C 152 5.21 -45.55 20.99
N PRO C 153 6.47 -45.93 20.75
CA PRO C 153 7.11 -46.92 21.62
C PRO C 153 7.14 -46.47 23.07
N GLY C 154 6.88 -47.40 23.97
CA GLY C 154 6.91 -47.13 25.40
C GLY C 154 5.73 -46.33 25.91
N LYS C 155 4.79 -45.96 25.06
CA LYS C 155 3.65 -45.14 25.45
C LYS C 155 2.42 -46.00 25.68
N SER C 156 1.52 -45.48 26.51
CA SER C 156 0.30 -46.19 26.87
C SER C 156 -0.89 -45.26 26.71
N LEU C 157 -2.05 -45.85 26.48
CA LEU C 157 -3.31 -45.12 26.32
C LEU C 157 -4.39 -45.92 27.03
N ILE C 158 -5.06 -45.28 27.98
CA ILE C 158 -6.08 -45.95 28.78
C ILE C 158 -7.35 -45.12 28.77
N ILE C 159 -8.43 -45.70 28.27
CA ILE C 159 -9.75 -45.10 28.31
C ILE C 159 -10.68 -46.13 28.95
N GLU C 160 -11.32 -45.75 30.05
CA GLU C 160 -12.02 -46.72 30.87
C GLU C 160 -13.54 -46.63 30.78
N ASP C 161 -14.09 -45.56 30.23
CA ASP C 161 -15.54 -45.36 30.18
C ASP C 161 -15.94 -45.00 28.76
N ILE C 162 -16.16 -46.03 27.94
CA ILE C 162 -16.70 -45.86 26.60
C ILE C 162 -18.07 -46.50 26.57
N TYR C 163 -19.12 -45.68 26.43
CA TYR C 163 -20.49 -46.12 26.57
C TYR C 163 -21.22 -45.90 25.27
N ILE C 164 -22.51 -46.21 25.28
CA ILE C 164 -23.37 -46.11 24.10
C ILE C 164 -24.31 -44.94 24.28
N LYS C 165 -24.20 -43.93 23.42
CA LYS C 165 -24.96 -42.70 23.53
C LYS C 165 -26.02 -42.64 22.43
N LYS C 166 -27.24 -42.31 22.81
CA LYS C 166 -28.37 -42.22 21.89
C LYS C 166 -28.49 -40.79 21.39
N GLY C 167 -28.79 -40.63 20.11
CA GLY C 167 -28.96 -39.32 19.53
C GLY C 167 -29.53 -39.45 18.14
N ILE C 168 -29.73 -38.29 17.50
CA ILE C 168 -30.20 -38.22 16.12
C ILE C 168 -29.13 -37.55 15.29
N GLY C 169 -28.99 -38.00 14.04
CA GLY C 169 -27.88 -37.56 13.20
C GLY C 169 -27.92 -36.09 12.86
N ARG C 170 -29.04 -35.42 13.11
CA ARG C 170 -29.15 -34.00 12.82
C ARG C 170 -28.31 -33.17 13.78
N LYS C 171 -28.42 -33.46 15.08
CA LYS C 171 -27.66 -32.72 16.07
C LYS C 171 -26.16 -33.00 15.94
N HIS C 172 -25.80 -34.28 15.90
CA HIS C 172 -24.41 -34.68 15.71
C HIS C 172 -24.35 -35.74 14.61
N ALA C 173 -23.39 -35.57 13.70
CA ALA C 173 -23.35 -36.41 12.50
C ALA C 173 -22.90 -37.83 12.79
N ALA C 174 -22.37 -38.10 13.98
CA ALA C 174 -22.00 -39.48 14.30
C ALA C 174 -23.21 -40.35 14.53
N PHE C 175 -24.39 -39.76 14.71
CA PHE C 175 -25.62 -40.51 14.80
C PHE C 175 -26.24 -40.79 13.45
N ASN C 176 -25.66 -40.28 12.36
CA ASN C 176 -26.21 -40.56 11.03
C ASN C 176 -26.29 -42.05 10.82
N LEU C 177 -27.45 -42.52 10.37
CA LEU C 177 -27.63 -43.94 10.15
C LEU C 177 -27.37 -44.33 8.70
N ALA C 178 -28.18 -43.83 7.77
CA ALA C 178 -28.11 -44.28 6.39
C ALA C 178 -27.36 -43.27 5.55
N VAL C 179 -26.70 -43.76 4.51
CA VAL C 179 -26.07 -42.93 3.49
C VAL C 179 -26.78 -43.21 2.18
N LYS C 180 -27.09 -42.16 1.43
CA LYS C 180 -27.84 -42.32 0.20
C LYS C 180 -26.97 -42.92 -0.89
N THR C 181 -27.58 -43.74 -1.75
CA THR C 181 -26.85 -44.35 -2.86
C THR C 181 -27.64 -44.23 -4.16
N HIS C 182 -28.93 -43.92 -4.10
CA HIS C 182 -29.73 -43.76 -5.30
C HIS C 182 -31.00 -43.00 -4.98
N PHE C 183 -31.50 -42.27 -5.97
CA PHE C 183 -32.82 -41.65 -5.93
C PHE C 183 -33.22 -41.26 -7.34
N SER C 184 -34.33 -41.79 -7.83
CA SER C 184 -34.76 -41.50 -9.19
C SER C 184 -36.25 -41.72 -9.31
N HIS C 185 -36.90 -40.90 -10.12
CA HIS C 185 -38.32 -41.01 -10.39
C HIS C 185 -38.52 -41.93 -11.58
N LEU C 186 -39.33 -42.97 -11.41
CA LEU C 186 -39.47 -43.99 -12.43
C LEU C 186 -40.54 -43.68 -13.46
N ASP C 187 -41.39 -42.69 -13.21
CA ASP C 187 -42.43 -42.35 -14.19
C ASP C 187 -42.00 -41.27 -15.16
N ILE C 188 -41.02 -40.46 -14.80
CA ILE C 188 -40.54 -39.39 -15.67
C ILE C 188 -39.53 -39.96 -16.65
N GLU C 189 -39.72 -39.67 -17.93
CA GLU C 189 -38.77 -40.10 -18.94
C GLU C 189 -37.44 -39.38 -18.77
N GLN C 190 -36.38 -40.01 -19.24
CA GLN C 190 -35.04 -39.47 -19.11
C GLN C 190 -34.35 -39.40 -20.47
N TYR C 191 -33.66 -38.30 -20.69
CA TYR C 191 -32.86 -38.14 -21.91
C TYR C 191 -31.64 -39.05 -21.86
N PRO C 192 -31.06 -39.36 -23.01
CA PRO C 192 -29.72 -39.97 -23.04
C PRO C 192 -28.64 -38.94 -22.76
N THR C 193 -28.38 -38.71 -21.47
CA THR C 193 -27.49 -37.64 -21.03
C THR C 193 -26.07 -37.78 -21.55
N ASP C 194 -25.71 -38.92 -22.14
CA ASP C 194 -24.38 -39.06 -22.72
C ASP C 194 -24.17 -38.16 -23.93
N LYS C 195 -25.25 -37.75 -24.60
CA LYS C 195 -25.11 -36.90 -25.77
C LYS C 195 -24.77 -35.48 -25.38
N LYS C 196 -24.15 -34.76 -26.32
CA LYS C 196 -23.71 -33.40 -26.04
C LYS C 196 -24.89 -32.46 -25.79
N GLU C 197 -25.97 -32.62 -26.54
CA GLU C 197 -27.09 -31.69 -26.44
C GLU C 197 -27.82 -31.79 -25.12
N TYR C 198 -27.67 -32.87 -24.38
CA TYR C 198 -28.39 -33.06 -23.13
C TYR C 198 -27.47 -33.12 -21.91
N MET C 199 -26.17 -32.95 -22.08
CA MET C 199 -25.24 -33.13 -20.96
C MET C 199 -25.45 -32.07 -19.89
N ALA C 200 -25.90 -30.88 -20.26
CA ALA C 200 -26.05 -29.79 -19.33
C ALA C 200 -27.38 -29.83 -18.58
N LEU C 201 -28.25 -30.78 -18.88
CA LEU C 201 -29.55 -30.88 -18.25
C LEU C 201 -29.58 -32.02 -17.25
N SER C 202 -30.61 -32.01 -16.40
CA SER C 202 -30.75 -33.07 -15.41
C SER C 202 -31.01 -34.42 -16.03
N GLY C 203 -31.54 -34.46 -17.25
CA GLY C 203 -31.86 -35.68 -17.94
C GLY C 203 -33.34 -35.98 -18.00
N TYR C 204 -34.09 -35.60 -16.97
CA TYR C 204 -35.54 -35.82 -16.97
C TYR C 204 -36.19 -34.96 -18.04
N LYS C 205 -37.15 -35.53 -18.75
CA LYS C 205 -37.79 -34.86 -19.87
C LYS C 205 -38.84 -33.85 -19.44
N GLN C 206 -39.04 -33.66 -18.15
CA GLN C 206 -39.96 -32.68 -17.62
C GLN C 206 -39.23 -31.76 -16.65
N SER C 207 -39.67 -30.51 -16.60
CA SER C 207 -39.09 -29.57 -15.66
C SER C 207 -39.46 -29.95 -14.22
N SER C 208 -38.61 -29.54 -13.28
CA SER C 208 -38.93 -29.77 -11.88
C SER C 208 -40.09 -28.91 -11.42
N MET C 209 -40.30 -27.76 -12.06
CA MET C 209 -41.35 -26.84 -11.68
C MET C 209 -42.73 -27.37 -12.03
N THR C 210 -42.83 -28.29 -12.99
CA THR C 210 -44.11 -28.83 -13.42
C THR C 210 -44.27 -30.31 -13.11
N SER C 211 -43.20 -31.02 -12.82
CA SER C 211 -43.28 -32.46 -12.59
C SER C 211 -43.93 -32.75 -11.25
N ASP C 212 -44.72 -33.84 -11.22
CA ASP C 212 -45.27 -34.40 -9.99
C ASP C 212 -45.05 -35.89 -10.04
N PRO C 213 -43.82 -36.34 -9.82
CA PRO C 213 -43.54 -37.79 -9.89
C PRO C 213 -44.24 -38.55 -8.79
N ARG C 214 -44.79 -39.70 -9.14
CA ARG C 214 -45.48 -40.56 -8.20
C ARG C 214 -44.88 -41.96 -8.10
N HIS C 215 -43.85 -42.27 -8.86
CA HIS C 215 -43.19 -43.57 -8.83
C HIS C 215 -41.69 -43.35 -8.67
N HIS C 216 -41.15 -43.72 -7.51
CA HIS C 216 -39.78 -43.42 -7.16
C HIS C 216 -38.97 -44.68 -6.96
N ARG C 217 -37.65 -44.51 -6.87
CA ARG C 217 -36.73 -45.55 -6.46
C ARG C 217 -35.72 -44.92 -5.51
N LEU C 218 -35.82 -45.24 -4.23
CA LEU C 218 -34.96 -44.67 -3.20
C LEU C 218 -33.96 -45.72 -2.77
N GLY C 219 -32.68 -45.43 -2.95
CA GLY C 219 -31.63 -46.34 -2.56
C GLY C 219 -30.83 -45.83 -1.39
N LEU C 220 -30.75 -46.61 -0.32
CA LEU C 220 -30.03 -46.23 0.89
C LEU C 220 -29.04 -47.31 1.24
N CYS C 221 -28.00 -46.92 1.97
CA CYS C 221 -26.97 -47.85 2.42
C CYS C 221 -26.81 -47.69 3.92
N PHE C 222 -26.82 -48.81 4.64
CA PHE C 222 -26.68 -48.79 6.08
C PHE C 222 -25.28 -49.23 6.45
N PRO C 223 -24.62 -48.57 7.40
CA PRO C 223 -23.17 -48.71 7.52
C PRO C 223 -22.73 -50.02 8.15
N ALA C 224 -23.51 -50.60 9.05
CA ALA C 224 -23.09 -51.83 9.71
C ALA C 224 -24.34 -52.56 10.22
N VAL C 225 -24.64 -53.69 9.62
CA VAL C 225 -25.70 -54.57 10.09
C VAL C 225 -25.10 -55.95 10.30
N PRO C 226 -25.56 -56.72 11.28
CA PRO C 226 -24.99 -58.06 11.48
C PRO C 226 -25.17 -58.91 10.23
N LEU C 227 -24.16 -59.71 9.93
CA LEU C 227 -24.18 -60.51 8.71
C LEU C 227 -25.33 -61.49 8.63
N PRO C 228 -25.72 -62.21 9.69
CA PRO C 228 -26.86 -63.13 9.58
C PRO C 228 -28.21 -62.54 9.94
N HIS C 229 -28.35 -61.22 10.09
CA HIS C 229 -29.62 -60.60 10.45
C HIS C 229 -29.85 -59.34 9.61
N ILE C 230 -29.47 -59.41 8.34
CA ILE C 230 -29.52 -58.25 7.47
C ILE C 230 -30.97 -57.79 7.26
N ASN C 231 -31.84 -58.72 6.89
CA ASN C 231 -33.23 -58.36 6.61
C ASN C 231 -33.93 -57.83 7.85
N GLN C 232 -33.68 -58.45 9.00
CA GLN C 232 -34.35 -57.99 10.21
C GLN C 232 -33.83 -56.61 10.63
N ALA C 233 -32.53 -56.35 10.45
CA ALA C 233 -32.01 -55.03 10.74
C ALA C 233 -32.62 -53.98 9.83
N VAL C 234 -32.72 -54.29 8.54
CA VAL C 234 -33.28 -53.32 7.60
C VAL C 234 -34.75 -53.05 7.92
N ARG C 235 -35.51 -54.10 8.24
CA ARG C 235 -36.90 -53.91 8.62
C ARG C 235 -37.03 -53.07 9.87
N THR C 236 -36.18 -53.32 10.86
CA THR C 236 -36.22 -52.50 12.07
C THR C 236 -35.97 -51.04 11.74
N TYR C 237 -34.99 -50.77 10.88
CA TYR C 237 -34.70 -49.39 10.49
C TYR C 237 -35.91 -48.74 9.81
N LEU C 238 -36.48 -49.42 8.81
CA LEU C 238 -37.57 -48.82 8.04
C LEU C 238 -38.81 -48.61 8.89
N LYS C 239 -39.17 -49.61 9.70
CA LYS C 239 -40.32 -49.45 10.58
C LYS C 239 -40.08 -48.35 11.60
N ASN C 240 -38.86 -48.24 12.12
CA ASN C 240 -38.55 -47.16 13.04
C ASN C 240 -38.71 -45.80 12.37
N ALA C 241 -38.25 -45.67 11.13
CA ALA C 241 -38.37 -44.39 10.43
C ALA C 241 -39.83 -44.01 10.23
N CYS C 242 -40.65 -44.97 9.79
CA CYS C 242 -42.07 -44.69 9.63
C CYS C 242 -42.69 -44.31 10.97
N ARG C 243 -42.30 -44.99 12.04
CA ARG C 243 -42.82 -44.69 13.36
C ARG C 243 -42.45 -43.27 13.80
N ILE C 244 -41.21 -42.85 13.53
CA ILE C 244 -40.79 -41.50 13.90
C ILE C 244 -41.60 -40.47 13.15
N ILE C 245 -41.80 -40.67 11.84
CA ILE C 245 -42.56 -39.69 11.08
C ILE C 245 -44.00 -39.62 11.57
N ILE C 246 -44.60 -40.78 11.84
CA ILE C 246 -45.96 -40.80 12.38
C ILE C 246 -46.01 -40.08 13.71
N GLY C 247 -45.00 -40.30 14.57
CA GLY C 247 -44.99 -39.64 15.86
C GLY C 247 -44.89 -38.14 15.76
N ARG C 248 -44.06 -37.64 14.84
CA ARG C 248 -43.92 -36.20 14.70
C ARG C 248 -45.17 -35.57 14.09
N ILE C 249 -45.77 -36.25 13.11
CA ILE C 249 -47.02 -35.76 12.54
C ILE C 249 -48.11 -35.74 13.60
N GLN C 250 -48.15 -36.75 14.47
CA GLN C 250 -49.12 -36.76 15.55
C GLN C 250 -48.83 -35.68 16.59
N SER C 251 -47.56 -35.37 16.82
CA SER C 251 -47.22 -34.25 17.70
C SER C 251 -47.77 -32.95 17.13
N ILE C 252 -47.67 -32.76 15.82
CA ILE C 252 -48.26 -31.58 15.20
C ILE C 252 -49.79 -31.61 15.31
N GLN C 253 -50.37 -32.79 15.09
CA GLN C 253 -51.81 -32.97 15.24
C GLN C 253 -52.28 -32.61 16.63
N LYS C 254 -51.44 -32.83 17.64
CA LYS C 254 -51.81 -32.53 19.02
C LYS C 254 -52.16 -31.06 19.19
N ILE C 255 -51.37 -30.17 18.59
CA ILE C 255 -51.71 -28.76 18.66
C ILE C 255 -52.77 -28.40 17.63
N TYR C 256 -52.89 -29.18 16.55
CA TYR C 256 -53.90 -28.88 15.54
C TYR C 256 -55.31 -29.01 16.10
N GLU C 257 -55.56 -30.07 16.86
CA GLU C 257 -56.90 -30.34 17.38
C GLU C 257 -57.22 -29.51 18.62
N ASN C 258 -56.50 -28.40 18.83
CA ASN C 258 -56.70 -27.53 19.98
C ASN C 258 -56.93 -26.10 19.50
N PHE C 259 -57.87 -25.90 18.58
CA PHE C 259 -58.14 -24.62 17.94
C PHE C 259 -58.54 -23.50 18.91
N GLU C 260 -58.67 -23.75 20.20
CA GLU C 260 -58.85 -22.71 21.21
C GLU C 260 -57.63 -22.72 22.12
N GLU C 261 -57.66 -21.95 23.20
CA GLU C 261 -56.53 -21.86 24.11
C GLU C 261 -55.28 -21.48 23.34
N PRO C 262 -55.12 -20.22 22.95
CA PRO C 262 -54.14 -19.87 21.90
C PRO C 262 -52.71 -20.13 22.32
N GLN C 263 -52.32 -21.41 22.26
CA GLN C 263 -50.96 -21.81 22.51
C GLN C 263 -50.01 -21.09 21.55
N PRO C 264 -48.81 -20.71 22.00
CA PRO C 264 -47.93 -19.92 21.13
C PRO C 264 -47.27 -20.75 20.04
N GLU C 265 -48.03 -21.61 19.41
CA GLU C 265 -47.61 -22.37 18.23
C GLU C 265 -48.61 -22.25 17.09
N LEU C 266 -49.90 -22.18 17.40
CA LEU C 266 -50.94 -21.98 16.40
C LEU C 266 -51.55 -20.60 16.61
N VAL C 267 -51.52 -19.78 15.57
CA VAL C 267 -52.24 -18.51 15.57
C VAL C 267 -53.10 -18.45 14.32
N LEU C 268 -54.38 -18.18 14.50
CA LEU C 268 -55.34 -18.14 13.41
C LEU C 268 -55.89 -16.73 13.28
N PHE C 269 -55.90 -16.21 12.06
CA PHE C 269 -56.45 -14.90 11.76
C PHE C 269 -57.50 -15.01 10.67
N SER C 270 -58.60 -14.30 10.84
CA SER C 270 -59.57 -14.08 9.78
C SER C 270 -59.39 -12.65 9.27
N MET C 271 -59.07 -12.52 7.98
CA MET C 271 -58.63 -11.24 7.46
C MET C 271 -59.28 -10.97 6.11
N ASP C 272 -59.45 -9.68 5.81
CA ASP C 272 -59.99 -9.19 4.55
C ASP C 272 -61.27 -9.89 4.14
N GLU C 273 -61.27 -10.51 2.96
CA GLU C 273 -62.49 -11.07 2.38
C GLU C 273 -62.70 -12.50 2.92
N GLU C 274 -63.18 -12.53 4.16
CA GLU C 274 -63.51 -13.74 4.92
C GLU C 274 -62.51 -14.86 4.71
N LYS C 275 -61.24 -14.50 4.53
CA LYS C 275 -60.18 -15.48 4.38
C LYS C 275 -59.54 -15.78 5.73
N THR C 276 -59.09 -17.01 5.88
CA THR C 276 -58.47 -17.46 7.12
C THR C 276 -57.01 -17.77 6.87
N LYS C 277 -56.14 -17.17 7.70
CA LYS C 277 -54.72 -17.43 7.66
C LYS C 277 -54.31 -18.20 8.90
N ALA C 278 -53.64 -19.33 8.71
CA ALA C 278 -53.19 -20.17 9.81
C ALA C 278 -51.67 -20.25 9.78
N ILE C 279 -51.03 -19.90 10.88
CA ILE C 279 -49.59 -19.97 11.02
C ILE C 279 -49.26 -20.98 12.09
N ILE C 280 -48.43 -21.96 11.75
CA ILE C 280 -48.00 -23.00 12.67
C ILE C 280 -46.51 -22.87 12.84
N THR C 281 -46.05 -22.86 14.09
CA THR C 281 -44.63 -22.77 14.41
C THR C 281 -44.25 -23.97 15.27
N ILE C 282 -43.23 -24.70 14.84
CA ILE C 282 -42.65 -25.78 15.62
C ILE C 282 -41.16 -25.53 15.72
N LYS C 283 -40.65 -25.45 16.95
CA LYS C 283 -39.22 -25.30 17.16
C LYS C 283 -38.53 -26.65 17.01
N ASP C 284 -37.37 -26.63 16.37
CA ASP C 284 -36.59 -27.84 16.06
C ASP C 284 -37.38 -28.80 15.17
N GLU C 285 -37.97 -28.25 14.11
CA GLU C 285 -38.55 -29.05 13.04
C GLU C 285 -37.84 -28.71 11.73
N THR C 286 -37.94 -29.62 10.78
CA THR C 286 -37.12 -29.57 9.57
C THR C 286 -37.98 -29.59 8.32
N HIS C 287 -37.31 -29.66 7.17
CA HIS C 287 -38.00 -29.68 5.88
C HIS C 287 -38.80 -30.95 5.68
N THR C 288 -38.53 -32.00 6.44
CA THR C 288 -39.31 -33.23 6.31
C THR C 288 -40.77 -32.97 6.63
N ILE C 289 -41.05 -32.57 7.87
CA ILE C 289 -42.43 -32.34 8.29
C ILE C 289 -43.04 -31.19 7.50
N GLY C 290 -42.26 -30.14 7.25
CA GLY C 290 -42.79 -28.99 6.52
C GLY C 290 -43.22 -29.35 5.11
N ASN C 291 -42.35 -30.05 4.38
CA ASN C 291 -42.66 -30.41 3.02
C ASN C 291 -43.79 -31.43 2.97
N LEU C 292 -43.82 -32.36 3.92
CA LEU C 292 -44.93 -33.31 3.99
C LEU C 292 -46.26 -32.59 4.21
N LEU C 293 -46.30 -31.69 5.19
CA LEU C 293 -47.52 -30.96 5.49
C LEU C 293 -47.96 -30.14 4.29
N LYS C 294 -47.02 -29.42 3.67
CA LYS C 294 -47.37 -28.60 2.51
C LYS C 294 -47.91 -29.45 1.38
N THR C 295 -47.23 -30.56 1.07
CA THR C 295 -47.66 -31.38 -0.06
C THR C 295 -49.04 -31.96 0.19
N TYR C 296 -49.29 -32.49 1.39
CA TYR C 296 -50.58 -33.13 1.61
C TYR C 296 -51.71 -32.13 1.78
N ILE C 297 -51.44 -30.95 2.32
CA ILE C 297 -52.44 -29.89 2.35
C ILE C 297 -52.80 -29.47 0.95
N TYR C 298 -51.79 -29.27 0.09
CA TYR C 298 -52.04 -28.88 -1.28
C TYR C 298 -52.75 -29.97 -2.06
N GLU C 299 -52.51 -31.24 -1.71
CA GLU C 299 -53.33 -32.32 -2.27
C GLU C 299 -54.77 -32.21 -1.81
N MET C 300 -54.99 -31.91 -0.53
CA MET C 300 -56.33 -31.88 0.02
C MET C 300 -57.10 -30.64 -0.42
N ILE C 301 -56.41 -29.53 -0.60
CA ILE C 301 -57.07 -28.27 -1.00
C ILE C 301 -56.41 -27.77 -2.27
N PRO C 302 -56.74 -28.33 -3.42
CA PRO C 302 -56.05 -27.93 -4.66
C PRO C 302 -56.23 -26.46 -5.00
N ASP C 303 -57.36 -25.85 -4.65
CA ASP C 303 -57.60 -24.43 -4.91
C ASP C 303 -57.30 -23.57 -3.68
N ILE C 304 -56.32 -23.95 -2.87
CA ILE C 304 -55.97 -23.17 -1.70
C ILE C 304 -55.43 -21.81 -2.14
N SER C 305 -55.67 -20.79 -1.32
CA SER C 305 -55.15 -19.47 -1.64
C SER C 305 -53.62 -19.44 -1.53
N PHE C 306 -53.08 -19.97 -0.42
CA PHE C 306 -51.65 -20.09 -0.26
C PHE C 306 -51.31 -21.04 0.89
N VAL C 307 -50.47 -22.03 0.61
CA VAL C 307 -49.87 -22.86 1.65
C VAL C 307 -48.37 -22.88 1.41
N GLY C 308 -47.59 -22.58 2.45
CA GLY C 308 -46.16 -22.55 2.33
C GLY C 308 -45.51 -22.56 3.69
N TYR C 309 -44.29 -23.05 3.73
CA TYR C 309 -43.52 -23.14 4.97
C TYR C 309 -42.15 -22.53 4.74
N GLN C 310 -41.41 -22.37 5.83
CA GLN C 310 -40.02 -21.93 5.76
C GLN C 310 -39.28 -22.42 6.99
N CYS C 311 -38.23 -23.19 6.76
CA CYS C 311 -37.31 -23.62 7.82
C CYS C 311 -36.05 -22.78 7.68
N VAL C 312 -36.09 -21.59 8.27
CA VAL C 312 -34.91 -20.72 8.23
C VAL C 312 -33.77 -21.40 8.99
N PRO C 313 -32.54 -21.39 8.47
CA PRO C 313 -31.44 -22.02 9.23
C PRO C 313 -31.27 -21.46 10.62
N HIS C 314 -31.43 -20.15 10.79
CA HIS C 314 -31.55 -19.61 12.14
C HIS C 314 -33.03 -19.57 12.53
N LYS C 315 -33.26 -19.33 13.81
CA LYS C 315 -34.58 -19.43 14.45
C LYS C 315 -34.98 -20.89 14.61
N GLN C 316 -34.25 -21.79 13.97
CA GLN C 316 -34.36 -23.24 14.15
C GLN C 316 -35.81 -23.69 14.30
N GLU C 317 -36.63 -23.37 13.30
CA GLU C 317 -38.06 -23.62 13.43
C GLU C 317 -38.69 -23.74 12.05
N MET C 318 -39.86 -24.37 12.03
CA MET C 318 -40.71 -24.45 10.85
C MET C 318 -41.93 -23.57 11.06
N VAL C 319 -42.18 -22.67 10.12
CA VAL C 319 -43.34 -21.80 10.16
C VAL C 319 -44.18 -22.08 8.92
N LEU C 320 -45.35 -22.68 9.12
CA LEU C 320 -46.22 -23.10 8.03
C LEU C 320 -47.39 -22.13 7.94
N THR C 321 -47.54 -21.48 6.79
CA THR C 321 -48.54 -20.45 6.56
C THR C 321 -49.58 -20.98 5.58
N ILE C 322 -50.82 -21.09 6.05
CA ILE C 322 -51.93 -21.57 5.22
C ILE C 322 -52.99 -20.47 5.16
N ILE C 323 -53.38 -20.10 3.94
CA ILE C 323 -54.43 -19.13 3.70
C ILE C 323 -55.48 -19.78 2.82
N HIS C 324 -56.74 -19.76 3.26
CA HIS C 324 -57.77 -20.45 2.52
C HIS C 324 -59.09 -19.70 2.63
N LYS C 325 -59.92 -19.84 1.60
CA LYS C 325 -61.26 -19.25 1.58
C LYS C 325 -62.23 -20.15 2.31
N ALA C 326 -62.10 -20.16 3.63
CA ALA C 326 -62.98 -20.95 4.47
C ALA C 326 -62.91 -20.41 5.90
N SER C 327 -63.91 -20.75 6.69
CA SER C 327 -63.92 -20.38 8.09
C SER C 327 -62.81 -21.12 8.83
N GLN C 328 -62.51 -20.67 10.05
CA GLN C 328 -61.42 -21.26 10.80
C GLN C 328 -61.68 -22.73 11.07
N GLU C 329 -62.91 -23.08 11.43
CA GLU C 329 -63.24 -24.49 11.69
C GLU C 329 -63.09 -25.33 10.42
N ASP C 330 -63.55 -24.81 9.29
CA ASP C 330 -63.43 -25.55 8.03
C ASP C 330 -61.98 -25.78 7.66
N LEU C 331 -61.15 -24.74 7.75
CA LEU C 331 -59.74 -24.89 7.45
C LEU C 331 -59.08 -25.89 8.39
N ILE C 332 -59.40 -25.81 9.68
CA ILE C 332 -58.80 -26.71 10.67
C ILE C 332 -59.19 -28.15 10.37
N THR C 333 -60.46 -28.39 10.01
CA THR C 333 -60.87 -29.77 9.74
C THR C 333 -60.25 -30.29 8.44
N LEU C 334 -60.08 -29.43 7.43
CA LEU C 334 -59.40 -29.87 6.21
C LEU C 334 -57.94 -30.22 6.50
N LEU C 335 -57.27 -29.39 7.29
CA LEU C 335 -55.87 -29.68 7.61
C LEU C 335 -55.76 -30.92 8.48
N GLU C 336 -56.73 -31.17 9.36
CA GLU C 336 -56.73 -32.41 10.12
C GLU C 336 -56.92 -33.62 9.21
N LYS C 337 -57.76 -33.49 8.18
CA LYS C 337 -57.88 -34.55 7.19
C LYS C 337 -56.55 -34.81 6.50
N SER C 338 -55.82 -33.73 6.18
CA SER C 338 -54.50 -33.89 5.55
C SER C 338 -53.54 -34.62 6.48
N ILE C 339 -53.53 -34.26 7.76
CA ILE C 339 -52.65 -34.92 8.72
C ILE C 339 -53.00 -36.40 8.84
N GLN C 340 -54.30 -36.71 8.92
CA GLN C 340 -54.70 -38.11 8.96
C GLN C 340 -54.30 -38.84 7.70
N ASN C 341 -54.32 -38.15 6.55
CA ASN C 341 -53.84 -38.76 5.31
C ASN C 341 -52.35 -39.12 5.41
N ILE C 342 -51.55 -38.22 5.98
CA ILE C 342 -50.12 -38.49 6.16
C ILE C 342 -49.94 -39.71 7.06
N ILE C 343 -50.66 -39.74 8.18
CA ILE C 343 -50.54 -40.86 9.10
C ILE C 343 -50.91 -42.15 8.39
N GLN C 344 -52.00 -42.12 7.61
CA GLN C 344 -52.47 -43.32 6.94
C GLN C 344 -51.45 -43.84 5.95
N THR C 345 -50.85 -42.95 5.15
CA THR C 345 -49.90 -43.42 4.15
C THR C 345 -48.63 -43.96 4.80
N PHE C 346 -48.23 -43.40 5.94
CA PHE C 346 -47.04 -43.96 6.58
C PHE C 346 -47.34 -45.28 7.29
N GLN C 347 -48.54 -45.46 7.82
CA GLN C 347 -48.91 -46.77 8.33
C GLN C 347 -48.92 -47.80 7.20
N ILE C 348 -49.41 -47.39 6.02
CA ILE C 348 -49.39 -48.27 4.86
C ILE C 348 -47.96 -48.63 4.49
N LEU C 349 -47.06 -47.65 4.54
CA LEU C 349 -45.66 -47.93 4.23
C LEU C 349 -45.06 -48.92 5.21
N GLU C 350 -45.35 -48.78 6.51
CA GLU C 350 -44.82 -49.72 7.50
C GLU C 350 -45.36 -51.13 7.23
N LYS C 351 -46.66 -51.24 6.98
CA LYS C 351 -47.26 -52.53 6.70
C LYS C 351 -46.65 -53.16 5.45
N ASN C 352 -46.41 -52.35 4.42
CA ASN C 352 -45.80 -52.87 3.20
C ASN C 352 -44.35 -53.27 3.42
N VAL C 353 -43.63 -52.56 4.30
CA VAL C 353 -42.28 -52.98 4.66
C VAL C 353 -42.31 -54.39 5.23
N ASP C 354 -43.21 -54.61 6.19
CA ASP C 354 -43.32 -55.93 6.82
C ASP C 354 -43.71 -56.99 5.80
N GLU C 355 -44.65 -56.67 4.92
CA GLU C 355 -45.09 -57.61 3.89
C GLU C 355 -43.94 -57.96 2.95
N LEU C 356 -43.17 -56.96 2.53
CA LEU C 356 -42.18 -57.16 1.48
C LEU C 356 -40.92 -57.84 2.01
N ILE C 357 -40.20 -57.17 2.91
CA ILE C 357 -38.86 -57.66 3.23
C ILE C 357 -38.94 -58.95 4.03
N ALA C 358 -39.68 -58.94 5.13
CA ALA C 358 -39.83 -60.10 6.00
C ALA C 358 -38.49 -60.69 6.39
N MET D 1 -0.15 41.56 -32.65
CA MET D 1 0.75 41.50 -31.50
C MET D 1 -0.09 42.10 -30.37
N ALA D 2 0.46 42.16 -29.16
CA ALA D 2 -0.30 42.70 -28.04
C ALA D 2 -0.73 44.14 -28.28
N MET D 3 0.04 44.89 -29.07
CA MET D 3 -0.21 46.32 -29.18
C MET D 3 -1.43 46.63 -30.04
N GLN D 4 -1.61 45.95 -31.17
CA GLN D 4 -2.75 46.26 -32.03
C GLN D 4 -4.05 45.80 -31.41
N LYS D 5 -4.07 44.56 -30.90
CA LYS D 5 -5.24 44.09 -30.16
C LYS D 5 -5.50 44.96 -28.95
N LEU D 6 -4.43 45.39 -28.27
CA LEU D 6 -4.61 46.31 -27.15
C LEU D 6 -5.26 47.59 -27.63
N PHE D 7 -4.83 48.11 -28.78
CA PHE D 7 -5.33 49.38 -29.27
C PHE D 7 -6.83 49.31 -29.57
N THR D 8 -7.29 48.22 -30.18
CA THR D 8 -8.73 48.11 -30.44
C THR D 8 -9.51 47.84 -29.15
N TYR D 9 -9.04 46.90 -28.34
CA TYR D 9 -9.82 46.50 -27.19
C TYR D 9 -9.76 47.49 -26.04
N ILE D 10 -8.83 48.44 -26.05
CA ILE D 10 -8.83 49.44 -24.99
C ILE D 10 -9.96 50.44 -25.22
N TYR D 11 -10.16 50.84 -26.48
CA TYR D 11 -11.32 51.66 -26.80
C TYR D 11 -12.60 50.87 -26.60
N GLU D 12 -12.58 49.56 -26.85
CA GLU D 12 -13.72 48.74 -26.45
C GLU D 12 -13.96 48.80 -24.95
N PHE D 13 -12.89 48.76 -24.16
CA PHE D 13 -13.00 48.83 -22.70
C PHE D 13 -13.56 50.16 -22.24
N ILE D 14 -13.15 51.25 -22.90
CA ILE D 14 -13.70 52.55 -22.58
C ILE D 14 -15.17 52.62 -22.96
N GLU D 15 -15.54 51.98 -24.07
CA GLU D 15 -16.95 51.92 -24.47
C GLU D 15 -17.78 51.17 -23.44
N TYR D 16 -17.26 50.05 -22.94
CA TYR D 16 -17.98 49.30 -21.90
C TYR D 16 -18.09 50.14 -20.64
N ARG D 17 -17.03 50.87 -20.30
CA ARG D 17 -17.07 51.74 -19.13
C ARG D 17 -18.09 52.86 -19.27
N LYS D 18 -18.79 52.95 -20.39
CA LYS D 18 -19.81 53.98 -20.62
C LYS D 18 -19.22 55.37 -20.44
N MET D 19 -18.07 55.59 -21.06
CA MET D 19 -17.31 56.81 -20.91
C MET D 19 -17.05 57.42 -22.29
N VAL D 20 -17.11 58.74 -22.36
CA VAL D 20 -16.94 59.45 -23.62
C VAL D 20 -15.47 59.76 -23.82
N LEU D 21 -14.96 59.47 -25.01
CA LEU D 21 -13.57 59.76 -25.33
C LEU D 21 -13.35 61.26 -25.47
N LEU D 22 -12.27 61.74 -24.87
CA LEU D 22 -11.86 63.13 -25.05
C LEU D 22 -10.91 63.28 -26.23
N GLU D 23 -9.79 62.57 -26.20
CA GLU D 23 -8.81 62.63 -27.26
C GLU D 23 -9.28 61.82 -28.46
N GLU D 24 -9.02 62.35 -29.65
CA GLU D 24 -9.40 61.67 -30.88
C GLU D 24 -8.51 60.46 -31.11
N LYS D 25 -9.10 59.39 -31.63
CA LYS D 25 -8.37 58.14 -31.82
C LYS D 25 -7.44 58.26 -33.02
N VAL D 26 -6.14 58.13 -32.76
CA VAL D 26 -5.14 58.15 -33.82
C VAL D 26 -5.15 56.80 -34.52
N PRO D 27 -4.65 56.70 -35.75
CA PRO D 27 -4.57 55.39 -36.41
C PRO D 27 -3.51 54.52 -35.75
N TYR D 28 -3.51 53.24 -36.14
CA TYR D 28 -2.64 52.27 -35.48
C TYR D 28 -1.16 52.58 -35.71
N ASP D 29 -0.81 53.01 -36.93
CA ASP D 29 0.59 53.26 -37.23
C ASP D 29 1.16 54.39 -36.37
N LYS D 30 0.40 55.49 -36.24
CA LYS D 30 0.86 56.60 -35.41
C LYS D 30 0.99 56.17 -33.96
N PHE D 31 0.01 55.41 -33.46
CA PHE D 31 0.05 54.93 -32.09
C PHE D 31 1.28 54.06 -31.85
N VAL D 32 1.53 53.10 -32.74
CA VAL D 32 2.62 52.15 -32.50
C VAL D 32 3.97 52.84 -32.62
N GLN D 33 4.12 53.77 -33.58
CA GLN D 33 5.40 54.47 -33.66
C GLN D 33 5.59 55.44 -32.50
N MET D 34 4.50 56.01 -31.99
CA MET D 34 4.63 56.89 -30.83
C MET D 34 4.96 56.11 -29.57
N VAL D 35 4.52 54.86 -29.47
CA VAL D 35 4.82 54.06 -28.28
C VAL D 35 6.33 53.91 -28.12
N LEU D 36 7.05 53.63 -29.21
CA LEU D 36 8.51 53.63 -29.13
C LEU D 36 9.05 55.04 -29.04
N ASN D 37 8.40 56.00 -29.69
CA ASN D 37 8.88 57.37 -29.71
C ASN D 37 8.86 57.95 -28.29
N THR D 38 7.67 58.07 -27.70
CA THR D 38 7.51 58.71 -26.41
C THR D 38 7.54 57.74 -25.24
N GLY D 39 7.68 56.45 -25.50
CA GLY D 39 7.71 55.47 -24.43
C GLY D 39 6.38 55.16 -23.80
N PHE D 40 5.30 55.79 -24.25
CA PHE D 40 3.98 55.57 -23.69
C PHE D 40 2.95 56.18 -24.64
N PHE D 41 1.69 56.15 -24.20
CA PHE D 41 0.59 56.72 -24.97
C PHE D 41 -0.55 57.04 -24.02
N ARG D 42 -1.11 58.24 -24.15
CA ARG D 42 -2.10 58.74 -23.21
C ARG D 42 -3.48 58.77 -23.86
N ILE D 43 -4.46 58.19 -23.18
CA ILE D 43 -5.85 58.20 -23.61
C ILE D 43 -6.70 58.78 -22.48
N ASN D 44 -7.53 59.75 -22.81
CA ASN D 44 -8.34 60.46 -21.84
C ASN D 44 -9.82 60.17 -22.09
N ALA D 45 -10.57 59.95 -21.01
CA ALA D 45 -11.99 59.69 -21.11
C ALA D 45 -12.70 60.37 -19.94
N GLU D 46 -13.97 60.66 -20.14
CA GLU D 46 -14.79 61.32 -19.14
C GLU D 46 -15.95 60.43 -18.74
N THR D 47 -16.22 60.37 -17.43
CA THR D 47 -17.28 59.54 -16.90
C THR D 47 -18.63 60.25 -17.01
N LEU D 48 -19.69 59.55 -16.61
CA LEU D 48 -21.00 60.18 -16.51
C LEU D 48 -21.02 61.24 -15.41
N ASN D 49 -20.21 61.06 -14.37
CA ASN D 49 -20.01 62.09 -13.35
C ASN D 49 -19.29 63.31 -13.92
N HIS D 50 -18.73 63.20 -15.13
CA HIS D 50 -17.98 64.25 -15.81
C HIS D 50 -16.61 64.47 -15.18
N GLY D 51 -15.95 63.39 -14.77
CA GLY D 51 -14.59 63.43 -14.32
C GLY D 51 -13.66 62.72 -15.29
N ILE D 52 -12.40 63.14 -15.27
CA ILE D 52 -11.40 62.69 -16.24
C ILE D 52 -10.79 61.38 -15.73
N VAL D 53 -10.72 60.39 -16.61
CA VAL D 53 -10.00 59.16 -16.36
C VAL D 53 -8.94 59.01 -17.45
N SER D 54 -7.71 58.73 -17.04
CA SER D 54 -6.60 58.67 -17.97
C SER D 54 -6.04 57.25 -18.05
N VAL D 55 -5.44 56.94 -19.18
CA VAL D 55 -4.90 55.62 -19.46
C VAL D 55 -3.49 55.77 -20.03
N PHE D 56 -2.57 54.92 -19.59
CA PHE D 56 -1.19 54.93 -20.04
C PHE D 56 -0.84 53.55 -20.58
N ILE D 57 -0.44 53.49 -21.85
CA ILE D 57 0.00 52.25 -22.48
C ILE D 57 1.51 52.31 -22.64
N PHE D 58 2.21 51.42 -21.96
CA PHE D 58 3.66 51.42 -21.92
C PHE D 58 4.22 50.32 -22.81
N GLY D 59 5.18 50.67 -23.65
CA GLY D 59 5.89 49.65 -24.41
C GLY D 59 6.76 48.80 -23.52
N ALA D 60 7.02 47.57 -23.97
CA ALA D 60 7.81 46.64 -23.17
C ALA D 60 9.21 47.16 -22.90
N ASN D 61 9.86 47.72 -23.92
CA ASN D 61 11.19 48.31 -23.80
C ASN D 61 11.10 49.84 -23.79
N GLY D 62 10.07 50.37 -23.13
CA GLY D 62 9.86 51.80 -23.09
C GLY D 62 10.77 52.48 -22.10
N LYS D 63 10.64 53.81 -22.04
CA LYS D 63 11.45 54.60 -21.14
C LYS D 63 11.07 54.37 -19.68
N TYR D 64 9.77 54.39 -19.37
CA TYR D 64 9.30 54.46 -18.01
C TYR D 64 9.11 53.10 -17.35
N VAL D 65 9.35 52.01 -18.08
CA VAL D 65 9.28 50.67 -17.47
C VAL D 65 10.63 50.16 -17.03
N HIS D 66 11.70 50.94 -17.23
CA HIS D 66 13.04 50.47 -16.95
C HIS D 66 13.55 50.87 -15.58
N HIS D 67 13.26 52.10 -15.13
CA HIS D 67 13.79 52.59 -13.87
C HIS D 67 12.74 53.42 -13.17
N GLY D 68 13.14 54.01 -12.04
CA GLY D 68 12.20 54.62 -11.12
C GLY D 68 11.99 56.11 -11.22
N GLY D 69 13.07 56.88 -11.33
CA GLY D 69 12.95 58.33 -11.34
C GLY D 69 12.17 58.86 -12.53
N ASP D 70 12.38 58.27 -13.70
CA ASP D 70 11.61 58.64 -14.89
C ASP D 70 10.13 58.37 -14.69
N MET D 71 9.79 57.21 -14.14
CA MET D 71 8.41 56.86 -13.84
C MET D 71 7.81 57.86 -12.87
N ARG D 72 8.58 58.22 -11.84
CA ARG D 72 8.13 59.17 -10.82
C ARG D 72 7.85 60.52 -11.44
N THR D 73 8.75 60.99 -12.31
CA THR D 73 8.56 62.27 -12.96
C THR D 73 7.31 62.25 -13.84
N LEU D 74 7.13 61.18 -14.60
CA LEU D 74 5.96 61.10 -15.49
C LEU D 74 4.67 61.22 -14.70
N LEU D 75 4.50 60.39 -13.67
CA LEU D 75 3.26 60.48 -12.91
C LEU D 75 3.14 61.79 -12.16
N THR D 76 4.23 62.30 -11.60
CA THR D 76 4.12 63.54 -10.82
C THR D 76 3.67 64.70 -11.70
N ASN D 77 4.19 64.81 -12.92
CA ASN D 77 3.73 65.91 -13.76
C ASN D 77 2.34 65.64 -14.32
N THR D 78 1.98 64.37 -14.55
CA THR D 78 0.65 64.09 -15.10
C THR D 78 -0.44 64.37 -14.08
N LEU D 79 -0.23 63.97 -12.82
CA LEU D 79 -1.19 64.29 -11.76
C LEU D 79 -1.17 65.76 -11.38
N ASN D 80 -0.22 66.54 -11.88
CA ASN D 80 -0.25 67.99 -11.71
C ASN D 80 -1.09 68.69 -12.75
N GLU D 81 -1.65 67.96 -13.71
CA GLU D 81 -2.57 68.55 -14.68
C GLU D 81 -3.89 68.92 -14.00
N LYS D 82 -4.46 70.04 -14.41
CA LYS D 82 -5.70 70.54 -13.81
C LYS D 82 -6.88 69.75 -14.36
N LYS D 83 -7.07 68.55 -13.81
CA LYS D 83 -8.16 67.66 -14.19
C LYS D 83 -8.83 67.14 -12.93
N HIS D 84 -10.08 66.70 -13.10
CA HIS D 84 -10.77 66.08 -11.96
C HIS D 84 -10.09 64.80 -11.52
N TYR D 85 -9.66 63.96 -12.46
CA TYR D 85 -8.81 62.81 -12.20
C TYR D 85 -9.45 61.85 -11.19
N GLU D 86 -10.56 61.24 -11.62
CA GLU D 86 -11.22 60.26 -10.76
C GLU D 86 -10.48 58.93 -10.76
N GLU D 87 -9.89 58.53 -11.90
CA GLU D 87 -9.11 57.32 -11.95
C GLU D 87 -7.98 57.49 -12.97
N LEU D 88 -6.86 56.81 -12.72
CA LEU D 88 -5.74 56.79 -13.64
C LEU D 88 -5.32 55.34 -13.81
N ILE D 89 -4.92 54.98 -15.03
CA ILE D 89 -4.71 53.59 -15.41
C ILE D 89 -3.33 53.43 -16.00
N LEU D 90 -2.59 52.42 -15.52
CA LEU D 90 -1.31 52.02 -16.08
C LEU D 90 -1.46 50.66 -16.74
N ILE D 91 -0.84 50.50 -17.91
CA ILE D 91 -0.79 49.22 -18.60
C ILE D 91 0.67 48.91 -18.89
N VAL D 92 1.18 47.82 -18.30
CA VAL D 92 2.59 47.46 -18.41
C VAL D 92 2.73 45.99 -18.73
N ASP D 93 3.91 45.63 -19.22
CA ASP D 93 4.22 44.24 -19.58
C ASP D 93 4.20 43.35 -18.34
N LYS D 94 3.91 42.06 -18.55
CA LYS D 94 3.63 41.17 -17.42
C LYS D 94 4.81 41.01 -16.47
N PRO D 95 6.05 40.75 -16.91
CA PRO D 95 7.17 40.81 -15.96
C PRO D 95 7.34 42.15 -15.26
N VAL D 96 6.94 43.26 -15.90
CA VAL D 96 7.11 44.57 -15.29
C VAL D 96 6.34 44.67 -13.98
N LEU D 97 5.28 43.88 -13.82
CA LEU D 97 4.58 43.84 -12.54
C LEU D 97 5.47 43.32 -11.41
N SER D 98 6.58 42.64 -11.75
CA SER D 98 7.49 42.09 -10.75
C SER D 98 8.70 42.98 -10.52
N LYS D 99 8.71 44.20 -11.03
CA LYS D 99 9.81 45.13 -10.82
C LYS D 99 9.42 46.05 -9.66
N LYS D 100 9.78 45.63 -8.44
CA LYS D 100 9.20 46.19 -7.23
C LYS D 100 9.44 47.69 -7.09
N ASN D 101 10.47 48.22 -7.76
CA ASN D 101 10.75 49.66 -7.65
C ASN D 101 9.61 50.47 -8.25
N ILE D 102 9.13 50.08 -9.44
CA ILE D 102 8.06 50.84 -10.09
C ILE D 102 6.79 50.81 -9.26
N LEU D 103 6.46 49.63 -8.69
CA LEU D 103 5.32 49.58 -7.79
C LEU D 103 5.56 50.43 -6.54
N ASP D 104 6.81 50.55 -6.09
CA ASP D 104 7.08 51.43 -4.96
C ASP D 104 6.78 52.89 -5.32
N ILE D 105 7.19 53.32 -6.51
CA ILE D 105 6.85 54.68 -6.94
C ILE D 105 5.35 54.87 -7.06
N ILE D 106 4.65 53.89 -7.62
CA ILE D 106 3.21 54.05 -7.76
C ILE D 106 2.53 54.08 -6.38
N VAL D 107 3.04 53.29 -5.43
CA VAL D 107 2.47 53.28 -4.09
C VAL D 107 2.70 54.62 -3.40
N GLU D 108 3.93 55.14 -3.50
CA GLU D 108 4.23 56.41 -2.84
C GLU D 108 3.49 57.57 -3.48
N GLN D 109 3.24 57.50 -4.79
CA GLN D 109 2.43 58.54 -5.42
C GLN D 109 0.99 58.44 -4.96
N ARG D 110 0.45 57.22 -4.90
CA ARG D 110 -0.90 57.03 -4.37
C ARG D 110 -1.00 57.61 -2.97
N ALA D 111 0.04 57.44 -2.16
CA ALA D 111 0.07 58.06 -0.84
C ALA D 111 0.09 59.58 -0.95
N ALA D 112 0.84 60.12 -1.92
CA ALA D 112 0.93 61.56 -2.08
C ALA D 112 -0.42 62.16 -2.45
N ASN D 113 -1.16 61.50 -3.35
CA ASN D 113 -2.48 61.95 -3.77
C ASN D 113 -3.49 60.85 -3.47
N PRO D 114 -4.08 60.85 -2.27
CA PRO D 114 -5.02 59.78 -1.92
C PRO D 114 -6.43 59.98 -2.41
N THR D 115 -6.84 61.20 -2.74
CA THR D 115 -8.22 61.46 -3.14
C THR D 115 -8.56 60.87 -4.50
N ILE D 116 -7.58 60.39 -5.26
CA ILE D 116 -7.85 59.73 -6.53
C ILE D 116 -7.20 58.36 -6.51
N VAL D 117 -7.70 57.46 -7.36
CA VAL D 117 -7.29 56.06 -7.37
C VAL D 117 -6.33 55.81 -8.52
N ILE D 118 -5.25 55.10 -8.23
CA ILE D 118 -4.24 54.75 -9.21
C ILE D 118 -4.17 53.23 -9.29
N ASN D 119 -4.17 52.69 -10.51
CA ASN D 119 -4.13 51.26 -10.72
C ASN D 119 -3.16 50.93 -11.84
N ILE D 120 -2.56 49.75 -11.75
CA ILE D 120 -1.61 49.26 -12.74
C ILE D 120 -2.06 47.88 -13.18
N TYR D 121 -2.11 47.68 -14.50
CA TYR D 121 -2.62 46.43 -15.05
C TYR D 121 -1.68 45.91 -16.13
N PRO D 122 -1.67 44.60 -16.36
CA PRO D 122 -0.91 44.04 -17.48
C PRO D 122 -1.70 44.18 -18.78
N TYR D 123 -1.10 43.69 -19.87
CA TYR D 123 -1.76 43.80 -21.16
C TYR D 123 -2.98 42.88 -21.25
N HIS D 124 -2.87 41.64 -20.75
CA HIS D 124 -3.91 40.65 -21.04
C HIS D 124 -5.27 41.09 -20.54
N LEU D 125 -5.33 42.02 -19.59
CA LEU D 125 -6.59 42.55 -19.13
C LEU D 125 -7.30 43.36 -20.19
N PHE D 126 -6.59 43.78 -21.23
CA PHE D 126 -7.16 44.61 -22.29
C PHE D 126 -6.83 44.10 -23.69
N CYS D 127 -6.41 42.85 -23.84
CA CYS D 127 -6.11 42.28 -25.14
C CYS D 127 -7.26 41.49 -25.72
N ILE D 128 -8.44 41.57 -25.10
CA ILE D 128 -9.64 40.90 -25.62
C ILE D 128 -10.84 41.58 -24.98
N ASN D 129 -12.00 41.45 -25.62
CA ASN D 129 -13.25 41.91 -25.01
C ASN D 129 -13.61 40.90 -23.92
N ILE D 130 -13.02 41.10 -22.75
CA ILE D 130 -13.11 40.17 -21.63
C ILE D 130 -14.55 39.83 -21.28
N PRO D 131 -15.48 40.79 -21.21
CA PRO D 131 -16.87 40.42 -20.89
C PRO D 131 -17.49 39.45 -21.88
N LYS D 132 -17.02 39.41 -23.11
CA LYS D 132 -17.56 38.53 -24.12
C LYS D 132 -16.88 37.16 -24.16
N VAL D 133 -15.95 36.89 -23.24
CA VAL D 133 -15.32 35.58 -23.20
C VAL D 133 -16.31 34.57 -22.64
N SER D 134 -16.32 33.37 -23.23
CA SER D 134 -17.32 32.37 -22.86
C SER D 134 -17.17 31.95 -21.41
N ALA D 135 -15.94 31.70 -20.97
CA ALA D 135 -15.70 31.17 -19.63
C ALA D 135 -15.96 32.20 -18.54
N ILE D 136 -16.16 33.46 -18.88
CA ILE D 136 -16.35 34.52 -17.89
C ILE D 136 -17.85 34.80 -17.78
N PRO D 137 -18.46 34.60 -16.61
CA PRO D 137 -19.88 34.94 -16.44
C PRO D 137 -20.14 36.43 -16.51
N LYS D 138 -21.39 36.83 -16.38
CA LYS D 138 -21.79 38.23 -16.55
C LYS D 138 -21.69 38.95 -15.22
N HIS D 139 -20.55 39.59 -14.98
CA HIS D 139 -20.37 40.43 -13.80
C HIS D 139 -21.14 41.73 -13.96
N LYS D 140 -21.70 42.22 -12.85
CA LYS D 140 -22.32 43.54 -12.86
C LYS D 140 -22.30 44.09 -11.44
N LEU D 141 -22.03 45.38 -11.32
CA LEU D 141 -22.00 46.05 -10.03
C LEU D 141 -23.41 46.45 -9.62
N ILE D 142 -23.75 46.17 -8.37
CA ILE D 142 -25.02 46.60 -7.81
C ILE D 142 -24.77 47.82 -6.93
N THR D 143 -25.77 48.68 -6.85
CA THR D 143 -25.63 49.91 -6.09
C THR D 143 -25.58 49.62 -4.60
N GLN D 144 -25.15 50.62 -3.83
CA GLN D 144 -24.92 50.42 -2.41
C GLN D 144 -26.22 50.10 -1.66
N GLU D 145 -27.32 50.77 -2.01
CA GLU D 145 -28.56 50.49 -1.30
C GLU D 145 -29.14 49.13 -1.66
N GLU D 146 -28.99 48.70 -2.92
CA GLU D 146 -29.45 47.36 -3.30
C GLU D 146 -28.63 46.28 -2.60
N ALA D 147 -27.31 46.43 -2.59
CA ALA D 147 -26.48 45.48 -1.85
C ALA D 147 -26.81 45.51 -0.36
N GLN D 148 -27.10 46.71 0.18
CA GLN D 148 -27.37 46.84 1.60
C GLN D 148 -28.67 46.13 1.95
N GLU D 149 -29.72 46.30 1.14
CA GLU D 149 -30.96 45.58 1.40
C GLU D 149 -30.79 44.07 1.23
N PHE D 150 -29.97 43.65 0.26
CA PHE D 150 -29.67 42.23 0.12
C PHE D 150 -29.02 41.70 1.39
N LEU D 151 -28.04 42.43 1.92
CA LEU D 151 -27.35 41.98 3.14
C LEU D 151 -28.28 42.00 4.34
N GLY D 152 -29.14 43.01 4.43
CA GLY D 152 -30.06 43.10 5.55
C GLY D 152 -31.09 41.99 5.54
N ARG D 153 -31.52 41.58 4.35
CA ARG D 153 -32.38 40.39 4.27
C ARG D 153 -31.66 39.16 4.79
N GLU D 154 -30.38 39.01 4.45
CA GLU D 154 -29.57 37.85 4.81
C GLU D 154 -28.91 37.97 6.16
N TYR D 155 -29.02 39.12 6.83
CA TYR D 155 -28.32 39.37 8.09
C TYR D 155 -26.81 39.17 7.96
N LEU D 156 -26.26 39.65 6.84
CA LEU D 156 -24.84 39.45 6.53
C LEU D 156 -24.06 40.75 6.67
N GLN D 157 -22.87 40.65 7.22
CA GLN D 157 -21.92 41.74 7.14
C GLN D 157 -21.23 41.69 5.78
N PRO D 158 -20.78 42.84 5.26
CA PRO D 158 -20.17 42.85 3.93
C PRO D 158 -18.95 41.95 3.81
N GLN D 159 -18.19 41.77 4.89
CA GLN D 159 -17.02 40.90 4.83
C GLN D 159 -17.36 39.43 4.87
N ASP D 160 -18.58 39.07 5.27
CA ASP D 160 -18.99 37.67 5.26
C ASP D 160 -19.20 37.14 3.85
N LEU D 161 -19.35 38.02 2.86
CA LEU D 161 -19.55 37.59 1.49
C LEU D 161 -18.26 36.98 0.94
N MET D 162 -18.41 36.26 -0.17
CA MET D 162 -17.23 35.85 -0.92
C MET D 162 -16.51 37.08 -1.41
N GLN D 163 -15.18 37.01 -1.48
CA GLN D 163 -14.38 38.14 -1.86
C GLN D 163 -13.90 37.99 -3.30
N ILE D 164 -13.91 39.10 -4.03
CA ILE D 164 -13.38 39.15 -5.38
C ILE D 164 -12.31 40.23 -5.43
N SER D 165 -11.16 39.89 -6.02
CA SER D 165 -10.07 40.83 -6.12
C SER D 165 -10.41 41.94 -7.09
N ALA D 166 -10.02 43.16 -6.76
CA ALA D 166 -10.21 44.28 -7.67
C ALA D 166 -9.34 44.18 -8.92
N SER D 167 -8.39 43.24 -8.94
CA SER D 167 -7.54 42.99 -10.10
C SER D 167 -8.14 41.97 -11.06
N ASP D 168 -9.35 41.49 -10.79
CA ASP D 168 -10.00 40.58 -11.72
C ASP D 168 -10.34 41.29 -13.02
N PRO D 169 -10.27 40.60 -14.15
CA PRO D 169 -10.55 41.25 -15.44
C PRO D 169 -11.94 41.84 -15.49
N PRO D 170 -13.01 41.07 -15.23
CA PRO D 170 -14.35 41.67 -15.42
C PRO D 170 -14.67 42.76 -14.42
N VAL D 171 -14.12 42.71 -13.22
CA VAL D 171 -14.35 43.78 -12.26
C VAL D 171 -13.66 45.06 -12.71
N VAL D 172 -12.44 44.93 -13.26
CA VAL D 172 -11.76 46.10 -13.82
C VAL D 172 -12.57 46.67 -14.97
N TRP D 173 -13.05 45.81 -15.85
CA TRP D 173 -13.86 46.27 -16.97
C TRP D 173 -15.12 46.95 -16.47
N LEU D 174 -15.68 46.47 -15.37
CA LEU D 174 -16.82 47.15 -14.77
C LEU D 174 -16.42 48.48 -14.16
N GLY D 175 -15.17 48.62 -13.74
CA GLY D 175 -14.78 49.79 -12.97
C GLY D 175 -15.07 49.67 -11.50
N GLY D 176 -15.18 48.44 -10.97
CA GLY D 176 -15.50 48.27 -9.57
C GLY D 176 -14.35 48.68 -8.67
N ARG D 177 -14.71 49.17 -7.50
CA ARG D 177 -13.78 49.62 -6.47
C ARG D 177 -13.89 48.72 -5.25
N PRO D 178 -12.89 48.72 -4.38
CA PRO D 178 -13.06 48.05 -3.08
C PRO D 178 -14.20 48.69 -2.31
N GLY D 179 -14.93 47.86 -1.57
CA GLY D 179 -16.13 48.32 -0.92
C GLY D 179 -17.37 48.30 -1.80
N ASP D 180 -17.24 47.89 -3.05
CA ASP D 180 -18.39 47.73 -3.93
C ASP D 180 -18.75 46.25 -4.04
N PHE D 181 -20.00 46.01 -4.40
CA PHE D 181 -20.55 44.67 -4.50
C PHE D 181 -20.84 44.36 -5.97
N VAL D 182 -20.42 43.18 -6.42
CA VAL D 182 -20.62 42.76 -7.80
C VAL D 182 -21.54 41.54 -7.81
N GLN D 183 -22.54 41.57 -8.68
CA GLN D 183 -23.47 40.47 -8.85
C GLN D 183 -23.10 39.70 -10.11
N ILE D 184 -23.05 38.38 -10.00
CA ILE D 184 -22.52 37.51 -11.05
C ILE D 184 -23.59 36.49 -11.42
N GLU D 185 -23.92 36.44 -12.71
CA GLU D 185 -24.84 35.42 -13.25
C GLU D 185 -24.00 34.28 -13.79
N ARG D 186 -23.76 33.27 -12.96
CA ARG D 186 -22.87 32.19 -13.34
C ARG D 186 -23.67 31.00 -13.82
N PRO D 187 -23.27 30.38 -14.93
CA PRO D 187 -23.95 29.18 -15.39
C PRO D 187 -23.77 28.04 -14.40
N SER D 188 -24.76 27.16 -14.34
CA SER D 188 -24.76 26.07 -13.39
C SER D 188 -25.26 24.80 -14.06
N GLU D 189 -24.62 23.67 -13.75
CA GLU D 189 -25.10 22.38 -14.23
C GLU D 189 -26.06 21.70 -13.27
N THR D 190 -26.32 22.29 -12.11
CA THR D 190 -27.25 21.73 -11.14
C THR D 190 -28.56 22.49 -11.06
N ALA D 191 -28.54 23.79 -11.35
CA ALA D 191 -29.74 24.60 -11.30
C ALA D 191 -29.93 25.48 -12.52
N MET D 192 -29.14 25.29 -13.58
CA MET D 192 -29.28 26.01 -14.84
C MET D 192 -29.17 27.52 -14.61
N HIS D 193 -27.96 27.91 -14.20
CA HIS D 193 -27.51 29.26 -13.88
C HIS D 193 -28.01 29.74 -12.53
N ALA D 194 -27.15 30.44 -11.79
CA ALA D 194 -27.47 30.97 -10.47
C ALA D 194 -26.72 32.27 -10.27
N VAL D 195 -27.21 33.08 -9.33
CA VAL D 195 -26.73 34.43 -9.10
C VAL D 195 -26.03 34.48 -7.75
N VAL D 196 -24.84 35.09 -7.72
CA VAL D 196 -24.13 35.35 -6.48
C VAL D 196 -23.70 36.81 -6.45
N ILE D 197 -23.43 37.29 -5.24
CA ILE D 197 -22.95 38.65 -5.02
C ILE D 197 -21.62 38.55 -4.27
N ARG D 198 -20.60 39.22 -4.78
CA ARG D 198 -19.27 39.16 -4.20
C ARG D 198 -18.82 40.53 -3.74
N PHE D 199 -17.94 40.54 -2.76
CA PHE D 199 -17.40 41.76 -2.17
C PHE D 199 -16.03 42.04 -2.76
N ILE D 200 -15.84 43.24 -3.29
CA ILE D 200 -14.59 43.59 -3.96
C ILE D 200 -13.56 44.01 -2.92
N THR D 201 -12.41 43.34 -2.93
CA THR D 201 -11.32 43.62 -2.01
C THR D 201 -10.20 44.29 -2.78
N LYS D 202 -9.35 45.03 -2.05
CA LYS D 202 -8.26 45.79 -2.66
C LYS D 202 -7.47 44.94 -3.66
N SER D 203 -7.03 45.58 -4.73
CA SER D 203 -6.35 44.88 -5.81
C SER D 203 -5.00 44.34 -5.34
N LYS D 204 -4.65 43.17 -5.82
CA LYS D 204 -3.33 42.62 -5.59
C LYS D 204 -2.33 43.24 -6.54
N ILE D 205 -1.13 43.53 -6.04
CA ILE D 205 -0.05 44.03 -6.88
C ILE D 205 1.23 43.28 -6.57
N TYR E 1 11.63 13.47 14.99
CA TYR E 1 10.55 14.27 14.38
C TYR E 1 11.02 15.65 13.97
N VAL E 2 10.98 15.92 12.67
CA VAL E 2 11.23 17.24 12.12
C VAL E 2 9.95 17.68 11.41
N GLU E 3 9.38 18.80 11.84
CA GLU E 3 8.24 19.37 11.14
C GLU E 3 8.71 19.85 9.78
N THR E 4 8.32 19.12 8.73
CA THR E 4 8.69 19.53 7.37
C THR E 4 8.10 20.91 7.15
N GLU E 5 8.97 21.92 7.10
CA GLU E 5 8.59 23.29 7.37
C GLU E 5 8.42 24.09 6.09
N GLU E 6 7.19 24.19 5.61
CA GLU E 6 6.84 25.28 4.70
C GLU E 6 6.54 26.56 5.46
N GLU E 7 6.38 26.48 6.78
CA GLU E 7 6.23 27.61 7.69
C GLU E 7 5.36 28.72 7.11
N ASN E 8 4.10 28.36 6.89
CA ASN E 8 3.17 29.30 6.28
C ASN E 8 2.86 30.46 7.22
N LEU E 9 2.30 31.51 6.63
CA LEU E 9 1.98 32.73 7.35
C LEU E 9 0.67 32.53 8.13
N VAL E 10 0.10 33.64 8.59
CA VAL E 10 -1.17 33.71 9.31
C VAL E 10 -2.18 32.61 8.94
N PHE E 32 -10.58 41.37 30.09
CA PHE E 32 -11.99 41.12 29.81
C PHE E 32 -12.17 39.81 29.05
N VAL E 33 -11.99 38.69 29.74
CA VAL E 33 -12.22 37.39 29.13
C VAL E 33 -13.63 36.89 29.33
N GLN E 34 -14.53 37.75 29.80
CA GLN E 34 -15.95 37.43 29.85
C GLN E 34 -16.67 38.18 28.74
N ALA E 35 -17.29 37.44 27.81
CA ALA E 35 -18.01 38.06 26.73
C ALA E 35 -19.24 38.79 27.26
N SER E 36 -19.53 39.94 26.65
CA SER E 36 -20.69 40.71 27.05
C SER E 36 -21.96 39.92 26.81
N SER E 37 -22.90 40.03 27.74
CA SER E 37 -24.15 39.29 27.63
C SER E 37 -24.95 39.78 26.43
N GLN E 38 -25.74 38.88 25.86
CA GLN E 38 -26.53 39.16 24.67
C GLN E 38 -28.01 39.14 25.02
N THR E 39 -28.76 40.07 24.45
CA THR E 39 -30.20 40.10 24.65
C THR E 39 -30.87 39.33 23.52
N LEU E 40 -31.70 38.36 23.89
CA LEU E 40 -32.33 37.48 22.92
C LEU E 40 -33.47 38.23 22.23
N VAL E 41 -33.20 38.74 21.04
CA VAL E 41 -34.24 39.37 20.23
C VAL E 41 -34.87 38.29 19.36
N ILE E 42 -36.19 38.28 19.31
CA ILE E 42 -36.93 37.24 18.61
C ILE E 42 -37.61 37.87 17.41
N ILE E 43 -37.33 37.33 16.23
CA ILE E 43 -37.93 37.85 15.01
C ILE E 43 -39.45 37.63 15.07
N PRO E 44 -40.26 38.65 14.78
CA PRO E 44 -41.72 38.44 14.75
C PRO E 44 -42.10 37.40 13.71
N ASP E 45 -43.20 36.69 13.99
CA ASP E 45 -43.57 35.53 13.18
C ASP E 45 -43.80 35.90 11.73
N ASN E 46 -44.10 37.16 11.44
CA ASN E 46 -44.35 37.58 10.07
C ASN E 46 -43.07 37.86 9.29
N GLU E 47 -41.91 37.89 9.95
CA GLU E 47 -40.64 38.14 9.28
C GLU E 47 -39.71 36.93 9.31
N ARG E 48 -40.22 35.75 9.65
CA ARG E 48 -39.38 34.56 9.67
C ARG E 48 -39.21 34.02 8.26
N ILE E 49 -37.96 33.83 7.85
CA ILE E 49 -37.67 33.38 6.49
C ILE E 49 -37.24 31.92 6.42
N THR E 50 -36.94 31.28 7.54
CA THR E 50 -36.57 29.87 7.51
C THR E 50 -37.79 29.01 7.20
N SER E 51 -37.54 27.84 6.62
CA SER E 51 -38.62 27.00 6.14
C SER E 51 -39.53 26.56 7.28
N ASN E 52 -40.83 26.55 7.01
CA ASN E 52 -41.84 26.18 7.99
C ASN E 52 -42.01 24.67 8.11
N VAL E 53 -41.04 23.90 7.64
CA VAL E 53 -41.07 22.44 7.73
C VAL E 53 -39.82 22.00 8.47
N LEU E 54 -40.00 21.15 9.48
CA LEU E 54 -38.85 20.66 10.23
C LEU E 54 -37.88 19.93 9.31
N THR E 55 -36.60 20.23 9.48
CA THR E 55 -35.59 19.39 8.88
C THR E 55 -35.52 18.06 9.62
N THR E 56 -35.08 17.01 8.92
CA THR E 56 -34.96 15.72 9.56
C THR E 56 -34.03 15.79 10.77
N PHE E 57 -33.04 16.69 10.74
CA PHE E 57 -32.20 16.92 11.89
C PHE E 57 -33.01 17.47 13.06
N GLU E 58 -33.84 18.49 12.79
CA GLU E 58 -34.62 19.10 13.86
C GLU E 58 -35.67 18.14 14.40
N ALA E 59 -36.32 17.38 13.53
CA ALA E 59 -37.29 16.39 13.98
C ALA E 59 -36.62 15.32 14.83
N THR E 60 -35.46 14.84 14.38
CA THR E 60 -34.72 13.84 15.15
C THR E 60 -34.32 14.39 16.51
N ARG E 61 -33.85 15.63 16.55
CA ARG E 61 -33.46 16.23 17.82
C ARG E 61 -34.65 16.39 18.75
N LEU E 62 -35.79 16.81 18.21
CA LEU E 62 -36.98 16.98 19.05
C LEU E 62 -37.42 15.64 19.62
N VAL E 63 -37.46 14.60 18.78
CA VAL E 63 -37.88 13.29 19.26
C VAL E 63 -36.91 12.78 20.31
N ALA E 64 -35.60 12.96 20.11
CA ALA E 64 -34.63 12.51 21.08
C ALA E 64 -34.75 13.27 22.40
N VAL E 65 -34.93 14.59 22.35
CA VAL E 65 -35.03 15.38 23.56
C VAL E 65 -36.28 14.98 24.34
N ARG E 66 -37.41 14.86 23.65
CA ARG E 66 -38.63 14.45 24.35
C ARG E 66 -38.51 13.04 24.89
N ALA E 67 -37.91 12.12 24.13
CA ALA E 67 -37.78 10.75 24.58
C ALA E 67 -36.90 10.66 25.82
N GLN E 68 -35.79 11.39 25.85
CA GLN E 68 -34.99 11.42 27.07
C GLN E 68 -35.73 12.08 28.22
N GLN E 69 -36.49 13.14 27.95
CA GLN E 69 -37.22 13.79 29.03
C GLN E 69 -38.27 12.85 29.63
N LEU E 70 -38.93 12.06 28.79
CA LEU E 70 -39.81 11.01 29.30
C LEU E 70 -39.02 9.95 30.05
N ALA E 71 -37.81 9.64 29.60
CA ALA E 71 -36.98 8.67 30.30
C ALA E 71 -36.64 9.16 31.70
N ILE E 72 -36.51 10.47 31.90
CA ILE E 72 -36.18 10.99 33.21
C ILE E 72 -37.41 11.42 34.01
N ASN E 73 -38.48 11.88 33.36
CA ASN E 73 -39.67 12.32 34.07
C ASN E 73 -40.79 11.29 34.02
N GLY E 74 -41.25 10.93 32.82
CA GLY E 74 -42.25 9.91 32.64
C GLY E 74 -43.64 10.39 32.35
N SER E 75 -43.95 11.66 32.61
CA SER E 75 -45.29 12.16 32.32
C SER E 75 -45.51 12.24 30.80
N THR E 76 -46.77 12.15 30.39
CA THR E 76 -47.11 12.12 28.98
C THR E 76 -48.48 12.73 28.77
N MET E 77 -48.75 13.13 27.52
CA MET E 77 -50.04 13.66 27.13
C MET E 77 -50.68 12.85 26.01
N LEU E 78 -50.31 11.58 25.87
CA LEU E 78 -50.85 10.72 24.82
C LEU E 78 -51.98 9.86 25.39
N LYS E 79 -53.13 9.88 24.72
CA LYS E 79 -54.26 9.09 25.17
C LYS E 79 -54.07 7.59 24.96
N LYS E 80 -53.04 7.19 24.21
CA LYS E 80 -52.76 5.79 23.96
C LYS E 80 -51.50 5.37 24.72
N LYS E 81 -51.57 4.23 25.39
CA LYS E 81 -50.45 3.74 26.18
C LYS E 81 -49.36 3.20 25.26
N TYR E 82 -48.12 3.60 25.54
CA TYR E 82 -46.96 3.10 24.82
C TYR E 82 -45.91 2.66 25.84
N SER E 83 -45.23 1.57 25.53
CA SER E 83 -44.29 0.95 26.45
C SER E 83 -42.86 1.44 26.29
N SER E 84 -42.60 2.37 25.37
CA SER E 84 -41.24 2.79 25.10
C SER E 84 -41.18 4.29 24.84
N PRO E 85 -40.25 5.00 25.48
CA PRO E 85 -40.21 6.46 25.31
C PRO E 85 -39.94 6.91 23.88
N ILE E 86 -39.20 6.11 23.11
CA ILE E 86 -38.94 6.50 21.73
C ILE E 86 -40.26 6.53 20.96
N ASP E 87 -41.15 5.58 21.24
CA ASP E 87 -42.45 5.55 20.57
C ASP E 87 -43.33 6.69 21.03
N ILE E 88 -43.36 6.98 22.32
CA ILE E 88 -44.18 8.06 22.82
C ILE E 88 -43.73 9.39 22.22
N ALA E 89 -42.42 9.62 22.19
CA ALA E 89 -41.91 10.86 21.63
C ALA E 89 -42.19 10.95 20.14
N LYS E 90 -42.01 9.85 19.40
CA LYS E 90 -42.26 9.87 17.97
C LYS E 90 -43.72 10.16 17.68
N GLN E 91 -44.63 9.53 18.43
CA GLN E 91 -46.05 9.77 18.22
C GLN E 91 -46.47 11.17 18.66
N GLU E 92 -45.83 11.70 19.70
CA GLU E 92 -46.08 13.09 20.09
C GLU E 92 -45.69 14.04 18.97
N LEU E 93 -44.54 13.78 18.33
CA LEU E 93 -44.17 14.59 17.18
C LEU E 93 -45.18 14.45 16.06
N PHE E 94 -45.63 13.22 15.79
CA PHE E 94 -46.52 12.99 14.65
C PHE E 94 -47.90 13.61 14.88
N ASN E 95 -48.40 13.56 16.11
CA ASN E 95 -49.73 14.08 16.42
C ASN E 95 -49.71 15.56 16.76
N ARG E 96 -48.56 16.22 16.65
CA ARG E 96 -48.44 17.66 16.78
C ARG E 96 -48.81 18.14 18.18
N LYS E 97 -48.23 17.50 19.18
CA LYS E 97 -48.36 17.93 20.56
C LYS E 97 -47.02 17.82 21.28
N ILE E 98 -45.96 18.25 20.61
CA ILE E 98 -44.61 18.20 21.16
C ILE E 98 -44.42 19.44 22.03
N PRO E 99 -44.06 19.29 23.30
CA PRO E 99 -43.91 20.44 24.20
C PRO E 99 -42.53 21.10 24.12
N LEU E 100 -42.06 21.34 22.90
CA LEU E 100 -40.74 21.90 22.68
C LEU E 100 -40.78 22.82 21.47
N LEU E 101 -40.19 23.99 21.61
CA LEU E 101 -40.05 24.93 20.50
C LEU E 101 -38.67 24.79 19.88
N VAL E 102 -38.60 25.03 18.57
CA VAL E 102 -37.35 25.00 17.84
C VAL E 102 -36.85 26.42 17.71
N MET E 103 -35.70 26.71 18.30
CA MET E 103 -35.08 28.02 18.19
C MET E 103 -34.03 27.95 17.11
N ARG E 104 -34.30 28.59 15.97
CA ARG E 104 -33.36 28.68 14.88
C ARG E 104 -32.64 30.01 14.97
N CYS E 105 -31.32 29.96 15.06
CA CYS E 105 -30.53 31.15 15.34
C CYS E 105 -29.27 31.14 14.49
N ILE E 106 -29.21 32.04 13.51
CA ILE E 106 -27.93 32.44 12.92
C ILE E 106 -27.91 33.97 12.95
N LYS E 107 -27.46 34.52 14.08
CA LYS E 107 -26.95 35.88 14.19
C LYS E 107 -26.47 36.12 15.61
N VAL E 108 -25.35 36.82 15.76
CA VAL E 108 -24.89 37.34 17.03
C VAL E 108 -24.26 38.70 16.76
N THR E 109 -24.91 39.76 17.21
CA THR E 109 -24.25 40.97 16.75
C THR E 109 -23.18 41.39 17.73
N PRO E 110 -22.08 41.97 17.24
CA PRO E 110 -21.12 42.62 18.14
C PRO E 110 -21.77 43.54 19.15
N GLU E 111 -22.94 44.08 18.79
CA GLU E 111 -23.76 44.86 19.70
C GLU E 111 -24.29 44.05 20.86
N GLY E 112 -23.98 42.76 20.94
CA GLY E 112 -24.45 41.93 22.02
C GLY E 112 -25.93 41.63 21.91
N GLN E 113 -26.35 41.01 20.81
CA GLN E 113 -27.75 40.72 20.59
C GLN E 113 -27.87 39.47 19.74
N LYS E 114 -28.71 38.53 20.19
CA LYS E 114 -28.91 37.26 19.51
C LYS E 114 -30.25 37.29 18.78
N ILE E 115 -30.22 37.07 17.48
CA ILE E 115 -31.41 37.12 16.63
C ILE E 115 -31.79 35.69 16.29
N VAL E 116 -32.95 35.25 16.77
CA VAL E 116 -33.39 33.88 16.61
C VAL E 116 -34.81 33.87 16.03
N GLU E 117 -35.15 32.75 15.42
CA GLU E 117 -36.52 32.46 15.02
C GLU E 117 -37.01 31.29 15.85
N ILE E 118 -38.12 31.47 16.54
CA ILE E 118 -38.66 30.46 17.45
C ILE E 118 -39.87 29.83 16.76
N TRP E 119 -39.74 28.56 16.42
CA TRP E 119 -40.74 27.84 15.63
C TRP E 119 -41.43 26.81 16.50
N ASN E 120 -42.76 26.75 16.40
CA ASN E 120 -43.54 25.77 17.14
C ASN E 120 -43.75 24.56 16.26
N PRO E 121 -43.17 23.40 16.58
CA PRO E 121 -43.29 22.24 15.68
C PRO E 121 -44.70 21.74 15.51
N ARG E 122 -45.63 22.12 16.40
CA ARG E 122 -47.02 21.78 16.20
C ARG E 122 -47.62 22.54 15.02
N GLU E 123 -46.94 23.57 14.52
CA GLU E 123 -47.39 24.28 13.33
C GLU E 123 -46.53 23.97 12.11
N MET E 124 -45.30 23.50 12.31
CA MET E 124 -44.45 23.14 11.19
C MET E 124 -44.86 21.80 10.60
N GLY E 125 -44.61 21.64 9.31
CA GLY E 125 -44.76 20.34 8.70
C GLY E 125 -43.65 19.40 9.13
N ILE E 126 -43.96 18.11 9.12
CA ILE E 126 -43.07 17.07 9.63
C ILE E 126 -42.43 16.36 8.44
N PRO E 127 -41.12 16.10 8.47
CA PRO E 127 -40.50 15.36 7.37
C PRO E 127 -40.94 13.90 7.34
N LEU E 128 -40.37 13.13 6.42
CA LEU E 128 -40.79 11.76 6.22
C LEU E 128 -40.56 10.92 7.48
N LEU E 129 -39.30 10.76 7.88
CA LEU E 129 -38.91 9.95 9.02
C LEU E 129 -39.32 8.49 8.86
N ASP E 130 -39.57 8.04 7.64
CA ASP E 130 -39.99 6.68 7.38
C ASP E 130 -39.37 6.14 6.10
N MET F 1 -22.64 47.17 55.31
CA MET F 1 -23.95 47.75 55.01
C MET F 1 -24.69 46.91 53.97
N ILE F 2 -25.97 46.65 54.23
CA ILE F 2 -26.79 45.89 53.28
C ILE F 2 -27.04 46.75 52.05
N ASP F 3 -27.21 46.09 50.90
CA ASP F 3 -27.40 46.81 49.65
C ASP F 3 -27.99 45.86 48.62
N GLN F 4 -28.49 46.44 47.54
CA GLN F 4 -29.08 45.70 46.43
C GLN F 4 -28.03 45.49 45.35
N LYS F 5 -27.85 44.23 44.94
CA LYS F 5 -26.89 43.88 43.91
C LYS F 5 -27.57 43.00 42.86
N ILE F 6 -27.20 43.22 41.60
CA ILE F 6 -27.72 42.46 40.47
C ILE F 6 -26.71 41.40 40.09
N PHE F 7 -27.18 40.16 39.97
CA PHE F 7 -26.31 39.02 39.70
C PHE F 7 -26.69 38.37 38.37
N GLU F 8 -25.71 37.78 37.72
CA GLU F 8 -25.91 36.96 36.54
C GLU F 8 -25.60 35.51 36.88
N THR F 9 -26.44 34.61 36.39
CA THR F 9 -26.20 33.20 36.65
C THR F 9 -26.94 32.36 35.63
N THR F 10 -26.37 31.21 35.32
CA THR F 10 -27.01 30.18 34.50
C THR F 10 -27.36 29.01 35.40
N LEU F 11 -28.65 28.69 35.48
CA LEU F 11 -29.08 27.59 36.33
C LEU F 11 -28.82 26.25 35.64
N ASN F 12 -29.20 25.17 36.32
CA ASN F 12 -29.23 23.85 35.74
C ASN F 12 -30.53 23.18 36.18
N ILE F 13 -31.28 22.66 35.21
CA ILE F 13 -32.60 22.11 35.45
C ILE F 13 -32.53 20.60 35.26
N ASP F 14 -32.85 19.85 36.32
CA ASP F 14 -32.77 18.40 36.24
C ASP F 14 -34.02 17.77 35.63
N ASP F 15 -35.11 18.51 35.53
CA ASP F 15 -36.33 18.00 34.89
C ASP F 15 -37.06 19.20 34.33
N PRO F 16 -36.73 19.61 33.11
CA PRO F 16 -37.30 20.85 32.57
C PRO F 16 -38.81 20.82 32.41
N THR F 17 -39.41 19.65 32.14
CA THR F 17 -40.86 19.60 31.99
C THR F 17 -41.57 19.97 33.29
N ASN F 18 -41.09 19.42 34.41
CA ASN F 18 -41.65 19.78 35.71
C ASN F 18 -41.40 21.26 35.99
N PHE F 19 -40.20 21.74 35.69
CA PHE F 19 -39.80 23.09 36.07
C PHE F 19 -40.59 24.15 35.32
N CYS F 20 -40.77 23.96 34.02
CA CYS F 20 -41.38 25.00 33.19
C CYS F 20 -42.87 25.21 33.47
N THR F 21 -43.49 24.33 34.26
CA THR F 21 -44.90 24.49 34.57
C THR F 21 -45.17 25.79 35.33
N ASN F 22 -44.28 26.15 36.25
CA ASN F 22 -44.43 27.31 37.12
C ASN F 22 -43.14 28.11 37.16
N VAL F 23 -42.65 28.45 35.96
CA VAL F 23 -41.30 28.95 35.72
C VAL F 23 -40.82 29.95 36.76
N GLU F 24 -41.64 30.97 37.08
CA GLU F 24 -41.16 32.02 37.98
C GLU F 24 -40.94 31.50 39.39
N ALA F 25 -41.95 30.83 39.96
CA ALA F 25 -41.81 30.31 41.32
C ALA F 25 -40.71 29.25 41.40
N HIS F 26 -40.64 28.39 40.38
CA HIS F 26 -39.60 27.38 40.35
C HIS F 26 -38.22 28.02 40.28
N LEU F 27 -38.09 29.10 39.51
CA LEU F 27 -36.82 29.81 39.42
C LEU F 27 -36.43 30.40 40.77
N LEU F 28 -37.37 31.04 41.46
CA LEU F 28 -37.06 31.58 42.78
C LEU F 28 -36.68 30.48 43.76
N LYS F 29 -37.36 29.33 43.69
CA LYS F 29 -37.00 28.21 44.55
C LYS F 29 -35.58 27.75 44.29
N GLU F 30 -35.23 27.55 43.01
CA GLU F 30 -33.88 27.11 42.68
C GLU F 30 -32.85 28.13 43.15
N LEU F 31 -33.14 29.42 42.95
CA LEU F 31 -32.20 30.45 43.34
C LEU F 31 -31.99 30.48 44.86
N GLU F 32 -33.06 30.30 45.64
CA GLU F 32 -32.89 30.34 47.09
C GLU F 32 -32.23 29.07 47.61
N ASN F 33 -32.33 27.95 46.89
CA ASN F 33 -31.44 26.84 47.18
C ASN F 33 -29.99 27.18 46.87
N ILE F 34 -29.74 27.90 45.77
CA ILE F 34 -28.39 28.02 45.27
C ILE F 34 -27.63 29.15 45.96
N TYR F 35 -28.22 30.35 46.01
CA TYR F 35 -27.46 31.55 46.34
C TYR F 35 -27.73 32.10 47.73
N VAL F 36 -28.85 31.76 48.35
CA VAL F 36 -29.16 32.36 49.66
C VAL F 36 -28.22 31.78 50.70
N GLY F 37 -27.48 32.66 51.38
CA GLY F 37 -26.59 32.24 52.44
C GLY F 37 -25.17 31.91 52.03
N LYS F 38 -24.74 32.32 50.84
CA LYS F 38 -23.39 32.01 50.35
C LYS F 38 -22.76 33.25 49.74
N CYS F 39 -21.45 33.40 49.94
CA CYS F 39 -20.71 34.48 49.30
C CYS F 39 -20.52 34.17 47.82
N PHE F 40 -20.77 35.17 46.97
CA PHE F 40 -20.61 34.96 45.53
C PHE F 40 -20.45 36.32 44.86
N LYS F 41 -19.34 36.49 44.14
CA LYS F 41 -19.04 37.70 43.37
C LYS F 41 -19.06 38.92 44.29
N ASN F 42 -18.11 38.92 45.23
CA ASN F 42 -17.83 40.09 46.07
C ASN F 42 -19.07 40.53 46.84
N SER F 43 -19.92 39.56 47.19
CA SER F 43 -21.20 39.85 47.82
C SER F 43 -21.66 38.60 48.58
N PHE F 44 -22.61 38.79 49.49
CA PHE F 44 -23.03 37.70 50.36
C PHE F 44 -24.44 37.20 50.10
N ILE F 45 -25.32 38.02 49.52
CA ILE F 45 -26.68 37.62 49.19
C ILE F 45 -27.43 37.21 50.46
N LEU F 46 -27.92 38.22 51.20
CA LEU F 46 -28.75 37.93 52.35
C LEU F 46 -30.11 37.39 51.94
N ASN F 47 -30.76 38.07 50.99
CA ASN F 47 -32.13 37.78 50.61
C ASN F 47 -32.27 37.86 49.10
N ILE F 48 -33.13 37.03 48.55
CA ILE F 48 -33.39 36.98 47.11
C ILE F 48 -34.53 37.94 46.79
N THR F 49 -34.44 38.58 45.62
CA THR F 49 -35.48 39.48 45.16
C THR F 49 -35.82 39.10 43.72
N GLY F 50 -36.66 39.92 43.08
CA GLY F 50 -37.22 39.54 41.79
C GLY F 50 -36.15 39.44 40.72
N VAL F 51 -36.43 38.61 39.71
CA VAL F 51 -35.53 38.38 38.60
C VAL F 51 -35.76 39.45 37.54
N ILE F 52 -34.69 40.14 37.17
CA ILE F 52 -34.80 41.16 36.14
C ILE F 52 -35.07 40.53 34.78
N GLN F 53 -34.31 39.51 34.42
CA GLN F 53 -34.41 38.88 33.11
C GLN F 53 -34.12 37.40 33.24
N ARG F 54 -34.73 36.62 32.35
CA ARG F 54 -34.50 35.19 32.30
C ARG F 54 -34.42 34.76 30.84
N SER F 55 -34.19 33.48 30.63
CA SER F 55 -33.99 32.92 29.32
C SER F 55 -34.87 31.71 29.09
N PRO F 56 -35.16 31.38 27.83
CA PRO F 56 -35.92 30.16 27.56
C PRO F 56 -35.15 28.95 28.05
N CYS F 57 -35.89 27.90 28.44
CA CYS F 57 -35.25 26.71 28.97
C CYS F 57 -34.55 25.95 27.86
N PHE F 58 -33.33 26.35 27.52
CA PHE F 58 -32.57 25.63 26.52
C PHE F 58 -32.22 24.23 27.03
N ILE F 59 -32.24 23.26 26.13
CA ILE F 59 -31.82 21.91 26.44
C ILE F 59 -30.33 21.78 26.18
N MET F 60 -29.60 21.21 27.15
CA MET F 60 -28.16 21.08 27.02
C MET F 60 -27.79 20.32 25.76
N ARG F 61 -26.83 20.87 25.02
CA ARG F 61 -26.38 20.27 23.77
C ARG F 61 -25.34 19.17 24.01
N THR F 62 -24.22 19.52 24.61
CA THR F 62 -23.06 18.65 24.69
C THR F 62 -23.25 17.46 25.58
N ASN F 63 -24.42 17.24 26.18
CA ASN F 63 -24.67 16.04 26.94
C ASN F 63 -26.04 15.49 26.58
N ASN F 64 -26.22 14.19 26.79
CA ASN F 64 -27.47 13.51 26.48
C ASN F 64 -28.39 13.39 27.68
N SER F 65 -28.22 14.25 28.70
CA SER F 65 -29.01 14.12 29.91
C SER F 65 -30.42 14.63 29.76
N GLY F 66 -30.76 15.29 28.65
CA GLY F 66 -32.09 15.85 28.51
C GLY F 66 -32.42 16.97 29.47
N ARG F 67 -31.41 17.55 30.10
CA ARG F 67 -31.60 18.60 31.09
C ARG F 67 -31.52 19.97 30.44
N GLY F 68 -32.06 20.97 31.13
CA GLY F 68 -32.00 22.34 30.66
C GLY F 68 -31.22 23.23 31.60
N TYR F 69 -30.82 24.43 31.16
CA TYR F 69 -30.04 25.29 32.05
C TYR F 69 -30.75 26.60 32.39
N MET F 70 -31.17 27.39 31.41
CA MET F 70 -31.77 28.70 31.65
C MET F 70 -30.79 29.69 32.26
N HIS F 71 -30.80 30.93 31.76
CA HIS F 71 -30.00 32.01 32.31
C HIS F 71 -30.91 32.95 33.11
N VAL F 72 -30.40 33.41 34.25
CA VAL F 72 -31.19 34.22 35.18
C VAL F 72 -30.39 35.45 35.57
N ARG F 73 -31.03 36.61 35.53
CA ARG F 73 -30.47 37.87 36.04
C ARG F 73 -31.37 38.33 37.18
N PHE F 74 -30.88 38.21 38.41
CA PHE F 74 -31.67 38.48 39.60
C PHE F 74 -30.98 39.52 40.48
N SER F 75 -31.80 40.30 41.18
CA SER F 75 -31.32 41.22 42.19
C SER F 75 -31.47 40.56 43.56
N ALA F 76 -30.48 40.74 44.42
CA ALA F 76 -30.52 40.15 45.74
C ALA F 76 -29.84 41.10 46.72
N VAL F 77 -30.27 41.05 47.98
CA VAL F 77 -29.74 41.92 49.01
C VAL F 77 -28.50 41.27 49.63
N VAL F 78 -27.41 42.02 49.71
CA VAL F 78 -26.13 41.50 50.13
C VAL F 78 -25.61 42.33 51.30
N SER F 79 -24.67 41.77 52.04
CA SER F 79 -23.98 42.50 53.11
C SER F 79 -22.63 42.96 52.57
N TYR F 80 -22.67 43.97 51.70
CA TYR F 80 -21.46 44.52 51.09
C TYR F 80 -20.75 45.44 52.06
N SER F 137 -6.51 44.07 54.72
CA SER F 137 -7.66 43.19 54.59
C SER F 137 -8.95 43.97 54.48
N SER F 138 -9.29 44.38 53.25
CA SER F 138 -10.53 45.12 53.04
C SER F 138 -11.72 44.25 53.42
N VAL F 139 -11.96 43.18 52.66
CA VAL F 139 -12.99 42.19 52.98
C VAL F 139 -12.79 40.98 52.09
N TYR F 140 -13.08 39.79 52.61
CA TYR F 140 -12.87 38.54 51.88
C TYR F 140 -14.16 37.75 51.85
N TYR F 141 -15.00 37.99 50.83
CA TYR F 141 -16.13 37.13 50.54
C TYR F 141 -15.64 35.94 49.71
N ILE F 142 -15.05 34.98 50.41
CA ILE F 142 -14.57 33.76 49.76
C ILE F 142 -15.79 33.01 49.25
N PRO F 143 -15.86 32.72 47.95
CA PRO F 143 -17.09 32.13 47.40
C PRO F 143 -17.37 30.75 47.95
N GLY F 144 -18.66 30.42 48.03
CA GLY F 144 -19.10 29.15 48.54
C GLY F 144 -19.23 29.07 50.05
N ARG F 145 -18.87 30.12 50.77
CA ARG F 145 -18.91 30.12 52.22
C ARG F 145 -20.12 30.91 52.72
N GLN F 146 -20.60 30.54 53.90
CA GLN F 146 -21.79 31.16 54.50
C GLN F 146 -21.46 32.32 55.42
N GLN F 147 -20.21 32.73 55.51
CA GLN F 147 -19.82 33.88 56.33
C GLN F 147 -18.60 34.55 55.72
N ALA F 148 -18.53 35.87 55.84
CA ALA F 148 -17.36 36.61 55.41
C ALA F 148 -16.34 36.69 56.54
N SER F 149 -15.16 37.22 56.22
CA SER F 149 -14.13 37.40 57.24
C SER F 149 -13.09 38.39 56.75
N ALA F 150 -12.87 39.44 57.54
CA ALA F 150 -11.82 40.41 57.26
C ALA F 150 -11.07 40.72 58.56
N THR F 151 -10.66 39.66 59.27
CA THR F 151 -9.96 39.79 60.54
C THR F 151 -8.67 40.60 60.42
N MET G 1 43.95 18.66 -25.41
CA MET G 1 44.55 18.95 -24.12
C MET G 1 45.90 19.67 -24.23
N LYS G 2 46.03 20.75 -23.48
CA LYS G 2 47.28 21.47 -23.33
C LYS G 2 47.87 21.17 -21.97
N ILE G 3 49.06 20.57 -21.96
CA ILE G 3 49.78 20.26 -20.74
C ILE G 3 51.07 21.08 -20.70
N CYS G 4 51.47 21.49 -19.51
CA CYS G 4 52.69 22.26 -19.37
C CYS G 4 53.89 21.39 -19.67
N LYS G 5 54.79 21.88 -20.52
CA LYS G 5 55.93 21.06 -20.95
C LYS G 5 56.84 20.75 -19.77
N ALA G 6 57.03 21.71 -18.86
CA ALA G 6 57.97 21.52 -17.77
C ALA G 6 57.43 20.57 -16.70
N CYS G 7 56.18 20.75 -16.29
CA CYS G 7 55.67 20.03 -15.14
C CYS G 7 54.43 19.18 -15.44
N SER G 8 54.04 19.06 -16.71
CA SER G 8 52.94 18.18 -17.13
C SER G 8 51.66 18.43 -16.33
N SER G 9 51.28 19.68 -16.17
CA SER G 9 50.05 20.02 -15.47
C SER G 9 49.06 20.65 -16.44
N CYS G 10 47.79 20.67 -16.02
CA CYS G 10 46.75 21.26 -16.85
C CYS G 10 46.91 22.78 -16.91
N MET G 11 46.82 23.32 -18.12
CA MET G 11 47.02 24.74 -18.38
C MET G 11 45.70 25.37 -18.80
N VAL G 12 45.26 26.38 -18.06
CA VAL G 12 43.99 27.07 -18.32
C VAL G 12 44.09 27.80 -19.65
N ARG G 13 42.93 28.23 -20.17
CA ARG G 13 42.90 28.86 -21.50
C ARG G 13 43.13 30.36 -21.46
N THR G 14 42.44 31.09 -20.56
CA THR G 14 42.70 32.52 -20.36
C THR G 14 42.53 33.31 -21.67
N TYR G 15 41.28 33.41 -22.09
CA TYR G 15 40.96 33.98 -23.40
C TYR G 15 41.25 35.48 -23.42
N VAL G 16 42.53 35.85 -23.43
CA VAL G 16 42.93 37.24 -23.52
C VAL G 16 44.19 37.32 -24.36
N ASP G 17 44.26 38.34 -25.22
CA ASP G 17 43.19 39.30 -25.47
C ASP G 17 42.65 39.15 -26.88
N GLY G 18 43.52 39.28 -27.87
CA GLY G 18 43.14 39.00 -29.24
C GLY G 18 43.57 37.60 -29.63
N ASN G 19 44.45 37.02 -28.81
CA ASN G 19 44.94 35.67 -29.00
C ASN G 19 44.71 34.87 -27.73
N ILE G 20 45.06 33.59 -27.79
CA ILE G 20 44.88 32.68 -26.67
C ILE G 20 46.25 32.18 -26.21
N ILE G 21 46.55 32.38 -24.93
CA ILE G 21 47.78 31.87 -24.33
C ILE G 21 47.43 30.94 -23.18
N PHE G 22 48.00 29.73 -23.19
CA PHE G 22 47.74 28.76 -22.15
C PHE G 22 48.73 28.96 -21.01
N ARG G 23 48.22 29.24 -19.83
CA ARG G 23 49.06 29.59 -18.69
C ARG G 23 48.98 28.52 -17.63
N CYS G 24 50.14 28.06 -17.18
CA CYS G 24 50.22 27.02 -16.15
C CYS G 24 50.23 27.66 -14.76
N SER G 25 50.22 26.81 -13.74
CA SER G 25 50.37 27.31 -12.39
C SER G 25 51.82 27.57 -12.03
N CYS G 26 52.76 27.10 -12.85
CA CYS G 26 54.17 27.39 -12.67
C CYS G 26 54.64 28.54 -13.55
N GLY G 27 53.73 29.16 -14.32
CA GLY G 27 54.05 30.33 -15.09
C GLY G 27 54.30 30.10 -16.57
N GLU G 28 54.47 28.85 -17.00
CA GLU G 28 54.79 28.59 -18.40
C GLU G 28 53.60 28.95 -19.29
N SER G 29 53.90 29.59 -20.41
CA SER G 29 52.90 29.96 -21.41
C SER G 29 53.36 29.49 -22.77
N VAL G 30 52.42 28.98 -23.58
CA VAL G 30 52.79 28.24 -24.78
C VAL G 30 52.06 28.81 -25.99
N GLN G 31 51.32 29.91 -25.79
CA GLN G 31 50.62 30.58 -26.88
C GLN G 31 49.59 29.68 -27.55
N GLY G 32 49.10 30.08 -28.71
CA GLY G 32 48.12 29.32 -29.45
C GLY G 32 48.03 29.73 -30.90
N ASP G 33 47.83 28.76 -31.80
CA ASP G 33 47.80 29.02 -33.23
C ASP G 33 46.63 28.30 -33.87
N SER G 34 45.69 29.08 -34.43
CA SER G 34 44.60 28.55 -35.24
C SER G 34 43.77 27.49 -34.52
N GLN G 35 44.28 26.26 -34.48
CA GLN G 35 43.50 25.14 -33.99
C GLN G 35 43.20 25.22 -32.50
N ASN G 36 43.84 26.12 -31.76
CA ASN G 36 43.54 26.31 -30.35
C ASN G 36 42.38 27.26 -30.11
N LEU G 37 41.84 27.88 -31.16
CA LEU G 37 40.89 28.98 -31.00
C LEU G 37 39.44 28.53 -30.90
N LEU G 38 39.17 27.23 -30.88
CA LEU G 38 37.83 26.75 -30.61
C LEU G 38 37.58 26.69 -29.11
N VAL G 39 36.46 27.24 -28.68
CA VAL G 39 36.11 27.29 -27.26
C VAL G 39 35.23 26.13 -26.85
N SER G 40 34.07 25.99 -27.50
CA SER G 40 33.16 24.90 -27.20
C SER G 40 32.22 24.71 -28.38
N SER G 41 31.68 23.51 -28.49
CA SER G 41 30.71 23.21 -29.52
C SER G 41 29.81 22.08 -29.04
N LYS G 42 28.63 22.00 -29.64
CA LYS G 42 27.69 20.91 -29.33
C LYS G 42 26.93 20.62 -30.62
N VAL G 43 27.35 19.59 -31.33
CA VAL G 43 26.75 19.24 -32.61
C VAL G 43 25.45 18.49 -32.36
N TYR G 44 24.45 18.75 -33.19
CA TYR G 44 23.16 18.09 -33.04
C TYR G 44 23.02 16.97 -34.05
N HIS G 45 23.28 15.75 -33.58
CA HIS G 45 23.08 14.54 -34.35
C HIS G 45 22.92 13.38 -33.36
N THR G 46 21.70 12.87 -33.22
CA THR G 46 21.42 11.87 -32.19
C THR G 46 21.93 10.51 -32.67
N GLY G 47 23.23 10.46 -32.92
CA GLY G 47 23.86 9.24 -33.38
C GLY G 47 25.15 8.91 -32.66
N GLU G 48 25.18 7.77 -31.98
CA GLU G 48 26.39 7.24 -31.40
C GLU G 48 26.68 5.82 -31.85
N MET G 49 25.87 5.28 -32.76
CA MET G 49 26.06 3.90 -33.23
C MET G 49 27.46 3.68 -33.78
N GLU G 50 28.08 4.73 -34.32
CA GLU G 50 29.42 4.60 -34.88
C GLU G 50 30.48 4.29 -33.82
N ASP G 51 30.27 4.71 -32.58
CA ASP G 51 31.26 4.44 -31.55
C ASP G 51 30.66 3.81 -30.31
N LYS G 52 29.41 4.11 -29.99
CA LYS G 52 28.79 3.55 -28.79
C LYS G 52 28.64 2.04 -28.92
N TYR G 53 28.24 1.56 -30.09
CA TYR G 53 27.98 0.14 -30.31
C TYR G 53 29.06 -0.54 -31.14
N LYS G 54 30.17 0.14 -31.40
CA LYS G 54 31.20 -0.44 -32.26
C LYS G 54 31.69 -1.78 -31.72
N ILE G 55 32.01 -1.82 -30.42
CA ILE G 55 32.42 -3.08 -29.80
C ILE G 55 31.29 -4.10 -29.86
N PHE G 56 30.07 -3.65 -29.55
CA PHE G 56 28.93 -4.56 -29.56
C PHE G 56 28.65 -5.09 -30.96
N ILE G 57 28.71 -4.21 -31.97
CA ILE G 57 28.44 -4.65 -33.34
C ILE G 57 29.53 -5.61 -33.81
N LYS G 58 30.78 -5.38 -33.42
CA LYS G 58 31.83 -6.31 -33.77
C LYS G 58 31.62 -7.67 -33.12
N ASN G 59 31.25 -7.67 -31.83
CA ASN G 59 31.11 -8.92 -31.10
C ASN G 59 29.81 -9.66 -31.41
N ALA G 60 28.84 -8.98 -32.00
CA ALA G 60 27.51 -9.57 -32.18
C ALA G 60 27.49 -10.92 -32.88
N PRO G 61 28.21 -11.16 -33.98
CA PRO G 61 28.12 -12.47 -34.62
C PRO G 61 28.57 -13.62 -33.73
N PHE G 62 29.35 -13.33 -32.69
CA PHE G 62 29.76 -14.35 -31.73
C PHE G 62 28.85 -14.43 -30.52
N ASP G 63 27.91 -13.51 -30.39
CA ASP G 63 26.99 -13.53 -29.28
C ASP G 63 25.92 -14.57 -29.52
N PRO G 64 25.79 -15.59 -28.67
CA PRO G 64 24.77 -16.62 -28.92
C PRO G 64 23.36 -16.13 -28.67
N THR G 65 23.19 -15.07 -27.91
CA THR G 65 21.87 -14.57 -27.57
C THR G 65 21.28 -13.64 -28.61
N ASN G 66 22.03 -13.31 -29.66
CA ASN G 66 21.53 -12.40 -30.67
C ASN G 66 20.55 -13.12 -31.62
N CYS G 67 19.58 -12.36 -32.10
CA CYS G 67 18.61 -12.90 -33.03
C CYS G 67 19.26 -13.14 -34.37
N GLN G 68 18.89 -14.25 -35.01
CA GLN G 68 19.37 -14.60 -36.33
C GLN G 68 18.20 -14.65 -37.30
N ILE G 69 18.49 -14.41 -38.58
CA ILE G 69 17.50 -14.50 -39.64
C ILE G 69 18.06 -15.35 -40.77
N LYS G 70 17.15 -15.91 -41.56
CA LYS G 70 17.52 -16.82 -42.64
C LYS G 70 17.84 -16.02 -43.89
N LYS G 71 19.06 -15.49 -43.96
CA LYS G 71 19.53 -14.80 -45.14
C LYS G 71 20.97 -15.21 -45.43
N ASP G 72 21.35 -15.10 -46.69
CA ASP G 72 22.68 -15.52 -47.12
C ASP G 72 23.66 -14.37 -46.99
N CYS G 73 24.84 -14.66 -46.45
CA CYS G 73 25.89 -13.67 -46.32
C CYS G 73 26.57 -13.46 -47.67
N PRO G 74 26.59 -12.24 -48.21
CA PRO G 74 27.24 -12.04 -49.52
C PRO G 74 28.71 -12.40 -49.55
N ASN G 75 29.39 -12.38 -48.41
CA ASN G 75 30.83 -12.62 -48.42
C ASN G 75 31.17 -14.10 -48.31
N CYS G 76 30.61 -14.80 -47.33
CA CYS G 76 30.94 -16.18 -47.07
C CYS G 76 29.82 -17.17 -47.39
N HIS G 77 28.62 -16.67 -47.68
CA HIS G 77 27.49 -17.50 -48.13
C HIS G 77 27.04 -18.51 -47.07
N LEU G 78 27.19 -18.15 -45.79
CA LEU G 78 26.39 -18.81 -44.76
C LEU G 78 24.93 -18.43 -44.96
N ASP G 79 24.03 -19.36 -44.67
CA ASP G 79 22.62 -19.12 -44.92
C ASP G 79 21.90 -18.50 -43.72
N TYR G 80 22.60 -18.30 -42.61
CA TYR G 80 22.03 -17.62 -41.46
C TYR G 80 22.85 -16.37 -41.16
N LEU G 81 22.20 -15.39 -40.54
CA LEU G 81 22.81 -14.09 -40.33
C LEU G 81 22.21 -13.46 -39.08
N THR G 82 23.07 -12.91 -38.22
CA THR G 82 22.60 -12.29 -37.00
C THR G 82 22.15 -10.86 -37.26
N GLN G 83 21.03 -10.48 -36.66
CA GLN G 83 20.35 -9.23 -36.95
C GLN G 83 20.36 -8.34 -35.72
N ILE G 84 20.84 -7.12 -35.87
CA ILE G 84 20.93 -6.15 -34.80
C ILE G 84 19.99 -4.99 -35.10
N CYS G 85 19.31 -4.51 -34.08
CA CYS G 85 18.44 -3.35 -34.20
C CYS G 85 18.85 -2.34 -33.14
N ILE G 86 19.32 -1.16 -33.57
CA ILE G 86 20.04 -0.24 -32.71
C ILE G 86 19.32 1.09 -32.67
N GLY G 87 19.16 1.64 -31.46
CA GLY G 87 18.80 3.02 -31.29
C GLY G 87 17.32 3.31 -31.40
N SER G 88 17.00 4.59 -31.20
CA SER G 88 15.63 5.05 -31.34
C SER G 88 15.14 4.97 -32.78
N GLN G 89 16.03 5.21 -33.74
CA GLN G 89 15.65 5.09 -35.14
C GLN G 89 15.43 3.64 -35.55
N LYS G 90 15.75 2.69 -34.68
CA LYS G 90 15.54 1.27 -34.93
C LYS G 90 16.27 0.84 -36.20
N ILE G 91 17.54 1.24 -36.27
CA ILE G 91 18.39 0.90 -37.41
C ILE G 91 18.69 -0.59 -37.36
N ILE G 92 18.42 -1.28 -38.45
CA ILE G 92 18.64 -2.72 -38.55
C ILE G 92 19.98 -2.95 -39.23
N ILE G 93 20.87 -3.67 -38.56
CA ILE G 93 22.20 -3.98 -39.07
C ILE G 93 22.34 -5.49 -39.13
N LEU G 94 22.80 -5.99 -40.27
CA LEU G 94 23.03 -7.41 -40.48
C LEU G 94 24.53 -7.64 -40.51
N VAL G 95 25.00 -8.55 -39.65
CA VAL G 95 26.42 -8.83 -39.53
C VAL G 95 26.64 -10.34 -39.55
N CYS G 96 27.89 -10.73 -39.75
CA CYS G 96 28.25 -12.13 -39.82
C CYS G 96 29.64 -12.33 -39.22
N ARG G 97 29.93 -13.59 -38.85
CA ARG G 97 31.21 -13.90 -38.26
C ARG G 97 32.38 -13.75 -39.22
N CYS G 98 32.10 -13.59 -40.51
CA CYS G 98 33.14 -13.39 -41.51
C CYS G 98 33.55 -11.93 -41.66
N GLY G 99 32.91 -11.02 -40.94
CA GLY G 99 33.21 -9.61 -41.04
C GLY G 99 32.23 -8.79 -41.85
N TYR G 100 31.29 -9.45 -42.53
CA TYR G 100 30.30 -8.73 -43.31
C TYR G 100 29.49 -7.79 -42.41
N MET G 101 29.20 -6.60 -42.93
CA MET G 101 28.58 -5.55 -42.14
C MET G 101 27.37 -4.88 -42.78
N SER G 102 27.01 -5.23 -44.01
CA SER G 102 25.78 -4.77 -44.65
C SER G 102 25.70 -3.25 -44.71
N ASN G 103 26.79 -2.63 -45.18
CA ASN G 103 26.82 -1.21 -45.52
C ASN G 103 26.62 -0.29 -44.32
N ARG G 104 26.44 -0.85 -43.12
CA ARG G 104 26.28 -0.06 -41.92
C ARG G 104 27.35 -0.47 -40.91
N GLY G 105 27.99 0.54 -40.33
CA GLY G 105 29.03 0.31 -39.34
C GLY G 105 30.41 0.17 -39.95
N MET H 1 -4.49 -37.95 11.00
CA MET H 1 -3.24 -38.68 11.20
C MET H 1 -3.38 -40.12 10.72
N LEU H 2 -4.60 -40.51 10.38
CA LEU H 2 -4.87 -41.84 9.87
C LEU H 2 -6.05 -41.74 8.90
N ILE H 3 -6.27 -42.83 8.16
CA ILE H 3 -7.46 -42.88 7.31
C ILE H 3 -8.69 -42.73 8.18
N PRO H 4 -9.64 -41.85 7.85
CA PRO H 4 -10.75 -41.59 8.75
C PRO H 4 -11.61 -42.82 8.95
N VAL H 5 -12.27 -42.88 10.11
CA VAL H 5 -13.13 -44.01 10.43
C VAL H 5 -14.26 -44.11 9.41
N VAL H 6 -14.84 -42.99 9.04
CA VAL H 6 -15.87 -42.93 8.02
C VAL H 6 -15.47 -41.86 7.00
N CYS H 7 -15.95 -42.04 5.78
CA CYS H 7 -15.75 -41.01 4.76
C CYS H 7 -16.32 -39.69 5.26
N PHE H 8 -15.51 -38.64 5.17
CA PHE H 8 -15.94 -37.34 5.69
C PHE H 8 -17.24 -36.90 5.04
N THR H 9 -17.32 -37.03 3.72
CA THR H 9 -18.43 -36.48 2.96
C THR H 9 -19.75 -37.15 3.32
N CYS H 10 -19.79 -38.48 3.26
CA CYS H 10 -21.05 -39.21 3.35
C CYS H 10 -21.19 -40.06 4.60
N GLY H 11 -20.11 -40.53 5.19
CA GLY H 11 -20.18 -41.31 6.40
C GLY H 11 -20.12 -42.80 6.21
N PHE H 12 -19.86 -43.27 5.00
CA PHE H 12 -19.67 -44.70 4.79
C PHE H 12 -18.41 -45.14 5.51
N PRO H 13 -18.46 -46.22 6.30
CA PRO H 13 -17.30 -46.58 7.13
C PRO H 13 -16.16 -47.21 6.35
N ILE H 14 -15.37 -46.37 5.69
CA ILE H 14 -14.16 -46.85 5.04
C ILE H 14 -13.09 -47.23 6.05
N GLY H 15 -13.23 -46.80 7.30
CA GLY H 15 -12.23 -47.13 8.29
C GLY H 15 -12.12 -48.61 8.57
N THR H 16 -13.19 -49.36 8.31
CA THR H 16 -13.14 -50.81 8.45
C THR H 16 -12.10 -51.40 7.51
N TYR H 17 -12.12 -50.96 6.26
CA TYR H 17 -11.25 -51.50 5.23
C TYR H 17 -9.93 -50.76 5.13
N ALA H 18 -9.73 -49.74 5.95
CA ALA H 18 -8.49 -48.98 5.89
C ALA H 18 -7.28 -49.87 6.13
N ALA H 19 -7.16 -50.42 7.34
CA ALA H 19 -5.95 -51.13 7.73
C ALA H 19 -5.60 -52.24 6.73
N ILE H 20 -6.62 -52.89 6.16
CA ILE H 20 -6.36 -53.85 5.09
C ILE H 20 -5.86 -53.13 3.84
N PHE H 21 -6.41 -51.95 3.56
CA PHE H 21 -6.07 -51.25 2.33
C PHE H 21 -4.65 -50.73 2.33
N ASP H 22 -4.15 -50.25 3.48
CA ASP H 22 -2.77 -49.79 3.50
C ASP H 22 -1.81 -50.90 3.10
N LYS H 23 -1.94 -52.06 3.73
CA LYS H 23 -1.03 -53.16 3.41
C LYS H 23 -1.23 -53.66 1.99
N ALA H 24 -2.49 -53.77 1.55
CA ALA H 24 -2.73 -54.24 0.19
C ALA H 24 -2.17 -53.26 -0.84
N ARG H 25 -2.32 -51.96 -0.59
CA ARG H 25 -1.76 -50.96 -1.48
C ARG H 25 -0.25 -51.02 -1.50
N THR H 26 0.37 -51.22 -0.34
CA THR H 26 1.83 -51.36 -0.29
C THR H 26 2.27 -52.55 -1.13
N GLU H 27 1.59 -53.68 -0.98
CA GLU H 27 1.95 -54.86 -1.75
C GLU H 27 1.77 -54.63 -3.24
N TYR H 28 0.70 -53.94 -3.64
CA TYR H 28 0.46 -53.71 -5.06
C TYR H 28 1.47 -52.74 -5.65
N ILE H 29 1.82 -51.69 -4.91
CA ILE H 29 2.88 -50.78 -5.34
C ILE H 29 4.20 -51.53 -5.51
N LYS H 30 4.49 -52.46 -4.61
CA LYS H 30 5.71 -53.26 -4.72
C LYS H 30 5.80 -53.92 -6.08
N THR H 31 4.70 -54.50 -6.57
CA THR H 31 4.72 -55.17 -7.85
C THR H 31 4.71 -54.19 -9.02
N LYS H 32 3.99 -53.09 -8.92
CA LYS H 32 3.90 -52.15 -10.03
C LYS H 32 5.10 -51.23 -10.15
N MET H 33 5.93 -51.13 -9.13
CA MET H 33 7.12 -50.30 -9.24
C MET H 33 8.20 -51.03 -10.02
N GLY H 34 9.29 -50.32 -10.29
CA GLY H 34 10.41 -50.93 -10.98
C GLY H 34 11.73 -50.51 -10.38
N GLY H 35 12.69 -50.16 -11.23
CA GLY H 35 13.94 -49.60 -10.77
C GLY H 35 13.76 -48.16 -10.35
N THR H 36 12.99 -47.93 -9.30
CA THR H 36 12.65 -46.58 -8.87
C THR H 36 12.60 -46.56 -7.34
N LEU H 37 13.31 -45.61 -6.75
CA LEU H 37 13.33 -45.52 -5.30
C LEU H 37 11.96 -45.10 -4.78
N PRO H 38 11.64 -45.44 -3.52
CA PRO H 38 10.33 -45.08 -2.98
C PRO H 38 10.03 -43.59 -3.01
N GLN H 39 11.04 -42.76 -2.71
CA GLN H 39 10.82 -41.31 -2.73
C GLN H 39 10.71 -40.77 -4.14
N ASN H 40 11.00 -41.56 -5.16
CA ASN H 40 10.86 -41.17 -6.54
C ASN H 40 9.65 -41.79 -7.22
N ILE H 41 8.86 -42.58 -6.49
CA ILE H 41 7.64 -43.15 -7.07
C ILE H 41 6.68 -42.07 -7.55
N PRO H 42 6.40 -40.99 -6.79
CA PRO H 42 5.50 -39.95 -7.31
C PRO H 42 6.17 -39.07 -8.36
N LEU H 43 7.29 -39.54 -8.90
CA LEU H 43 8.00 -38.83 -9.95
C LEU H 43 8.14 -39.63 -11.23
N ASP H 44 7.78 -40.91 -11.24
CA ASP H 44 8.00 -41.75 -12.41
C ASP H 44 7.01 -41.39 -13.51
N ALA H 45 7.53 -41.16 -14.71
CA ALA H 45 6.70 -40.83 -15.87
C ALA H 45 6.21 -42.06 -16.62
N SER H 46 6.62 -43.26 -16.22
CA SER H 46 6.23 -44.49 -16.87
C SER H 46 5.59 -45.44 -15.86
N LEU H 47 4.93 -44.86 -14.87
CA LEU H 47 4.37 -45.60 -13.74
C LEU H 47 2.89 -45.25 -13.62
N GLN H 48 2.04 -46.27 -13.59
CA GLN H 48 0.60 -46.08 -13.44
C GLN H 48 0.04 -47.13 -12.48
N ILE H 49 -0.52 -46.66 -11.38
CA ILE H 49 -1.03 -47.54 -10.33
C ILE H 49 -2.49 -47.17 -10.10
N GLU H 50 -3.38 -48.08 -10.50
CA GLU H 50 -4.82 -47.92 -10.34
C GLU H 50 -5.29 -48.82 -9.21
N LEU H 51 -5.93 -48.24 -8.22
CA LEU H 51 -6.44 -48.98 -7.08
C LEU H 51 -7.93 -49.28 -7.19
N LYS H 52 -8.51 -49.09 -8.38
CA LYS H 52 -9.94 -49.29 -8.54
C LYS H 52 -10.37 -50.69 -8.17
N ASP H 53 -9.72 -51.70 -8.76
CA ASP H 53 -10.11 -53.08 -8.50
C ASP H 53 -9.82 -53.48 -7.06
N LEU H 54 -8.73 -52.97 -6.49
CA LEU H 54 -8.39 -53.27 -5.11
C LEU H 54 -9.47 -52.77 -4.16
N ILE H 55 -9.87 -51.52 -4.31
CA ILE H 55 -10.91 -50.95 -3.45
C ILE H 55 -12.24 -51.66 -3.70
N THR H 56 -12.54 -51.99 -4.95
CA THR H 56 -13.76 -52.71 -5.25
C THR H 56 -13.79 -54.06 -4.55
N ALA H 57 -12.65 -54.78 -4.56
CA ALA H 57 -12.56 -56.03 -3.83
C ALA H 57 -12.69 -55.80 -2.33
N LEU H 58 -12.36 -54.61 -1.86
CA LEU H 58 -12.60 -54.30 -0.45
C LEU H 58 -14.08 -54.13 -0.14
N GLY H 59 -14.94 -54.08 -1.14
CA GLY H 59 -16.36 -53.91 -0.94
C GLY H 59 -16.82 -52.47 -0.89
N ILE H 60 -15.93 -51.51 -1.09
CA ILE H 60 -16.31 -50.09 -1.09
C ILE H 60 -16.93 -49.73 -2.43
N PRO H 61 -18.12 -49.11 -2.43
CA PRO H 61 -18.82 -48.86 -3.70
C PRO H 61 -18.11 -47.83 -4.56
N MET H 62 -18.66 -47.64 -5.75
CA MET H 62 -18.12 -46.70 -6.74
C MET H 62 -18.47 -45.26 -6.36
N ARG H 63 -18.06 -44.87 -5.17
CA ARG H 63 -18.35 -43.54 -4.65
C ARG H 63 -17.10 -42.67 -4.72
N VAL H 64 -17.25 -41.47 -5.28
CA VAL H 64 -16.11 -40.57 -5.42
C VAL H 64 -15.56 -40.20 -4.05
N CYS H 65 -16.46 -39.89 -3.11
CA CYS H 65 -16.04 -39.42 -1.79
C CYS H 65 -15.23 -40.48 -1.06
N CYS H 66 -15.77 -41.70 -0.97
CA CYS H 66 -15.12 -42.75 -0.17
C CYS H 66 -13.78 -43.13 -0.75
N ARG H 67 -13.70 -43.28 -2.08
CA ARG H 67 -12.43 -43.65 -2.70
C ARG H 67 -11.42 -42.53 -2.58
N THR H 68 -11.86 -41.28 -2.74
CA THR H 68 -10.95 -40.15 -2.55
C THR H 68 -10.34 -40.16 -1.16
N HIS H 69 -11.19 -40.24 -0.14
CA HIS H 69 -10.69 -40.15 1.23
C HIS H 69 -9.97 -41.41 1.67
N LEU H 70 -10.17 -42.53 0.95
CA LEU H 70 -9.40 -43.72 1.25
C LEU H 70 -8.00 -43.63 0.65
N ILE H 71 -7.91 -43.30 -0.64
CA ILE H 71 -6.62 -43.36 -1.31
C ILE H 71 -5.76 -42.14 -1.03
N THR H 72 -6.34 -41.06 -0.49
CA THR H 72 -5.57 -39.83 -0.36
C THR H 72 -5.15 -39.49 1.07
N THR H 73 -5.85 -40.01 2.08
CA THR H 73 -5.57 -39.59 3.45
C THR H 73 -4.18 -40.02 3.88
N LEU H 74 -3.43 -39.06 4.44
CA LEU H 74 -2.07 -39.32 4.89
C LEU H 74 -2.07 -40.08 6.21
N ASP H 75 -1.04 -40.90 6.40
CA ASP H 75 -0.85 -41.67 7.61
C ASP H 75 0.30 -41.06 8.40
N TYR H 76 0.06 -40.74 9.67
CA TYR H 76 1.11 -40.14 10.48
C TYR H 76 2.24 -41.11 10.75
N ARG H 77 1.93 -42.40 10.92
CA ARG H 77 2.96 -43.39 11.17
C ARG H 77 3.95 -43.50 10.01
N LYS H 78 3.56 -43.06 8.82
CA LYS H 78 4.42 -43.18 7.66
C LYS H 78 5.44 -42.04 7.59
N TYR H 79 5.08 -40.86 8.10
CA TYR H 79 5.96 -39.71 8.00
C TYR H 79 6.71 -39.43 9.29
N TYR H 80 6.06 -39.60 10.44
CA TYR H 80 6.75 -39.45 11.71
C TYR H 80 7.39 -40.77 12.14
N ASP I 1 19.41 -27.08 45.02
CA ASP I 1 19.64 -28.40 45.61
C ASP I 1 18.91 -29.48 44.82
N THR I 2 17.95 -30.13 45.48
CA THR I 2 17.26 -31.26 44.84
C THR I 2 16.09 -30.78 43.98
N LYS I 3 15.43 -29.69 44.37
CA LYS I 3 14.25 -29.25 43.64
C LYS I 3 14.60 -28.75 42.24
N VAL I 4 15.60 -27.86 42.15
CA VAL I 4 15.99 -27.32 40.86
C VAL I 4 16.60 -28.42 39.98
N LEU I 5 17.36 -29.33 40.60
CA LEU I 5 17.90 -30.46 39.86
C LEU I 5 16.78 -31.33 39.30
N LEU I 6 15.76 -31.59 40.12
CA LEU I 6 14.64 -32.39 39.64
C LEU I 6 13.96 -31.74 38.46
N THR I 7 13.71 -30.42 38.55
CA THR I 7 13.09 -29.72 37.44
C THR I 7 13.95 -29.82 36.18
N GLU I 8 15.24 -29.47 36.30
CA GLU I 8 16.11 -29.46 35.14
C GLU I 8 16.20 -30.84 34.50
N ILE I 9 16.46 -31.87 35.30
CA ILE I 9 16.59 -33.22 34.76
C ILE I 9 15.28 -33.70 34.15
N LEU I 10 14.16 -33.48 34.82
CA LEU I 10 12.87 -33.88 34.26
C LEU I 10 12.62 -33.20 32.92
N LEU I 11 13.21 -32.03 32.71
CA LEU I 11 12.93 -31.30 31.47
C LEU I 11 13.91 -31.61 30.35
N ASP I 12 15.02 -32.29 30.62
CA ASP I 12 15.92 -32.67 29.54
C ASP I 12 15.22 -33.64 28.58
N PRO I 13 15.45 -33.52 27.28
CA PRO I 13 15.02 -34.58 26.36
C PRO I 13 15.65 -35.93 26.67
N MET I 14 16.90 -35.91 27.14
CA MET I 14 17.60 -37.15 27.48
C MET I 14 16.86 -37.94 28.56
N TYR I 15 16.29 -37.26 29.55
CA TYR I 15 15.52 -37.95 30.56
C TYR I 15 14.32 -38.65 29.96
N ASP I 16 13.60 -37.97 29.05
CA ASP I 16 12.46 -38.59 28.41
C ASP I 16 12.87 -39.82 27.60
N TYR I 17 13.97 -39.70 26.85
CA TYR I 17 14.42 -40.82 26.04
C TYR I 17 14.79 -42.02 26.90
N ALA I 18 15.60 -41.78 27.94
CA ALA I 18 16.02 -42.88 28.80
C ALA I 18 14.83 -43.49 29.54
N ALA I 19 13.90 -42.65 30.00
CA ALA I 19 12.73 -43.16 30.71
C ALA I 19 11.85 -44.00 29.79
N THR I 20 11.69 -43.58 28.54
CA THR I 20 10.84 -44.37 27.64
C THR I 20 11.53 -45.66 27.24
N VAL I 21 12.87 -45.67 27.13
CA VAL I 21 13.57 -46.93 26.88
C VAL I 21 13.43 -47.85 28.09
N ALA I 22 13.48 -47.28 29.30
CA ALA I 22 13.26 -48.09 30.50
C ALA I 22 11.86 -48.66 30.53
N ARG I 23 10.86 -47.85 30.15
CA ARG I 23 9.50 -48.34 30.07
C ARG I 23 9.38 -49.49 29.07
N ILE I 24 10.07 -49.37 27.94
CA ILE I 24 10.05 -50.44 26.93
C ILE I 24 10.60 -51.74 27.51
N ASP I 25 11.68 -51.64 28.27
CA ASP I 25 12.30 -52.81 28.90
C ASP I 25 11.69 -53.16 30.24
N GLY I 26 10.64 -52.47 30.64
CA GLY I 26 9.87 -52.82 31.83
C GLY I 26 10.62 -52.69 33.13
N SER I 27 11.49 -51.69 33.24
CA SER I 27 12.18 -51.40 34.48
C SER I 27 11.49 -50.30 35.29
N ILE I 28 10.89 -49.32 34.62
CA ILE I 28 10.12 -48.29 35.30
C ILE I 28 8.66 -48.45 34.91
N PRO I 29 7.71 -48.12 35.77
CA PRO I 29 6.30 -48.26 35.41
C PRO I 29 5.93 -47.34 34.26
N MET I 30 4.99 -47.79 33.44
CA MET I 30 4.51 -46.97 32.35
C MET I 30 3.57 -45.86 32.81
N HIS I 31 3.20 -45.83 34.09
CA HIS I 31 2.65 -44.60 34.63
C HIS I 31 3.74 -43.54 34.69
N LYS I 32 3.32 -42.30 34.81
CA LYS I 32 4.26 -41.22 35.10
C LYS I 32 4.17 -40.93 36.59
N PRO I 33 5.29 -40.78 37.30
CA PRO I 33 5.28 -40.91 38.76
C PRO I 33 4.13 -40.19 39.44
N ARG I 34 3.23 -40.97 40.03
CA ARG I 34 2.00 -40.43 40.59
C ARG I 34 2.21 -39.72 41.91
N THR I 35 3.17 -40.16 42.72
CA THR I 35 3.43 -39.58 44.01
C THR I 35 4.94 -39.60 44.23
N PRO I 36 5.53 -38.51 44.69
CA PRO I 36 6.95 -38.53 45.01
C PRO I 36 7.30 -39.60 46.04
N LYS I 37 7.99 -40.63 45.55
CA LYS I 37 8.32 -41.87 46.23
C LYS I 37 8.56 -42.88 45.12
N GLU I 38 7.68 -42.83 44.12
CA GLU I 38 7.90 -43.48 42.84
C GLU I 38 8.71 -42.59 41.90
N ALA I 39 8.63 -41.28 42.09
CA ALA I 39 9.46 -40.36 41.31
C ALA I 39 10.94 -40.60 41.61
N GLU I 40 11.28 -40.84 42.87
CA GLU I 40 12.65 -41.20 43.22
C GLU I 40 13.06 -42.49 42.52
N TYR I 41 12.16 -43.47 42.47
CA TYR I 41 12.45 -44.71 41.77
C TYR I 41 12.75 -44.47 40.30
N GLU I 42 11.91 -43.66 39.65
CA GLU I 42 12.11 -43.38 38.23
C GLU I 42 13.42 -42.65 38.00
N PHE I 43 13.74 -41.67 38.85
CA PHE I 43 15.01 -40.95 38.72
C PHE I 43 16.19 -41.90 38.89
N LYS I 44 16.13 -42.76 39.91
CA LYS I 44 17.24 -43.67 40.18
C LYS I 44 17.43 -44.62 39.00
N THR I 45 16.34 -45.15 38.46
CA THR I 45 16.47 -46.11 37.36
C THR I 45 16.93 -45.43 36.07
N VAL I 46 16.42 -44.23 35.78
CA VAL I 46 16.72 -43.58 34.53
C VAL I 46 18.16 -43.04 34.53
N ILE I 47 18.55 -42.35 35.59
CA ILE I 47 19.84 -41.67 35.59
C ILE I 47 20.95 -42.52 36.20
N GLY I 48 20.62 -43.36 37.20
CA GLY I 48 21.57 -44.26 37.82
C GLY I 48 21.92 -43.89 39.24
N ARG I 49 21.73 -42.63 39.62
CA ARG I 49 22.00 -42.18 40.97
C ARG I 49 20.78 -41.44 41.52
N THR I 50 20.62 -41.52 42.83
CA THR I 50 19.66 -40.68 43.51
C THR I 50 20.10 -39.22 43.38
N PRO I 51 19.15 -38.28 43.35
CA PRO I 51 19.54 -36.87 43.14
C PRO I 51 20.59 -36.36 44.10
N ALA I 52 20.54 -36.78 45.36
CA ALA I 52 21.60 -36.41 46.30
C ALA I 52 22.94 -36.95 45.84
N GLU I 53 22.96 -38.20 45.35
CA GLU I 53 24.19 -38.75 44.81
C GLU I 53 24.66 -38.01 43.57
N LEU I 54 23.72 -37.54 42.75
CA LEU I 54 24.10 -36.71 41.60
C LEU I 54 24.77 -35.42 42.04
N LEU I 55 24.20 -34.75 43.06
CA LEU I 55 24.82 -33.53 43.56
C LEU I 55 26.16 -33.80 44.21
N SER I 56 26.33 -34.98 44.83
CA SER I 56 27.55 -35.28 45.56
C SER I 56 28.76 -35.30 44.62
N GLN I 57 28.67 -36.05 43.53
CA GLN I 57 29.81 -36.24 42.64
C GLN I 57 29.62 -35.43 41.35
N LYS I 58 30.58 -35.56 40.44
CA LYS I 58 30.67 -34.70 39.27
C LYS I 58 30.93 -35.52 38.00
N GLU I 59 30.14 -36.58 37.81
CA GLU I 59 30.23 -37.41 36.61
C GLU I 59 28.87 -38.06 36.42
N PHE I 60 28.06 -37.52 35.52
CA PHE I 60 26.62 -37.79 35.50
C PHE I 60 26.12 -38.48 34.24
N TYR I 61 26.85 -38.42 33.12
CA TYR I 61 26.30 -38.84 31.84
C TYR I 61 26.46 -40.32 31.55
N ASP I 62 27.11 -41.09 32.42
CA ASP I 62 27.39 -42.49 32.10
C ASP I 62 26.41 -43.48 32.71
N LYS I 63 26.09 -43.36 34.00
CA LYS I 63 25.22 -44.35 34.63
C LYS I 63 23.78 -44.27 34.18
N ILE I 64 23.47 -43.51 33.13
CA ILE I 64 22.11 -43.46 32.62
C ILE I 64 21.64 -44.85 32.26
N TYR I 65 20.32 -45.04 32.27
CA TYR I 65 19.76 -46.35 31.97
C TYR I 65 20.18 -46.82 30.58
N THR I 66 20.65 -48.06 30.52
CA THR I 66 21.02 -48.70 29.26
C THR I 66 20.04 -49.83 28.99
N SER I 67 19.77 -50.07 27.71
CA SER I 67 18.76 -51.06 27.32
C SER I 67 19.10 -52.42 27.88
N LYS I 68 18.12 -53.04 28.54
CA LYS I 68 18.28 -54.38 29.09
C LYS I 68 17.84 -55.45 28.10
N TYR I 69 18.36 -55.38 26.88
CA TYR I 69 18.13 -56.43 25.90
C TYR I 69 19.48 -56.77 25.25
N ARG I 70 20.35 -55.76 25.15
CA ARG I 70 21.60 -55.82 24.41
C ARG I 70 21.34 -56.44 23.02
N PRO I 71 20.57 -55.78 22.17
CA PRO I 71 20.19 -56.39 20.90
C PRO I 71 21.40 -56.65 20.01
N ASP I 72 21.30 -57.72 19.23
CA ASP I 72 22.35 -58.03 18.27
C ASP I 72 22.26 -57.06 17.11
N PHE I 73 23.04 -55.98 17.17
CA PHE I 73 22.99 -54.94 16.15
C PHE I 73 23.80 -55.34 14.92
N THR I 74 23.49 -56.50 14.37
CA THR I 74 24.23 -57.04 13.24
C THR I 74 23.28 -57.78 12.30
N LYS I 100 10.95 -56.55 13.92
CA LYS I 100 12.17 -56.72 14.68
C LYS I 100 13.23 -55.72 14.26
N THR I 101 13.25 -55.39 12.97
CA THR I 101 14.23 -54.43 12.47
C THR I 101 14.05 -53.07 13.12
N SER I 102 12.80 -52.63 13.28
CA SER I 102 12.54 -51.34 13.92
C SER I 102 12.99 -51.36 15.38
N THR I 103 12.81 -52.49 16.07
CA THR I 103 13.32 -52.62 17.43
C THR I 103 14.83 -52.44 17.47
N LEU I 104 15.53 -53.10 16.55
CA LEU I 104 16.97 -52.96 16.46
C LEU I 104 17.37 -51.51 16.23
N ILE I 105 16.70 -50.84 15.29
CA ILE I 105 17.02 -49.46 14.96
C ILE I 105 16.79 -48.56 16.16
N TYR I 106 15.66 -48.74 16.84
CA TYR I 106 15.33 -47.91 17.99
C TYR I 106 16.37 -48.06 19.09
N LEU I 107 16.68 -49.30 19.46
CA LEU I 107 17.59 -49.50 20.58
C LEU I 107 19.02 -49.12 20.23
N ARG I 108 19.44 -49.37 18.98
CA ARG I 108 20.77 -48.93 18.57
C ARG I 108 20.86 -47.41 18.53
N ALA I 109 19.79 -46.75 18.10
CA ALA I 109 19.78 -45.28 18.11
C ALA I 109 19.89 -44.74 19.53
N TYR I 110 19.17 -45.35 20.48
CA TYR I 110 19.31 -44.91 21.87
C TYR I 110 20.72 -45.16 22.40
N GLU I 111 21.31 -46.31 22.06
CA GLU I 111 22.68 -46.58 22.49
C GLU I 111 23.65 -45.58 21.90
N LEU I 112 23.47 -45.20 20.64
CA LEU I 112 24.35 -44.20 20.04
C LEU I 112 24.14 -42.84 20.67
N PHE I 113 22.90 -42.51 21.05
CA PHE I 113 22.63 -41.28 21.78
C PHE I 113 23.40 -41.26 23.11
N LEU I 114 23.35 -42.37 23.84
CA LEU I 114 24.09 -42.46 25.08
C LEU I 114 25.59 -42.37 24.84
N LYS I 115 26.09 -43.02 23.79
CA LYS I 115 27.51 -42.98 23.48
C LYS I 115 27.96 -41.56 23.16
N TYR I 116 27.15 -40.81 22.41
CA TYR I 116 27.45 -39.41 22.14
C TYR I 116 27.48 -38.61 23.43
N LEU I 117 26.52 -38.86 24.32
CA LEU I 117 26.47 -38.09 25.58
C LEU I 117 27.67 -38.39 26.47
N GLN I 118 28.14 -39.64 26.52
CA GLN I 118 29.31 -39.99 27.30
C GLN I 118 30.61 -39.89 26.51
N ASN I 119 30.54 -39.55 25.22
CA ASN I 119 31.72 -39.40 24.37
C ASN I 119 32.51 -40.71 24.30
N ALA I 120 31.87 -41.75 23.78
CA ALA I 120 32.56 -43.01 23.58
C ALA I 120 33.62 -42.83 22.51
N PRO I 121 34.72 -43.60 22.55
CA PRO I 121 35.87 -43.33 21.69
C PRO I 121 35.57 -43.31 20.19
N ASN I 122 35.16 -44.44 19.63
CA ASN I 122 34.92 -44.54 18.20
C ASN I 122 33.46 -44.25 17.87
N PHE I 123 33.02 -43.06 18.27
CA PHE I 123 31.63 -42.69 18.03
C PHE I 123 31.37 -42.29 16.59
N ASN I 124 32.34 -41.69 15.91
CA ASN I 124 32.08 -41.09 14.61
C ASN I 124 31.85 -42.15 13.52
N SER I 125 32.71 -43.16 13.45
CA SER I 125 32.53 -44.17 12.41
C SER I 125 31.31 -45.04 12.70
N GLU I 126 31.05 -45.34 13.97
CA GLU I 126 29.85 -46.06 14.32
C GLU I 126 28.61 -45.25 13.94
N LEU I 127 28.64 -43.95 14.20
CA LEU I 127 27.54 -43.10 13.76
C LEU I 127 27.39 -43.11 12.25
N ALA I 128 28.50 -43.15 11.52
CA ALA I 128 28.41 -43.20 10.06
C ALA I 128 27.73 -44.48 9.59
N GLU I 129 28.14 -45.63 10.12
CA GLU I 129 27.54 -46.88 9.64
C GLU I 129 26.08 -46.98 10.08
N PHE I 130 25.76 -46.52 11.29
CA PHE I 130 24.38 -46.51 11.73
C PHE I 130 23.55 -45.50 10.95
N LYS I 131 24.16 -44.43 10.47
CA LYS I 131 23.46 -43.50 9.59
C LYS I 131 23.13 -44.17 8.27
N THR I 132 24.06 -44.99 7.75
CA THR I 132 23.75 -45.75 6.54
C THR I 132 22.59 -46.72 6.77
N TYR I 133 22.62 -47.43 7.91
CA TYR I 133 21.54 -48.37 8.20
C TYR I 133 20.20 -47.65 8.37
N GLU I 134 20.21 -46.51 9.07
CA GLU I 134 19.00 -45.73 9.24
C GLU I 134 18.52 -45.17 7.91
N ASN I 135 19.44 -44.83 7.00
CA ASN I 135 19.03 -44.40 5.68
C ASN I 135 18.30 -45.51 4.94
N ALA I 136 18.84 -46.73 5.00
CA ALA I 136 18.16 -47.85 4.35
C ALA I 136 16.78 -48.10 4.96
N TYR I 137 16.70 -48.07 6.28
CA TYR I 137 15.42 -48.30 6.95
C TYR I 137 14.44 -47.17 6.68
N GLY I 138 14.92 -45.93 6.58
CA GLY I 138 14.04 -44.83 6.23
C GLY I 138 13.55 -44.90 4.81
N GLU I 139 14.38 -45.39 3.89
CA GLU I 139 13.90 -45.67 2.54
C GLU I 139 12.79 -46.70 2.57
N GLN I 140 13.00 -47.80 3.30
CA GLN I 140 11.98 -48.84 3.34
C GLN I 140 10.70 -48.37 4.04
N LYS I 141 10.82 -47.45 4.99
CA LYS I 141 9.64 -46.82 5.56
C LYS I 141 8.99 -45.82 4.61
N ALA I 142 9.78 -45.20 3.73
CA ALA I 142 9.21 -44.31 2.72
C ALA I 142 8.44 -45.09 1.66
N LEU I 143 8.80 -46.36 1.45
CA LEU I 143 7.98 -47.20 0.57
C LEU I 143 6.57 -47.37 1.15
N LEU I 144 6.47 -47.56 2.46
CA LEU I 144 5.16 -47.70 3.09
C LEU I 144 4.34 -46.41 3.01
N ALA I 145 4.97 -45.27 2.71
CA ALA I 145 4.27 -44.01 2.63
C ALA I 145 3.74 -43.69 1.25
N GLN I 146 4.14 -44.44 0.22
CA GLN I 146 3.67 -44.16 -1.12
C GLN I 146 2.20 -44.52 -1.26
N GLN I 147 1.43 -43.61 -1.85
CA GLN I 147 0.01 -43.84 -2.10
C GLN I 147 -0.30 -44.12 -3.57
N GLY I 148 0.70 -44.26 -4.41
CA GLY I 148 0.50 -44.48 -5.82
C GLY I 148 0.61 -43.20 -6.62
N PHE I 149 0.70 -43.39 -7.94
CA PHE I 149 0.82 -42.27 -8.86
C PHE I 149 0.54 -42.78 -10.27
N TYR I 150 -0.45 -42.19 -10.93
CA TYR I 150 -0.90 -42.67 -12.22
C TYR I 150 -0.62 -41.61 -13.26
N ASN I 151 -0.11 -42.03 -14.42
CA ASN I 151 0.17 -41.14 -15.53
C ASN I 151 -0.84 -41.42 -16.64
N ILE I 152 -1.52 -40.37 -17.10
CA ILE I 152 -2.45 -40.52 -18.21
C ILE I 152 -1.63 -40.74 -19.47
N PHE I 153 -1.76 -41.92 -20.06
CA PHE I 153 -0.94 -42.28 -21.21
C PHE I 153 -1.62 -41.89 -22.51
N ASP I 154 -0.81 -41.43 -23.45
CA ASP I 154 -1.28 -41.24 -24.82
C ASP I 154 -1.51 -42.61 -25.43
N PRO I 155 -2.69 -42.92 -25.95
CA PRO I 155 -2.89 -44.22 -26.59
C PRO I 155 -1.98 -44.46 -27.78
N ASN I 156 -1.67 -43.41 -28.55
CA ASN I 156 -0.82 -43.58 -29.72
C ASN I 156 0.62 -43.85 -29.33
N THR I 157 1.13 -43.13 -28.33
CA THR I 157 2.49 -43.31 -27.84
C THR I 157 2.42 -43.65 -26.36
N GLY I 158 2.79 -44.87 -26.01
CA GLY I 158 2.57 -45.35 -24.66
C GLY I 158 3.44 -44.69 -23.61
N ARG I 159 3.37 -43.36 -23.54
CA ARG I 159 4.09 -42.58 -22.55
C ARG I 159 3.15 -41.49 -22.04
N ALA I 160 3.69 -40.56 -21.26
CA ALA I 160 2.88 -39.50 -20.68
C ALA I 160 2.19 -38.71 -21.78
N ASP I 161 0.95 -38.30 -21.52
CA ASP I 161 0.13 -37.64 -22.53
C ASP I 161 0.73 -36.29 -22.88
N GLN I 162 1.29 -36.19 -24.09
CA GLN I 162 1.91 -34.96 -24.55
C GLN I 162 1.03 -34.19 -25.53
N ARG I 163 -0.20 -34.63 -25.74
CA ARG I 163 -1.12 -33.89 -26.60
C ARG I 163 -1.64 -32.68 -25.86
N THR I 164 -1.59 -31.53 -26.52
CA THR I 164 -2.03 -30.27 -25.93
C THR I 164 -2.78 -29.45 -26.97
N ARG I 165 -3.64 -28.57 -26.48
CA ARG I 165 -4.38 -27.63 -27.31
C ARG I 165 -3.70 -26.28 -27.41
N LEU I 166 -2.39 -26.22 -27.22
CA LEU I 166 -1.69 -24.95 -27.19
C LEU I 166 -1.65 -24.34 -28.58
N PHE I 167 -1.42 -23.03 -28.60
CA PHE I 167 -1.38 -22.27 -29.85
C PHE I 167 -0.13 -22.62 -30.66
N GLU I 168 -0.30 -22.74 -31.97
CA GLU I 168 0.80 -22.94 -32.90
C GLU I 168 0.82 -21.79 -33.90
N TYR I 169 2.01 -21.40 -34.33
CA TYR I 169 2.16 -20.12 -35.03
C TYR I 169 1.46 -20.14 -36.38
N LYS I 170 1.87 -21.03 -37.29
CA LYS I 170 1.17 -21.25 -38.55
C LYS I 170 0.97 -19.95 -39.34
N ARG I 171 2.08 -19.42 -39.83
CA ARG I 171 2.07 -18.29 -40.76
C ARG I 171 1.00 -18.47 -41.83
N LEU I 172 0.27 -17.39 -42.11
CA LEU I 172 -0.84 -17.41 -43.06
C LEU I 172 -0.55 -16.54 -44.28
N PRO I 173 -1.26 -16.76 -45.38
CA PRO I 173 -1.17 -15.85 -46.52
C PRO I 173 -1.71 -14.47 -46.17
N ILE I 174 -1.19 -13.45 -46.86
CA ILE I 174 -1.53 -12.08 -46.53
C ILE I 174 -2.94 -11.71 -46.98
N SER I 175 -3.54 -12.48 -47.88
CA SER I 175 -4.90 -12.17 -48.32
C SER I 175 -5.92 -12.36 -47.21
N THR I 176 -5.53 -12.99 -46.10
CA THR I 176 -6.42 -13.15 -44.97
C THR I 176 -6.57 -11.88 -44.15
N LEU I 177 -5.83 -10.82 -44.48
CA LEU I 177 -5.93 -9.54 -43.81
C LEU I 177 -6.35 -8.40 -44.72
N TYR I 178 -5.98 -8.45 -46.00
CA TYR I 178 -6.26 -7.36 -46.93
C TYR I 178 -6.98 -7.90 -48.16
N ASP I 179 -7.43 -6.98 -48.99
CA ASP I 179 -8.07 -7.31 -50.25
C ASP I 179 -7.04 -7.26 -51.38
N GLU I 180 -7.50 -7.48 -52.60
CA GLU I 180 -6.62 -7.35 -53.76
C GLU I 180 -6.23 -5.89 -54.01
N ARG I 181 -6.89 -4.94 -53.36
CA ARG I 181 -6.54 -3.53 -53.46
C ARG I 181 -5.71 -3.04 -52.28
N GLY I 182 -5.31 -3.92 -51.38
CA GLY I 182 -4.49 -3.53 -50.26
C GLY I 182 -5.21 -2.90 -49.09
N LEU I 183 -6.54 -2.99 -49.06
CA LEU I 183 -7.22 -2.42 -47.91
C LEU I 183 -7.59 -3.51 -46.91
N PRO I 184 -7.50 -3.22 -45.61
CA PRO I 184 -7.80 -4.25 -44.62
C PRO I 184 -9.25 -4.70 -44.70
N HIS I 185 -9.46 -5.98 -44.40
CA HIS I 185 -10.80 -6.53 -44.40
C HIS I 185 -11.59 -6.02 -43.21
N LYS I 186 -12.85 -5.68 -43.44
CA LYS I 186 -13.76 -5.25 -42.38
C LYS I 186 -14.91 -6.25 -42.34
N TRP I 187 -14.76 -7.28 -41.52
CA TRP I 187 -15.75 -8.34 -41.41
C TRP I 187 -16.94 -7.83 -40.59
N THR I 188 -17.76 -7.02 -41.24
CA THR I 188 -18.89 -6.37 -40.57
C THR I 188 -20.25 -6.81 -41.08
N ILE I 189 -20.34 -7.35 -42.29
CA ILE I 189 -21.60 -7.84 -42.85
C ILE I 189 -21.70 -9.33 -42.55
N TYR I 190 -22.74 -9.71 -41.81
CA TYR I 190 -22.92 -11.08 -41.37
C TYR I 190 -23.87 -11.79 -42.32
N VAL I 191 -23.46 -12.98 -42.76
CA VAL I 191 -24.22 -13.77 -43.72
C VAL I 191 -24.98 -14.85 -42.95
N TYR I 192 -26.27 -14.98 -43.22
CA TYR I 192 -27.12 -15.96 -42.57
C TYR I 192 -27.75 -16.86 -43.62
N LYS I 193 -27.86 -18.14 -43.29
CA LYS I 193 -28.50 -19.13 -44.13
C LYS I 193 -29.66 -19.76 -43.37
N ALA I 194 -30.68 -20.18 -44.11
CA ALA I 194 -31.83 -20.85 -43.53
C ALA I 194 -31.54 -22.34 -43.41
N VAL I 195 -31.69 -22.87 -42.20
CA VAL I 195 -31.43 -24.29 -41.99
C VAL I 195 -32.43 -25.14 -42.77
N ASP I 196 -33.71 -24.79 -42.70
CA ASP I 196 -34.72 -25.50 -43.46
C ASP I 196 -34.67 -25.12 -44.93
N SER I 197 -35.14 -26.02 -45.78
CA SER I 197 -35.10 -25.81 -47.23
C SER I 197 -36.31 -25.05 -47.76
N SER I 198 -37.28 -24.73 -46.91
CA SER I 198 -38.50 -24.06 -47.37
C SER I 198 -38.54 -22.58 -47.05
N GLN I 199 -37.75 -22.10 -46.10
CA GLN I 199 -37.74 -20.67 -45.77
C GLN I 199 -37.08 -19.93 -46.93
N LYS I 200 -37.90 -19.27 -47.75
CA LYS I 200 -37.49 -18.77 -49.05
C LYS I 200 -36.47 -17.64 -49.03
N PRO I 201 -36.43 -16.75 -48.03
CA PRO I 201 -35.35 -15.76 -48.01
C PRO I 201 -33.97 -16.38 -48.04
N ALA I 202 -33.79 -17.54 -47.39
CA ALA I 202 -32.58 -18.34 -47.51
C ALA I 202 -31.35 -17.58 -47.01
N GLU I 203 -30.80 -16.72 -47.86
CA GLU I 203 -29.59 -15.97 -47.55
C GLU I 203 -29.94 -14.55 -47.14
N ILE I 204 -29.49 -14.15 -45.97
CA ILE I 204 -29.65 -12.78 -45.49
C ILE I 204 -28.29 -12.26 -45.07
N GLU I 205 -27.90 -11.11 -45.61
CA GLU I 205 -26.68 -10.42 -45.23
C GLU I 205 -27.07 -9.16 -44.46
N VAL I 206 -26.59 -9.05 -43.22
CA VAL I 206 -27.05 -8.02 -42.30
C VAL I 206 -25.88 -7.37 -41.59
N THR I 207 -26.15 -6.22 -41.01
CA THR I 207 -25.24 -5.53 -40.09
C THR I 207 -25.60 -5.92 -38.66
N ARG I 208 -24.61 -5.82 -37.77
CA ARG I 208 -24.78 -6.29 -36.39
C ARG I 208 -26.02 -5.69 -35.74
N LYS I 209 -26.29 -4.41 -35.99
CA LYS I 209 -27.44 -3.76 -35.37
C LYS I 209 -28.76 -4.33 -35.91
N ASP I 210 -28.83 -4.61 -37.21
CA ASP I 210 -30.07 -5.06 -37.82
C ASP I 210 -30.34 -6.55 -37.60
N VAL I 211 -29.41 -7.27 -36.99
CA VAL I 211 -29.56 -8.72 -36.85
C VAL I 211 -30.80 -9.04 -36.03
N ILE I 212 -30.97 -8.37 -34.90
CA ILE I 212 -32.12 -8.65 -34.04
C ILE I 212 -33.42 -8.22 -34.71
N LYS I 213 -33.34 -7.24 -35.62
CA LYS I 213 -34.54 -6.80 -36.33
C LYS I 213 -34.94 -7.79 -37.41
N LYS I 214 -33.97 -8.47 -38.02
CA LYS I 214 -34.23 -9.23 -39.24
C LYS I 214 -34.11 -10.74 -39.09
N ILE I 215 -33.20 -11.25 -38.27
CA ILE I 215 -32.91 -12.67 -38.21
C ILE I 215 -33.64 -13.31 -37.04
N ASP I 216 -34.15 -14.52 -37.26
CA ASP I 216 -34.87 -15.26 -36.23
C ASP I 216 -34.27 -16.65 -36.03
N ASN I 217 -34.95 -17.49 -35.25
CA ASN I 217 -34.39 -18.78 -34.87
C ASN I 217 -34.33 -19.77 -36.03
N HIS I 218 -35.09 -19.53 -37.10
CA HIS I 218 -35.06 -20.42 -38.25
C HIS I 218 -33.82 -20.27 -39.10
N TYR I 219 -32.84 -19.47 -38.68
CA TYR I 219 -31.66 -19.22 -39.47
C TYR I 219 -30.40 -19.64 -38.70
N ALA I 220 -29.33 -19.85 -39.45
CA ALA I 220 -28.02 -20.13 -38.91
C ALA I 220 -26.99 -19.23 -39.59
N LEU I 221 -25.90 -18.97 -38.88
CA LEU I 221 -24.88 -18.06 -39.37
C LEU I 221 -23.81 -18.82 -40.16
N ALA I 222 -23.52 -18.31 -41.35
CA ALA I 222 -22.42 -18.79 -42.17
C ALA I 222 -21.23 -17.84 -42.00
N ASP I 223 -20.24 -17.99 -42.87
CA ASP I 223 -19.08 -17.12 -42.82
C ASP I 223 -19.47 -15.65 -43.01
N LEU I 224 -18.69 -14.76 -42.40
CA LEU I 224 -18.93 -13.34 -42.49
C LEU I 224 -18.54 -12.82 -43.87
N ARG I 225 -18.96 -11.59 -44.15
CA ARG I 225 -18.70 -10.95 -45.43
C ARG I 225 -17.93 -9.66 -45.21
N CYS I 226 -16.88 -9.45 -46.01
CA CYS I 226 -16.15 -8.19 -45.95
C CYS I 226 -17.00 -7.08 -46.53
N SER I 227 -17.05 -5.94 -45.84
CA SER I 227 -17.86 -4.81 -46.28
C SER I 227 -17.10 -3.87 -47.21
N VAL I 228 -15.85 -4.17 -47.53
CA VAL I 228 -15.04 -3.33 -48.40
C VAL I 228 -14.81 -3.99 -49.76
N CYS I 229 -14.44 -5.26 -49.77
CA CYS I 229 -14.20 -5.98 -51.02
C CYS I 229 -15.23 -7.08 -51.28
N HIS I 230 -16.23 -7.25 -50.42
CA HIS I 230 -17.34 -8.18 -50.64
C HIS I 230 -16.86 -9.61 -50.84
N VAL I 231 -15.87 -10.04 -50.06
CA VAL I 231 -15.43 -11.42 -50.09
C VAL I 231 -15.87 -12.11 -48.81
N LEU I 232 -16.24 -13.38 -48.94
CA LEU I 232 -16.66 -14.17 -47.79
C LEU I 232 -15.45 -14.50 -46.92
N GLN I 233 -15.70 -14.66 -45.63
CA GLN I 233 -14.59 -14.96 -44.72
C GLN I 233 -13.93 -16.28 -45.06
N HIS I 234 -14.73 -17.30 -45.36
CA HIS I 234 -14.18 -18.60 -45.72
C HIS I 234 -13.78 -18.69 -47.17
N GLU I 235 -13.89 -17.59 -47.91
CA GLU I 235 -13.45 -17.53 -49.31
C GLU I 235 -12.26 -16.60 -49.49
N VAL I 236 -11.53 -16.32 -48.40
CA VAL I 236 -10.35 -15.46 -48.50
C VAL I 236 -9.28 -16.12 -49.35
N GLY I 237 -9.16 -17.45 -49.28
CA GLY I 237 -8.16 -18.16 -50.04
C GLY I 237 -8.33 -18.03 -51.55
N GLN I 238 -9.51 -17.58 -52.00
CA GLN I 238 -9.71 -17.36 -53.43
C GLN I 238 -8.89 -16.18 -53.94
N LEU I 239 -8.54 -15.24 -53.07
CA LEU I 239 -7.76 -14.09 -53.49
C LEU I 239 -6.35 -14.51 -53.88
N ASN I 240 -5.74 -13.73 -54.77
CA ASN I 240 -4.40 -13.99 -55.25
C ASN I 240 -3.39 -13.28 -54.37
N ILE I 241 -2.39 -14.02 -53.91
CA ILE I 241 -1.43 -13.49 -52.95
C ILE I 241 -0.57 -12.40 -53.58
N LYS I 242 -0.13 -12.63 -54.83
CA LYS I 242 0.74 -11.66 -55.48
C LYS I 242 0.07 -10.30 -55.64
N LYS I 243 -1.19 -10.29 -56.07
CA LYS I 243 -1.90 -9.03 -56.23
C LYS I 243 -2.07 -8.32 -54.90
N VAL I 244 -2.42 -9.06 -53.84
CA VAL I 244 -2.59 -8.44 -52.54
C VAL I 244 -1.28 -7.85 -52.05
N GLN I 245 -0.18 -8.58 -52.20
CA GLN I 245 1.12 -8.10 -51.74
C GLN I 245 1.55 -6.86 -52.51
N THR I 246 1.39 -6.88 -53.84
CA THR I 246 1.83 -5.74 -54.64
C THR I 246 0.95 -4.51 -54.36
N ALA I 247 -0.36 -4.73 -54.17
CA ALA I 247 -1.23 -3.61 -53.81
C ALA I 247 -0.85 -3.04 -52.45
N LEU I 248 -0.54 -3.91 -51.49
CA LEU I 248 -0.18 -3.46 -50.15
C LEU I 248 1.11 -2.66 -50.18
N LYS I 249 2.13 -3.16 -50.89
CA LYS I 249 3.40 -2.43 -50.94
C LYS I 249 3.25 -1.10 -51.67
N ALA I 250 2.51 -1.09 -52.78
CA ALA I 250 2.30 0.17 -53.49
C ALA I 250 1.54 1.17 -52.63
N SER I 251 0.51 0.70 -51.93
CA SER I 251 -0.27 1.59 -51.08
C SER I 251 0.56 2.11 -49.92
N LEU I 252 1.45 1.29 -49.37
CA LEU I 252 2.31 1.75 -48.29
C LEU I 252 3.31 2.79 -48.77
N GLU I 253 3.89 2.57 -49.96
CA GLU I 253 4.77 3.58 -50.54
C GLU I 253 4.02 4.89 -50.77
N PHE I 254 2.81 4.80 -51.29
CA PHE I 254 2.00 6.01 -51.51
C PHE I 254 1.67 6.69 -50.19
N ASN I 255 1.38 5.90 -49.15
CA ASN I 255 1.07 6.46 -47.84
C ASN I 255 2.26 7.24 -47.29
N THR I 256 3.45 6.66 -47.37
CA THR I 256 4.63 7.37 -46.88
C THR I 256 4.89 8.63 -47.70
N PHE I 257 4.75 8.54 -49.03
CA PHE I 257 4.98 9.70 -49.87
C PHE I 257 4.02 10.82 -49.54
N TYR I 258 2.73 10.50 -49.37
CA TYR I 258 1.75 11.52 -49.02
C TYR I 258 2.00 12.06 -47.62
N ALA I 259 2.46 11.21 -46.70
CA ALA I 259 2.75 11.67 -45.34
C ALA I 259 3.88 12.68 -45.33
N PHE I 260 4.90 12.47 -46.16
CA PHE I 260 6.01 13.42 -46.18
C PHE I 260 5.58 14.74 -46.81
N TYR I 261 4.82 14.68 -47.91
CA TYR I 261 4.54 15.86 -48.72
C TYR I 261 3.15 16.42 -48.47
N GLU I 262 2.70 16.45 -47.21
CA GLU I 262 1.39 17.02 -46.91
C GLU I 262 1.34 18.51 -47.23
N SER I 263 2.48 19.21 -47.12
CA SER I 263 2.52 20.62 -47.47
C SER I 263 3.68 20.89 -48.43
N ARG I 264 4.74 20.10 -48.32
CA ARG I 264 5.96 20.35 -49.06
C ARG I 264 5.81 20.02 -50.53
N CYS I 265 6.71 20.56 -51.34
CA CYS I 265 6.83 20.40 -52.78
C CYS I 265 8.00 19.49 -53.14
N PRO I 266 7.86 18.67 -54.18
CA PRO I 266 8.99 17.82 -54.59
C PRO I 266 10.23 18.61 -54.99
N LYS I 267 10.06 19.78 -55.57
CA LYS I 267 11.19 20.62 -55.98
C LYS I 267 10.99 22.06 -55.54
N TYR I 286 -5.71 13.71 -51.15
CA TYR I 286 -4.53 13.86 -50.31
C TYR I 286 -4.77 13.30 -48.92
N ILE I 287 -5.96 12.78 -48.67
CA ILE I 287 -6.24 12.03 -47.45
C ILE I 287 -6.91 10.67 -47.72
N ILE I 288 -7.51 10.45 -48.88
CA ILE I 288 -8.24 9.23 -49.16
C ILE I 288 -7.52 8.34 -50.17
N TYR I 289 -6.98 8.94 -51.23
CA TYR I 289 -6.15 8.23 -52.23
C TYR I 289 -6.96 7.21 -53.03
N ASP I 290 -8.26 7.44 -53.18
CA ASP I 290 -9.12 6.55 -53.94
C ASP I 290 -9.28 6.96 -55.40
N HIS I 291 -8.75 8.11 -55.79
CA HIS I 291 -8.95 8.61 -57.15
C HIS I 291 -8.30 7.69 -58.18
N LEU I 292 -7.10 7.20 -57.88
CA LEU I 292 -6.39 6.19 -58.67
C LEU I 292 -5.87 6.72 -60.00
N SER I 293 -4.68 6.27 -60.37
CA SER I 293 -4.01 6.54 -61.64
C SER I 293 -3.55 8.00 -61.75
N GLN I 294 -3.99 8.84 -60.83
CA GLN I 294 -3.40 10.14 -60.51
C GLN I 294 -2.23 9.96 -59.54
N PRO I 295 -2.40 9.19 -58.45
CA PRO I 295 -1.25 8.98 -57.55
C PRO I 295 -0.07 8.33 -58.24
N GLU I 296 -0.29 7.48 -59.24
CA GLU I 296 0.83 6.89 -59.97
C GLU I 296 1.65 7.97 -60.67
N LEU I 297 0.99 8.87 -61.41
CA LEU I 297 1.72 9.88 -62.14
C LEU I 297 2.33 10.93 -61.23
N VAL I 298 1.74 11.15 -60.04
CA VAL I 298 2.38 12.05 -59.09
C VAL I 298 3.59 11.39 -58.44
N HIS I 299 3.46 10.11 -58.08
CA HIS I 299 4.55 9.42 -57.40
C HIS I 299 5.76 9.23 -58.32
N ASP I 300 5.52 8.88 -59.59
CA ASP I 300 6.64 8.73 -60.51
C ASP I 300 7.26 10.07 -60.88
N TYR I 301 6.46 11.14 -60.85
CA TYR I 301 6.95 12.49 -61.12
C TYR I 301 7.98 12.93 -60.10
N GLU I 339 68.59 8.52 -29.81
CA GLU I 339 69.91 8.59 -29.19
C GLU I 339 70.03 7.61 -28.02
N PRO I 340 71.05 6.78 -28.05
CA PRO I 340 71.23 5.78 -26.98
C PRO I 340 71.49 6.43 -25.64
N TRP I 341 71.07 5.74 -24.57
CA TRP I 341 71.22 6.22 -23.21
C TRP I 341 71.96 5.18 -22.37
N THR I 342 72.61 5.65 -21.31
CA THR I 342 73.35 4.77 -20.42
C THR I 342 73.49 5.43 -19.06
N PHE I 343 73.29 4.65 -18.01
CA PHE I 343 73.42 5.16 -16.65
C PHE I 343 74.86 5.52 -16.36
N ASP I 344 75.05 6.50 -15.45
CA ASP I 344 76.37 6.95 -15.04
C ASP I 344 76.33 7.24 -13.54
N TYR I 345 77.11 6.48 -12.77
CA TYR I 345 77.12 6.67 -11.33
C TYR I 345 77.90 7.91 -10.91
N GLY I 346 78.66 8.51 -11.83
CA GLY I 346 79.41 9.70 -11.47
C GLY I 346 78.51 10.84 -11.04
N LYS I 347 77.36 11.00 -11.71
CA LYS I 347 76.46 12.10 -11.38
C LYS I 347 75.92 11.96 -9.96
N ILE I 348 75.54 10.75 -9.55
CA ILE I 348 75.07 10.55 -8.19
C ILE I 348 76.20 10.70 -7.18
N ILE I 349 77.42 10.26 -7.52
CA ILE I 349 78.53 10.47 -6.58
C ILE I 349 78.76 11.96 -6.37
N LYS I 350 78.77 12.73 -7.46
CA LYS I 350 79.01 14.17 -7.35
C LYS I 350 77.88 14.86 -6.59
N THR I 351 76.64 14.48 -6.88
CA THR I 351 75.51 15.09 -6.19
C THR I 351 75.53 14.76 -4.70
N ALA I 352 75.88 13.52 -4.35
CA ALA I 352 76.00 13.15 -2.95
C ALA I 352 77.10 13.95 -2.27
N LYS I 353 78.22 14.15 -2.94
CA LYS I 353 79.29 14.96 -2.37
C LYS I 353 78.82 16.40 -2.16
N ILE I 354 78.12 16.97 -3.14
CA ILE I 354 77.68 18.36 -3.03
C ILE I 354 76.68 18.51 -1.89
N LEU I 355 75.68 17.62 -1.84
CA LEU I 355 74.67 17.67 -0.79
C LEU I 355 75.18 17.14 0.54
N ASP I 356 76.36 16.54 0.56
CA ASP I 356 77.10 15.99 1.70
C ASP I 356 76.42 14.76 2.30
N ILE I 357 75.36 14.24 1.67
CA ILE I 357 74.72 13.02 2.15
C ILE I 357 75.19 11.86 1.29
N SER I 358 75.12 10.64 1.81
CA SER I 358 75.74 9.50 1.13
C SER I 358 74.99 9.17 -0.16
N PRO I 359 75.68 8.58 -1.14
CA PRO I 359 75.04 8.31 -2.43
C PRO I 359 73.85 7.38 -2.36
N ALA I 360 73.86 6.42 -1.44
CA ALA I 360 72.75 5.48 -1.35
C ALA I 360 71.46 6.17 -0.93
N VAL I 361 71.53 7.36 -0.33
CA VAL I 361 70.31 8.07 0.03
C VAL I 361 69.55 8.51 -1.21
N ILE I 362 70.24 9.15 -2.15
CA ILE I 362 69.57 9.56 -3.38
C ILE I 362 69.29 8.33 -4.25
N GLU I 363 70.22 7.37 -4.29
CA GLU I 363 70.06 6.24 -5.19
C GLU I 363 68.80 5.43 -4.91
N ALA I 364 68.22 5.57 -3.72
CA ALA I 364 67.03 4.80 -3.35
C ALA I 364 65.78 5.67 -3.26
N ILE I 365 65.75 6.82 -3.91
CA ILE I 365 64.59 7.70 -3.85
C ILE I 365 63.36 6.94 -4.34
N GLY I 366 62.26 7.08 -3.61
CA GLY I 366 61.07 6.30 -3.83
C GLY I 366 60.99 5.05 -2.99
N ALA I 367 62.13 4.56 -2.50
CA ALA I 367 62.20 3.38 -1.65
C ALA I 367 62.43 3.72 -0.19
N MET I 368 62.16 4.97 0.21
CA MET I 368 62.27 5.35 1.61
C MET I 368 61.21 4.73 2.50
N GLU I 369 60.19 4.10 1.94
CA GLU I 369 59.06 3.67 2.75
C GLU I 369 59.44 2.53 3.69
N GLY I 370 59.04 2.67 4.96
CA GLY I 370 59.15 1.61 5.93
C GLY I 370 60.54 1.32 6.44
N ARG I 371 61.52 2.16 6.13
CA ARG I 371 62.89 1.92 6.54
C ARG I 371 63.41 3.07 7.39
N SER I 372 64.23 2.72 8.37
CA SER I 372 64.94 3.72 9.15
C SER I 372 65.92 4.48 8.27
N TYR I 373 66.11 5.76 8.58
CA TYR I 373 67.03 6.56 7.77
C TYR I 373 68.46 6.06 7.87
N ALA I 374 68.80 5.39 8.98
CA ALA I 374 70.15 4.82 9.09
C ALA I 374 70.38 3.77 8.01
N ASP I 375 69.40 2.87 7.79
CA ASP I 375 69.52 1.90 6.73
C ASP I 375 69.47 2.57 5.36
N ILE I 376 68.75 3.68 5.26
CA ILE I 376 68.70 4.43 4.00
C ILE I 376 70.09 4.93 3.64
N ARG I 377 70.78 5.56 4.59
CA ARG I 377 72.11 6.08 4.33
C ARG I 377 73.12 4.96 4.13
N GLU I 378 73.07 3.94 4.99
CA GLU I 378 73.96 2.79 4.83
C GLU I 378 73.61 1.93 3.63
N GLY I 379 72.44 2.15 3.03
CA GLY I 379 72.03 1.35 1.89
C GLY I 379 71.74 -0.09 2.23
N GLN I 380 71.19 -0.34 3.42
CA GLN I 380 70.86 -1.70 3.83
C GLN I 380 69.41 -2.02 3.48
N GLY I 381 69.20 -3.19 2.89
CA GLY I 381 67.87 -3.60 2.51
C GLY I 381 67.27 -2.77 1.39
N ALA I 382 68.08 -2.39 0.42
CA ALA I 382 67.56 -1.66 -0.73
C ALA I 382 66.75 -2.63 -1.60
N PRO I 383 65.47 -2.35 -1.86
CA PRO I 383 64.68 -3.28 -2.66
C PRO I 383 65.25 -3.39 -4.06
N PRO I 384 65.06 -4.53 -4.72
CA PRO I 384 65.65 -4.75 -6.03
C PRO I 384 65.09 -3.77 -7.04
N PRO I 385 65.78 -3.57 -8.16
CA PRO I 385 65.27 -2.64 -9.17
C PRO I 385 63.92 -3.09 -9.68
N PRO I 386 63.04 -2.15 -10.03
CA PRO I 386 61.69 -2.51 -10.45
C PRO I 386 61.69 -3.41 -11.68
N THR I 387 60.72 -4.32 -11.71
CA THR I 387 60.50 -5.21 -12.84
C THR I 387 59.28 -4.81 -13.67
N SER I 388 58.22 -4.34 -13.02
CA SER I 388 56.98 -3.98 -13.69
C SER I 388 56.86 -2.47 -13.79
N MET I 389 56.23 -2.02 -14.88
CA MET I 389 55.96 -0.60 -15.05
C MET I 389 54.96 -0.07 -14.05
N ASP I 390 54.28 -0.95 -13.32
CA ASP I 390 53.36 -0.55 -12.26
C ASP I 390 54.05 -0.43 -10.90
N ASP I 391 55.37 -0.30 -10.89
CA ASP I 391 56.08 -0.15 -9.64
C ASP I 391 55.89 1.26 -9.10
N PRO I 392 55.48 1.42 -7.84
CA PRO I 392 55.29 2.78 -7.29
C PRO I 392 56.56 3.60 -7.23
N ARG I 393 57.73 2.96 -7.24
CA ARG I 393 58.98 3.71 -7.19
C ARG I 393 59.17 4.57 -8.43
N LEU I 394 58.77 4.05 -9.60
CA LEU I 394 58.90 4.83 -10.82
C LEU I 394 58.13 6.14 -10.71
N MET I 395 56.87 6.07 -10.27
CA MET I 395 56.08 7.27 -10.15
C MET I 395 56.57 8.15 -9.00
N ALA I 396 57.16 7.56 -7.96
CA ALA I 396 57.71 8.38 -6.88
C ALA I 396 58.87 9.23 -7.38
N VAL I 397 59.81 8.61 -8.08
CA VAL I 397 60.94 9.38 -8.60
C VAL I 397 60.47 10.36 -9.67
N ASP I 398 59.47 9.98 -10.46
CA ASP I 398 58.93 10.91 -11.44
C ASP I 398 58.30 12.12 -10.76
N SER I 399 57.61 11.90 -9.64
CA SER I 399 57.05 13.01 -8.87
C SER I 399 58.16 13.89 -8.32
N ALA I 400 59.25 13.29 -7.88
CA ALA I 400 60.38 14.07 -7.39
C ALA I 400 60.94 14.97 -8.49
N VAL I 401 61.20 14.39 -9.67
CA VAL I 401 61.72 15.19 -10.77
C VAL I 401 60.73 16.26 -11.17
N ARG I 402 59.43 15.93 -11.12
CA ARG I 402 58.40 16.89 -11.48
C ARG I 402 58.37 18.06 -10.51
N ILE I 403 58.48 17.79 -9.22
CA ILE I 403 58.46 18.89 -8.25
C ILE I 403 59.70 19.76 -8.39
N PHE I 404 60.85 19.14 -8.70
CA PHE I 404 62.04 19.93 -8.95
C PHE I 404 61.85 20.85 -10.14
N LEU I 405 61.35 20.31 -11.25
CA LEU I 405 61.15 21.13 -12.45
C LEU I 405 60.09 22.19 -12.21
N TYR I 406 59.04 21.86 -11.46
CA TYR I 406 57.99 22.82 -11.18
C TYR I 406 58.53 24.01 -10.39
N ASN I 407 59.29 23.74 -9.33
CA ASN I 407 59.85 24.83 -8.54
C ASN I 407 60.91 25.60 -9.33
N TYR I 408 61.68 24.91 -10.18
CA TYR I 408 62.66 25.61 -11.00
C TYR I 408 61.98 26.56 -11.97
N ASN I 409 60.90 26.12 -12.62
CA ASN I 409 60.19 27.01 -13.53
C ASN I 409 59.44 28.10 -12.79
N CYS I 410 59.05 27.86 -11.54
CA CYS I 410 58.56 28.96 -10.72
C CYS I 410 59.66 29.99 -10.50
N LEU I 411 60.88 29.54 -10.26
CA LEU I 411 62.01 30.45 -10.12
C LEU I 411 62.29 31.20 -11.41
N ARG I 412 62.13 30.52 -12.55
CA ARG I 412 62.39 31.18 -13.83
C ARG I 412 61.32 32.23 -14.13
N HIS I 413 60.06 31.93 -13.87
CA HIS I 413 58.94 32.80 -14.25
C HIS I 413 58.42 33.63 -13.09
N VAL I 414 59.30 34.12 -12.22
CA VAL I 414 58.85 34.96 -11.10
C VAL I 414 58.17 36.23 -11.61
N SER I 415 58.57 36.71 -12.79
CA SER I 415 57.96 37.91 -13.36
C SER I 415 56.46 37.74 -13.61
N THR I 416 55.99 36.51 -13.83
CA THR I 416 54.58 36.29 -14.10
C THR I 416 53.74 36.35 -12.83
N PHE I 417 54.26 35.85 -11.72
CA PHE I 417 53.46 35.67 -10.52
C PHE I 417 53.03 37.01 -9.94
N ASN I 418 51.73 37.12 -9.64
CA ASN I 418 51.26 38.26 -8.86
C ASN I 418 51.66 38.13 -7.39
N LYS I 419 51.88 36.90 -6.94
CA LYS I 419 52.45 36.64 -5.62
C LYS I 419 53.16 35.29 -5.71
N PRO I 420 54.46 35.28 -5.93
CA PRO I 420 55.17 34.02 -6.18
C PRO I 420 55.19 33.14 -4.94
N PRO I 421 55.52 31.86 -5.10
CA PRO I 421 55.63 30.99 -3.92
C PRO I 421 56.70 31.49 -2.96
N ILE I 422 56.54 31.12 -1.69
CA ILE I 422 57.31 31.77 -0.63
C ILE I 422 58.81 31.55 -0.81
N HIS I 423 59.22 30.42 -1.38
CA HIS I 423 60.65 30.13 -1.46
C HIS I 423 61.34 30.99 -2.52
N VAL I 424 60.71 31.16 -3.70
CA VAL I 424 61.32 32.06 -4.67
C VAL I 424 61.26 33.50 -4.18
N GLU I 425 60.24 33.86 -3.41
CA GLU I 425 60.20 35.19 -2.81
C GLU I 425 61.37 35.39 -1.84
N ARG I 426 61.61 34.41 -0.97
CA ARG I 426 62.74 34.48 -0.06
C ARG I 426 64.06 34.58 -0.84
N LEU I 427 64.13 33.96 -2.02
CA LEU I 427 65.35 34.05 -2.80
C LEU I 427 65.53 35.41 -3.47
N VAL I 428 64.46 35.96 -4.06
CA VAL I 428 64.61 37.09 -4.97
C VAL I 428 63.94 38.36 -4.43
N LYS I 429 63.71 38.45 -3.13
CA LYS I 429 63.15 39.68 -2.57
C LYS I 429 64.07 40.89 -2.77
N HIS I 430 65.35 40.66 -3.08
CA HIS I 430 66.31 41.74 -3.28
C HIS I 430 66.71 41.88 -4.74
N LEU I 431 65.74 41.71 -5.65
CA LEU I 431 65.96 41.92 -7.07
C LEU I 431 64.79 42.68 -7.65
N SER I 432 65.08 43.64 -8.53
CA SER I 432 64.04 44.50 -9.09
C SER I 432 63.23 43.75 -10.14
N TYR I 433 62.14 44.39 -10.57
CA TYR I 433 61.25 43.75 -11.54
C TYR I 433 61.99 43.45 -12.84
N GLU I 434 62.80 44.39 -13.31
CA GLU I 434 63.61 44.15 -14.50
C GLU I 434 64.56 42.98 -14.27
N GLU I 435 65.15 42.90 -13.09
CA GLU I 435 65.99 41.75 -12.77
C GLU I 435 65.18 40.46 -12.68
N LYS I 436 63.93 40.55 -12.22
CA LYS I 436 63.07 39.37 -12.19
C LYS I 436 62.78 38.86 -13.60
N GLU I 437 62.56 39.76 -14.55
CA GLU I 437 62.39 39.35 -15.94
C GLU I 437 63.71 38.79 -16.50
N ASP I 438 64.84 39.40 -16.13
CA ASP I 438 66.12 38.87 -16.55
C ASP I 438 66.35 37.47 -15.99
N LEU I 439 65.73 37.16 -14.85
CA LEU I 439 65.81 35.80 -14.32
C LEU I 439 65.20 34.80 -15.30
N GLU I 440 64.05 35.14 -15.89
CA GLU I 440 63.49 34.29 -16.94
C GLU I 440 64.39 34.26 -18.16
N LYS I 441 64.90 35.43 -18.57
CA LYS I 441 65.69 35.49 -19.80
C LYS I 441 67.03 34.78 -19.66
N VAL I 442 67.48 34.53 -18.43
CA VAL I 442 68.84 34.07 -18.18
C VAL I 442 68.88 32.58 -17.86
N LEU I 443 68.00 32.13 -16.97
CA LEU I 443 68.08 30.77 -16.47
C LEU I 443 67.73 29.78 -17.57
N PRO I 444 68.61 28.84 -17.89
CA PRO I 444 68.32 27.90 -18.99
C PRO I 444 67.22 26.92 -18.61
N ASN I 445 66.44 26.51 -19.62
CA ASN I 445 65.49 25.44 -19.41
C ASN I 445 66.24 24.14 -19.17
N VAL I 446 65.69 23.30 -18.29
CA VAL I 446 66.34 22.07 -17.89
C VAL I 446 65.46 20.85 -18.08
N VAL I 447 64.21 21.03 -18.53
CA VAL I 447 63.33 19.87 -18.74
C VAL I 447 63.83 19.00 -19.88
N ASN I 448 64.47 19.60 -20.88
CA ASN I 448 64.92 18.88 -22.07
C ASN I 448 63.78 18.08 -22.69
N GLU I 449 63.89 16.76 -22.68
CA GLU I 449 62.83 15.86 -23.13
C GLU I 449 62.64 14.74 -22.12
N TYR I 450 62.58 15.12 -20.84
CA TYR I 450 62.52 14.13 -19.77
C TYR I 450 61.23 13.31 -19.84
N HIS I 451 60.11 13.96 -20.16
CA HIS I 451 58.83 13.28 -20.04
C HIS I 451 58.67 12.18 -21.08
N THR I 452 58.96 12.48 -22.35
CA THR I 452 58.85 11.47 -23.39
C THR I 452 59.84 10.33 -23.14
N THR I 453 61.06 10.66 -22.74
CA THR I 453 62.06 9.63 -22.46
C THR I 453 61.61 8.73 -21.32
N PHE I 454 61.09 9.33 -20.23
CA PHE I 454 60.64 8.54 -19.10
C PHE I 454 59.45 7.68 -19.46
N LYS I 455 58.54 8.21 -20.28
CA LYS I 455 57.40 7.41 -20.73
C LYS I 455 57.89 6.18 -21.50
N HIS I 456 58.76 6.40 -22.49
CA HIS I 456 59.25 5.29 -23.29
C HIS I 456 60.01 4.29 -22.43
N LEU I 457 60.83 4.77 -21.49
CA LEU I 457 61.62 3.88 -20.66
C LEU I 457 60.73 3.05 -19.75
N ARG I 458 59.75 3.68 -19.09
CA ARG I 458 58.86 2.94 -18.21
C ARG I 458 58.06 1.90 -18.99
N VAL I 459 57.60 2.26 -20.18
CA VAL I 459 56.90 1.28 -21.02
C VAL I 459 57.84 0.13 -21.37
N THR I 460 59.11 0.44 -21.60
CA THR I 460 60.08 -0.55 -22.04
C THR I 460 60.81 -1.23 -20.88
N ASP I 461 61.45 -0.46 -20.00
CA ASP I 461 62.27 -1.03 -18.93
C ASP I 461 62.04 -0.23 -17.66
N PRO I 462 61.36 -0.80 -16.67
CA PRO I 462 61.08 -0.06 -15.43
C PRO I 462 62.33 0.28 -14.63
N ALA I 463 63.25 -0.67 -14.46
CA ALA I 463 64.47 -0.38 -13.71
C ALA I 463 65.28 0.71 -14.39
N SER I 464 65.38 0.65 -15.71
CA SER I 464 66.05 1.71 -16.45
C SER I 464 65.34 3.04 -16.30
N ALA I 465 64.01 3.02 -16.21
CA ALA I 465 63.26 4.26 -15.99
C ALA I 465 63.59 4.85 -14.62
N LEU I 466 63.66 4.02 -13.59
CA LEU I 466 64.03 4.50 -12.26
C LEU I 466 65.42 5.12 -12.28
N LEU I 467 66.38 4.41 -12.88
CA LEU I 467 67.75 4.93 -12.94
C LEU I 467 67.80 6.22 -13.75
N TYR I 468 67.03 6.29 -14.84
CA TYR I 468 67.03 7.50 -15.65
C TYR I 468 66.43 8.68 -14.90
N SER I 469 65.38 8.45 -14.13
CA SER I 469 64.79 9.56 -13.38
C SER I 469 65.74 10.05 -12.30
N ILE I 470 66.38 9.13 -11.57
CA ILE I 470 67.37 9.55 -10.58
C ILE I 470 68.51 10.32 -11.25
N GLU I 471 69.00 9.79 -12.36
CA GLU I 471 70.11 10.41 -13.07
C GLU I 471 69.73 11.79 -13.59
N PHE I 472 68.51 11.93 -14.11
CA PHE I 472 68.07 13.24 -14.61
C PHE I 472 67.93 14.25 -13.49
N LEU I 473 67.39 13.84 -12.34
CA LEU I 473 67.30 14.76 -11.21
C LEU I 473 68.69 15.22 -10.78
N CYS I 474 69.62 14.30 -10.66
CA CYS I 474 70.99 14.68 -10.27
C CYS I 474 71.65 15.54 -11.34
N ILE I 475 71.41 15.22 -12.62
CA ILE I 475 71.97 16.00 -13.71
C ILE I 475 71.47 17.43 -13.67
N SER I 476 70.16 17.60 -13.45
CA SER I 476 69.60 18.94 -13.37
C SER I 476 70.18 19.70 -12.18
N PHE I 477 70.30 19.04 -11.03
CA PHE I 477 70.83 19.74 -9.86
C PHE I 477 72.27 20.19 -10.09
N LEU I 478 73.10 19.30 -10.63
CA LEU I 478 74.50 19.68 -10.84
C LEU I 478 74.64 20.70 -11.97
N THR I 479 73.79 20.63 -12.99
CA THR I 479 73.81 21.63 -14.04
C THR I 479 73.47 23.00 -13.49
N LEU I 480 72.44 23.09 -12.64
CA LEU I 480 72.12 24.36 -12.01
C LEU I 480 73.27 24.82 -11.11
N TYR I 481 73.86 23.89 -10.34
CA TYR I 481 74.95 24.27 -9.46
C TYR I 481 76.21 24.61 -10.23
N GLU I 482 76.33 24.15 -11.46
CA GLU I 482 77.51 24.44 -12.28
C GLU I 482 77.36 25.69 -13.13
N ILE I 483 76.24 26.40 -13.04
CA ILE I 483 76.09 27.64 -13.78
C ILE I 483 77.08 28.67 -13.26
N LYS I 484 77.81 29.31 -14.17
CA LYS I 484 78.84 30.26 -13.80
C LYS I 484 78.57 31.68 -14.28
N GLU I 485 77.73 31.88 -15.30
CA GLU I 485 77.45 33.20 -15.82
C GLU I 485 75.94 33.38 -16.02
N PRO I 486 75.42 34.59 -15.78
CA PRO I 486 76.10 35.77 -15.22
C PRO I 486 76.34 35.63 -13.73
N SER I 487 77.25 36.46 -13.17
CA SER I 487 77.69 36.27 -11.80
C SER I 487 76.57 36.50 -10.79
N TRP I 488 75.70 37.48 -11.06
CA TRP I 488 74.69 37.85 -10.07
C TRP I 488 73.67 36.73 -9.85
N VAL I 489 73.31 36.01 -10.92
CA VAL I 489 72.34 34.94 -10.79
C VAL I 489 72.93 33.66 -10.24
N VAL I 490 74.26 33.55 -10.20
CA VAL I 490 74.90 32.30 -9.76
C VAL I 490 74.56 32.02 -8.30
N ASN I 491 74.62 33.04 -7.45
CA ASN I 491 74.30 32.86 -6.03
C ASN I 491 72.86 32.37 -5.86
N ILE I 492 71.91 33.03 -6.54
CA ILE I 492 70.50 32.67 -6.42
C ILE I 492 70.27 31.24 -6.91
N VAL I 493 70.86 30.90 -8.05
CA VAL I 493 70.67 29.56 -8.59
C VAL I 493 71.23 28.51 -7.65
N ARG I 494 72.42 28.77 -7.09
CA ARG I 494 73.04 27.82 -6.17
C ARG I 494 72.17 27.59 -4.93
N GLU I 495 71.72 28.68 -4.30
CA GLU I 495 70.91 28.51 -3.10
C GLU I 495 69.59 27.82 -3.43
N PHE I 496 68.99 28.16 -4.58
CA PHE I 496 67.76 27.48 -4.97
C PHE I 496 67.98 25.99 -5.14
N ALA I 497 69.04 25.60 -5.86
CA ALA I 497 69.27 24.19 -6.13
C ALA I 497 69.50 23.43 -4.82
N LEU I 498 70.32 24.00 -3.92
CA LEU I 498 70.54 23.35 -2.64
C LEU I 498 69.24 23.19 -1.88
N THR I 499 68.45 24.26 -1.79
CA THR I 499 67.21 24.21 -1.02
C THR I 499 66.23 23.21 -1.64
N GLU I 500 66.16 23.17 -2.97
CA GLU I 500 65.18 22.31 -3.63
C GLU I 500 65.54 20.84 -3.50
N LEU I 501 66.81 20.49 -3.74
CA LEU I 501 67.20 19.10 -3.57
C LEU I 501 67.08 18.70 -2.11
N ASN I 502 67.41 19.60 -1.19
CA ASN I 502 67.23 19.30 0.22
C ASN I 502 65.77 19.10 0.56
N THR I 503 64.88 19.88 -0.04
CA THR I 503 63.45 19.69 0.19
C THR I 503 62.99 18.33 -0.33
N ILE I 504 63.48 17.92 -1.50
CA ILE I 504 63.10 16.63 -2.06
C ILE I 504 63.56 15.50 -1.14
N ILE I 505 64.83 15.53 -0.74
CA ILE I 505 65.34 14.48 0.14
C ILE I 505 64.66 14.53 1.50
N GLN I 506 64.34 15.72 1.98
CA GLN I 506 63.66 15.86 3.26
C GLN I 506 62.27 15.24 3.20
N SER I 507 61.54 15.48 2.12
CA SER I 507 60.23 14.83 1.96
C SER I 507 60.38 13.31 1.89
N GLU I 508 61.40 12.84 1.16
CA GLU I 508 61.63 11.40 1.09
C GLU I 508 61.90 10.80 2.46
N LYS I 509 62.72 11.47 3.27
CA LYS I 509 62.95 11.02 4.64
C LYS I 509 61.67 11.12 5.48
N LEU I 510 60.85 12.13 5.21
CA LEU I 510 59.59 12.28 5.93
C LEU I 510 58.64 11.13 5.62
N LEU I 511 58.79 10.50 4.46
CA LEU I 511 58.02 9.30 4.17
C LEU I 511 58.57 8.09 4.93
N SER I 512 59.82 8.12 5.37
CA SER I 512 60.44 6.96 5.96
C SER I 512 59.91 6.71 7.37
N LYS I 513 60.34 5.59 7.95
CA LYS I 513 59.83 5.16 9.24
C LYS I 513 60.23 6.16 10.33
N PRO I 514 59.30 6.54 11.21
CA PRO I 514 59.65 7.44 12.31
C PRO I 514 60.57 6.74 13.32
N GLY I 515 61.42 7.52 13.95
CA GLY I 515 62.27 7.02 15.01
C GLY I 515 61.60 7.13 16.36
N ALA I 516 62.37 6.84 17.39
CA ALA I 516 61.87 6.95 18.76
C ALA I 516 61.54 8.40 19.07
N PHE I 517 60.26 8.68 19.28
CA PHE I 517 59.81 10.04 19.53
C PHE I 517 58.62 10.02 20.47
N ASN I 518 58.35 11.17 21.07
CA ASN I 518 57.28 11.30 22.06
C ASN I 518 55.93 11.29 21.36
N PHE I 519 55.07 10.33 21.74
CA PHE I 519 53.77 10.21 21.11
C PHE I 519 52.73 11.15 21.69
N MET I 520 53.09 11.97 22.68
CA MET I 520 52.13 12.87 23.30
C MET I 520 51.92 14.14 22.49
N ILE I 521 52.77 14.41 21.49
CA ILE I 521 52.72 15.70 20.81
C ILE I 521 51.38 15.90 20.12
N PHE I 522 50.83 14.82 19.55
CA PHE I 522 49.46 14.87 19.06
C PHE I 522 48.52 15.10 20.23
N GLY I 523 47.78 16.19 20.19
CA GLY I 523 47.05 16.65 21.36
C GLY I 523 45.83 15.85 21.74
N GLU I 524 46.00 14.56 22.01
CA GLU I 524 44.91 13.74 22.50
C GLU I 524 45.47 12.60 23.34
N ASP I 525 44.58 11.93 24.07
CA ASP I 525 44.99 10.88 24.99
C ASP I 525 45.56 9.68 24.25
N PHE I 526 44.86 9.21 23.22
CA PHE I 526 45.20 7.96 22.56
C PHE I 526 46.01 8.21 21.29
N VAL I 527 46.74 7.17 20.88
CA VAL I 527 47.48 7.17 19.62
C VAL I 527 47.36 5.78 19.02
N CYS I 528 46.79 5.69 17.82
CA CYS I 528 46.55 4.41 17.15
C CYS I 528 47.46 4.26 15.94
N SER I 529 47.69 3.01 15.55
CA SER I 529 48.46 2.71 14.36
C SER I 529 47.53 2.27 13.24
N GLY I 530 48.11 1.95 12.08
CA GLY I 530 47.30 1.54 10.95
C GLY I 530 46.76 0.13 11.07
N GLU I 531 47.41 -0.72 11.87
CA GLU I 531 46.95 -2.08 12.10
C GLU I 531 45.98 -2.19 13.27
N ASP I 532 45.73 -1.09 13.99
CA ASP I 532 44.81 -1.13 15.12
C ASP I 532 43.38 -1.32 14.63
N SER I 533 42.66 -2.22 15.30
CA SER I 533 41.24 -2.42 15.03
C SER I 533 40.36 -1.97 16.18
N SER I 534 40.93 -1.49 17.29
CA SER I 534 40.14 -1.12 18.44
C SER I 534 39.26 0.10 18.16
N MET I 535 39.86 1.18 17.65
CA MET I 535 39.16 2.44 17.47
C MET I 535 38.50 2.56 16.11
N ASP I 536 38.28 1.45 15.42
CA ASP I 536 37.60 1.50 14.13
C ASP I 536 36.15 1.93 14.32
N ASP I 537 35.60 2.54 13.29
CA ASP I 537 34.18 2.86 13.26
C ASP I 537 33.39 1.55 13.18
N ILE I 538 32.67 1.22 14.25
CA ILE I 538 31.95 -0.04 14.28
C ILE I 538 30.81 -0.04 13.26
N SER I 539 30.31 1.13 12.89
CA SER I 539 29.28 1.20 11.87
C SER I 539 29.82 0.90 10.48
N ALA I 540 31.15 0.88 10.32
CA ALA I 540 31.73 0.59 9.01
C ALA I 540 31.65 -0.89 8.67
N TYR I 541 31.59 -1.76 9.68
CA TYR I 541 31.50 -3.20 9.41
C TYR I 541 30.22 -3.55 8.69
N SER I 542 29.16 -2.77 8.89
CA SER I 542 27.89 -2.97 8.19
C SER I 542 28.04 -2.44 6.78
N SER I 543 28.40 -3.33 5.85
CA SER I 543 28.59 -2.94 4.47
C SER I 543 27.27 -2.42 3.89
N PRO I 544 27.27 -1.27 3.22
CA PRO I 544 26.02 -0.74 2.68
C PRO I 544 25.38 -1.69 1.68
N GLY I 545 24.06 -1.78 1.71
CA GLY I 545 23.34 -2.73 0.88
C GLY I 545 22.59 -2.11 -0.28
N LEU I 546 22.52 -0.79 -0.34
CA LEU I 546 21.83 -0.10 -1.42
C LEU I 546 22.70 1.02 -1.95
N PHE I 547 22.16 1.79 -2.88
CA PHE I 547 22.91 2.90 -3.47
C PHE I 547 22.86 4.13 -2.60
N GLY I 548 21.67 4.73 -2.47
CA GLY I 548 21.54 6.05 -1.90
C GLY I 548 21.30 6.03 -0.40
N GLU I 549 22.14 5.30 0.32
CA GLU I 549 22.05 5.34 1.78
C GLU I 549 22.51 6.67 2.34
N ASP I 550 23.16 7.50 1.53
CA ASP I 550 23.42 8.89 1.87
C ASP I 550 22.30 9.81 1.39
N ILE I 551 21.60 9.43 0.32
CA ILE I 551 20.50 10.23 -0.19
C ILE I 551 19.37 10.24 0.82
N ILE I 552 19.03 11.43 1.32
CA ILE I 552 18.02 11.58 2.37
C ILE I 552 17.01 12.62 1.94
N ASP I 553 15.74 12.22 1.92
CA ASP I 553 14.63 13.14 1.72
C ASP I 553 13.49 12.69 2.60
N ARG I 554 12.92 13.61 3.36
CA ARG I 554 11.89 13.27 4.36
C ARG I 554 10.53 13.35 3.68
N LEU I 555 10.07 12.21 3.18
CA LEU I 555 8.80 12.13 2.48
C LEU I 555 8.03 10.91 2.97
N ASP I 556 6.71 10.96 2.81
CA ASP I 556 5.86 9.86 3.24
C ASP I 556 6.12 8.63 2.38
N ASP I 557 6.17 7.48 3.02
CA ASP I 557 6.31 6.22 2.31
C ASP I 557 5.06 5.98 1.47
N PRO I 558 5.18 5.78 0.16
CA PRO I 558 3.99 5.70 -0.69
C PRO I 558 3.13 4.48 -0.43
N PHE I 559 3.58 3.54 0.41
CA PHE I 559 2.78 2.41 0.84
C PHE I 559 2.31 2.53 2.28
N SER I 560 2.68 3.61 2.97
CA SER I 560 2.39 3.72 4.40
C SER I 560 0.92 4.02 4.64
N ILE I 561 0.28 3.20 5.47
CA ILE I 561 -1.10 3.45 5.88
C ILE I 561 -1.02 4.34 7.13
N GLU I 562 -0.86 5.63 6.90
CA GLU I 562 -0.66 6.60 7.97
C GLU I 562 -1.79 7.60 8.11
N ASP I 563 -2.34 8.10 7.00
CA ASP I 563 -3.50 8.98 7.06
C ASP I 563 -4.82 8.23 7.00
N VAL I 564 -4.80 6.93 6.75
CA VAL I 564 -5.99 6.09 6.88
C VAL I 564 -6.01 5.52 8.29
N ASP I 565 -7.13 5.71 8.99
CA ASP I 565 -7.23 5.30 10.39
C ASP I 565 -7.97 3.96 10.45
N ILE I 566 -7.19 2.89 10.35
CA ILE I 566 -7.70 1.52 10.37
C ILE I 566 -6.89 0.72 11.38
N SER I 567 -7.58 -0.10 12.17
CA SER I 567 -6.91 -0.83 13.24
C SER I 567 -6.09 -1.98 12.68
N LEU I 568 -5.21 -2.53 13.54
CA LEU I 568 -4.28 -3.56 13.10
C LEU I 568 -5.00 -4.82 12.65
N ASP I 569 -6.00 -5.27 13.41
CA ASP I 569 -6.64 -6.53 13.10
C ASP I 569 -7.57 -6.41 11.88
N VAL I 570 -8.15 -5.24 11.67
CA VAL I 570 -9.03 -5.04 10.52
C VAL I 570 -8.29 -4.62 9.27
N LEU I 571 -6.95 -4.69 9.26
CA LEU I 571 -6.22 -4.45 8.02
C LEU I 571 -6.47 -5.55 7.00
N ASP I 572 -7.03 -6.68 7.42
CA ASP I 572 -7.46 -7.71 6.50
C ASP I 572 -8.63 -7.29 5.62
N ASN I 573 -9.34 -6.22 5.97
CA ASN I 573 -10.35 -5.67 5.09
C ASN I 573 -9.74 -5.16 3.79
N LEU I 574 -8.51 -4.62 3.88
CA LEU I 574 -7.82 -4.10 2.71
C LEU I 574 -7.34 -5.21 1.77
N ALA I 575 -7.40 -6.47 2.19
CA ALA I 575 -6.92 -7.56 1.35
C ALA I 575 -7.80 -7.67 0.11
N PRO I 576 -7.21 -7.71 -1.08
CA PRO I 576 -8.02 -7.84 -2.31
C PRO I 576 -8.48 -9.26 -2.53
N GLN I 577 -9.37 -9.40 -3.51
CA GLN I 577 -9.85 -10.72 -3.95
C GLN I 577 -10.47 -10.61 -5.33
#